data_8FN4
#
_entry.id   8FN4
#
_cell.length_a   1.00
_cell.length_b   1.00
_cell.length_c   1.00
_cell.angle_alpha   90.00
_cell.angle_beta   90.00
_cell.angle_gamma   90.00
#
_symmetry.space_group_name_H-M   'P 1'
#
loop_
_entity.id
_entity.type
_entity.pdbx_description
1 polymer 'RNA-editing substrate-binding complex protein 1 (RESC1)'
2 polymer 'RNA-editing substrate-binding complex protein 2 (RESC2)'
3 polymer 'RNA-editing substrate-binding complex protein 3 (RESC3)'
4 polymer 'RNA-editing substrate-binding complex protein 4 (RESC4)'
5 polymer 'RNA-editing substrate-binding complex protein 5 (RESC5)'
6 polymer 'RNA-editing substrate-binding complex protein 6 (RESC6)'
#
loop_
_entity_poly.entity_id
_entity_poly.type
_entity_poly.pdbx_seq_one_letter_code
_entity_poly.pdbx_strand_id
1 'polypeptide(L)'
;MLRLLRRSIVGSTFNIMVRRQNQGSVSQGALNMRDQQAAAAENVTPERVWALWNEGNLFSLSLAQLQGFLSRCGVRTDPA
AKKAAVVRQVEEYLHSKDTTVKGGGQGAASPQQHQQHGQQGGYGRWNQASVMQPETLLDLSQAGFYEGAANMVPKAFQLL
VSDTAPDVVVSRVNTTAFPGFPSNTECYTLGASEKDVAIRSRYSKVLQWCCLNMSNLQMDGELYVDFGKLLLKPSVMRKN
RRIVSSYTLQQRLQVNHPYTWVPTLPESCLSKIQEQFLQPEGFAPIGKGVQLTYSGTIKRSKDQLHVDLDNKGKVLAVNS
AWVNLQTAWCTHAKGPDVRLLLRSRPPIRRQDVELFASTPIIKLADDDVADVLPPEHGQLVYLSEDETRLFERVSDRGVT
ITVREVKRQPLIILRDEEEDPRVEYSLSAHIPANAAKATDVRAVGLTAFELAGRLAGLVAEDFVREYGCEAKL
;
1
2 'polypeptide(L)'
;MLRARLKIFSALNGATSAFSRAVAPLQIATRQQSFSAAAPAASGDFSHITRNTVWGLWNEGNLFSLSVPELAFFLQEHCR
VANVDPRAKKSALVRQVEEILSAEQQASATVPQEDNPHAIVVTDYDRAEDALEEADEYGDWGAEPGFEDRRELDFMELSP
GRMGERYDPLSPRAFQLLHSETATDVGIASIDPSKLPGQSKVKNALAAIHVAPNDANKMRFRMAFEWCLMNIWNMNMPGE
LNIGAGKALYYRSVAKQNRNVMPLWTVQKHLYAQHPYAWFAIASESNVAAMESLAAALNMSIQQERTTSYKVTIRRMAEF
FDCELNGQLKCTMMNKPWDRFFVSHYIRSKMPDLRYVVRARHPIKKRIADAYLEADILRSTRDSVQSVLSPELGDVVYCC
ERVVRKWAKKTATGVTLQLVETKRTPLIITKAGDEGERLEYEWIVPLPQQAERIDIAALTDELWEYGNKLAAALEEGMEE
LMVHTMTAVSAY
;
2
3 'polypeptide(L)'
;MSNPFEKVARGIAFKMRSKVHKQGYSNTVMAQQARRLSPTGLLAMERLTELTALQQRHQCTFDPALRSKATQILRTLPLL
SIDEDPYFTHTQRALRLAAYFGAVDLPVTYALINQHTKNAFMLDAFSMASFFYTLAKLKHPQTKEIVGILLPRLREVAPE
LIAREAVHILRLLCSIQMADAQLVKVVTETVVATAADVPLRDARQCAFILSETFPEEAQRILGAVEHRLCDDIDMNADAN
EVKTTILDVCRVVSATCKGPRRLLNSVARRSMELLPQLTPLDVAFVLKAFHLSSYRHLRLLRVLSSSLAASFPTSNVTKE
HGLAASIVVQSLAHFYLSGCEEVVVTLVNASVNVLEGLNLALTLLACVRLRCVSPGVDPAVDALCSGAPMRRYVHNAHSM
QVTSRILYGLAHAGRCRSDEEVAIVLPLLKSVVRTPGALRDDCRGFLLDAVTALGADGECSNDALQEQVRKVYERLSQDG
GK
;
3
4 'polypeptide(L)'
;MNGRLYCLIRRITSPPVATRLIKEELCLSMAAIARLPLRRDQLAHVTNTEAITTRAQRISHLCTPTELGMIAEGAEALSC
NRFDLADALIDGAYESVRRAASSTRLSHVSAIARYSASIKTYGNETITTLLKAGASLLQKNDSVPVLKSFLGVAQSHLTD
GEMRVLIDEMCAKATEEQRLCINSIGTQSLAKDAAKCGEETLTKGNEDGDETAVDDEETQAWDMLRARQWMLQLVRCGKP
PTAAEAVQAMELYAHFAVRDFVLHEKIEDLVLLVLPTGNKFHLNEMHKIVLRSPNLFPRVRNTLGQDHSGVSDVHRADRG
VEWSDDPASSLTTTYTTSRAYSMLLLGQRLSEDIMFDVVQEQSETIPVDVAAQAACLFAEKGDIPEGVILRLSAELEHIS
PQGVTAFVRAARRDSSGALLPHYAAVLNRFTERDLCDTPLETLLQMCEVFALPAPRGTSEGDNDSINESQSKFQKALIVR
LFSVIQGSRDVPFLCKVAKAVRAFDANDELIQFVCSSICAQGALSECEALIAFDMIRCCDFVYEPLLDAMEPVFRRLVES
VSAMLEGKSTINDVEVRRCACFATLQSEFDCPDFETLASLLVHTVEKNVTGCPVELIPSVGLLCVRTRRTSALYIVGNKL
EGNMQQLSDDAIGELARLLVGTENLATKELAVEFQSVVVSRLLRQQSLPPDVVALSAVVWLRQGDKVGTIDERSVDYIIK
WMYAIGSSVYTDLCLAVHLSASVESLSNALIDDLPRRLELLTTNEMANAIFGLGEVSDMGARLSHQLVAERCSDYVVDHS
QEFWSGKVIARLLYGFSRMHCTKRSLYNVFATRLAHRPVFSLLDQEAISFAIAAFGRVKYLDKKLFDRFTRWILDHSKDL
NAAELLLTIRGVSRVMLLNDQLYDDLGSKAAEKVKEFPIESQCVLLSSFGSLGVEHERLASRMVSSIAENREELTDATKA
VDVITSLWSMNYDVEDDKHVAQLADWVVQRAEELTDESIGKLCLVLSDTNWRHVPLVRAIAEQSVRLQGQQSISPKCCRE
VLDVLGTFMIHHQGARENLSALGRSISKERIQLSEEEEQHLQLLLRR
;
4
5 'polypeptide(L)'
;MLRHTSRNNALHAFVRSPHYRTIPSAGPNGIVVNRDMLVHQFRDFYKTLQHCSLVDKVHLMSERPSVEALRVADQMVSIG
ATFLEMPLTGMEHRATEFMESMRYVRGAGGPSTLASYLQDTENCRCNSGDVVCLPNGIAVGHGPRTNAVAHTTLKQLFEV
KDDQFSFDVFTLEQEGDAPPLGDYFGFAGSNVLLTWKDEHGLLAVDQYQQKQPHTEMNVVYLEPGCHFLSFYGVDHTIDV
LVQKGYERSMDSIAAAGLNPIPVQWSEMDKLGISMRAAVLPLKFFKANVGGMLSRNKSRGARWQTHQLQKGSGSGSASSG
ASAAGSSGASASSGASAAGSSGASAGHHHHHHHHHHSGSEDQVDPRLIDGKASAWSHPQFEKGGGSGGGSGGSAWSHPQF
EK
;
5
6 'polypeptide(L)'
;MRSALRRCILRHQGCLRMKQSLSAFPTVVTGMTRHQGNSLIGTTHGAELSLAGDPQSVSHLSARNIATEALQMKKLHQER
GGNPMLAQQARRVLFATSIAGQNLDARSVALLLNTAVYFGMESDAKLVRECIDYCLKNDKLITVDVLPIVVTACATLKSR
DAREVIEMQAQKAARNAKFLDAKDVTNIISAFSKTGINHEKLFAFLSRRVQTLARVGEFEAAHLVILANAFSRLRYRDKF
LFGAIARRAMSLRERVTVNELVPLIVAFSKIGLKDPKLSKRFATKAMEYVDQMNAEQVASMFMAFAYFGIRYDQLFGVLT
NRAVELIDEFNAQYISTTLNAFQRIGINNPELFDNLAERALAVVQDHDARDISKTVTALAHFGLKDEELFKRLASHAASI
ADQFDAMGLVNTAHAFARTNFLQQDMAVALSERSVYVCRLLDAGETRRLLWALAKFQVRDPKILTPVFNRCLALHYDFFA
DPTGSEEIEEIFDFYGPNFCPPLYQLYISRGSTPQA
;
6
#
# COMPACT_ATOMS: atom_id res chain seq x y z
N GLY A 122 13.80 25.40 -5.39
CA GLY A 122 13.82 25.21 -3.95
C GLY A 122 14.53 26.34 -3.23
N TYR A 123 13.88 26.87 -2.20
CA TYR A 123 14.44 27.96 -1.42
C TYR A 123 13.71 28.01 -0.07
N GLY A 124 13.93 29.08 0.68
CA GLY A 124 13.50 29.14 2.05
C GLY A 124 14.68 28.88 2.96
N ARG A 125 14.45 28.20 4.08
CA ARG A 125 15.55 27.77 4.95
C ARG A 125 15.90 26.32 4.64
N TRP A 126 16.64 26.16 3.54
CA TRP A 126 17.07 24.85 3.07
C TRP A 126 18.32 24.36 3.78
N ASN A 127 18.69 24.97 4.90
CA ASN A 127 19.83 24.53 5.70
C ASN A 127 19.44 24.22 7.13
N GLN A 128 18.14 24.18 7.42
CA GLN A 128 17.65 23.75 8.73
C GLN A 128 16.86 22.46 8.61
N ALA A 129 17.18 21.65 7.59
CA ALA A 129 16.54 20.35 7.38
C ALA A 129 17.19 19.32 8.30
N SER A 130 16.95 19.51 9.59
CA SER A 130 17.51 18.63 10.62
C SER A 130 16.50 18.16 11.65
N VAL A 131 15.33 18.77 11.75
CA VAL A 131 14.31 18.39 12.73
C VAL A 131 13.20 17.65 11.99
N MET A 132 12.95 16.40 12.41
CA MET A 132 11.91 15.57 11.81
C MET A 132 11.29 14.72 12.90
N GLN A 133 9.98 14.77 13.03
CA GLN A 133 9.30 14.10 14.13
C GLN A 133 9.48 12.59 14.00
N PRO A 134 9.83 11.90 15.09
CA PRO A 134 10.06 10.45 15.01
C PRO A 134 8.81 9.64 14.70
N GLU A 135 7.62 10.14 15.00
CA GLU A 135 6.39 9.39 14.82
C GLU A 135 5.88 9.52 13.38
N THR A 136 6.74 9.12 12.46
CA THR A 136 6.39 9.06 11.04
C THR A 136 6.64 7.62 10.57
N LEU A 137 5.56 6.91 10.30
CA LEU A 137 5.63 5.56 9.74
C LEU A 137 5.02 5.59 8.35
N LEU A 138 5.61 4.84 7.42
CA LEU A 138 5.19 4.91 6.04
C LEU A 138 3.72 4.55 5.88
N ASP A 139 3.04 5.27 4.99
CA ASP A 139 1.61 5.14 4.80
C ASP A 139 1.28 5.08 3.31
N LEU A 140 2.00 4.22 2.59
CA LEU A 140 1.74 4.03 1.16
C LEU A 140 0.26 3.85 0.88
N SER A 141 -0.18 4.38 -0.24
CA SER A 141 -1.56 4.21 -0.71
C SER A 141 -1.54 3.43 -2.01
N GLN A 142 -2.35 2.37 -2.07
CA GLN A 142 -2.31 1.46 -3.21
C GLN A 142 -3.67 1.43 -3.91
N ALA A 143 -4.27 2.61 -4.10
CA ALA A 143 -5.61 2.72 -4.64
C ALA A 143 -5.78 1.91 -5.92
N GLY A 144 -6.96 1.33 -6.09
CA GLY A 144 -7.22 0.44 -7.20
C GLY A 144 -6.84 -1.01 -6.95
N PHE A 145 -6.72 -1.41 -5.68
CA PHE A 145 -6.24 -2.73 -5.32
C PHE A 145 -7.37 -3.73 -5.11
N TYR A 146 -8.27 -3.43 -4.18
CA TYR A 146 -9.33 -4.35 -3.80
C TYR A 146 -10.53 -4.33 -4.75
N GLU A 147 -10.61 -3.34 -5.64
CA GLU A 147 -11.77 -3.23 -6.51
C GLU A 147 -11.70 -4.26 -7.64
N GLY A 148 -12.78 -4.32 -8.40
CA GLY A 148 -12.87 -5.20 -9.55
C GLY A 148 -14.08 -6.11 -9.46
N ALA A 149 -14.21 -6.96 -10.48
CA ALA A 149 -15.28 -7.94 -10.55
C ALA A 149 -14.83 -9.34 -10.17
N ALA A 150 -13.61 -9.72 -10.53
CA ALA A 150 -13.06 -11.02 -10.19
C ALA A 150 -12.31 -11.02 -8.87
N ASN A 151 -12.34 -9.91 -8.13
CA ASN A 151 -11.60 -9.74 -6.90
C ASN A 151 -12.49 -9.16 -5.81
N MET A 152 -13.69 -9.74 -5.66
CA MET A 152 -14.65 -9.20 -4.70
C MET A 152 -15.29 -10.23 -3.79
N VAL A 153 -15.05 -11.52 -4.01
CA VAL A 153 -15.73 -12.56 -3.21
C VAL A 153 -14.80 -13.76 -3.00
N PRO A 154 -14.96 -14.50 -1.90
CA PRO A 154 -14.20 -15.75 -1.72
C PRO A 154 -14.83 -16.88 -2.52
N LYS A 155 -14.07 -17.45 -3.44
CA LYS A 155 -14.57 -18.46 -4.36
C LYS A 155 -14.25 -19.86 -3.86
N ALA A 156 -14.91 -20.85 -4.45
CA ALA A 156 -14.71 -22.24 -4.08
C ALA A 156 -14.89 -23.12 -5.31
N PHE A 157 -14.14 -24.22 -5.33
CA PHE A 157 -14.12 -25.12 -6.47
C PHE A 157 -14.29 -26.55 -5.99
N GLN A 158 -14.93 -27.37 -6.81
CA GLN A 158 -15.19 -28.76 -6.48
C GLN A 158 -15.00 -29.63 -7.72
N LEU A 159 -14.34 -30.77 -7.53
CA LEU A 159 -14.15 -31.73 -8.61
C LEU A 159 -14.79 -33.06 -8.24
N LEU A 160 -16.03 -33.01 -7.76
CA LEU A 160 -16.74 -34.20 -7.32
C LEU A 160 -16.85 -35.20 -8.47
N VAL A 161 -16.46 -36.44 -8.21
CA VAL A 161 -16.50 -37.50 -9.22
C VAL A 161 -17.54 -38.54 -8.81
N SER A 162 -18.31 -39.01 -9.78
CA SER A 162 -19.38 -39.95 -9.50
C SER A 162 -18.80 -41.30 -9.08
N ASP A 163 -19.65 -42.10 -8.43
CA ASP A 163 -19.31 -43.41 -7.88
C ASP A 163 -17.91 -43.47 -7.28
N VAL A 197 -22.14 -41.40 -2.98
CA VAL A 197 -22.38 -40.89 -1.64
C VAL A 197 -21.08 -40.36 -1.05
N ALA A 198 -21.19 -39.65 0.07
CA ALA A 198 -20.10 -38.98 0.78
C ALA A 198 -19.52 -37.83 -0.01
N ILE A 199 -20.01 -37.56 -1.21
CA ILE A 199 -19.63 -36.35 -1.93
C ILE A 199 -20.68 -35.26 -1.74
N ARG A 200 -21.93 -35.64 -1.49
CA ARG A 200 -22.98 -34.72 -1.11
C ARG A 200 -22.79 -34.21 0.31
N SER A 201 -21.70 -34.61 0.97
CA SER A 201 -21.28 -33.97 2.21
C SER A 201 -20.31 -32.84 1.96
N ARG A 202 -19.39 -33.02 1.01
CA ARG A 202 -18.57 -31.91 0.54
C ARG A 202 -19.45 -30.82 -0.07
N TYR A 203 -20.39 -31.23 -0.93
CA TYR A 203 -21.30 -30.25 -1.53
C TYR A 203 -22.25 -29.65 -0.51
N SER A 204 -22.37 -30.23 0.67
CA SER A 204 -23.14 -29.61 1.74
C SER A 204 -22.30 -28.59 2.50
N LYS A 205 -21.11 -29.00 2.94
CA LYS A 205 -20.28 -28.13 3.77
C LYS A 205 -19.83 -26.89 3.01
N VAL A 206 -19.30 -27.09 1.79
CA VAL A 206 -18.80 -25.94 1.03
C VAL A 206 -19.95 -25.00 0.70
N LEU A 207 -21.10 -25.54 0.29
CA LEU A 207 -22.24 -24.69 -0.03
C LEU A 207 -22.70 -23.90 1.18
N GLN A 208 -22.76 -24.54 2.35
CA GLN A 208 -23.19 -23.83 3.54
C GLN A 208 -22.23 -22.69 3.87
N TRP A 209 -20.93 -22.95 3.80
CA TRP A 209 -19.97 -21.88 4.11
C TRP A 209 -20.02 -20.77 3.07
N CYS A 210 -20.24 -21.11 1.80
CA CYS A 210 -20.34 -20.08 0.77
C CYS A 210 -21.57 -19.22 0.97
N CYS A 211 -22.70 -19.83 1.34
CA CYS A 211 -23.90 -19.05 1.62
C CYS A 211 -23.71 -18.16 2.84
N LEU A 212 -23.03 -18.68 3.87
CA LEU A 212 -22.75 -17.85 5.04
C LEU A 212 -21.86 -16.66 4.68
N ASN A 213 -20.85 -16.88 3.83
CA ASN A 213 -20.00 -15.79 3.39
C ASN A 213 -20.79 -14.76 2.57
N MET A 214 -21.66 -15.24 1.67
CA MET A 214 -22.51 -14.32 0.92
C MET A 214 -23.40 -13.50 1.86
N SER A 215 -23.87 -14.12 2.94
CA SER A 215 -24.68 -13.38 3.90
C SER A 215 -23.86 -12.31 4.62
N ASN A 216 -22.68 -12.69 5.13
CA ASN A 216 -21.88 -11.76 5.93
C ASN A 216 -21.37 -10.58 5.11
N LEU A 217 -21.30 -10.71 3.79
CA LEU A 217 -20.88 -9.61 2.92
C LEU A 217 -22.06 -8.78 2.45
N GLN A 218 -23.26 -9.04 2.96
CA GLN A 218 -24.49 -8.35 2.58
C GLN A 218 -24.71 -8.43 1.07
N MET A 219 -24.73 -9.65 0.57
CA MET A 219 -24.97 -9.93 -0.83
C MET A 219 -26.12 -10.92 -0.95
N ASP A 220 -26.64 -11.07 -2.17
CA ASP A 220 -27.62 -12.08 -2.47
C ASP A 220 -27.24 -12.77 -3.77
N GLY A 221 -27.71 -14.00 -3.94
CA GLY A 221 -27.38 -14.77 -5.12
C GLY A 221 -28.41 -15.86 -5.35
N GLU A 222 -28.18 -16.64 -6.39
CA GLU A 222 -29.08 -17.72 -6.75
C GLU A 222 -28.29 -18.97 -7.09
N LEU A 223 -28.92 -20.12 -6.89
CA LEU A 223 -28.31 -21.42 -7.10
C LEU A 223 -28.69 -21.90 -8.49
N TYR A 224 -27.69 -22.01 -9.38
CA TYR A 224 -27.90 -22.37 -10.77
C TYR A 224 -27.25 -23.71 -11.05
N VAL A 225 -28.02 -24.63 -11.62
CA VAL A 225 -27.55 -25.97 -11.95
C VAL A 225 -27.91 -26.27 -13.38
N ASP A 226 -26.98 -26.88 -14.12
CA ASP A 226 -27.29 -27.24 -15.50
C ASP A 226 -26.54 -28.52 -15.87
N PHE A 227 -26.70 -28.94 -17.12
CA PHE A 227 -26.15 -30.20 -17.60
C PHE A 227 -25.39 -29.94 -18.89
N GLY A 228 -24.24 -30.58 -19.02
CA GLY A 228 -23.42 -30.40 -20.21
C GLY A 228 -22.32 -31.43 -20.32
N LYS A 229 -21.16 -31.04 -20.83
CA LYS A 229 -20.04 -31.97 -20.93
C LYS A 229 -18.73 -31.21 -20.86
N LEU A 230 -17.95 -31.45 -19.81
CA LEU A 230 -16.62 -30.87 -19.71
C LEU A 230 -15.69 -31.51 -20.73
N LEU A 231 -14.74 -30.72 -21.21
CA LEU A 231 -13.61 -31.21 -22.00
C LEU A 231 -12.38 -30.51 -21.44
N LEU A 232 -11.61 -31.22 -20.63
CA LEU A 232 -10.41 -30.63 -20.04
C LEU A 232 -9.33 -30.51 -21.10
N LYS A 233 -8.57 -29.42 -21.05
CA LYS A 233 -7.54 -29.20 -22.05
C LYS A 233 -6.48 -30.29 -21.95
N PRO A 234 -5.89 -30.70 -23.08
CA PRO A 234 -4.89 -31.78 -23.05
C PRO A 234 -3.67 -31.46 -22.22
N SER A 235 -3.42 -30.19 -21.90
CA SER A 235 -2.25 -29.79 -21.14
C SER A 235 -2.41 -29.97 -19.64
N VAL A 236 -3.55 -30.47 -19.17
CA VAL A 236 -3.75 -30.63 -17.73
C VAL A 236 -2.86 -31.75 -17.20
N MET A 237 -2.70 -32.82 -17.96
CA MET A 237 -1.81 -33.90 -17.53
C MET A 237 -0.38 -33.61 -17.97
N ARG A 238 0.55 -34.35 -17.37
CA ARG A 238 1.96 -34.23 -17.70
C ARG A 238 2.57 -35.61 -17.82
N LYS A 239 3.59 -35.71 -18.68
CA LYS A 239 4.30 -36.94 -19.01
C LYS A 239 3.37 -38.15 -19.20
N ASN A 240 2.16 -37.89 -19.70
CA ASN A 240 1.24 -38.94 -20.13
C ASN A 240 0.97 -39.96 -19.04
N ARG A 241 0.62 -39.47 -17.85
CA ARG A 241 0.26 -40.33 -16.73
C ARG A 241 -1.24 -40.24 -16.51
N ARG A 242 -1.94 -41.36 -16.73
CA ARG A 242 -3.40 -41.39 -16.68
C ARG A 242 -3.94 -41.35 -15.27
N ILE A 243 -3.10 -41.46 -14.24
CA ILE A 243 -3.54 -41.48 -12.85
C ILE A 243 -2.96 -40.25 -12.17
N VAL A 244 -3.82 -39.53 -11.44
CA VAL A 244 -3.42 -38.32 -10.75
C VAL A 244 -4.29 -38.18 -9.51
N SER A 245 -3.72 -37.61 -8.46
CA SER A 245 -4.46 -37.42 -7.22
C SER A 245 -5.64 -36.49 -7.43
N SER A 246 -6.77 -36.83 -6.79
CA SER A 246 -7.97 -36.00 -6.91
C SER A 246 -7.77 -34.63 -6.29
N TYR A 247 -6.73 -34.44 -5.50
CA TYR A 247 -6.37 -33.15 -4.91
C TYR A 247 -5.46 -32.36 -5.83
N THR A 248 -4.46 -33.03 -6.42
CA THR A 248 -3.58 -32.36 -7.37
C THR A 248 -4.33 -31.92 -8.61
N LEU A 249 -5.32 -32.70 -9.06
CA LEU A 249 -6.12 -32.27 -10.21
C LEU A 249 -7.00 -31.08 -9.86
N GLN A 250 -7.61 -31.11 -8.68
CA GLN A 250 -8.42 -29.98 -8.23
C GLN A 250 -7.59 -28.73 -8.08
N GLN A 251 -6.30 -28.85 -7.79
CA GLN A 251 -5.43 -27.69 -7.79
C GLN A 251 -4.94 -27.31 -9.18
N ARG A 252 -4.76 -28.29 -10.08
CA ARG A 252 -4.35 -28.00 -11.44
C ARG A 252 -5.41 -27.16 -12.14
N LEU A 253 -6.68 -27.52 -11.97
CA LEU A 253 -7.76 -26.82 -12.67
C LEU A 253 -8.10 -25.48 -12.05
N GLN A 254 -7.57 -25.17 -10.87
CA GLN A 254 -7.97 -23.98 -10.14
C GLN A 254 -7.07 -22.77 -10.40
N VAL A 255 -5.98 -22.93 -11.13
CA VAL A 255 -5.07 -21.82 -11.41
C VAL A 255 -5.29 -21.25 -12.80
N ASN A 256 -5.25 -22.10 -13.83
CA ASN A 256 -5.45 -21.66 -15.20
C ASN A 256 -6.90 -21.75 -15.66
N HIS A 257 -7.72 -22.54 -14.97
CA HIS A 257 -9.05 -22.93 -15.44
C HIS A 257 -8.97 -23.47 -16.88
N PRO A 258 -8.24 -24.56 -17.12
CA PRO A 258 -8.09 -25.13 -18.47
C PRO A 258 -9.16 -26.17 -18.80
N TYR A 259 -10.42 -25.78 -18.69
CA TYR A 259 -11.55 -26.64 -19.03
C TYR A 259 -12.46 -25.91 -20.00
N THR A 260 -12.96 -26.62 -21.00
CA THR A 260 -13.97 -26.10 -21.90
C THR A 260 -15.31 -26.68 -21.51
N TRP A 261 -16.31 -25.82 -21.31
CA TRP A 261 -17.61 -26.25 -20.85
C TRP A 261 -18.62 -26.07 -21.97
N VAL A 262 -19.38 -27.13 -22.24
CA VAL A 262 -20.37 -27.11 -23.31
C VAL A 262 -21.70 -27.55 -22.73
N PRO A 263 -22.57 -26.63 -22.33
CA PRO A 263 -23.87 -27.03 -21.80
C PRO A 263 -24.84 -27.41 -22.90
N THR A 264 -25.12 -28.70 -23.04
CA THR A 264 -26.00 -29.17 -24.09
C THR A 264 -26.56 -30.53 -23.71
N LEU A 265 -27.67 -30.89 -24.35
CA LEU A 265 -28.31 -32.17 -24.18
C LEU A 265 -28.83 -32.61 -25.54
N PRO A 266 -28.85 -33.91 -25.81
CA PRO A 266 -29.37 -34.38 -27.10
C PRO A 266 -30.85 -34.07 -27.24
N GLU A 267 -31.28 -33.85 -28.48
CA GLU A 267 -32.70 -33.73 -28.72
C GLU A 267 -33.37 -35.09 -28.58
N SER A 268 -34.70 -35.07 -28.44
CA SER A 268 -35.52 -36.23 -28.09
C SER A 268 -35.28 -36.69 -26.65
N CYS A 269 -34.69 -35.83 -25.82
CA CYS A 269 -34.52 -36.09 -24.41
C CYS A 269 -35.67 -35.54 -23.58
N LEU A 270 -36.61 -34.84 -24.20
CA LEU A 270 -37.82 -34.40 -23.53
C LEU A 270 -38.85 -35.51 -23.39
N SER A 271 -38.46 -36.75 -23.72
CA SER A 271 -39.33 -37.89 -23.48
C SER A 271 -39.55 -38.09 -21.97
N LYS A 272 -38.49 -37.94 -21.20
CA LYS A 272 -38.61 -38.10 -19.75
C LYS A 272 -39.17 -36.84 -19.10
N ILE A 273 -38.57 -35.69 -19.39
CA ILE A 273 -39.04 -34.44 -18.82
C ILE A 273 -40.39 -34.10 -19.44
N GLN A 274 -41.38 -33.82 -18.59
CA GLN A 274 -42.71 -33.40 -19.01
C GLN A 274 -43.52 -34.55 -19.58
N GLU A 275 -42.90 -35.72 -19.78
CA GLU A 275 -43.61 -36.89 -20.29
C GLU A 275 -43.19 -38.15 -19.54
N GLN A 276 -43.03 -38.04 -18.23
CA GLN A 276 -42.72 -39.18 -17.35
C GLN A 276 -43.13 -38.78 -15.94
N PHE A 277 -42.65 -39.53 -14.94
CA PHE A 277 -42.77 -39.06 -13.57
C PHE A 277 -42.00 -37.76 -13.37
N LEU A 278 -41.05 -37.47 -14.26
CA LEU A 278 -40.38 -36.18 -14.25
C LEU A 278 -41.36 -35.04 -14.49
N GLN A 279 -42.46 -35.33 -15.17
CA GLN A 279 -43.46 -34.30 -15.45
C GLN A 279 -43.93 -33.71 -14.13
N PRO A 280 -44.38 -34.56 -13.20
CA PRO A 280 -44.74 -34.02 -11.88
C PRO A 280 -43.54 -33.32 -11.25
N GLU A 281 -42.35 -33.87 -11.45
CA GLU A 281 -41.14 -33.25 -10.92
C GLU A 281 -40.99 -31.86 -11.50
N GLY A 282 -41.22 -31.73 -12.81
CA GLY A 282 -41.16 -30.42 -13.44
C GLY A 282 -42.19 -29.53 -12.80
N PHE A 283 -43.27 -30.13 -12.30
CA PHE A 283 -44.32 -29.37 -11.63
C PHE A 283 -45.10 -28.46 -12.58
N ALA A 284 -45.74 -27.43 -12.04
CA ALA A 284 -46.57 -26.56 -12.87
C ALA A 284 -45.82 -25.82 -13.95
N PRO A 285 -46.30 -25.90 -15.21
CA PRO A 285 -45.64 -25.14 -16.27
C PRO A 285 -46.18 -23.72 -16.33
N ILE A 286 -45.81 -22.89 -15.37
CA ILE A 286 -46.33 -21.53 -15.31
C ILE A 286 -45.81 -20.69 -16.46
N GLY A 287 -44.90 -21.24 -17.25
CA GLY A 287 -44.34 -20.51 -18.37
C GLY A 287 -45.39 -20.02 -19.34
N LYS A 288 -45.16 -18.85 -19.94
CA LYS A 288 -46.13 -18.27 -20.87
C LYS A 288 -45.87 -18.70 -22.30
N GLY A 289 -45.29 -19.88 -22.48
CA GLY A 289 -44.97 -20.35 -23.82
C GLY A 289 -43.62 -19.81 -24.23
N VAL A 290 -43.12 -20.29 -25.37
CA VAL A 290 -41.83 -19.83 -25.84
C VAL A 290 -41.85 -18.32 -25.92
N GLN A 291 -40.84 -17.67 -25.36
CA GLN A 291 -40.77 -16.22 -25.40
C GLN A 291 -39.56 -15.76 -26.21
N LEU A 292 -39.75 -15.54 -27.51
CA LEU A 292 -38.64 -15.11 -28.35
C LEU A 292 -37.84 -14.00 -27.69
N THR A 293 -36.58 -14.29 -27.41
CA THR A 293 -35.70 -13.33 -26.74
C THR A 293 -34.30 -13.44 -27.33
N TYR A 294 -33.63 -12.30 -27.43
CA TYR A 294 -32.22 -12.27 -27.81
C TYR A 294 -31.39 -12.02 -26.56
N SER A 295 -30.31 -12.78 -26.42
CA SER A 295 -29.40 -12.63 -25.28
C SER A 295 -28.04 -12.20 -25.80
N GLY A 296 -27.52 -11.10 -25.27
CA GLY A 296 -26.24 -10.59 -25.71
C GLY A 296 -25.40 -10.18 -24.51
N THR A 297 -24.11 -10.03 -24.77
CA THR A 297 -23.20 -9.54 -23.75
C THR A 297 -22.29 -8.50 -24.37
N ILE A 298 -21.92 -7.51 -23.57
CA ILE A 298 -21.16 -6.36 -24.03
C ILE A 298 -19.93 -6.22 -23.16
N LYS A 299 -18.85 -5.73 -23.76
CA LYS A 299 -17.58 -5.56 -23.07
C LYS A 299 -17.33 -4.07 -22.88
N ARG A 300 -17.34 -3.63 -21.62
CA ARG A 300 -17.08 -2.23 -21.31
C ARG A 300 -15.58 -1.97 -21.36
N SER A 301 -15.16 -0.79 -20.89
CA SER A 301 -13.74 -0.53 -20.75
C SER A 301 -13.10 -1.43 -19.71
N LYS A 302 -13.78 -1.62 -18.57
CA LYS A 302 -13.25 -2.43 -17.48
C LYS A 302 -13.89 -3.81 -17.42
N ASP A 303 -15.22 -3.88 -17.31
CA ASP A 303 -15.95 -5.10 -17.03
C ASP A 303 -16.89 -5.42 -18.18
N GLN A 304 -17.74 -6.41 -17.98
CA GLN A 304 -18.71 -6.84 -18.99
C GLN A 304 -20.12 -6.79 -18.43
N LEU A 305 -21.08 -6.58 -19.32
CA LEU A 305 -22.49 -6.56 -18.98
C LEU A 305 -23.24 -7.62 -19.79
N HIS A 306 -24.38 -8.05 -19.25
CA HIS A 306 -25.26 -8.99 -19.91
C HIS A 306 -26.63 -8.37 -20.11
N VAL A 307 -27.18 -8.52 -21.30
CA VAL A 307 -28.44 -7.90 -21.68
C VAL A 307 -29.35 -8.94 -22.31
N ASP A 308 -30.64 -8.86 -21.98
CA ASP A 308 -31.70 -9.62 -22.61
C ASP A 308 -32.66 -8.65 -23.26
N LEU A 309 -32.88 -8.82 -24.56
CA LEU A 309 -33.71 -7.92 -25.36
C LEU A 309 -34.90 -8.71 -25.88
N ASP A 310 -36.10 -8.17 -25.70
CA ASP A 310 -37.28 -8.84 -26.22
C ASP A 310 -37.26 -8.82 -27.74
N ASN A 311 -38.11 -9.68 -28.33
CA ASN A 311 -38.10 -9.86 -29.78
C ASN A 311 -38.36 -8.55 -30.51
N LYS A 312 -39.40 -7.83 -30.11
CA LYS A 312 -39.79 -6.58 -30.76
C LYS A 312 -39.91 -5.50 -29.70
N GLY A 313 -38.79 -4.86 -29.36
CA GLY A 313 -38.84 -3.78 -28.39
C GLY A 313 -37.45 -3.42 -27.91
N LYS A 314 -37.41 -2.51 -26.95
CA LYS A 314 -36.17 -2.08 -26.33
C LYS A 314 -35.68 -3.13 -25.34
N VAL A 315 -34.51 -2.88 -24.77
CA VAL A 315 -33.89 -3.84 -23.85
C VAL A 315 -34.80 -4.05 -22.65
N LEU A 316 -34.96 -5.31 -22.26
CA LEU A 316 -35.78 -5.65 -21.10
C LEU A 316 -34.95 -6.01 -19.88
N ALA A 317 -33.67 -6.35 -20.06
CA ALA A 317 -32.78 -6.63 -18.94
C ALA A 317 -31.38 -6.19 -19.31
N VAL A 318 -30.72 -5.46 -18.42
CA VAL A 318 -29.32 -5.08 -18.60
C VAL A 318 -28.69 -5.01 -17.21
N ASN A 319 -27.69 -5.84 -16.97
CA ASN A 319 -27.07 -5.89 -15.65
C ASN A 319 -25.64 -6.38 -15.79
N SER A 320 -24.98 -6.54 -14.64
CA SER A 320 -23.58 -6.91 -14.60
C SER A 320 -23.40 -8.39 -14.90
N ALA A 321 -22.17 -8.77 -15.21
CA ALA A 321 -21.85 -10.16 -15.50
C ALA A 321 -22.01 -11.00 -14.24
N TRP A 322 -22.12 -12.30 -14.45
CA TRP A 322 -22.27 -13.24 -13.34
C TRP A 322 -20.92 -13.49 -12.68
N VAL A 323 -20.91 -13.57 -11.35
CA VAL A 323 -19.75 -14.07 -10.62
C VAL A 323 -20.20 -15.25 -9.79
N ASN A 324 -19.66 -16.43 -10.08
CA ASN A 324 -20.10 -17.66 -9.44
C ASN A 324 -19.09 -18.04 -8.37
N LEU A 325 -19.54 -18.07 -7.12
CA LEU A 325 -18.63 -18.38 -6.02
C LEU A 325 -18.15 -19.82 -6.12
N GLN A 326 -19.07 -20.78 -6.02
CA GLN A 326 -18.75 -22.19 -5.96
C GLN A 326 -19.08 -22.85 -7.28
N THR A 327 -18.09 -23.48 -7.90
CA THR A 327 -18.30 -24.22 -9.14
C THR A 327 -17.91 -25.67 -8.91
N ALA A 328 -18.84 -26.58 -9.14
CA ALA A 328 -18.63 -28.01 -8.89
C ALA A 328 -18.80 -28.77 -10.20
N TRP A 329 -17.80 -29.57 -10.53
CA TRP A 329 -17.87 -30.45 -11.71
C TRP A 329 -18.24 -31.86 -11.27
N CYS A 330 -19.54 -32.06 -10.98
CA CYS A 330 -20.02 -33.38 -10.60
C CYS A 330 -20.02 -34.26 -11.85
N THR A 331 -18.85 -34.83 -12.13
CA THR A 331 -18.63 -35.55 -13.38
C THR A 331 -19.22 -36.95 -13.30
N HIS A 332 -19.90 -37.35 -14.37
CA HIS A 332 -20.44 -38.69 -14.53
C HIS A 332 -19.59 -39.45 -15.53
N ALA A 333 -19.96 -40.72 -15.75
CA ALA A 333 -19.19 -41.59 -16.63
C ALA A 333 -19.72 -41.57 -18.06
N LYS A 334 -20.98 -41.98 -18.24
CA LYS A 334 -21.57 -42.06 -19.57
C LYS A 334 -22.66 -41.04 -19.83
N GLY A 335 -23.38 -40.61 -18.80
CA GLY A 335 -24.39 -39.60 -18.97
C GLY A 335 -23.78 -38.22 -19.05
N PRO A 336 -24.63 -37.24 -19.38
CA PRO A 336 -24.16 -35.85 -19.39
C PRO A 336 -23.78 -35.40 -17.99
N ASP A 337 -22.68 -34.66 -17.91
CA ASP A 337 -22.20 -34.20 -16.62
C ASP A 337 -23.12 -33.12 -16.05
N VAL A 338 -23.12 -33.02 -14.72
CA VAL A 338 -23.94 -32.06 -13.99
C VAL A 338 -23.05 -31.00 -13.39
N ARG A 339 -23.41 -29.74 -13.58
CA ARG A 339 -22.65 -28.60 -13.12
C ARG A 339 -23.49 -27.78 -12.16
N LEU A 340 -22.92 -27.50 -10.98
CA LEU A 340 -23.61 -26.79 -9.92
C LEU A 340 -22.93 -25.47 -9.65
N LEU A 341 -23.72 -24.44 -9.33
CA LEU A 341 -23.18 -23.10 -9.19
C LEU A 341 -23.95 -22.35 -8.12
N LEU A 342 -23.26 -21.41 -7.48
CA LEU A 342 -23.87 -20.44 -6.57
C LEU A 342 -23.45 -19.06 -7.07
N ARG A 343 -24.30 -18.44 -7.88
CA ARG A 343 -23.92 -17.22 -8.59
C ARG A 343 -24.45 -15.98 -7.88
N SER A 344 -23.83 -14.85 -8.19
CA SER A 344 -24.22 -13.55 -7.65
C SER A 344 -23.94 -12.47 -8.67
N ARG A 345 -24.59 -11.32 -8.47
CA ARG A 345 -24.51 -10.20 -9.38
C ARG A 345 -23.77 -9.04 -8.72
N PRO A 346 -22.65 -8.59 -9.27
CA PRO A 346 -22.02 -7.38 -8.75
C PRO A 346 -22.93 -6.19 -8.93
N PRO A 347 -22.82 -5.18 -8.07
CA PRO A 347 -23.69 -4.01 -8.19
C PRO A 347 -23.45 -3.26 -9.49
N ILE A 348 -24.50 -2.64 -9.99
CA ILE A 348 -24.48 -1.94 -11.27
C ILE A 348 -24.94 -0.50 -11.08
N ARG A 349 -24.27 0.42 -11.75
CA ARG A 349 -24.60 1.84 -11.65
C ARG A 349 -25.86 2.13 -12.46
N ARG A 350 -26.83 2.80 -11.82
CA ARG A 350 -28.08 3.13 -12.51
C ARG A 350 -27.81 3.94 -13.77
N GLN A 351 -26.75 4.74 -13.78
CA GLN A 351 -26.41 5.49 -14.97
C GLN A 351 -26.11 4.55 -16.13
N ASP A 352 -25.41 3.45 -15.87
CA ASP A 352 -25.06 2.53 -16.95
C ASP A 352 -26.29 1.81 -17.51
N VAL A 353 -27.20 1.37 -16.63
CA VAL A 353 -28.38 0.68 -17.11
C VAL A 353 -29.28 1.62 -17.90
N GLU A 354 -29.47 2.85 -17.41
CA GLU A 354 -30.29 3.79 -18.17
C GLU A 354 -29.62 4.19 -19.48
N LEU A 355 -28.28 4.27 -19.49
CA LEU A 355 -27.56 4.60 -20.71
C LEU A 355 -27.74 3.52 -21.76
N PHE A 356 -27.53 2.25 -21.38
CA PHE A 356 -27.69 1.17 -22.35
C PHE A 356 -29.15 0.89 -22.67
N ALA A 357 -30.08 1.39 -21.86
CA ALA A 357 -31.49 1.35 -22.24
C ALA A 357 -31.81 2.42 -23.26
N SER A 358 -31.17 3.58 -23.15
CA SER A 358 -31.48 4.69 -24.05
C SER A 358 -31.00 4.42 -25.47
N THR A 359 -29.76 3.96 -25.60
CA THR A 359 -29.21 3.70 -26.92
C THR A 359 -29.59 2.31 -27.38
N PRO A 360 -30.30 2.15 -28.49
CA PRO A 360 -30.64 0.80 -28.97
C PRO A 360 -29.39 0.00 -29.30
N ILE A 361 -29.44 -1.28 -28.97
CA ILE A 361 -28.25 -2.13 -29.09
C ILE A 361 -28.06 -2.60 -30.53
N ILE A 362 -29.05 -3.29 -31.08
CA ILE A 362 -28.92 -3.94 -32.37
C ILE A 362 -30.00 -3.42 -33.31
N LYS A 363 -29.85 -3.77 -34.59
CA LYS A 363 -30.75 -3.39 -35.66
C LYS A 363 -31.20 -4.67 -36.35
N LEU A 364 -32.27 -5.27 -35.86
CA LEU A 364 -32.76 -6.55 -36.37
C LEU A 364 -33.74 -6.36 -37.52
N ALA A 365 -33.33 -5.56 -38.52
CA ALA A 365 -34.18 -5.34 -39.69
C ALA A 365 -34.24 -6.61 -40.52
N ASP A 366 -35.46 -7.11 -40.75
CA ASP A 366 -35.68 -8.34 -41.49
C ASP A 366 -34.96 -9.52 -40.83
N ASP A 367 -34.68 -10.57 -41.59
CA ASP A 367 -34.09 -11.78 -41.02
C ASP A 367 -32.70 -11.52 -40.47
N ASP A 368 -31.88 -10.78 -41.20
CA ASP A 368 -30.51 -10.53 -40.77
C ASP A 368 -30.49 -9.51 -39.64
N VAL A 369 -29.43 -9.59 -38.82
CA VAL A 369 -29.23 -8.67 -37.72
C VAL A 369 -27.82 -8.12 -37.79
N ALA A 370 -27.64 -6.91 -37.27
CA ALA A 370 -26.33 -6.26 -37.25
C ALA A 370 -26.18 -5.51 -35.93
N ASP A 371 -24.92 -5.17 -35.62
CA ASP A 371 -24.61 -4.45 -34.40
C ASP A 371 -24.52 -2.95 -34.70
N VAL A 372 -25.36 -2.16 -34.03
CA VAL A 372 -25.36 -0.71 -34.22
C VAL A 372 -25.02 -0.05 -32.90
N LEU A 373 -24.29 -0.76 -32.04
CA LEU A 373 -23.83 -0.15 -30.81
C LEU A 373 -22.79 0.91 -31.11
N PRO A 374 -22.91 2.12 -30.55
CA PRO A 374 -21.89 3.14 -30.75
C PRO A 374 -20.54 2.65 -30.25
N PRO A 375 -19.47 2.90 -31.00
CA PRO A 375 -18.15 2.39 -30.60
C PRO A 375 -17.63 2.97 -29.30
N GLU A 376 -18.33 3.92 -28.68
CA GLU A 376 -17.89 4.53 -27.45
C GLU A 376 -18.43 3.83 -26.21
N HIS A 377 -19.10 2.69 -26.39
CA HIS A 377 -19.70 1.97 -25.27
C HIS A 377 -19.25 0.52 -25.14
N GLY A 378 -18.87 -0.14 -26.21
CA GLY A 378 -18.41 -1.51 -26.10
C GLY A 378 -18.31 -2.17 -27.47
N GLN A 379 -18.06 -3.47 -27.43
CA GLN A 379 -17.96 -4.30 -28.63
C GLN A 379 -18.89 -5.49 -28.45
N LEU A 380 -19.80 -5.67 -29.40
CA LEU A 380 -20.76 -6.78 -29.33
C LEU A 380 -20.04 -8.08 -29.64
N VAL A 381 -20.07 -9.01 -28.70
CA VAL A 381 -19.22 -10.20 -28.77
C VAL A 381 -20.02 -11.50 -28.84
N TYR A 382 -21.31 -11.50 -28.49
CA TYR A 382 -22.07 -12.74 -28.47
C TYR A 382 -23.56 -12.41 -28.53
N LEU A 383 -24.23 -12.84 -29.59
CA LEU A 383 -25.68 -12.71 -29.69
C LEU A 383 -26.28 -14.01 -30.18
N SER A 384 -27.40 -14.40 -29.58
CA SER A 384 -28.02 -15.68 -29.88
C SER A 384 -29.53 -15.57 -29.66
N GLU A 385 -30.31 -16.06 -30.63
CA GLU A 385 -31.75 -16.09 -30.48
C GLU A 385 -32.14 -17.19 -29.50
N ASP A 386 -33.01 -16.86 -28.57
CA ASP A 386 -33.40 -17.78 -27.50
C ASP A 386 -34.89 -18.09 -27.55
N GLU A 387 -35.22 -19.34 -27.26
CA GLU A 387 -36.58 -19.76 -26.99
C GLU A 387 -36.62 -20.34 -25.59
N THR A 388 -37.45 -19.75 -24.73
CA THR A 388 -37.40 -19.98 -23.30
C THR A 388 -38.74 -20.50 -22.78
N ARG A 389 -38.68 -21.49 -21.90
CA ARG A 389 -39.85 -21.98 -21.18
C ARG A 389 -39.49 -22.19 -19.72
N LEU A 390 -40.52 -22.14 -18.86
CA LEU A 390 -40.34 -22.08 -17.42
C LEU A 390 -41.37 -22.96 -16.73
N PHE A 391 -40.98 -23.56 -15.61
CA PHE A 391 -41.85 -24.35 -14.74
C PHE A 391 -41.41 -24.16 -13.29
N GLU A 392 -42.37 -24.23 -12.37
CA GLU A 392 -42.14 -23.85 -10.98
C GLU A 392 -42.70 -24.91 -10.03
N ARG A 393 -42.02 -25.10 -8.89
CA ARG A 393 -42.44 -26.00 -7.83
C ARG A 393 -42.34 -25.27 -6.49
N VAL A 394 -43.30 -25.54 -5.60
CA VAL A 394 -43.33 -24.94 -4.25
C VAL A 394 -43.63 -26.05 -3.26
N SER A 395 -42.60 -26.49 -2.53
CA SER A 395 -42.74 -27.57 -1.56
C SER A 395 -42.97 -27.03 -0.14
N ASP A 396 -43.96 -26.16 0.02
CA ASP A 396 -44.40 -25.66 1.33
C ASP A 396 -43.26 -25.04 2.13
N ARG A 397 -42.17 -24.63 1.46
CA ARG A 397 -41.04 -24.03 2.16
C ARG A 397 -40.48 -22.83 1.42
N GLY A 398 -41.25 -22.22 0.53
CA GLY A 398 -40.76 -21.10 -0.25
C GLY A 398 -39.65 -21.49 -1.20
N VAL A 399 -39.45 -22.79 -1.38
CA VAL A 399 -38.35 -23.31 -2.20
C VAL A 399 -38.86 -23.36 -3.63
N THR A 400 -38.51 -22.32 -4.41
CA THR A 400 -38.96 -22.20 -5.79
C THR A 400 -37.88 -22.76 -6.70
N ILE A 401 -37.83 -24.09 -6.78
CA ILE A 401 -36.88 -24.76 -7.67
C ILE A 401 -37.45 -24.69 -9.08
N THR A 402 -37.02 -23.70 -9.84
CA THR A 402 -37.56 -23.42 -11.16
C THR A 402 -36.74 -24.13 -12.23
N VAL A 403 -37.42 -24.83 -13.12
CA VAL A 403 -36.78 -25.51 -14.25
C VAL A 403 -37.06 -24.69 -15.50
N ARG A 404 -36.03 -24.51 -16.32
CA ARG A 404 -36.13 -23.65 -17.48
C ARG A 404 -35.41 -24.29 -18.65
N GLU A 405 -36.05 -24.27 -19.82
CA GLU A 405 -35.47 -24.80 -21.04
C GLU A 405 -35.22 -23.66 -22.00
N VAL A 406 -34.05 -23.66 -22.64
CA VAL A 406 -33.71 -22.62 -23.61
C VAL A 406 -33.05 -23.26 -24.82
N LYS A 407 -33.59 -22.99 -26.00
CA LYS A 407 -32.99 -23.40 -27.27
C LYS A 407 -32.34 -22.16 -27.90
N ARG A 408 -31.03 -22.02 -27.69
CA ARG A 408 -30.32 -20.85 -28.17
C ARG A 408 -29.61 -21.16 -29.49
N GLN A 409 -29.69 -20.21 -30.42
CA GLN A 409 -29.07 -20.32 -31.73
C GLN A 409 -28.03 -19.21 -31.85
N PRO A 410 -26.75 -19.51 -31.65
CA PRO A 410 -25.73 -18.45 -31.67
C PRO A 410 -25.61 -17.82 -33.04
N LEU A 411 -25.65 -16.48 -33.07
CA LEU A 411 -25.62 -15.72 -34.31
C LEU A 411 -24.40 -14.83 -34.41
N ILE A 412 -24.15 -13.98 -33.41
CA ILE A 412 -22.96 -13.14 -33.35
C ILE A 412 -21.93 -13.84 -32.48
N ILE A 413 -20.80 -14.19 -33.10
CA ILE A 413 -19.85 -15.14 -32.54
C ILE A 413 -18.47 -14.52 -32.49
N LEU A 414 -17.72 -14.86 -31.44
CA LEU A 414 -16.33 -14.45 -31.31
C LEU A 414 -15.36 -15.62 -31.50
N ARG A 415 -15.51 -16.68 -30.73
CA ARG A 415 -14.63 -17.84 -30.78
C ARG A 415 -15.34 -19.02 -31.45
N ASP A 416 -14.54 -19.93 -31.99
CA ASP A 416 -15.07 -21.12 -32.64
C ASP A 416 -15.74 -22.09 -31.67
N GLU A 417 -15.59 -21.87 -30.36
CA GLU A 417 -16.19 -22.76 -29.39
C GLU A 417 -17.72 -22.75 -29.48
N GLU A 418 -18.31 -21.57 -29.67
CA GLU A 418 -19.76 -21.41 -29.70
C GLU A 418 -20.19 -21.19 -31.14
N GLU A 419 -20.48 -22.27 -31.85
CA GLU A 419 -20.89 -22.16 -33.25
C GLU A 419 -22.29 -22.71 -33.52
N ASP A 420 -22.57 -23.94 -33.11
CA ASP A 420 -23.77 -24.63 -33.55
C ASP A 420 -24.92 -24.40 -32.58
N PRO A 421 -26.16 -24.57 -33.03
CA PRO A 421 -27.31 -24.38 -32.14
C PRO A 421 -27.24 -25.32 -30.95
N ARG A 422 -27.65 -24.81 -29.79
CA ARG A 422 -27.56 -25.55 -28.55
C ARG A 422 -28.87 -25.51 -27.80
N VAL A 423 -29.12 -26.54 -27.01
CA VAL A 423 -30.31 -26.65 -26.18
C VAL A 423 -29.88 -26.95 -24.76
N GLU A 424 -30.38 -26.19 -23.79
CA GLU A 424 -29.90 -26.31 -22.42
C GLU A 424 -31.05 -26.23 -21.43
N TYR A 425 -31.08 -27.19 -20.51
CA TYR A 425 -31.95 -27.12 -19.34
C TYR A 425 -31.22 -26.42 -18.20
N SER A 426 -31.99 -26.01 -17.20
CA SER A 426 -31.39 -25.33 -16.06
C SER A 426 -32.35 -25.34 -14.88
N LEU A 427 -31.87 -25.79 -13.73
CA LEU A 427 -32.58 -25.70 -12.48
C LEU A 427 -32.07 -24.50 -11.69
N SER A 428 -32.95 -23.88 -10.92
CA SER A 428 -32.61 -22.66 -10.22
C SER A 428 -33.37 -22.57 -8.90
N ALA A 429 -32.85 -21.73 -8.02
CA ALA A 429 -33.50 -21.44 -6.74
C ALA A 429 -33.28 -19.95 -6.47
N HIS A 430 -33.52 -19.53 -5.23
CA HIS A 430 -33.27 -18.14 -4.85
C HIS A 430 -32.79 -18.11 -3.41
N ILE A 431 -31.64 -17.49 -3.19
CA ILE A 431 -31.04 -17.36 -1.87
C ILE A 431 -30.87 -15.89 -1.56
N PRO A 432 -31.82 -15.28 -0.86
CA PRO A 432 -31.69 -13.85 -0.53
C PRO A 432 -30.67 -13.58 0.57
N ALA A 433 -30.58 -12.34 1.02
CA ALA A 433 -29.65 -11.96 2.07
C ALA A 433 -30.08 -12.45 3.44
N ASN A 434 -31.23 -13.13 3.54
CA ASN A 434 -31.72 -13.65 4.80
C ASN A 434 -31.84 -15.16 4.81
N ALA A 435 -31.66 -15.83 3.67
CA ALA A 435 -31.78 -17.28 3.63
C ALA A 435 -30.72 -17.96 4.47
N ALA A 436 -29.46 -17.49 4.37
CA ALA A 436 -28.38 -18.08 5.13
C ALA A 436 -28.53 -17.88 6.63
N LYS A 437 -29.42 -16.99 7.07
CA LYS A 437 -29.68 -16.76 8.48
C LYS A 437 -30.80 -17.66 8.95
N ALA A 438 -30.51 -18.49 9.96
CA ALA A 438 -31.51 -19.35 10.60
C ALA A 438 -32.10 -20.37 9.63
N THR A 439 -32.79 -19.89 8.61
CA THR A 439 -33.46 -20.77 7.66
C THR A 439 -32.45 -21.71 6.99
N ASP A 440 -32.82 -22.97 6.87
CA ASP A 440 -31.92 -23.97 6.31
C ASP A 440 -31.62 -23.65 4.84
N VAL A 441 -30.35 -23.74 4.47
CA VAL A 441 -29.93 -23.43 3.11
C VAL A 441 -29.10 -24.59 2.56
N ARG A 442 -29.24 -25.76 3.17
CA ARG A 442 -28.58 -26.96 2.67
C ARG A 442 -29.54 -27.91 1.98
N ALA A 443 -30.80 -27.99 2.43
CA ALA A 443 -31.77 -28.85 1.76
C ALA A 443 -32.01 -28.41 0.32
N VAL A 444 -31.85 -27.11 0.04
CA VAL A 444 -31.97 -26.63 -1.33
C VAL A 444 -30.86 -27.24 -2.19
N GLY A 445 -29.62 -27.20 -1.68
CA GLY A 445 -28.51 -27.73 -2.45
C GLY A 445 -28.63 -29.23 -2.69
N LEU A 446 -28.95 -29.98 -1.64
CA LEU A 446 -29.09 -31.43 -1.79
C LEU A 446 -30.27 -31.77 -2.68
N THR A 447 -31.38 -31.05 -2.55
CA THR A 447 -32.53 -31.29 -3.40
C THR A 447 -32.19 -31.06 -4.87
N ALA A 448 -31.52 -29.94 -5.17
CA ALA A 448 -31.11 -29.68 -6.54
C ALA A 448 -30.14 -30.74 -7.03
N PHE A 449 -29.23 -31.19 -6.16
CA PHE A 449 -28.27 -32.22 -6.55
C PHE A 449 -28.98 -33.51 -6.92
N GLU A 450 -29.93 -33.94 -6.08
CA GLU A 450 -30.64 -35.18 -6.35
C GLU A 450 -31.47 -35.08 -7.63
N LEU A 451 -32.16 -33.95 -7.81
CA LEU A 451 -32.97 -33.77 -9.01
C LEU A 451 -32.09 -33.79 -10.26
N ALA A 452 -30.94 -33.10 -10.21
CA ALA A 452 -30.05 -33.07 -11.35
C ALA A 452 -29.48 -34.46 -11.64
N GLY A 453 -29.16 -35.22 -10.59
CA GLY A 453 -28.67 -36.57 -10.81
C GLY A 453 -29.71 -37.46 -11.46
N ARG A 454 -30.97 -37.35 -11.00
CA ARG A 454 -32.04 -38.14 -11.62
C ARG A 454 -32.22 -37.74 -13.08
N LEU A 455 -32.21 -36.45 -13.38
CA LEU A 455 -32.37 -36.00 -14.76
C LEU A 455 -31.22 -36.49 -15.62
N ALA A 456 -30.00 -36.47 -15.09
CA ALA A 456 -28.86 -36.99 -15.85
C ALA A 456 -29.01 -38.49 -16.09
N GLY A 457 -29.49 -39.22 -15.09
CA GLY A 457 -29.71 -40.64 -15.29
C GLY A 457 -30.75 -40.94 -16.34
N LEU A 458 -31.83 -40.15 -16.38
CA LEU A 458 -32.90 -40.40 -17.33
C LEU A 458 -32.51 -40.09 -18.77
N VAL A 459 -31.39 -39.44 -19.00
CA VAL A 459 -30.90 -39.16 -20.34
C VAL A 459 -29.56 -39.86 -20.59
N ALA A 460 -29.29 -40.93 -19.84
CA ALA A 460 -28.03 -41.63 -19.99
C ALA A 460 -27.92 -42.32 -21.35
N GLU A 461 -28.96 -43.06 -21.73
CA GLU A 461 -28.88 -43.90 -22.93
C GLU A 461 -28.75 -43.08 -24.20
N ASP A 462 -29.62 -42.09 -24.38
CA ASP A 462 -29.64 -41.35 -25.65
C ASP A 462 -28.49 -40.36 -25.78
N PHE A 463 -27.77 -40.07 -24.69
CA PHE A 463 -26.62 -39.19 -24.80
C PHE A 463 -25.50 -39.84 -25.60
N VAL A 464 -25.31 -41.14 -25.43
CA VAL A 464 -24.29 -41.87 -26.16
C VAL A 464 -24.86 -42.52 -27.42
N ARG A 465 -26.01 -42.07 -27.88
CA ARG A 465 -26.63 -42.59 -29.10
C ARG A 465 -25.93 -41.96 -30.30
N GLU A 466 -26.56 -42.08 -31.49
CA GLU A 466 -25.99 -41.53 -32.71
C GLU A 466 -25.50 -40.09 -32.54
N TYR A 467 -26.07 -39.35 -31.61
CA TYR A 467 -25.55 -38.04 -31.22
C TYR A 467 -24.49 -38.26 -30.15
N GLY A 468 -23.24 -37.89 -30.46
CA GLY A 468 -22.18 -37.90 -29.48
C GLY A 468 -21.69 -39.28 -29.08
N CYS A 469 -20.64 -39.33 -28.28
CA CYS A 469 -20.09 -40.59 -27.78
C CYS A 469 -19.25 -40.30 -26.56
N GLU A 470 -19.12 -41.31 -25.69
CA GLU A 470 -18.37 -41.19 -24.44
C GLU A 470 -17.50 -42.43 -24.27
N ALA A 471 -16.19 -42.26 -24.49
CA ALA A 471 -15.23 -43.33 -24.26
C ALA A 471 -14.61 -43.20 -22.86
N LYS A 472 -15.48 -43.28 -21.85
CA LYS A 472 -15.09 -43.07 -20.46
C LYS A 472 -14.56 -44.38 -19.88
N LEU A 473 -13.33 -44.71 -20.26
CA LEU A 473 -12.67 -45.92 -19.77
C LEU A 473 -11.16 -45.81 -19.91
N ASP B 45 -25.72 7.52 -2.85
CA ASP B 45 -26.86 8.10 -3.54
C ASP B 45 -27.56 7.06 -4.41
N PHE B 46 -26.85 5.98 -4.70
CA PHE B 46 -27.38 4.92 -5.54
C PHE B 46 -27.06 3.57 -4.91
N SER B 47 -27.37 2.50 -5.62
CA SER B 47 -27.22 1.16 -5.10
C SER B 47 -25.81 0.59 -5.27
N HIS B 48 -24.96 1.22 -6.09
CA HIS B 48 -23.62 0.69 -6.26
C HIS B 48 -22.75 0.92 -5.02
N ILE B 49 -23.22 1.70 -4.06
CA ILE B 49 -22.56 1.80 -2.75
C ILE B 49 -22.96 0.60 -1.91
N THR B 50 -21.97 -0.13 -1.41
CA THR B 50 -22.24 -1.33 -0.63
C THR B 50 -21.21 -1.42 0.48
N ARG B 51 -21.59 -2.07 1.59
CA ARG B 51 -20.66 -2.27 2.69
C ARG B 51 -19.36 -2.90 2.21
N ASN B 52 -19.45 -3.82 1.26
CA ASN B 52 -18.24 -4.40 0.68
C ASN B 52 -17.41 -3.33 -0.02
N THR B 53 -18.05 -2.43 -0.76
CA THR B 53 -17.30 -1.40 -1.47
C THR B 53 -16.69 -0.39 -0.51
N VAL B 54 -17.48 0.09 0.47
CA VAL B 54 -16.97 1.05 1.45
C VAL B 54 -16.09 0.39 2.49
N TRP B 55 -15.89 -0.92 2.42
CA TRP B 55 -14.84 -1.57 3.19
C TRP B 55 -13.58 -1.80 2.37
N GLY B 56 -13.72 -2.20 1.12
CA GLY B 56 -12.57 -2.30 0.23
C GLY B 56 -11.94 -0.97 -0.05
N LEU B 57 -12.67 0.12 0.13
CA LEU B 57 -12.05 1.44 0.14
C LEU B 57 -11.32 1.69 1.45
N TRP B 58 -12.02 1.57 2.57
CA TRP B 58 -11.42 1.88 3.88
C TRP B 58 -10.11 1.12 4.08
N ASN B 59 -10.07 -0.16 3.71
CA ASN B 59 -8.85 -0.95 3.83
C ASN B 59 -7.79 -0.54 2.82
N GLU B 60 -8.13 0.32 1.86
CA GLU B 60 -7.23 0.69 0.78
C GLU B 60 -6.79 2.15 0.87
N GLY B 61 -7.20 2.87 1.91
CA GLY B 61 -7.07 4.31 1.84
C GLY B 61 -8.08 4.83 0.84
N ASN B 62 -7.69 5.86 0.08
CA ASN B 62 -8.43 6.26 -1.11
C ASN B 62 -9.91 6.47 -0.83
N LEU B 63 -10.26 6.71 0.43
CA LEU B 63 -11.66 6.87 0.79
C LEU B 63 -12.25 8.15 0.21
N PHE B 64 -11.41 9.03 -0.31
CA PHE B 64 -11.86 10.31 -0.86
C PHE B 64 -12.30 10.20 -2.32
N SER B 65 -12.42 8.98 -2.85
CA SER B 65 -12.94 8.84 -4.21
C SER B 65 -14.44 8.96 -4.27
N LEU B 66 -15.12 8.93 -3.12
CA LEU B 66 -16.57 9.04 -3.05
C LEU B 66 -16.97 10.49 -2.81
N SER B 67 -17.88 11.00 -3.64
CA SER B 67 -18.33 12.37 -3.50
C SER B 67 -19.15 12.55 -2.22
N VAL B 68 -19.54 13.79 -1.96
CA VAL B 68 -20.30 14.09 -0.74
C VAL B 68 -21.62 13.34 -0.68
N PRO B 69 -22.45 13.30 -1.74
CA PRO B 69 -23.70 12.52 -1.63
C PRO B 69 -23.47 11.05 -1.34
N GLU B 70 -22.42 10.45 -1.91
CA GLU B 70 -22.16 9.03 -1.68
C GLU B 70 -21.89 8.76 -0.20
N LEU B 71 -21.04 9.58 0.41
CA LEU B 71 -20.71 9.38 1.81
C LEU B 71 -21.87 9.74 2.73
N ALA B 72 -22.65 10.76 2.38
CA ALA B 72 -23.84 11.06 3.16
C ALA B 72 -24.83 9.90 3.13
N PHE B 73 -25.04 9.32 1.96
CA PHE B 73 -25.92 8.16 1.84
C PHE B 73 -25.37 6.98 2.62
N PHE B 74 -24.05 6.77 2.58
CA PHE B 74 -23.47 5.66 3.33
C PHE B 74 -23.68 5.84 4.83
N LEU B 75 -23.48 7.06 5.33
CA LEU B 75 -23.70 7.31 6.75
C LEU B 75 -25.17 7.16 7.12
N GLN B 76 -26.07 7.62 6.26
CA GLN B 76 -27.50 7.57 6.57
C GLN B 76 -28.03 6.13 6.57
N GLU B 77 -27.72 5.38 5.51
CA GLU B 77 -28.31 4.05 5.34
C GLU B 77 -27.63 3.01 6.22
N HIS B 78 -26.33 2.78 6.00
CA HIS B 78 -25.67 1.65 6.63
C HIS B 78 -25.24 1.94 8.06
N CYS B 79 -24.80 3.18 8.33
CA CYS B 79 -24.29 3.52 9.65
C CYS B 79 -25.39 3.94 10.62
N ARG B 80 -26.64 3.98 10.18
CA ARG B 80 -27.79 4.31 11.03
C ARG B 80 -27.63 5.68 11.70
N VAL B 81 -26.90 6.59 11.05
CA VAL B 81 -26.80 7.95 11.55
C VAL B 81 -28.14 8.64 11.44
N ALA B 82 -28.50 9.41 12.46
CA ALA B 82 -29.78 10.11 12.47
C ALA B 82 -29.95 10.96 11.22
N ASN B 83 -29.08 11.95 11.04
CA ASN B 83 -29.09 12.77 9.83
C ASN B 83 -27.74 13.46 9.71
N VAL B 84 -27.05 13.23 8.59
CA VAL B 84 -25.78 13.91 8.35
C VAL B 84 -26.04 15.38 8.02
N ASP B 85 -25.19 16.26 8.54
CA ASP B 85 -25.30 17.68 8.26
C ASP B 85 -25.07 17.93 6.76
N PRO B 86 -26.01 18.54 6.05
CA PRO B 86 -25.77 18.87 4.64
C PRO B 86 -24.62 19.84 4.45
N ARG B 87 -24.35 20.68 5.45
CA ARG B 87 -23.24 21.62 5.36
C ARG B 87 -21.89 20.92 5.37
N ALA B 88 -21.81 19.70 5.90
CA ALA B 88 -20.53 19.04 6.09
C ALA B 88 -19.84 18.82 4.76
N LYS B 89 -18.53 19.08 4.74
CA LYS B 89 -17.72 18.93 3.55
C LYS B 89 -17.12 17.53 3.52
N LYS B 90 -16.17 17.31 2.61
CA LYS B 90 -15.68 15.95 2.37
C LYS B 90 -14.91 15.41 3.57
N SER B 91 -14.07 16.22 4.20
CA SER B 91 -13.14 15.71 5.19
C SER B 91 -13.86 15.26 6.46
N ALA B 92 -14.84 16.04 6.92
CA ALA B 92 -15.59 15.64 8.11
C ALA B 92 -16.32 14.33 7.88
N LEU B 93 -16.91 14.17 6.68
CA LEU B 93 -17.60 12.93 6.36
C LEU B 93 -16.63 11.76 6.34
N VAL B 94 -15.44 11.96 5.75
CA VAL B 94 -14.45 10.87 5.73
C VAL B 94 -14.07 10.48 7.15
N ARG B 95 -13.85 11.47 8.01
CA ARG B 95 -13.48 11.17 9.39
C ARG B 95 -14.59 10.41 10.11
N GLN B 96 -15.84 10.84 9.94
CA GLN B 96 -16.95 10.15 10.59
C GLN B 96 -17.07 8.72 10.08
N VAL B 97 -16.97 8.52 8.77
CA VAL B 97 -17.09 7.17 8.21
C VAL B 97 -15.99 6.28 8.73
N GLU B 98 -14.76 6.79 8.78
CA GLU B 98 -13.65 5.99 9.25
C GLU B 98 -13.81 5.64 10.72
N GLU B 99 -14.30 6.58 11.53
CA GLU B 99 -14.53 6.28 12.94
C GLU B 99 -15.61 5.21 13.11
N ILE B 100 -16.70 5.33 12.34
CA ILE B 100 -17.79 4.35 12.45
C ILE B 100 -17.28 2.96 12.08
N LEU B 101 -16.54 2.87 10.96
CA LEU B 101 -16.02 1.58 10.54
C LEU B 101 -15.04 1.01 11.56
N SER B 102 -14.17 1.85 12.12
CA SER B 102 -13.19 1.38 13.09
C SER B 102 -13.87 0.81 14.31
N ALA B 103 -14.92 1.48 14.80
CA ALA B 103 -15.69 0.88 15.89
C ALA B 103 -16.46 -0.35 15.41
N GLU B 104 -16.77 -0.44 14.11
CA GLU B 104 -17.55 -1.55 13.60
C GLU B 104 -16.73 -2.84 13.51
N GLN B 105 -15.41 -2.73 13.32
CA GLN B 105 -14.59 -3.92 13.13
C GLN B 105 -14.80 -4.93 14.25
N GLN B 106 -14.67 -4.48 15.50
CA GLN B 106 -15.10 -5.24 16.68
C GLN B 106 -14.53 -6.66 16.71
N ALA B 107 -13.32 -6.83 16.19
CA ALA B 107 -12.68 -8.14 16.14
C ALA B 107 -11.21 -7.93 15.80
N SER B 108 -10.44 -9.02 15.82
CA SER B 108 -9.02 -8.99 15.52
C SER B 108 -8.74 -9.92 14.36
N ALA B 109 -8.25 -9.37 13.25
CA ALA B 109 -7.83 -10.13 12.08
C ALA B 109 -6.32 -10.34 12.04
N THR B 110 -5.68 -10.29 13.20
CA THR B 110 -4.24 -10.46 13.32
C THR B 110 -3.96 -11.72 14.11
N VAL B 111 -3.17 -12.63 13.55
CA VAL B 111 -2.84 -13.87 14.24
C VAL B 111 -1.49 -13.70 14.92
N PRO B 112 -1.45 -13.60 16.24
CA PRO B 112 -0.20 -13.27 16.93
C PRO B 112 0.82 -14.40 16.80
N GLN B 113 2.07 -14.02 16.57
CA GLN B 113 3.17 -14.97 16.53
C GLN B 113 3.88 -15.12 17.86
N GLU B 114 3.56 -14.27 18.84
CA GLU B 114 4.16 -14.40 20.16
C GLU B 114 3.56 -15.59 20.89
N ASP B 115 4.07 -15.85 22.09
CA ASP B 115 3.57 -16.94 22.93
C ASP B 115 3.28 -16.37 24.32
N ASN B 116 2.07 -15.85 24.49
CA ASN B 116 1.65 -15.36 25.78
C ASN B 116 1.46 -16.53 26.73
N PRO B 117 2.20 -16.61 27.83
CA PRO B 117 2.07 -17.75 28.75
C PRO B 117 0.99 -17.61 29.82
N HIS B 118 0.09 -16.62 29.70
CA HIS B 118 -1.00 -16.44 30.64
C HIS B 118 -2.35 -16.69 29.98
N ALA B 119 -2.37 -17.56 28.97
CA ALA B 119 -3.58 -17.85 28.22
C ALA B 119 -4.12 -19.21 28.66
N ILE B 120 -5.26 -19.19 29.34
CA ILE B 120 -5.89 -20.40 29.85
C ILE B 120 -6.93 -20.82 28.82
N VAL B 121 -6.58 -21.80 27.99
CA VAL B 121 -7.47 -22.27 26.94
C VAL B 121 -7.99 -23.66 27.29
N VAL B 122 -9.18 -23.72 27.88
CA VAL B 122 -9.79 -25.00 28.24
C VAL B 122 -10.64 -25.58 27.11
N THR B 123 -10.82 -24.84 26.02
CA THR B 123 -11.68 -25.31 24.94
C THR B 123 -11.17 -26.62 24.36
N ASP B 124 -9.87 -26.69 24.09
CA ASP B 124 -9.24 -27.93 23.66
C ASP B 124 -9.07 -28.82 24.88
N TYR B 125 -9.64 -30.02 24.84
CA TYR B 125 -9.51 -30.96 25.95
C TYR B 125 -9.75 -32.39 25.50
N GLU B 137 -8.27 -28.96 3.89
CA GLU B 137 -7.77 -30.31 3.74
C GLU B 137 -8.09 -30.86 2.36
N TYR B 138 -9.29 -30.55 1.86
CA TYR B 138 -9.68 -30.94 0.52
C TYR B 138 -9.19 -29.95 -0.55
N GLY B 139 -8.66 -28.80 -0.14
CA GLY B 139 -8.15 -27.81 -1.07
C GLY B 139 -9.19 -27.22 -2.00
N ASP B 140 -10.19 -26.57 -1.43
CA ASP B 140 -11.28 -25.96 -2.19
C ASP B 140 -11.25 -24.45 -2.17
N TRP B 141 -10.99 -23.83 -1.01
CA TRP B 141 -11.16 -22.40 -0.85
C TRP B 141 -10.03 -21.57 -1.46
N GLY B 142 -9.16 -22.16 -2.26
CA GLY B 142 -8.10 -21.39 -2.88
C GLY B 142 -7.20 -22.27 -3.71
N ALA B 143 -6.20 -21.63 -4.29
CA ALA B 143 -5.20 -22.30 -5.12
C ALA B 143 -3.87 -22.18 -4.40
N GLU B 144 -3.53 -23.19 -3.60
CA GLU B 144 -2.33 -23.20 -2.77
C GLU B 144 -1.08 -22.93 -3.61
N PRO B 145 -0.40 -21.82 -3.36
CA PRO B 145 0.74 -21.45 -4.20
C PRO B 145 1.91 -22.40 -4.03
N GLY B 146 2.73 -22.48 -5.08
CA GLY B 146 3.90 -23.32 -5.04
C GLY B 146 3.61 -24.79 -5.04
N PHE B 147 2.43 -25.20 -5.51
CA PHE B 147 2.06 -26.61 -5.54
C PHE B 147 2.66 -27.24 -6.80
N GLU B 148 2.24 -28.48 -7.08
CA GLU B 148 2.70 -29.23 -8.25
C GLU B 148 4.22 -29.35 -8.28
N SER B 171 11.39 -50.01 11.14
CA SER B 171 11.28 -48.59 10.78
C SER B 171 10.99 -48.43 9.28
N PRO B 172 9.72 -48.47 8.92
CA PRO B 172 9.35 -48.34 7.50
C PRO B 172 9.72 -46.98 6.94
N ARG B 173 10.57 -46.98 5.90
CA ARG B 173 10.94 -45.74 5.23
C ARG B 173 9.87 -45.26 4.25
N ALA B 174 8.94 -46.13 3.86
CA ALA B 174 7.91 -45.74 2.91
C ALA B 174 6.74 -46.71 3.05
N PHE B 175 5.58 -46.19 3.44
CA PHE B 175 4.37 -46.99 3.60
C PHE B 175 3.20 -46.18 3.06
N GLN B 176 2.55 -46.70 2.02
CA GLN B 176 1.30 -46.15 1.53
C GLN B 176 0.26 -47.25 1.52
N LEU B 177 -0.96 -46.89 1.94
CA LEU B 177 -2.03 -47.87 2.07
C LEU B 177 -2.69 -48.10 0.70
N LEU B 178 -2.96 -49.36 0.40
CA LEU B 178 -3.68 -49.74 -0.81
C LEU B 178 -4.96 -50.47 -0.43
N HIS B 179 -5.99 -50.29 -1.25
CA HIS B 179 -7.28 -50.92 -1.01
C HIS B 179 -7.92 -51.25 -2.34
N SER B 180 -8.84 -52.22 -2.31
CA SER B 180 -9.51 -52.70 -3.50
C SER B 180 -10.82 -51.99 -3.80
N GLU B 181 -11.18 -50.97 -3.02
CA GLU B 181 -12.45 -50.29 -3.23
C GLU B 181 -12.30 -48.77 -3.27
N THR B 182 -11.29 -48.23 -2.59
CA THR B 182 -11.27 -46.78 -2.37
C THR B 182 -10.80 -46.02 -3.60
N ALA B 183 -9.54 -46.23 -4.00
CA ALA B 183 -8.94 -45.58 -5.17
C ALA B 183 -9.22 -44.07 -5.18
N THR B 184 -8.72 -43.38 -4.15
CA THR B 184 -8.97 -41.96 -4.06
C THR B 184 -8.00 -41.18 -4.94
N ASP B 185 -7.87 -41.62 -6.20
CA ASP B 185 -7.09 -40.94 -7.24
C ASP B 185 -7.96 -40.92 -8.48
N VAL B 186 -8.42 -39.72 -8.87
CA VAL B 186 -9.33 -39.64 -10.01
C VAL B 186 -8.64 -40.11 -11.27
N GLY B 187 -9.36 -40.87 -12.10
CA GLY B 187 -8.83 -41.34 -13.36
C GLY B 187 -9.05 -40.34 -14.48
N ILE B 188 -8.31 -40.54 -15.57
CA ILE B 188 -8.34 -39.64 -16.72
C ILE B 188 -8.50 -40.47 -17.98
N ALA B 189 -9.42 -40.06 -18.85
CA ALA B 189 -9.70 -40.72 -20.12
C ALA B 189 -9.47 -39.75 -21.27
N SER B 190 -9.73 -40.23 -22.49
CA SER B 190 -9.59 -39.41 -23.70
C SER B 190 -10.78 -39.66 -24.61
N ILE B 191 -11.45 -38.58 -25.01
CA ILE B 191 -12.67 -38.66 -25.79
C ILE B 191 -12.67 -37.52 -26.81
N ASP B 192 -13.20 -37.79 -28.01
CA ASP B 192 -13.28 -36.78 -29.05
C ASP B 192 -14.71 -36.26 -29.14
N PRO B 193 -14.98 -35.00 -28.74
CA PRO B 193 -16.33 -34.44 -28.84
C PRO B 193 -16.61 -33.81 -30.20
N SER B 194 -16.29 -34.53 -31.27
CA SER B 194 -16.47 -33.99 -32.62
C SER B 194 -17.94 -33.76 -32.92
N LYS B 195 -18.83 -34.61 -32.40
CA LYS B 195 -20.25 -34.48 -32.66
C LYS B 195 -20.94 -33.51 -31.70
N LEU B 196 -20.26 -33.07 -30.65
CA LEU B 196 -20.82 -32.08 -29.75
C LEU B 196 -20.97 -30.75 -30.48
N PRO B 197 -21.88 -29.88 -30.02
CA PRO B 197 -22.00 -28.56 -30.65
C PRO B 197 -20.69 -27.79 -30.55
N GLY B 198 -20.34 -27.11 -31.64
CA GLY B 198 -19.02 -26.55 -31.69
C GLY B 198 -18.01 -27.69 -31.71
N GLN B 199 -16.79 -27.35 -31.32
CA GLN B 199 -15.76 -28.35 -31.04
C GLN B 199 -15.41 -29.23 -32.23
N SER B 200 -16.00 -28.95 -33.39
CA SER B 200 -15.78 -29.83 -34.53
C SER B 200 -14.50 -29.47 -35.25
N LYS B 201 -13.43 -29.27 -34.48
CA LYS B 201 -12.07 -29.14 -34.99
C LYS B 201 -11.05 -29.87 -34.15
N VAL B 202 -11.41 -30.30 -32.94
CA VAL B 202 -10.49 -30.92 -32.00
C VAL B 202 -10.84 -32.40 -31.89
N LYS B 203 -9.84 -33.26 -31.98
CA LYS B 203 -10.05 -34.70 -32.01
C LYS B 203 -9.54 -35.42 -30.76
N ASN B 204 -9.28 -34.69 -29.68
CA ASN B 204 -8.90 -35.32 -28.42
C ASN B 204 -9.25 -34.37 -27.27
N ALA B 205 -9.81 -34.94 -26.21
CA ALA B 205 -10.14 -34.18 -25.02
C ALA B 205 -10.26 -35.12 -23.84
N LEU B 206 -10.00 -34.60 -22.65
CA LEU B 206 -9.96 -35.41 -21.44
C LEU B 206 -11.23 -35.22 -20.63
N ALA B 207 -11.36 -36.01 -19.57
CA ALA B 207 -12.55 -36.01 -18.74
C ALA B 207 -12.17 -36.56 -17.36
N ALA B 208 -13.19 -36.88 -16.56
CA ALA B 208 -12.99 -37.39 -15.22
C ALA B 208 -13.82 -38.66 -15.01
N ILE B 209 -13.31 -39.55 -14.16
CA ILE B 209 -13.97 -40.81 -13.88
C ILE B 209 -13.35 -41.39 -12.61
N HIS B 210 -14.16 -42.09 -11.83
CA HIS B 210 -13.64 -42.82 -10.67
C HIS B 210 -12.98 -44.10 -11.18
N VAL B 211 -11.66 -44.09 -11.26
CA VAL B 211 -10.94 -45.20 -11.86
C VAL B 211 -11.03 -46.43 -10.97
N ALA B 212 -10.93 -47.60 -11.58
CA ALA B 212 -11.05 -48.85 -10.84
C ALA B 212 -9.88 -48.98 -9.85
N PRO B 213 -10.16 -49.31 -8.59
CA PRO B 213 -9.04 -49.42 -7.62
C PRO B 213 -7.98 -50.42 -8.02
N ASN B 214 -8.38 -51.53 -8.63
CA ASN B 214 -7.41 -52.56 -9.03
C ASN B 214 -6.32 -51.98 -9.92
N ASP B 215 -6.72 -51.39 -11.05
CA ASP B 215 -5.73 -50.90 -12.02
C ASP B 215 -4.99 -49.68 -11.49
N ALA B 216 -5.68 -48.78 -10.79
CA ALA B 216 -5.01 -47.61 -10.24
C ALA B 216 -3.95 -47.99 -9.22
N ASN B 217 -4.30 -48.90 -8.31
CA ASN B 217 -3.33 -49.38 -7.33
C ASN B 217 -2.20 -50.14 -8.01
N LYS B 218 -2.51 -50.84 -9.11
CA LYS B 218 -1.46 -51.53 -9.86
C LYS B 218 -0.47 -50.53 -10.45
N MET B 219 -0.96 -49.42 -11.01
CA MET B 219 -0.07 -48.41 -11.57
C MET B 219 0.74 -47.73 -10.46
N ARG B 220 0.09 -47.43 -9.33
CA ARG B 220 0.83 -46.85 -8.21
C ARG B 220 1.87 -47.84 -7.71
N PHE B 221 1.57 -49.14 -7.77
CA PHE B 221 2.50 -50.16 -7.30
C PHE B 221 3.71 -50.26 -8.21
N ARG B 222 3.51 -50.21 -9.53
CA ARG B 222 4.67 -50.23 -10.42
C ARG B 222 5.52 -48.97 -10.25
N MET B 223 4.87 -47.81 -10.07
CA MET B 223 5.64 -46.59 -9.79
C MET B 223 6.44 -46.72 -8.49
N ALA B 224 5.81 -47.23 -7.43
CA ALA B 224 6.51 -47.38 -6.16
C ALA B 224 7.63 -48.40 -6.25
N PHE B 225 7.46 -49.46 -7.04
CA PHE B 225 8.54 -50.42 -7.21
C PHE B 225 9.70 -49.79 -7.98
N GLU B 226 9.40 -48.98 -8.99
CA GLU B 226 10.46 -48.24 -9.66
C GLU B 226 11.24 -47.38 -8.66
N TRP B 227 10.50 -46.67 -7.80
CA TRP B 227 11.15 -45.81 -6.80
C TRP B 227 12.03 -46.63 -5.86
N CYS B 228 11.49 -47.72 -5.31
CA CYS B 228 12.24 -48.51 -4.33
C CYS B 228 13.36 -49.30 -4.97
N LEU B 229 13.29 -49.54 -6.28
CA LEU B 229 14.38 -50.19 -6.99
C LEU B 229 15.52 -49.21 -7.25
N MET B 230 15.18 -47.98 -7.65
CA MET B 230 16.20 -46.96 -7.86
C MET B 230 16.87 -46.57 -6.54
N ASN B 231 16.09 -46.53 -5.45
CA ASN B 231 16.61 -46.10 -4.16
C ASN B 231 17.66 -47.07 -3.63
N ILE B 232 17.60 -48.34 -4.02
CA ILE B 232 18.60 -49.31 -3.63
C ILE B 232 19.65 -49.53 -4.72
N TRP B 233 19.34 -49.22 -5.98
CA TRP B 233 20.36 -49.21 -7.02
C TRP B 233 21.40 -48.14 -6.75
N ASN B 234 20.96 -46.94 -6.34
CA ASN B 234 21.91 -45.87 -6.06
C ASN B 234 22.81 -46.19 -4.87
N MET B 235 22.38 -47.08 -3.99
CA MET B 235 23.21 -47.55 -2.88
C MET B 235 23.97 -48.83 -3.22
N ASN B 236 23.77 -49.35 -4.44
CA ASN B 236 24.38 -50.61 -4.91
C ASN B 236 24.41 -51.67 -3.83
N MET B 237 23.24 -51.87 -3.20
CA MET B 237 23.07 -52.82 -2.12
C MET B 237 22.18 -53.97 -2.57
N PRO B 238 22.55 -55.22 -2.28
CA PRO B 238 21.66 -56.33 -2.61
C PRO B 238 20.39 -56.31 -1.78
N GLY B 239 19.31 -56.81 -2.37
CA GLY B 239 18.03 -56.84 -1.69
C GLY B 239 17.05 -57.73 -2.43
N GLU B 240 15.85 -57.82 -1.87
CA GLU B 240 14.81 -58.67 -2.46
C GLU B 240 13.45 -58.18 -2.01
N LEU B 241 12.41 -58.64 -2.73
CA LEU B 241 11.03 -58.33 -2.43
C LEU B 241 10.32 -59.62 -2.01
N ASN B 242 9.74 -59.61 -0.82
CA ASN B 242 8.98 -60.74 -0.30
C ASN B 242 7.55 -60.29 -0.02
N ILE B 243 6.61 -61.17 -0.36
CA ILE B 243 5.18 -60.90 -0.24
C ILE B 243 4.60 -61.93 0.71
N GLY B 244 4.12 -61.49 1.86
CA GLY B 244 3.54 -62.38 2.86
C GLY B 244 2.03 -62.38 2.78
N ALA B 245 1.44 -63.57 2.95
CA ALA B 245 0.00 -63.72 2.97
C ALA B 245 -0.48 -63.71 4.42
N GLY B 246 -1.22 -62.67 4.80
CA GLY B 246 -1.70 -62.57 6.17
C GLY B 246 -2.62 -61.38 6.34
N LYS B 247 -3.18 -61.29 7.53
CA LYS B 247 -4.14 -60.24 7.87
C LYS B 247 -3.45 -59.07 8.56
N ALA B 248 -4.18 -57.96 8.65
CA ALA B 248 -3.72 -56.77 9.34
C ALA B 248 -4.80 -56.29 10.29
N LEU B 249 -4.43 -56.06 11.54
CA LEU B 249 -5.33 -55.55 12.56
C LEU B 249 -5.03 -54.09 12.82
N TYR B 250 -6.00 -53.22 12.55
CA TYR B 250 -5.86 -51.79 12.77
C TYR B 250 -6.47 -51.43 14.12
N TYR B 251 -5.70 -50.70 14.93
CA TYR B 251 -6.12 -50.36 16.29
C TYR B 251 -7.21 -49.29 16.25
N ARG B 252 -7.85 -49.10 17.41
CA ARG B 252 -8.88 -48.08 17.54
C ARG B 252 -8.31 -46.68 17.36
N SER B 253 -7.01 -46.50 17.65
CA SER B 253 -6.38 -45.19 17.51
C SER B 253 -6.29 -44.74 16.05
N VAL B 254 -6.54 -45.63 15.09
CA VAL B 254 -6.51 -45.27 13.69
C VAL B 254 -7.57 -44.22 13.37
N PRO B 263 -10.20 -38.77 4.96
CA PRO B 263 -10.01 -39.56 3.74
C PRO B 263 -8.83 -40.52 3.86
N LEU B 264 -8.45 -41.15 2.74
CA LEU B 264 -7.38 -42.14 2.77
C LEU B 264 -6.01 -41.51 2.99
N TRP B 265 -5.84 -40.24 2.59
CA TRP B 265 -4.56 -39.57 2.82
C TRP B 265 -4.32 -39.38 4.31
N THR B 266 -5.37 -39.09 5.08
CA THR B 266 -5.21 -39.01 6.53
C THR B 266 -4.76 -40.34 7.11
N VAL B 267 -5.32 -41.45 6.61
CA VAL B 267 -4.90 -42.77 7.06
C VAL B 267 -3.43 -43.00 6.69
N GLN B 268 -3.03 -42.59 5.49
CA GLN B 268 -1.65 -42.76 5.07
C GLN B 268 -0.70 -41.99 5.97
N LYS B 269 -1.04 -40.74 6.29
CA LYS B 269 -0.21 -39.94 7.18
C LYS B 269 -0.14 -40.56 8.57
N HIS B 270 -1.27 -41.04 9.08
CA HIS B 270 -1.29 -41.67 10.40
C HIS B 270 -0.40 -42.91 10.44
N LEU B 271 -0.49 -43.75 9.39
CA LEU B 271 0.31 -44.98 9.39
C LEU B 271 1.79 -44.67 9.15
N TYR B 272 2.10 -43.61 8.42
CA TYR B 272 3.49 -43.21 8.22
C TYR B 272 4.06 -42.50 9.44
N ALA B 273 3.21 -42.03 10.35
CA ALA B 273 3.67 -41.33 11.54
C ALA B 273 3.74 -42.24 12.77
N GLN B 274 2.64 -42.92 13.10
CA GLN B 274 2.53 -43.62 14.37
C GLN B 274 2.75 -45.13 14.26
N HIS B 275 2.44 -45.72 13.11
CA HIS B 275 2.37 -47.17 12.96
C HIS B 275 1.42 -47.80 14.00
N PRO B 276 0.13 -47.43 14.00
CA PRO B 276 -0.82 -48.02 14.94
C PRO B 276 -1.52 -49.26 14.37
N TYR B 277 -0.73 -50.22 13.92
CA TYR B 277 -1.26 -51.41 13.27
C TYR B 277 -0.44 -52.63 13.66
N ALA B 278 -1.00 -53.81 13.40
CA ALA B 278 -0.32 -55.08 13.60
C ALA B 278 -0.52 -55.95 12.37
N TRP B 279 0.49 -56.77 12.07
CA TRP B 279 0.47 -57.66 10.92
C TRP B 279 0.61 -59.10 11.40
N PHE B 280 -0.31 -59.97 10.98
CA PHE B 280 -0.34 -61.35 11.42
C PHE B 280 -0.26 -62.25 10.20
N ALA B 281 0.83 -63.01 10.07
CA ALA B 281 1.01 -63.94 8.95
C ALA B 281 0.39 -65.27 9.35
N ILE B 282 -0.85 -65.49 8.92
CA ILE B 282 -1.60 -66.70 9.26
C ILE B 282 -2.00 -67.39 7.96
N ALA B 283 -1.74 -68.69 7.89
CA ALA B 283 -2.14 -69.51 6.75
C ALA B 283 -2.77 -70.81 7.27
N SER B 284 -3.83 -71.24 6.61
CA SER B 284 -4.50 -72.48 6.98
C SER B 284 -3.73 -73.68 6.43
N GLU B 285 -3.65 -74.73 7.24
CA GLU B 285 -2.94 -75.94 6.81
C GLU B 285 -3.71 -76.67 5.71
N SER B 286 -5.05 -76.64 5.76
CA SER B 286 -5.85 -77.37 4.80
C SER B 286 -5.59 -76.96 3.36
N ASN B 287 -5.04 -75.77 3.15
CA ASN B 287 -4.76 -75.29 1.80
C ASN B 287 -3.47 -75.86 1.22
N VAL B 288 -2.72 -76.67 1.97
CA VAL B 288 -1.44 -77.18 1.47
C VAL B 288 -1.64 -77.93 0.16
N ALA B 289 -2.59 -78.86 0.13
CA ALA B 289 -2.85 -79.62 -1.09
C ALA B 289 -3.24 -78.70 -2.24
N ALA B 290 -3.89 -77.57 -1.94
CA ALA B 290 -4.21 -76.62 -3.00
C ALA B 290 -2.95 -75.97 -3.55
N MET B 291 -2.02 -75.59 -2.67
CA MET B 291 -0.88 -74.80 -3.12
C MET B 291 0.05 -75.62 -4.00
N GLU B 292 0.26 -76.89 -3.67
CA GLU B 292 1.00 -77.79 -4.56
C GLU B 292 0.40 -77.78 -5.95
N SER B 293 -0.93 -77.67 -6.05
CA SER B 293 -1.58 -77.62 -7.35
C SER B 293 -1.08 -76.42 -8.14
N LEU B 294 -0.94 -75.27 -7.50
CA LEU B 294 -0.40 -74.10 -8.19
C LEU B 294 1.01 -74.35 -8.68
N ALA B 295 1.76 -75.20 -7.97
CA ALA B 295 3.09 -75.57 -8.44
C ALA B 295 3.01 -76.21 -9.82
N ALA B 296 1.99 -77.04 -10.06
CA ALA B 296 1.77 -77.56 -11.39
C ALA B 296 1.17 -76.51 -12.31
N ALA B 297 0.38 -75.58 -11.76
CA ALA B 297 -0.25 -74.56 -12.59
C ALA B 297 0.79 -73.65 -13.24
N LEU B 298 1.79 -73.24 -12.48
CA LEU B 298 2.85 -72.38 -13.00
C LEU B 298 4.12 -73.15 -13.35
N ASN B 299 4.08 -74.49 -13.28
CA ASN B 299 5.22 -75.33 -13.59
C ASN B 299 6.42 -74.99 -12.71
N MET B 300 6.22 -75.12 -11.41
CA MET B 300 7.23 -74.80 -10.41
C MET B 300 7.89 -76.08 -9.91
N SER B 301 9.21 -76.07 -9.81
CA SER B 301 9.97 -77.22 -9.38
C SER B 301 10.49 -77.01 -7.96
N ILE B 302 10.44 -78.06 -7.15
CA ILE B 302 10.85 -77.95 -5.75
C ILE B 302 12.36 -77.73 -5.70
N GLN B 303 12.78 -76.55 -5.24
CA GLN B 303 14.20 -76.26 -5.13
C GLN B 303 14.74 -76.60 -3.74
N GLN B 304 13.89 -76.55 -2.72
CA GLN B 304 14.25 -76.93 -1.37
C GLN B 304 13.14 -77.81 -0.80
N GLU B 305 13.52 -78.98 -0.29
CA GLU B 305 12.56 -79.87 0.33
C GLU B 305 12.15 -79.31 1.70
N ARG B 306 11.35 -80.08 2.43
CA ARG B 306 10.94 -79.69 3.77
C ARG B 306 12.19 -79.68 4.65
N THR B 307 12.71 -78.49 4.94
CA THR B 307 13.97 -78.32 5.63
C THR B 307 13.74 -77.55 6.93
N THR B 308 14.30 -78.06 8.02
CA THR B 308 14.16 -77.43 9.32
C THR B 308 15.37 -76.58 9.62
N SER B 309 15.16 -75.28 9.78
CA SER B 309 16.21 -74.34 10.13
C SER B 309 15.80 -73.58 11.39
N TYR B 310 16.78 -72.94 12.03
CA TYR B 310 16.54 -72.17 13.25
C TYR B 310 16.89 -70.72 12.99
N LYS B 311 15.86 -69.86 12.98
CA LYS B 311 16.04 -68.43 12.80
C LYS B 311 16.17 -67.80 14.18
N VAL B 312 17.38 -67.35 14.52
CA VAL B 312 17.66 -66.83 15.86
C VAL B 312 18.26 -65.44 15.74
N THR B 313 17.54 -64.44 16.25
CA THR B 313 18.02 -63.06 16.29
C THR B 313 18.53 -62.76 17.70
N ILE B 314 19.76 -62.28 17.77
CA ILE B 314 20.43 -61.99 19.04
C ILE B 314 20.67 -60.48 19.13
N ARG B 315 20.87 -60.02 20.36
CA ARG B 315 21.10 -58.61 20.66
C ARG B 315 22.57 -58.37 20.97
N ARG B 316 23.12 -57.32 20.39
CA ARG B 316 24.48 -56.88 20.70
C ARG B 316 24.70 -55.43 20.29
N GLU B 319 21.86 -54.39 18.61
CA GLU B 319 21.74 -54.73 17.21
C GLU B 319 21.18 -56.15 17.03
N PHE B 320 20.22 -56.29 16.13
CA PHE B 320 19.73 -57.62 15.77
C PHE B 320 20.76 -58.32 14.89
N PHE B 321 21.09 -59.57 15.24
CA PHE B 321 21.91 -60.42 14.40
C PHE B 321 21.18 -61.74 14.20
N ASP B 322 20.78 -62.01 12.96
CA ASP B 322 19.95 -63.18 12.66
C ASP B 322 20.83 -64.30 12.12
N CYS B 323 20.93 -65.39 12.86
CA CYS B 323 21.67 -66.57 12.44
C CYS B 323 20.69 -67.67 12.04
N GLU B 324 21.02 -68.36 10.96
CA GLU B 324 20.22 -69.48 10.46
C GLU B 324 20.96 -70.77 10.86
N LEU B 325 20.70 -71.22 12.08
CA LEU B 325 21.27 -72.46 12.56
C LEU B 325 20.69 -73.66 11.83
N ASN B 326 21.49 -74.70 11.68
CA ASN B 326 21.04 -75.94 11.07
C ASN B 326 20.24 -76.76 12.08
N GLY B 327 19.97 -78.02 11.77
CA GLY B 327 19.32 -78.89 12.71
C GLY B 327 20.20 -79.30 13.88
N GLN B 328 21.50 -79.02 13.81
CA GLN B 328 22.45 -79.35 14.87
C GLN B 328 22.95 -78.10 15.59
N LEU B 329 22.18 -77.01 15.55
CA LEU B 329 22.48 -75.79 16.30
C LEU B 329 23.80 -75.15 15.87
N LYS B 330 24.21 -75.37 14.62
CA LYS B 330 25.41 -74.77 14.07
C LYS B 330 25.03 -73.66 13.10
N CYS B 331 25.61 -72.49 13.28
CA CYS B 331 25.27 -71.33 12.47
C CYS B 331 25.76 -71.52 11.04
N THR B 332 24.88 -71.26 10.08
CA THR B 332 25.22 -71.31 8.66
C THR B 332 25.46 -69.92 8.08
N MET B 333 24.58 -68.97 8.38
CA MET B 333 24.70 -67.62 7.84
C MET B 333 24.20 -66.62 8.87
N MET B 334 24.98 -65.58 9.12
CA MET B 334 24.61 -64.50 10.03
C MET B 334 24.33 -63.24 9.22
N ASN B 335 23.21 -62.58 9.51
CA ASN B 335 22.73 -61.47 8.72
C ASN B 335 22.36 -60.30 9.63
N LYS B 336 22.43 -59.10 9.07
CA LYS B 336 21.99 -57.88 9.71
C LYS B 336 20.46 -57.77 9.64
N PRO B 337 19.86 -56.88 10.45
CA PRO B 337 18.40 -56.81 10.48
C PRO B 337 17.79 -56.42 9.13
N TRP B 338 16.58 -56.91 8.89
CA TRP B 338 15.84 -56.55 7.70
C TRP B 338 15.43 -55.08 7.79
N ASP B 339 16.07 -54.23 6.96
CA ASP B 339 15.71 -52.82 6.89
C ASP B 339 14.77 -52.63 5.70
N ARG B 340 13.47 -52.59 6.00
CA ARG B 340 12.47 -52.39 4.95
C ARG B 340 12.65 -51.02 4.31
N PHE B 341 12.46 -50.95 3.00
CA PHE B 341 12.45 -49.69 2.28
C PHE B 341 11.09 -49.35 1.69
N PHE B 342 10.37 -50.36 1.20
CA PHE B 342 9.04 -50.17 0.62
C PHE B 342 8.08 -51.14 1.30
N VAL B 343 7.00 -50.60 1.86
CA VAL B 343 5.99 -51.39 2.54
C VAL B 343 4.62 -50.98 2.00
N SER B 344 3.79 -51.96 1.69
CA SER B 344 2.44 -51.70 1.18
C SER B 344 1.53 -52.84 1.57
N HIS B 345 0.52 -52.56 2.37
CA HIS B 345 -0.40 -53.57 2.87
C HIS B 345 -1.71 -53.45 2.09
N TYR B 346 -1.92 -54.38 1.16
CA TYR B 346 -3.13 -54.40 0.35
C TYR B 346 -4.24 -55.05 1.18
N ILE B 347 -5.15 -54.23 1.70
CA ILE B 347 -6.21 -54.70 2.59
C ILE B 347 -7.44 -54.96 1.72
N ARG B 348 -7.55 -56.19 1.23
CA ARG B 348 -8.70 -56.57 0.44
C ARG B 348 -9.93 -56.77 1.34
N SER B 349 -11.10 -56.77 0.72
CA SER B 349 -12.34 -56.94 1.47
C SER B 349 -12.45 -58.33 2.08
N LYS B 350 -12.13 -59.36 1.32
CA LYS B 350 -12.24 -60.74 1.75
C LYS B 350 -10.89 -61.43 1.56
N MET B 351 -10.72 -62.58 2.25
CA MET B 351 -9.57 -63.45 2.14
C MET B 351 -8.34 -62.81 2.77
N PRO B 352 -7.28 -63.58 3.07
CA PRO B 352 -6.10 -62.98 3.71
C PRO B 352 -5.47 -61.90 2.84
N ASP B 353 -4.97 -60.86 3.50
CA ASP B 353 -4.37 -59.72 2.83
C ASP B 353 -2.97 -60.06 2.32
N LEU B 354 -2.42 -59.15 1.51
CA LEU B 354 -1.09 -59.29 0.93
C LEU B 354 -0.21 -58.17 1.46
N ARG B 355 0.92 -58.52 2.05
CA ARG B 355 1.88 -57.56 2.56
C ARG B 355 3.14 -57.62 1.69
N TYR B 356 3.33 -56.62 0.84
CA TYR B 356 4.54 -56.51 0.04
C TYR B 356 5.62 -55.81 0.85
N VAL B 357 6.85 -56.34 0.76
CA VAL B 357 7.97 -55.75 1.47
C VAL B 357 9.20 -55.82 0.58
N VAL B 358 9.70 -54.67 0.15
CA VAL B 358 11.01 -54.59 -0.48
C VAL B 358 12.03 -54.26 0.61
N ARG B 359 13.06 -55.09 0.73
CA ARG B 359 13.98 -54.97 1.85
C ARG B 359 15.36 -55.44 1.45
N ALA B 360 16.37 -54.87 2.09
CA ALA B 360 17.75 -55.23 1.85
C ALA B 360 18.42 -55.63 3.16
N ARG B 361 19.32 -56.60 3.07
CA ARG B 361 20.13 -57.03 4.19
C ARG B 361 21.50 -56.36 4.08
N HIS B 362 21.85 -55.55 5.07
CA HIS B 362 23.13 -54.86 5.04
C HIS B 362 24.26 -55.88 5.14
N PRO B 363 25.25 -55.82 4.24
CA PRO B 363 26.38 -56.76 4.33
C PRO B 363 27.10 -56.61 5.66
N ILE B 364 27.53 -57.74 6.21
CA ILE B 364 28.14 -57.79 7.54
C ILE B 364 29.64 -57.97 7.38
N LYS B 365 30.41 -57.16 8.10
CA LYS B 365 31.85 -57.33 8.13
C LYS B 365 32.20 -58.71 8.68
N LYS B 366 33.09 -59.41 7.99
CA LYS B 366 33.39 -60.79 8.33
C LYS B 366 34.11 -60.91 9.67
N ARG B 367 34.71 -59.82 10.17
CA ARG B 367 35.42 -59.88 11.45
C ARG B 367 34.48 -60.27 12.59
N ILE B 368 33.24 -59.81 12.55
CA ILE B 368 32.26 -60.21 13.57
C ILE B 368 31.46 -61.42 13.12
N ALA B 369 31.30 -61.62 11.81
CA ALA B 369 30.56 -62.78 11.32
C ALA B 369 31.25 -64.09 11.67
N ASP B 370 32.59 -64.12 11.59
CA ASP B 370 33.32 -65.35 11.86
C ASP B 370 33.24 -65.77 13.32
N ALA B 371 32.83 -64.88 14.22
CA ALA B 371 32.83 -65.21 15.65
C ALA B 371 31.85 -66.32 15.96
N TYR B 372 30.61 -66.20 15.47
CA TYR B 372 29.55 -67.12 15.82
C TYR B 372 29.28 -68.17 14.74
N LEU B 373 30.02 -68.14 13.64
CA LEU B 373 29.85 -69.16 12.60
C LEU B 373 30.39 -70.51 13.00
N GLU B 374 31.22 -70.58 14.04
CA GLU B 374 31.86 -71.83 14.44
C GLU B 374 31.55 -72.15 15.91
N VAL B 397 17.47 -62.75 20.97
CA VAL B 397 16.32 -62.87 21.86
C VAL B 397 15.17 -63.56 21.15
N TYR B 398 15.17 -63.49 19.82
CA TYR B 398 14.16 -64.14 19.00
C TYR B 398 14.67 -65.51 18.58
N CYS B 399 13.83 -66.53 18.69
CA CYS B 399 14.23 -67.87 18.28
C CYS B 399 13.01 -68.58 17.72
N CYS B 400 13.12 -69.08 16.49
CA CYS B 400 12.03 -69.79 15.85
C CYS B 400 12.58 -71.00 15.10
N GLU B 401 11.83 -72.10 15.12
CA GLU B 401 12.11 -73.23 14.25
C GLU B 401 11.18 -73.15 13.04
N ARG B 402 11.75 -73.26 11.85
CA ARG B 402 11.01 -73.05 10.62
C ARG B 402 11.19 -74.28 9.74
N VAL B 403 10.08 -74.92 9.37
CA VAL B 403 10.09 -76.03 8.42
C VAL B 403 9.63 -75.45 7.09
N VAL B 404 10.53 -75.41 6.11
CA VAL B 404 10.34 -74.61 4.91
C VAL B 404 10.29 -75.53 3.69
N ARG B 405 9.38 -75.21 2.76
CA ARG B 405 9.30 -75.83 1.44
C ARG B 405 9.28 -74.73 0.40
N LYS B 406 10.12 -74.88 -0.64
CA LYS B 406 10.31 -73.81 -1.62
C LYS B 406 10.17 -74.36 -3.02
N TRP B 407 9.27 -73.77 -3.80
CA TRP B 407 9.16 -74.02 -5.23
C TRP B 407 9.75 -72.85 -5.99
N ALA B 408 10.35 -73.13 -7.14
CA ALA B 408 11.01 -72.13 -7.95
C ALA B 408 10.52 -72.20 -9.39
N LYS B 409 10.55 -71.05 -10.05
CA LYS B 409 10.21 -70.96 -11.47
C LYS B 409 10.84 -69.70 -12.04
N LYS B 410 10.83 -69.63 -13.38
CA LYS B 410 11.30 -68.48 -14.12
C LYS B 410 10.10 -67.80 -14.78
N THR B 411 9.87 -66.54 -14.47
CA THR B 411 8.72 -65.82 -14.98
C THR B 411 8.87 -65.57 -16.47
N ALA B 412 7.82 -64.98 -17.07
CA ALA B 412 7.89 -64.62 -18.47
C ALA B 412 8.97 -63.59 -18.75
N THR B 413 9.26 -62.72 -17.79
CA THR B 413 10.31 -61.72 -17.94
C THR B 413 11.69 -62.22 -17.53
N GLY B 414 11.77 -63.41 -16.92
CA GLY B 414 13.06 -64.01 -16.61
C GLY B 414 13.54 -63.87 -15.18
N VAL B 415 12.78 -63.19 -14.32
CA VAL B 415 13.19 -63.06 -12.92
C VAL B 415 12.86 -64.35 -12.19
N THR B 416 13.69 -64.68 -11.20
CA THR B 416 13.44 -65.87 -10.38
C THR B 416 12.24 -65.62 -9.48
N LEU B 417 11.28 -66.55 -9.50
CA LEU B 417 10.10 -66.47 -8.67
C LEU B 417 10.08 -67.68 -7.75
N GLN B 418 10.05 -67.44 -6.43
CA GLN B 418 10.12 -68.54 -5.47
C GLN B 418 8.91 -68.46 -4.54
N LEU B 419 8.05 -69.47 -4.63
CA LEU B 419 6.93 -69.59 -3.70
C LEU B 419 7.39 -70.39 -2.48
N VAL B 420 7.29 -69.79 -1.30
CA VAL B 420 7.86 -70.36 -0.10
C VAL B 420 6.74 -70.56 0.91
N GLU B 421 6.54 -71.80 1.33
CA GLU B 421 5.66 -72.14 2.45
C GLU B 421 6.54 -72.45 3.64
N THR B 422 6.13 -71.99 4.83
CA THR B 422 6.95 -72.18 6.02
C THR B 422 6.06 -72.38 7.23
N LYS B 423 6.27 -73.50 7.92
CA LYS B 423 5.70 -73.73 9.24
C LYS B 423 6.64 -73.10 10.27
N ARG B 424 6.25 -71.92 10.77
CA ARG B 424 7.03 -71.23 11.78
C ARG B 424 6.56 -71.62 13.17
N THR B 425 7.51 -71.70 14.09
CA THR B 425 7.18 -71.95 15.49
C THR B 425 8.19 -71.26 16.39
N PRO B 426 7.85 -70.10 16.95
CA PRO B 426 8.74 -69.48 17.94
C PRO B 426 8.86 -70.33 19.19
N LEU B 427 10.06 -70.29 19.79
CA LEU B 427 10.31 -70.98 21.04
C LEU B 427 10.90 -70.07 22.12
N ILE B 428 11.37 -68.88 21.75
CA ILE B 428 11.91 -67.93 22.72
C ILE B 428 11.36 -66.54 22.43
N GLU B 437 3.56 -69.49 16.23
CA GLU B 437 3.53 -70.81 15.61
C GLU B 437 2.38 -70.89 14.61
N ARG B 438 2.69 -70.65 13.34
CA ARG B 438 1.67 -70.59 12.30
C ARG B 438 2.26 -71.02 10.96
N LEU B 439 1.37 -71.41 10.05
CA LEU B 439 1.76 -71.58 8.66
C LEU B 439 1.82 -70.23 7.97
N GLU B 440 2.78 -70.08 7.05
CA GLU B 440 2.95 -68.84 6.31
C GLU B 440 3.24 -69.13 4.86
N TYR B 441 2.74 -68.27 3.97
CA TYR B 441 3.00 -68.35 2.55
C TYR B 441 3.58 -67.02 2.08
N GLU B 442 4.57 -67.10 1.19
CA GLU B 442 5.19 -65.89 0.67
C GLU B 442 5.68 -66.11 -0.76
N TRP B 443 5.75 -65.00 -1.49
CA TRP B 443 6.50 -64.93 -2.74
C TRP B 443 7.84 -64.26 -2.49
N ILE B 444 8.85 -64.69 -3.22
CA ILE B 444 10.18 -64.11 -3.13
C ILE B 444 10.70 -63.84 -4.53
N VAL B 445 11.17 -62.60 -4.75
CA VAL B 445 11.83 -62.21 -6.00
C VAL B 445 13.00 -61.30 -5.67
N PRO B 446 14.23 -61.70 -5.94
CA PRO B 446 15.37 -60.80 -5.68
C PRO B 446 15.27 -59.53 -6.51
N LEU B 447 15.72 -58.43 -5.91
CA LEU B 447 15.70 -57.14 -6.60
C LEU B 447 16.67 -57.17 -7.77
N PRO B 448 16.23 -56.88 -8.99
CA PRO B 448 17.15 -56.88 -10.13
C PRO B 448 18.25 -55.84 -9.97
N GLN B 449 19.44 -56.19 -10.42
CA GLN B 449 20.57 -55.28 -10.38
C GLN B 449 20.49 -54.27 -11.53
N GLN B 450 21.40 -53.31 -11.52
CA GLN B 450 21.41 -52.26 -12.54
C GLN B 450 22.12 -52.67 -13.81
N ALA B 451 22.53 -53.94 -13.94
CA ALA B 451 23.21 -54.44 -15.12
C ALA B 451 22.40 -55.50 -15.85
N GLU B 452 21.12 -55.66 -15.52
CA GLU B 452 20.28 -56.69 -16.12
C GLU B 452 19.33 -56.15 -17.19
N ARG B 453 18.89 -54.90 -17.06
CA ARG B 453 18.01 -54.24 -18.03
C ARG B 453 16.72 -55.02 -18.25
N ILE B 454 16.13 -55.51 -17.17
CA ILE B 454 14.84 -56.21 -17.25
C ILE B 454 13.72 -55.19 -17.24
N ASP B 455 12.63 -55.51 -17.93
CA ASP B 455 11.46 -54.64 -17.93
C ASP B 455 10.87 -54.55 -16.52
N ILE B 456 10.23 -53.42 -16.23
CA ILE B 456 9.67 -53.16 -14.92
C ILE B 456 8.14 -53.23 -14.93
N ALA B 457 7.50 -52.59 -15.91
CA ALA B 457 6.04 -52.49 -15.89
C ALA B 457 5.37 -53.85 -16.07
N ALA B 458 5.78 -54.60 -17.11
CA ALA B 458 5.16 -55.89 -17.37
C ALA B 458 5.48 -56.90 -16.26
N LEU B 459 6.72 -56.89 -15.79
CA LEU B 459 7.10 -57.73 -14.65
C LEU B 459 6.27 -57.39 -13.43
N THR B 460 6.05 -56.09 -13.18
CA THR B 460 5.24 -55.67 -12.05
C THR B 460 3.80 -56.13 -12.19
N ASP B 461 3.24 -56.04 -13.41
CA ASP B 461 1.89 -56.54 -13.63
C ASP B 461 1.80 -58.04 -13.36
N GLU B 462 2.78 -58.81 -13.84
CA GLU B 462 2.76 -60.25 -13.61
C GLU B 462 2.88 -60.58 -12.13
N LEU B 463 3.74 -59.86 -11.41
CA LEU B 463 3.89 -60.10 -9.98
C LEU B 463 2.62 -59.74 -9.22
N TRP B 464 1.96 -58.64 -9.61
CA TRP B 464 0.70 -58.27 -8.98
C TRP B 464 -0.37 -59.32 -9.24
N GLU B 465 -0.42 -59.86 -10.47
CA GLU B 465 -1.39 -60.92 -10.76
C GLU B 465 -1.10 -62.17 -9.95
N TYR B 466 0.18 -62.53 -9.79
CA TYR B 466 0.51 -63.71 -9.00
C TYR B 466 0.18 -63.48 -7.52
N GLY B 467 0.37 -62.26 -7.02
CA GLY B 467 -0.06 -61.96 -5.66
C GLY B 467 -1.55 -62.08 -5.50
N ASN B 468 -2.32 -61.61 -6.50
CA ASN B 468 -3.77 -61.79 -6.47
C ASN B 468 -4.13 -63.27 -6.45
N LYS B 469 -3.42 -64.07 -7.25
CA LYS B 469 -3.66 -65.51 -7.24
C LYS B 469 -3.40 -66.12 -5.87
N LEU B 470 -2.31 -65.70 -5.23
CA LEU B 470 -1.99 -66.21 -3.89
C LEU B 470 -3.08 -65.82 -2.90
N ALA B 471 -3.56 -64.58 -2.97
CA ALA B 471 -4.62 -64.15 -2.07
C ALA B 471 -5.91 -64.92 -2.31
N ALA B 472 -6.25 -65.16 -3.57
CA ALA B 472 -7.49 -65.86 -3.90
C ALA B 472 -7.42 -67.36 -3.65
N ALA B 473 -6.22 -67.93 -3.55
CA ALA B 473 -6.04 -69.36 -3.35
C ALA B 473 -5.94 -69.75 -1.88
N LEU B 474 -6.11 -68.80 -0.97
CA LEU B 474 -6.04 -69.09 0.46
C LEU B 474 -7.33 -68.68 1.15
N ASN C 3 -23.02 -16.01 21.13
CA ASN C 3 -22.46 -15.07 20.17
C ASN C 3 -21.08 -15.35 19.56
N PRO C 4 -20.25 -16.23 20.13
CA PRO C 4 -18.93 -16.43 19.52
C PRO C 4 -18.99 -16.90 18.07
N PHE C 5 -19.98 -17.73 17.71
CA PHE C 5 -20.02 -18.27 16.37
C PHE C 5 -20.26 -17.18 15.33
N GLU C 6 -21.19 -16.26 15.59
CA GLU C 6 -21.48 -15.23 14.59
C GLU C 6 -20.31 -14.25 14.46
N LYS C 7 -19.68 -13.89 15.58
CA LYS C 7 -18.50 -13.02 15.51
C LYS C 7 -17.39 -13.68 14.72
N VAL C 8 -17.12 -14.96 15.01
CA VAL C 8 -16.07 -15.67 14.30
C VAL C 8 -16.43 -15.84 12.83
N ALA C 9 -17.71 -16.04 12.52
CA ALA C 9 -18.13 -16.17 11.13
C ALA C 9 -17.91 -14.87 10.37
N ARG C 10 -18.25 -13.73 10.97
CA ARG C 10 -17.98 -12.45 10.33
C ARG C 10 -16.49 -12.24 10.13
N GLY C 11 -15.71 -12.55 11.18
CA GLY C 11 -14.26 -12.40 11.06
C GLY C 11 -13.67 -13.28 9.97
N ILE C 12 -14.17 -14.51 9.85
CA ILE C 12 -13.66 -15.44 8.84
C ILE C 12 -14.07 -14.99 7.45
N ALA C 13 -15.31 -14.50 7.30
CA ALA C 13 -15.74 -14.00 6.01
C ALA C 13 -14.86 -12.84 5.55
N PHE C 14 -14.57 -11.90 6.45
CA PHE C 14 -13.72 -10.77 6.09
C PHE C 14 -12.27 -11.20 5.88
N LYS C 15 -11.79 -12.18 6.66
CA LYS C 15 -10.44 -12.68 6.49
C LYS C 15 -10.27 -13.32 5.12
N MET C 16 -11.25 -14.11 4.69
CA MET C 16 -11.15 -14.72 3.37
C MET C 16 -11.39 -13.72 2.26
N ARG C 17 -12.21 -12.70 2.50
CA ARG C 17 -12.36 -11.63 1.52
C ARG C 17 -11.05 -10.89 1.31
N SER C 18 -10.31 -10.64 2.39
CA SER C 18 -9.04 -9.94 2.29
C SER C 18 -8.02 -10.72 1.48
N LYS C 19 -8.17 -12.04 1.40
CA LYS C 19 -7.27 -12.83 0.56
C LYS C 19 -7.57 -12.67 -0.92
N VAL C 20 -8.72 -12.09 -1.27
CA VAL C 20 -9.11 -11.92 -2.67
C VAL C 20 -8.69 -10.51 -3.06
N HIS C 21 -7.51 -10.40 -3.69
CA HIS C 21 -7.00 -9.11 -4.13
C HIS C 21 -6.16 -9.35 -5.39
N LYS C 22 -5.33 -8.36 -5.73
CA LYS C 22 -4.62 -8.33 -7.00
C LYS C 22 -3.29 -9.07 -6.98
N GLN C 23 -2.86 -9.59 -5.82
CA GLN C 23 -1.59 -10.27 -5.71
C GLN C 23 -1.73 -11.79 -5.69
N GLY C 24 -2.96 -12.32 -5.77
CA GLY C 24 -3.16 -13.75 -5.64
C GLY C 24 -2.44 -14.54 -6.72
N TYR C 25 -2.16 -15.80 -6.39
CA TYR C 25 -1.38 -16.65 -7.29
C TYR C 25 -2.09 -16.85 -8.62
N SER C 26 -3.36 -17.22 -8.59
CA SER C 26 -4.10 -17.44 -9.82
C SER C 26 -4.27 -16.15 -10.61
N ASN C 27 -4.51 -15.04 -9.91
CA ASN C 27 -4.66 -13.76 -10.60
C ASN C 27 -3.36 -13.34 -11.28
N THR C 28 -2.22 -13.53 -10.61
CA THR C 28 -0.94 -13.22 -11.24
C THR C 28 -0.71 -14.11 -12.46
N VAL C 29 -1.00 -15.41 -12.34
CA VAL C 29 -0.76 -16.30 -13.49
C VAL C 29 -1.67 -15.94 -14.65
N MET C 30 -2.92 -15.55 -14.38
CA MET C 30 -3.83 -15.14 -15.45
C MET C 30 -3.37 -13.85 -16.12
N ALA C 31 -3.04 -12.84 -15.30
CA ALA C 31 -2.59 -11.57 -15.86
C ALA C 31 -1.24 -11.71 -16.56
N GLN C 32 -0.50 -12.77 -16.29
CA GLN C 32 0.73 -13.03 -17.02
C GLN C 32 0.47 -13.86 -18.28
N GLN C 33 -0.58 -14.67 -18.29
CA GLN C 33 -0.91 -15.46 -19.47
C GLN C 33 -1.53 -14.61 -20.56
N ALA C 34 -2.33 -13.60 -20.18
CA ALA C 34 -2.94 -12.73 -21.18
C ALA C 34 -1.89 -11.94 -21.94
N ARG C 35 -0.79 -11.59 -21.26
CA ARG C 35 0.30 -10.89 -21.93
C ARG C 35 0.97 -11.74 -23.00
N ARG C 36 0.86 -13.07 -22.92
CA ARG C 36 1.43 -13.92 -23.94
C ARG C 36 0.68 -13.75 -25.25
N LEU C 37 1.43 -13.71 -26.36
CA LEU C 37 0.90 -13.42 -27.67
C LEU C 37 0.97 -14.65 -28.56
N SER C 38 -0.05 -14.81 -29.40
CA SER C 38 -0.08 -15.89 -30.37
C SER C 38 1.03 -15.69 -31.40
N PRO C 39 1.45 -16.76 -32.09
CA PRO C 39 2.61 -16.64 -32.99
C PRO C 39 2.46 -15.58 -34.06
N THR C 40 1.24 -15.33 -34.53
CA THR C 40 1.04 -14.24 -35.49
C THR C 40 1.44 -12.90 -34.89
N GLY C 41 1.16 -12.71 -33.60
CA GLY C 41 1.62 -11.49 -32.94
C GLY C 41 3.13 -11.38 -32.91
N LEU C 42 3.82 -12.50 -32.67
CA LEU C 42 5.27 -12.50 -32.67
C LEU C 42 5.80 -12.16 -34.06
N LEU C 43 5.17 -12.70 -35.10
CA LEU C 43 5.58 -12.37 -36.45
C LEU C 43 5.38 -10.88 -36.74
N ALA C 44 4.25 -10.33 -36.29
CA ALA C 44 4.01 -8.90 -36.48
C ALA C 44 5.06 -8.07 -35.77
N MET C 45 5.41 -8.45 -34.54
CA MET C 45 6.45 -7.73 -33.81
C MET C 45 7.79 -7.82 -34.52
N GLU C 46 8.08 -9.00 -35.09
CA GLU C 46 9.34 -9.16 -35.83
C GLU C 46 9.38 -8.24 -37.04
N ARG C 47 8.29 -8.17 -37.80
CA ARG C 47 8.25 -7.28 -38.95
C ARG C 47 8.36 -5.82 -38.52
N LEU C 48 7.73 -5.48 -37.40
CA LEU C 48 7.81 -4.12 -36.88
C LEU C 48 9.26 -3.75 -36.55
N THR C 49 9.96 -4.67 -35.88
CA THR C 49 11.37 -4.45 -35.57
C THR C 49 12.19 -4.33 -36.84
N GLU C 50 11.85 -5.13 -37.84
CA GLU C 50 12.58 -5.10 -39.11
C GLU C 50 12.47 -3.72 -39.76
N LEU C 51 11.25 -3.20 -39.88
CA LEU C 51 11.09 -1.94 -40.61
C LEU C 51 11.37 -0.70 -39.75
N THR C 52 11.46 -0.85 -38.42
CA THR C 52 11.91 0.27 -37.60
C THR C 52 13.33 0.68 -37.96
N ALA C 53 14.21 -0.31 -38.19
CA ALA C 53 15.56 0.00 -38.63
C ALA C 53 15.55 0.66 -40.00
N LEU C 54 14.65 0.24 -40.88
CA LEU C 54 14.56 0.87 -42.18
C LEU C 54 14.16 2.34 -42.07
N GLN C 55 13.21 2.65 -41.19
CA GLN C 55 12.88 4.05 -40.94
C GLN C 55 14.09 4.81 -40.40
N GLN C 56 14.83 4.19 -39.48
CA GLN C 56 16.00 4.86 -38.93
C GLN C 56 17.08 5.08 -39.97
N ARG C 57 17.18 4.20 -40.96
CA ARG C 57 18.26 4.30 -41.94
C ARG C 57 17.91 5.20 -43.12
N HIS C 58 16.63 5.28 -43.48
CA HIS C 58 16.25 6.06 -44.65
C HIS C 58 16.56 7.54 -44.51
N GLN C 59 16.70 8.04 -43.28
CA GLN C 59 16.84 9.49 -43.08
C GLN C 59 18.22 10.02 -43.46
N CYS C 60 19.21 9.15 -43.70
CA CYS C 60 20.57 9.60 -43.96
C CYS C 60 20.97 9.53 -45.42
N THR C 61 20.52 8.50 -46.15
CA THR C 61 20.89 8.34 -47.55
C THR C 61 19.74 8.56 -48.52
N PHE C 62 18.50 8.30 -48.11
CA PHE C 62 17.33 8.42 -48.96
C PHE C 62 17.47 7.58 -50.23
N ASP C 63 17.91 6.34 -50.04
CA ASP C 63 18.05 5.42 -51.17
C ASP C 63 16.66 4.98 -51.64
N PRO C 64 16.34 5.15 -52.93
CA PRO C 64 15.06 4.65 -53.44
C PRO C 64 14.98 3.14 -53.34
N ALA C 65 13.77 2.64 -53.59
CA ALA C 65 13.42 1.22 -53.57
C ALA C 65 13.49 0.65 -52.16
N LEU C 66 13.94 1.45 -51.19
CA LEU C 66 13.77 1.08 -49.79
C LEU C 66 12.33 1.26 -49.35
N ARG C 67 11.66 2.25 -49.93
CA ARG C 67 10.22 2.40 -49.73
C ARG C 67 9.49 1.16 -50.19
N SER C 68 9.95 0.54 -51.28
CA SER C 68 9.36 -0.72 -51.72
C SER C 68 9.59 -1.82 -50.70
N LYS C 69 10.77 -1.86 -50.09
CA LYS C 69 11.04 -2.86 -49.06
C LYS C 69 10.08 -2.70 -47.89
N ALA C 70 9.91 -1.46 -47.40
CA ALA C 70 8.97 -1.22 -46.31
C ALA C 70 7.55 -1.56 -46.73
N THR C 71 7.18 -1.22 -47.98
CA THR C 71 5.85 -1.49 -48.47
C THR C 71 5.55 -2.99 -48.47
N GLN C 72 6.50 -3.80 -48.94
CA GLN C 72 6.31 -5.24 -48.90
C GLN C 72 6.29 -5.77 -47.48
N ILE C 73 7.18 -5.26 -46.62
CA ILE C 73 7.27 -5.76 -45.26
C ILE C 73 5.98 -5.50 -44.49
N LEU C 74 5.32 -4.37 -44.75
CA LEU C 74 4.08 -4.06 -44.04
C LEU C 74 2.83 -4.33 -44.86
N ARG C 75 2.96 -4.81 -46.09
CA ARG C 75 1.78 -5.03 -46.93
C ARG C 75 0.96 -6.20 -46.41
N THR C 76 1.61 -7.29 -46.05
CA THR C 76 0.94 -8.45 -45.49
C THR C 76 1.25 -8.61 -44.00
N LEU C 77 1.46 -7.49 -43.31
CA LEU C 77 1.76 -7.51 -41.90
C LEU C 77 0.57 -8.05 -41.13
N PRO C 78 0.73 -9.12 -40.35
CA PRO C 78 -0.43 -9.75 -39.71
C PRO C 78 -1.22 -8.82 -38.79
N LEU C 79 -0.54 -8.00 -38.00
CA LEU C 79 -1.17 -6.91 -37.27
C LEU C 79 -2.14 -7.42 -36.20
N LEU C 80 -2.28 -8.73 -36.06
CA LEU C 80 -3.28 -9.28 -35.16
C LEU C 80 -2.85 -8.99 -33.73
N SER C 81 -3.40 -7.93 -33.15
CA SER C 81 -3.05 -7.51 -31.80
C SER C 81 -4.27 -7.02 -31.02
N ILE C 82 -5.45 -7.51 -31.37
CA ILE C 82 -6.68 -7.02 -30.74
C ILE C 82 -6.72 -7.44 -29.29
N ASP C 83 -6.92 -6.47 -28.40
CA ASP C 83 -7.18 -6.69 -26.98
C ASP C 83 -6.11 -7.53 -26.29
N GLU C 84 -4.94 -7.71 -26.92
CA GLU C 84 -3.80 -8.25 -26.23
C GLU C 84 -2.91 -7.16 -25.65
N ASP C 85 -3.00 -5.94 -26.18
CA ASP C 85 -2.40 -4.75 -25.58
C ASP C 85 -3.48 -3.69 -25.49
N PRO C 86 -4.13 -3.55 -24.33
CA PRO C 86 -5.17 -2.51 -24.22
C PRO C 86 -4.66 -1.12 -24.50
N TYR C 87 -3.40 -0.84 -24.17
CA TYR C 87 -2.79 0.43 -24.52
C TYR C 87 -2.26 0.35 -25.95
N PHE C 88 -2.65 1.30 -26.79
CA PHE C 88 -2.44 1.17 -28.22
C PHE C 88 -1.01 1.45 -28.64
N THR C 89 -0.06 0.73 -28.06
CA THR C 89 1.30 0.71 -28.60
C THR C 89 1.48 -0.54 -29.46
N HIS C 90 2.54 -0.53 -30.26
CA HIS C 90 2.82 -1.56 -31.26
C HIS C 90 1.79 -1.51 -32.39
N THR C 91 0.78 -0.66 -32.25
CA THR C 91 -0.20 -0.42 -33.30
C THR C 91 -0.18 1.02 -33.75
N GLN C 92 -0.18 1.99 -32.82
CA GLN C 92 0.08 3.37 -33.20
C GLN C 92 1.47 3.53 -33.79
N ARG C 93 2.44 2.77 -33.27
CA ARG C 93 3.77 2.78 -33.84
C ARG C 93 3.75 2.29 -35.29
N ALA C 94 3.01 1.21 -35.54
CA ALA C 94 2.90 0.70 -36.89
C ALA C 94 2.21 1.70 -37.81
N LEU C 95 1.17 2.36 -37.30
CA LEU C 95 0.50 3.39 -38.09
C LEU C 95 1.44 4.53 -38.42
N ARG C 96 2.26 4.93 -37.45
CA ARG C 96 3.24 6.00 -37.68
C ARG C 96 4.26 5.58 -38.74
N LEU C 97 4.74 4.35 -38.66
CA LEU C 97 5.71 3.87 -39.62
C LEU C 97 5.12 3.82 -41.03
N ALA C 98 3.88 3.36 -41.14
CA ALA C 98 3.21 3.38 -42.44
C ALA C 98 2.98 4.80 -42.92
N ALA C 99 2.74 5.73 -41.99
CA ALA C 99 2.58 7.13 -42.36
C ALA C 99 3.87 7.69 -42.94
N TYR C 100 5.01 7.31 -42.37
CA TYR C 100 6.29 7.86 -42.84
C TYR C 100 6.55 7.51 -44.30
N PHE C 101 5.99 6.39 -44.79
CA PHE C 101 6.17 5.97 -46.16
C PHE C 101 4.98 6.30 -47.04
N GLY C 102 4.05 7.13 -46.55
CA GLY C 102 2.88 7.49 -47.35
C GLY C 102 1.97 6.34 -47.68
N ALA C 103 1.99 5.27 -46.88
CA ALA C 103 1.18 4.09 -47.13
C ALA C 103 -0.26 4.31 -46.66
N VAL C 104 -0.88 5.35 -47.22
CA VAL C 104 -2.26 5.67 -46.87
C VAL C 104 -3.25 4.79 -47.64
N ASP C 105 -2.84 4.23 -48.77
CA ASP C 105 -3.74 3.43 -49.58
C ASP C 105 -3.59 1.93 -49.36
N LEU C 106 -2.50 1.48 -48.74
CA LEU C 106 -2.33 0.07 -48.49
C LEU C 106 -3.40 -0.41 -47.49
N PRO C 107 -3.91 -1.63 -47.65
CA PRO C 107 -5.03 -2.08 -46.81
C PRO C 107 -4.72 -2.07 -45.32
N VAL C 108 -3.48 -2.37 -44.93
CA VAL C 108 -3.17 -2.45 -43.50
C VAL C 108 -3.35 -1.10 -42.82
N THR C 109 -3.23 -0.03 -43.59
CA THR C 109 -3.43 1.29 -43.00
C THR C 109 -4.88 1.43 -42.55
N TYR C 110 -5.83 1.12 -43.42
CA TYR C 110 -7.23 1.16 -43.02
C TYR C 110 -7.53 0.08 -41.99
N ALA C 111 -6.74 -1.00 -41.97
CA ALA C 111 -6.88 -1.98 -40.91
C ALA C 111 -6.56 -1.36 -39.56
N LEU C 112 -5.47 -0.59 -39.49
CA LEU C 112 -5.11 0.11 -38.25
C LEU C 112 -6.20 1.11 -37.87
N ILE C 113 -6.69 1.87 -38.85
CA ILE C 113 -7.72 2.86 -38.57
C ILE C 113 -8.98 2.18 -38.03
N ASN C 114 -9.32 1.02 -38.59
CA ASN C 114 -10.48 0.27 -38.12
C ASN C 114 -10.24 -0.31 -36.73
N GLN C 115 -9.00 -0.70 -36.44
CA GLN C 115 -8.67 -1.11 -35.09
C GLN C 115 -8.92 0.02 -34.10
N HIS C 116 -8.57 1.23 -34.49
CA HIS C 116 -8.80 2.38 -33.61
C HIS C 116 -10.30 2.67 -33.48
N THR C 117 -11.03 2.67 -34.58
CA THR C 117 -12.41 3.11 -34.56
C THR C 117 -13.32 2.08 -33.89
N LYS C 118 -13.16 0.80 -34.23
CA LYS C 118 -14.02 -0.24 -33.67
C LYS C 118 -13.87 -0.32 -32.16
N ASN C 119 -12.64 -0.22 -31.67
CA ASN C 119 -12.35 -0.26 -30.24
C ASN C 119 -12.20 1.13 -29.65
N ALA C 120 -13.00 2.09 -30.12
CA ALA C 120 -12.88 3.45 -29.62
C ALA C 120 -13.54 3.57 -28.26
N PHE C 121 -13.17 2.68 -27.35
CA PHE C 121 -13.54 2.78 -25.95
C PHE C 121 -12.40 2.41 -25.03
N MET C 122 -11.25 1.98 -25.57
CA MET C 122 -10.03 1.76 -24.82
C MET C 122 -8.97 2.78 -25.17
N LEU C 123 -9.36 3.92 -25.72
CA LEU C 123 -8.44 4.99 -26.12
C LEU C 123 -8.44 6.04 -25.02
N ASP C 124 -7.36 6.11 -24.26
CA ASP C 124 -7.23 7.11 -23.21
C ASP C 124 -6.77 8.43 -23.81
N ALA C 125 -6.37 9.37 -22.97
CA ALA C 125 -6.01 10.70 -23.46
C ALA C 125 -4.77 10.64 -24.35
N PHE C 126 -3.71 10.01 -23.86
CA PHE C 126 -2.46 9.98 -24.62
C PHE C 126 -2.61 9.22 -25.93
N SER C 127 -3.30 8.07 -25.89
CA SER C 127 -3.45 7.27 -27.10
C SER C 127 -4.28 8.00 -28.15
N MET C 128 -5.42 8.58 -27.74
CA MET C 128 -6.25 9.30 -28.69
C MET C 128 -5.54 10.52 -29.24
N ALA C 129 -4.83 11.26 -28.38
CA ALA C 129 -4.10 12.43 -28.85
C ALA C 129 -3.01 12.03 -29.83
N SER C 130 -2.29 10.94 -29.56
CA SER C 130 -1.27 10.48 -30.49
C SER C 130 -1.88 10.03 -31.81
N PHE C 131 -3.06 9.40 -31.77
CA PHE C 131 -3.73 9.03 -33.01
C PHE C 131 -4.13 10.27 -33.81
N PHE C 132 -4.63 11.30 -33.12
CA PHE C 132 -5.05 12.51 -33.83
C PHE C 132 -3.86 13.31 -34.34
N TYR C 133 -2.70 13.19 -33.70
CA TYR C 133 -1.50 13.83 -34.25
C TYR C 133 -1.18 13.27 -35.63
N THR C 134 -1.22 11.95 -35.77
CA THR C 134 -1.25 11.36 -37.09
C THR C 134 -2.67 11.40 -37.62
N LEU C 135 -2.88 10.79 -38.80
CA LEU C 135 -4.16 10.85 -39.50
C LEU C 135 -4.40 12.27 -40.01
N ALA C 136 -3.54 13.20 -39.59
CA ALA C 136 -3.45 14.53 -40.17
C ALA C 136 -2.21 14.68 -41.02
N LYS C 137 -1.11 14.06 -40.61
CA LYS C 137 0.02 13.84 -41.51
C LYS C 137 -0.34 12.87 -42.62
N LEU C 138 -1.45 12.15 -42.48
CA LEU C 138 -1.99 11.29 -43.53
C LEU C 138 -3.28 11.91 -44.04
N LYS C 139 -3.25 12.47 -45.24
CA LYS C 139 -4.42 13.10 -45.83
C LYS C 139 -5.36 11.99 -46.33
N HIS C 140 -5.99 11.33 -45.37
CA HIS C 140 -6.84 10.19 -45.67
C HIS C 140 -8.10 10.66 -46.41
N PRO C 141 -8.55 9.90 -47.40
CA PRO C 141 -9.78 10.29 -48.12
C PRO C 141 -11.01 10.39 -47.23
N GLN C 142 -11.09 9.57 -46.18
CA GLN C 142 -12.30 9.45 -45.36
C GLN C 142 -12.10 9.92 -43.93
N THR C 143 -11.39 11.05 -43.75
CA THR C 143 -11.19 11.57 -42.40
C THR C 143 -12.50 11.96 -41.74
N LYS C 144 -13.50 12.34 -42.55
CA LYS C 144 -14.73 12.90 -42.00
C LYS C 144 -15.43 11.91 -41.08
N GLU C 145 -15.66 10.69 -41.56
CA GLU C 145 -16.41 9.72 -40.76
C GLU C 145 -15.58 9.21 -39.59
N ILE C 146 -14.26 9.14 -39.74
CA ILE C 146 -13.41 8.75 -38.62
C ILE C 146 -13.55 9.74 -37.48
N VAL C 147 -13.45 11.03 -37.80
CA VAL C 147 -13.59 12.05 -36.76
C VAL C 147 -15.00 12.04 -36.20
N GLY C 148 -16.00 11.81 -37.05
CA GLY C 148 -17.37 11.76 -36.57
C GLY C 148 -17.59 10.64 -35.58
N ILE C 149 -16.99 9.48 -35.84
CA ILE C 149 -17.12 8.35 -34.91
C ILE C 149 -16.36 8.62 -33.62
N LEU C 150 -15.18 9.24 -33.72
CA LEU C 150 -14.36 9.44 -32.53
C LEU C 150 -14.87 10.55 -31.63
N LEU C 151 -15.57 11.54 -32.19
CA LEU C 151 -15.97 12.72 -31.41
C LEU C 151 -16.74 12.41 -30.13
N PRO C 152 -17.71 11.50 -30.10
CA PRO C 152 -18.37 11.22 -28.81
C PRO C 152 -17.43 10.75 -27.73
N ARG C 153 -16.35 10.04 -28.10
CA ARG C 153 -15.35 9.68 -27.12
C ARG C 153 -14.48 10.87 -26.75
N LEU C 154 -14.17 11.73 -27.73
CA LEU C 154 -13.33 12.89 -27.47
C LEU C 154 -14.00 13.87 -26.51
N ARG C 155 -15.32 13.98 -26.57
CA ARG C 155 -16.02 14.83 -25.62
C ARG C 155 -15.98 14.30 -24.20
N GLU C 156 -15.58 13.04 -24.01
CA GLU C 156 -15.43 12.47 -22.67
C GLU C 156 -13.99 12.39 -22.22
N VAL C 157 -13.05 12.32 -23.17
CA VAL C 157 -11.62 12.30 -22.85
C VAL C 157 -11.02 13.69 -22.78
N ALA C 158 -11.74 14.70 -23.25
CA ALA C 158 -11.19 16.05 -23.35
C ALA C 158 -10.63 16.61 -22.04
N PRO C 159 -11.30 16.49 -20.88
CA PRO C 159 -10.80 17.19 -19.69
C PRO C 159 -9.38 16.83 -19.28
N GLU C 160 -8.86 15.68 -19.71
CA GLU C 160 -7.51 15.27 -19.36
C GLU C 160 -6.54 15.41 -20.54
N LEU C 161 -6.71 16.44 -21.36
CA LEU C 161 -5.87 16.67 -22.53
C LEU C 161 -4.91 17.80 -22.22
N ILE C 162 -3.61 17.55 -22.43
CA ILE C 162 -2.61 18.60 -22.25
C ILE C 162 -2.70 19.61 -23.40
N ALA C 163 -2.22 20.82 -23.14
CA ALA C 163 -2.41 21.92 -24.09
C ALA C 163 -1.74 21.65 -25.43
N ARG C 164 -0.53 21.08 -25.39
CA ARG C 164 0.20 20.82 -26.64
C ARG C 164 -0.60 19.93 -27.58
N GLU C 165 -1.34 18.97 -27.03
CA GLU C 165 -2.20 18.10 -27.83
C GLU C 165 -3.54 18.75 -28.13
N ALA C 166 -4.04 19.59 -27.23
CA ALA C 166 -5.26 20.33 -27.49
C ALA C 166 -5.12 21.22 -28.72
N VAL C 167 -3.91 21.75 -28.95
CA VAL C 167 -3.68 22.58 -30.14
C VAL C 167 -3.93 21.76 -31.41
N HIS C 168 -3.34 20.57 -31.48
CA HIS C 168 -3.54 19.73 -32.65
C HIS C 168 -4.98 19.29 -32.79
N ILE C 169 -5.63 18.95 -31.67
CA ILE C 169 -7.03 18.55 -31.71
C ILE C 169 -7.88 19.65 -32.32
N LEU C 170 -7.69 20.89 -31.84
CA LEU C 170 -8.49 22.00 -32.34
C LEU C 170 -8.16 22.30 -33.79
N ARG C 171 -6.89 22.19 -34.18
CA ARG C 171 -6.53 22.42 -35.57
C ARG C 171 -7.22 21.42 -36.48
N LEU C 172 -7.24 20.15 -36.09
CA LEU C 172 -7.92 19.13 -36.88
C LEU C 172 -9.42 19.39 -36.96
N LEU C 173 -10.04 19.68 -35.81
CA LEU C 173 -11.48 19.89 -35.81
C LEU C 173 -11.89 21.21 -36.46
N CYS C 174 -10.96 22.13 -36.67
CA CYS C 174 -11.30 23.38 -37.35
C CYS C 174 -10.99 23.35 -38.84
N SER C 175 -9.99 22.57 -39.26
CA SER C 175 -9.70 22.46 -40.68
C SER C 175 -10.84 21.81 -41.45
N ILE C 176 -11.49 20.82 -40.84
CA ILE C 176 -12.56 20.08 -41.51
C ILE C 176 -13.94 20.52 -41.04
N GLN C 177 -14.04 21.65 -40.34
CA GLN C 177 -15.32 22.24 -39.95
C GLN C 177 -16.14 21.28 -39.09
N MET C 178 -15.49 20.57 -38.18
CA MET C 178 -16.18 19.69 -37.25
C MET C 178 -16.04 20.15 -35.81
N ALA C 179 -15.55 21.37 -35.58
CA ALA C 179 -15.50 21.92 -34.24
C ALA C 179 -16.90 22.15 -33.71
N ASP C 180 -17.08 21.91 -32.42
CA ASP C 180 -18.39 21.98 -31.78
C ASP C 180 -18.32 22.90 -30.57
N ALA C 181 -19.48 23.09 -29.93
CA ALA C 181 -19.58 23.90 -28.72
C ALA C 181 -19.51 23.06 -27.46
N GLN C 182 -19.03 21.83 -27.56
CA GLN C 182 -18.92 20.93 -26.42
C GLN C 182 -17.48 20.56 -26.10
N LEU C 183 -16.69 20.22 -27.12
CA LEU C 183 -15.25 20.04 -26.91
C LEU C 183 -14.57 21.39 -26.67
N VAL C 184 -14.97 22.42 -27.40
CA VAL C 184 -14.30 23.72 -27.30
C VAL C 184 -14.48 24.30 -25.90
N LYS C 185 -15.68 24.19 -25.33
CA LYS C 185 -15.91 24.76 -24.01
C LYS C 185 -15.03 24.11 -22.97
N VAL C 186 -14.93 22.78 -22.98
CA VAL C 186 -14.14 22.10 -21.95
C VAL C 186 -12.64 22.33 -22.17
N VAL C 187 -12.19 22.34 -23.42
CA VAL C 187 -10.77 22.56 -23.65
C VAL C 187 -10.39 23.99 -23.26
N THR C 188 -11.27 24.96 -23.52
CA THR C 188 -10.96 26.32 -23.10
C THR C 188 -11.05 26.46 -21.59
N GLU C 189 -11.90 25.66 -20.94
CA GLU C 189 -11.93 25.68 -19.49
C GLU C 189 -10.62 25.18 -18.91
N THR C 190 -10.08 24.10 -19.48
CA THR C 190 -8.80 23.60 -19.02
C THR C 190 -7.68 24.60 -19.27
N VAL C 191 -7.64 25.20 -20.47
CA VAL C 191 -6.57 26.14 -20.77
C VAL C 191 -6.71 27.45 -19.99
N VAL C 192 -7.91 27.78 -19.52
CA VAL C 192 -8.07 28.96 -18.68
C VAL C 192 -7.69 28.64 -17.24
N ALA C 193 -7.98 27.43 -16.77
CA ALA C 193 -7.66 27.07 -15.40
C ALA C 193 -6.16 27.09 -15.15
N THR C 194 -5.38 26.56 -16.09
CA THR C 194 -3.93 26.44 -15.92
C THR C 194 -3.16 27.54 -16.62
N ALA C 195 -3.72 28.75 -16.65
CA ALA C 195 -3.00 29.88 -17.24
C ALA C 195 -1.86 30.36 -16.36
N ALA C 196 -1.76 29.88 -15.12
CA ALA C 196 -0.68 30.31 -14.24
C ALA C 196 0.67 29.93 -14.81
N ASP C 197 0.80 28.70 -15.33
CA ASP C 197 2.05 28.26 -15.94
C ASP C 197 1.68 27.33 -17.10
N VAL C 198 1.58 27.92 -18.29
CA VAL C 198 1.27 27.19 -19.52
C VAL C 198 2.15 27.81 -20.60
N PRO C 199 2.69 27.02 -21.53
CA PRO C 199 3.50 27.62 -22.61
C PRO C 199 2.69 28.65 -23.37
N LEU C 200 3.18 29.90 -23.35
CA LEU C 200 2.46 30.98 -24.01
C LEU C 200 2.25 30.69 -25.49
N ARG C 201 3.16 29.93 -26.11
CA ARG C 201 2.95 29.47 -27.47
C ARG C 201 1.60 28.78 -27.60
N ASP C 202 1.31 27.86 -26.68
CA ASP C 202 0.07 27.10 -26.76
C ASP C 202 -1.15 27.99 -26.56
N ALA C 203 -1.07 28.94 -25.61
CA ALA C 203 -2.20 29.84 -25.39
C ALA C 203 -2.48 30.69 -26.61
N ARG C 204 -1.42 31.25 -27.21
CA ARG C 204 -1.61 32.06 -28.42
C ARG C 204 -2.16 31.22 -29.56
N GLN C 205 -1.63 30.00 -29.73
CA GLN C 205 -2.10 29.14 -30.81
C GLN C 205 -3.58 28.82 -30.65
N CYS C 206 -3.98 28.43 -29.43
CA CYS C 206 -5.38 28.11 -29.20
C CYS C 206 -6.27 29.33 -29.43
N ALA C 207 -5.85 30.50 -28.93
CA ALA C 207 -6.65 31.70 -29.11
C ALA C 207 -6.83 32.02 -30.59
N PHE C 208 -5.75 31.97 -31.36
CA PHE C 208 -5.85 32.27 -32.78
C PHE C 208 -6.72 31.27 -33.51
N ILE C 209 -6.52 29.97 -33.23
CA ILE C 209 -7.28 28.94 -33.95
C ILE C 209 -8.77 29.06 -33.64
N LEU C 210 -9.11 29.30 -32.38
CA LEU C 210 -10.52 29.44 -32.03
C LEU C 210 -11.08 30.81 -32.35
N SER C 211 -10.25 31.77 -32.75
CA SER C 211 -10.72 33.14 -32.95
C SER C 211 -11.77 33.22 -34.05
N GLU C 212 -11.58 32.47 -35.15
CA GLU C 212 -12.45 32.60 -36.30
C GLU C 212 -13.88 32.17 -35.99
N THR C 213 -14.04 30.99 -35.41
CA THR C 213 -15.38 30.42 -35.24
C THR C 213 -15.92 30.59 -33.82
N PHE C 214 -15.05 30.73 -32.82
CA PHE C 214 -15.47 30.88 -31.42
C PHE C 214 -14.77 32.10 -30.85
N PRO C 215 -15.22 33.30 -31.22
CA PRO C 215 -14.52 34.52 -30.75
C PRO C 215 -14.52 34.69 -29.24
N GLU C 216 -15.60 34.29 -28.56
CA GLU C 216 -15.67 34.50 -27.13
C GLU C 216 -14.66 33.64 -26.38
N GLU C 217 -14.47 32.39 -26.82
CA GLU C 217 -13.50 31.53 -26.16
C GLU C 217 -12.08 32.04 -26.39
N ALA C 218 -11.79 32.53 -27.60
CA ALA C 218 -10.49 33.13 -27.85
C ALA C 218 -10.26 34.36 -26.98
N GLN C 219 -11.30 35.17 -26.81
CA GLN C 219 -11.19 36.33 -25.94
C GLN C 219 -10.90 35.91 -24.50
N ARG C 220 -11.58 34.88 -24.01
CA ARG C 220 -11.34 34.41 -22.65
C ARG C 220 -9.92 33.87 -22.50
N ILE C 221 -9.44 33.11 -23.47
CA ILE C 221 -8.08 32.58 -23.41
C ILE C 221 -7.08 33.72 -23.40
N LEU C 222 -7.27 34.71 -24.28
CA LEU C 222 -6.33 35.83 -24.33
C LEU C 222 -6.35 36.62 -23.02
N GLY C 223 -7.52 36.81 -22.44
CA GLY C 223 -7.61 37.50 -21.16
C GLY C 223 -6.94 36.74 -20.04
N ALA C 224 -7.00 35.40 -20.09
CA ALA C 224 -6.43 34.60 -19.02
C ALA C 224 -4.91 34.73 -18.95
N VAL C 225 -4.25 34.79 -20.10
CA VAL C 225 -2.78 34.85 -20.14
C VAL C 225 -2.35 36.26 -20.53
N GLU C 226 -3.16 37.25 -20.18
CA GLU C 226 -2.89 38.63 -20.58
C GLU C 226 -1.58 39.14 -19.99
N HIS C 227 -1.48 39.17 -18.66
CA HIS C 227 -0.37 39.85 -18.02
C HIS C 227 0.96 39.16 -18.30
N ARG C 228 0.96 37.83 -18.33
CA ARG C 228 2.19 37.13 -18.71
C ARG C 228 2.60 37.49 -20.12
N LEU C 229 1.63 37.63 -21.03
CA LEU C 229 1.92 38.03 -22.40
C LEU C 229 2.49 39.43 -22.44
N CYS C 230 1.95 40.35 -21.64
CA CYS C 230 2.50 41.71 -21.57
C CYS C 230 3.94 41.69 -21.09
N ASP C 231 4.22 40.90 -20.05
CA ASP C 231 5.58 40.81 -19.54
C ASP C 231 6.52 40.23 -20.58
N ASP C 232 6.06 39.23 -21.34
CA ASP C 232 6.87 38.68 -22.41
C ASP C 232 7.16 39.73 -23.48
N ILE C 233 6.14 40.54 -23.82
CA ILE C 233 6.33 41.58 -24.83
C ILE C 233 7.33 42.61 -24.35
N ASP C 234 7.29 42.93 -23.04
CA ASP C 234 8.14 43.99 -22.51
C ASP C 234 9.57 43.52 -22.28
N MET C 235 9.77 42.52 -21.43
CA MET C 235 11.09 42.20 -20.92
C MET C 235 11.91 41.27 -21.81
N ASN C 236 11.32 40.69 -22.85
CA ASN C 236 12.05 39.71 -23.64
C ASN C 236 13.13 40.39 -24.48
N ALA C 237 14.13 39.61 -24.88
CA ALA C 237 15.21 40.09 -25.72
C ALA C 237 15.21 39.53 -27.13
N ASP C 238 14.53 38.41 -27.36
CA ASP C 238 14.48 37.82 -28.69
C ASP C 238 13.56 38.65 -29.58
N ALA C 239 14.15 39.35 -30.55
CA ALA C 239 13.36 40.21 -31.43
C ALA C 239 12.37 39.42 -32.26
N ASN C 240 12.80 38.26 -32.78
CA ASN C 240 11.92 37.48 -33.64
C ASN C 240 10.72 36.94 -32.87
N GLU C 241 10.94 36.47 -31.63
CA GLU C 241 9.84 35.94 -30.85
C GLU C 241 8.82 37.03 -30.52
N VAL C 242 9.30 38.21 -30.12
CA VAL C 242 8.35 39.27 -29.79
C VAL C 242 7.66 39.77 -31.05
N LYS C 243 8.34 39.76 -32.20
CA LYS C 243 7.67 40.10 -33.45
C LYS C 243 6.53 39.13 -33.75
N THR C 244 6.81 37.83 -33.66
CA THR C 244 5.76 36.85 -33.92
C THR C 244 4.62 36.98 -32.92
N THR C 245 4.97 37.25 -31.66
CA THR C 245 3.95 37.37 -30.62
C THR C 245 3.05 38.57 -30.86
N ILE C 246 3.64 39.73 -31.15
CA ILE C 246 2.81 40.91 -31.40
C ILE C 246 1.99 40.71 -32.66
N LEU C 247 2.55 40.06 -33.67
CA LEU C 247 1.81 39.85 -34.91
C LEU C 247 0.60 38.95 -34.69
N ASP C 248 0.79 37.81 -34.03
CA ASP C 248 -0.33 36.89 -33.88
C ASP C 248 -1.33 37.36 -32.83
N VAL C 249 -0.91 38.09 -31.81
CA VAL C 249 -1.88 38.68 -30.91
C VAL C 249 -2.66 39.78 -31.61
N CYS C 250 -2.01 40.51 -32.52
CA CYS C 250 -2.74 41.47 -33.35
C CYS C 250 -3.77 40.77 -34.22
N ARG C 251 -3.40 39.61 -34.78
CA ARG C 251 -4.34 38.84 -35.57
C ARG C 251 -5.52 38.37 -34.73
N VAL C 252 -5.25 37.94 -33.49
CA VAL C 252 -6.32 37.52 -32.60
C VAL C 252 -7.26 38.69 -32.31
N VAL C 253 -6.69 39.86 -32.03
CA VAL C 253 -7.51 41.03 -31.71
C VAL C 253 -8.35 41.43 -32.91
N SER C 254 -7.76 41.41 -34.10
CA SER C 254 -8.51 41.72 -35.31
C SER C 254 -9.66 40.73 -35.51
N ALA C 255 -9.40 39.45 -35.27
CA ALA C 255 -10.43 38.44 -35.49
C ALA C 255 -11.58 38.60 -34.51
N THR C 256 -11.27 38.74 -33.21
CA THR C 256 -12.33 38.87 -32.23
C THR C 256 -12.86 40.30 -32.10
N CYS C 257 -12.23 41.26 -32.77
CA CYS C 257 -12.67 42.66 -32.75
C CYS C 257 -12.75 43.19 -31.32
N LYS C 258 -11.78 42.81 -30.50
CA LYS C 258 -11.72 43.27 -29.12
C LYS C 258 -10.32 42.99 -28.59
N GLY C 259 -9.90 43.79 -27.61
CA GLY C 259 -8.61 43.61 -26.99
C GLY C 259 -8.48 44.42 -25.71
N PRO C 260 -8.01 43.78 -24.64
CA PRO C 260 -7.79 44.50 -23.39
C PRO C 260 -6.75 45.60 -23.57
N ARG C 261 -6.96 46.72 -22.87
CA ARG C 261 -6.08 47.86 -23.04
C ARG C 261 -4.70 47.63 -22.44
N ARG C 262 -4.62 46.83 -21.37
CA ARG C 262 -3.34 46.62 -20.71
C ARG C 262 -2.34 45.94 -21.64
N LEU C 263 -2.81 44.99 -22.45
CA LEU C 263 -1.95 44.36 -23.44
C LEU C 263 -1.69 45.29 -24.62
N LEU C 264 -2.68 46.11 -24.99
CA LEU C 264 -2.52 46.98 -26.14
C LEU C 264 -1.46 48.05 -25.89
N ASN C 265 -1.40 48.59 -24.67
CA ASN C 265 -0.36 49.57 -24.37
C ASN C 265 1.03 48.95 -24.53
N SER C 266 1.22 47.73 -24.03
CA SER C 266 2.54 47.10 -24.11
C SER C 266 2.90 46.73 -25.54
N VAL C 267 1.93 46.24 -26.30
CA VAL C 267 2.24 45.90 -27.70
C VAL C 267 2.56 47.16 -28.49
N ALA C 268 1.85 48.26 -28.20
CA ALA C 268 2.17 49.53 -28.87
C ALA C 268 3.57 49.98 -28.53
N ARG C 269 3.93 49.94 -27.23
CA ARG C 269 5.25 50.41 -26.82
C ARG C 269 6.35 49.59 -27.45
N ARG C 270 6.21 48.26 -27.45
CA ARG C 270 7.27 47.44 -28.01
C ARG C 270 7.30 47.51 -29.54
N SER C 271 6.16 47.68 -30.20
CA SER C 271 6.17 47.89 -31.64
C SER C 271 6.89 49.19 -31.99
N MET C 272 6.64 50.25 -31.22
CA MET C 272 7.36 51.49 -31.46
C MET C 272 8.85 51.32 -31.24
N GLU C 273 9.24 50.61 -30.17
CA GLU C 273 10.66 50.42 -29.90
C GLU C 273 11.33 49.60 -31.00
N LEU C 274 10.72 48.48 -31.37
CA LEU C 274 11.31 47.58 -32.37
C LEU C 274 10.65 47.81 -33.73
N LEU C 275 10.87 49.02 -34.26
CA LEU C 275 10.25 49.44 -35.51
C LEU C 275 10.96 48.94 -36.77
N PRO C 276 12.29 49.11 -36.91
CA PRO C 276 12.90 48.87 -38.22
C PRO C 276 12.75 47.45 -38.76
N GLN C 277 12.76 46.44 -37.89
CA GLN C 277 12.71 45.06 -38.35
C GLN C 277 11.37 44.69 -38.96
N LEU C 278 10.32 45.46 -38.70
CA LEU C 278 8.98 45.09 -39.11
C LEU C 278 8.80 45.33 -40.60
N THR C 279 8.45 44.27 -41.33
CA THR C 279 8.02 44.43 -42.70
C THR C 279 6.74 45.27 -42.74
N PRO C 280 6.56 46.11 -43.76
CA PRO C 280 5.30 46.88 -43.86
C PRO C 280 4.04 46.06 -43.64
N LEU C 281 4.08 44.76 -43.93
CA LEU C 281 2.96 43.88 -43.56
C LEU C 281 2.76 43.87 -42.05
N ASP C 282 3.86 43.83 -41.29
CA ASP C 282 3.74 43.79 -39.84
C ASP C 282 3.13 45.07 -39.29
N VAL C 283 3.58 46.23 -39.79
CA VAL C 283 3.01 47.50 -39.35
C VAL C 283 1.55 47.61 -39.76
N ALA C 284 1.23 47.15 -40.98
CA ALA C 284 -0.15 47.15 -41.42
C ALA C 284 -1.01 46.30 -40.51
N PHE C 285 -0.51 45.13 -40.11
CA PHE C 285 -1.27 44.26 -39.22
C PHE C 285 -1.44 44.89 -37.84
N VAL C 286 -0.40 45.56 -37.34
CA VAL C 286 -0.50 46.21 -36.03
C VAL C 286 -1.57 47.29 -36.07
N LEU C 287 -1.55 48.13 -37.11
CA LEU C 287 -2.54 49.20 -37.20
C LEU C 287 -3.93 48.63 -37.48
N LYS C 288 -4.00 47.50 -38.19
CA LYS C 288 -5.26 46.81 -38.38
C LYS C 288 -5.84 46.35 -37.05
N ALA C 289 -4.98 45.80 -36.17
CA ALA C 289 -5.43 45.38 -34.86
C ALA C 289 -5.88 46.55 -34.02
N PHE C 290 -5.17 47.68 -34.10
CA PHE C 290 -5.62 48.86 -33.39
C PHE C 290 -6.88 49.46 -34.00
N HIS C 291 -7.25 49.03 -35.20
CA HIS C 291 -8.59 49.25 -35.72
C HIS C 291 -9.44 48.01 -35.48
N LEU C 292 -10.74 48.15 -35.73
CA LEU C 292 -11.72 47.09 -35.49
C LEU C 292 -11.79 46.71 -34.01
N SER C 293 -11.00 47.39 -33.19
CA SER C 293 -11.03 47.21 -31.75
C SER C 293 -11.42 48.48 -31.01
N SER C 294 -11.60 49.59 -31.72
CA SER C 294 -12.04 50.86 -31.14
C SER C 294 -11.11 51.33 -30.02
N TYR C 295 -9.81 51.09 -30.20
CA TYR C 295 -8.80 51.55 -29.25
C TYR C 295 -7.96 52.63 -29.91
N ARG C 296 -7.80 53.75 -29.23
CA ARG C 296 -7.16 54.94 -29.78
C ARG C 296 -5.82 55.16 -29.07
N HIS C 297 -4.75 55.22 -29.86
CA HIS C 297 -3.39 55.41 -29.34
C HIS C 297 -2.70 56.42 -30.26
N LEU C 298 -2.75 57.69 -29.89
CA LEU C 298 -2.29 58.75 -30.79
C LEU C 298 -0.81 58.63 -31.09
N ARG C 299 0.02 58.42 -30.06
CA ARG C 299 1.46 58.40 -30.27
C ARG C 299 1.87 57.26 -31.20
N LEU C 300 1.30 56.07 -30.99
CA LEU C 300 1.64 54.94 -31.85
C LEU C 300 1.26 55.24 -33.30
N LEU C 301 0.04 55.73 -33.51
CA LEU C 301 -0.40 56.05 -34.87
C LEU C 301 0.55 57.05 -35.52
N ARG C 302 0.83 58.15 -34.82
CA ARG C 302 1.64 59.21 -35.42
C ARG C 302 3.06 58.73 -35.69
N VAL C 303 3.67 58.02 -34.74
CA VAL C 303 5.05 57.58 -34.92
C VAL C 303 5.16 56.54 -36.03
N LEU C 304 4.24 55.57 -36.04
CA LEU C 304 4.29 54.54 -37.06
C LEU C 304 4.03 55.11 -38.44
N SER C 305 3.09 56.07 -38.54
CA SER C 305 2.84 56.70 -39.83
C SER C 305 4.03 57.53 -40.29
N SER C 306 4.65 58.28 -39.37
CA SER C 306 5.80 59.10 -39.74
C SER C 306 6.96 58.24 -40.20
N SER C 307 7.26 57.16 -39.46
CA SER C 307 8.30 56.25 -39.88
C SER C 307 7.91 55.43 -41.10
N LEU C 308 6.62 55.37 -41.43
CA LEU C 308 6.18 54.78 -42.69
C LEU C 308 6.47 55.81 -43.78
N ALA C 309 7.70 55.77 -44.28
CA ALA C 309 8.21 56.77 -45.21
C ALA C 309 8.04 56.34 -46.66
N ALA C 310 6.96 55.61 -46.97
CA ALA C 310 6.72 55.08 -48.32
C ALA C 310 7.88 54.21 -48.78
N SER C 311 8.44 53.43 -47.85
CA SER C 311 9.50 52.48 -48.14
C SER C 311 8.96 51.07 -48.32
N PHE C 312 7.77 50.96 -48.91
CA PHE C 312 7.17 49.65 -49.16
C PHE C 312 8.07 48.86 -50.10
N PRO C 313 8.06 47.52 -49.98
CA PRO C 313 8.97 46.71 -50.80
C PRO C 313 8.76 46.94 -52.29
N THR C 314 9.87 46.96 -53.03
CA THR C 314 9.88 47.25 -54.45
C THR C 314 9.20 48.59 -54.74
N SER C 315 9.86 49.65 -54.27
CA SER C 315 9.31 50.99 -54.39
C SER C 315 8.97 51.31 -55.84
N ASN C 316 7.86 52.02 -56.03
CA ASN C 316 7.25 52.49 -57.27
C ASN C 316 6.49 51.37 -58.00
N VAL C 317 6.61 50.11 -57.59
CA VAL C 317 5.72 49.07 -58.11
C VAL C 317 5.53 47.99 -57.05
N THR C 318 4.32 47.85 -56.53
CA THR C 318 4.06 46.89 -55.48
C THR C 318 2.60 46.49 -55.51
N LYS C 319 2.34 45.19 -55.34
CA LYS C 319 0.98 44.65 -55.28
C LYS C 319 0.52 44.35 -53.86
N GLU C 320 1.41 43.81 -53.02
CA GLU C 320 1.01 43.45 -51.67
C GLU C 320 0.59 44.66 -50.87
N HIS C 321 1.26 45.79 -51.07
CA HIS C 321 0.92 47.00 -50.31
C HIS C 321 -0.48 47.48 -50.60
N GLY C 322 -1.07 47.08 -51.73
CA GLY C 322 -2.47 47.38 -51.97
C GLY C 322 -3.38 46.81 -50.91
N LEU C 323 -3.04 45.62 -50.41
CA LEU C 323 -3.77 45.03 -49.30
C LEU C 323 -3.37 45.62 -47.95
N ALA C 324 -2.29 46.39 -47.89
CA ALA C 324 -1.79 46.96 -46.66
C ALA C 324 -2.02 48.45 -46.54
N ALA C 325 -1.61 49.22 -47.56
CA ALA C 325 -1.68 50.68 -47.48
C ALA C 325 -3.09 51.15 -47.17
N SER C 326 -4.09 50.62 -47.89
CA SER C 326 -5.47 50.99 -47.66
C SER C 326 -5.82 50.86 -46.18
N ILE C 327 -5.43 49.75 -45.56
CA ILE C 327 -5.75 49.54 -44.14
C ILE C 327 -5.26 50.72 -43.32
N VAL C 328 -3.99 51.10 -43.52
CA VAL C 328 -3.44 52.22 -42.78
C VAL C 328 -4.32 53.44 -42.95
N VAL C 329 -4.65 53.75 -44.21
CA VAL C 329 -5.49 54.92 -44.48
C VAL C 329 -6.79 54.80 -43.73
N GLN C 330 -7.44 53.63 -43.82
CA GLN C 330 -8.72 53.46 -43.15
C GLN C 330 -8.55 53.66 -41.65
N SER C 331 -7.46 53.16 -41.08
CA SER C 331 -7.19 53.40 -39.67
C SER C 331 -7.10 54.89 -39.40
N LEU C 332 -6.28 55.59 -40.21
CA LEU C 332 -6.18 57.03 -40.07
C LEU C 332 -7.50 57.72 -40.41
N ALA C 333 -8.37 57.05 -41.19
CA ALA C 333 -9.69 57.59 -41.42
C ALA C 333 -10.62 57.34 -40.24
N HIS C 334 -10.42 56.25 -39.51
CA HIS C 334 -11.32 55.93 -38.40
C HIS C 334 -11.27 57.02 -37.34
N PHE C 335 -10.07 57.37 -36.90
CA PHE C 335 -9.89 58.53 -36.04
C PHE C 335 -9.71 59.76 -36.92
N TYR C 336 -9.31 60.88 -36.33
CA TYR C 336 -9.12 62.13 -37.06
C TYR C 336 -7.75 62.69 -36.73
N LEU C 337 -6.75 62.31 -37.52
CA LEU C 337 -5.39 62.82 -37.37
C LEU C 337 -4.97 63.53 -38.65
N SER C 338 -4.34 64.68 -38.49
CA SER C 338 -3.90 65.49 -39.62
C SER C 338 -2.40 65.31 -39.84
N GLY C 339 -2.02 65.13 -41.11
CA GLY C 339 -0.63 64.90 -41.45
C GLY C 339 -0.38 63.59 -42.16
N CYS C 340 -1.38 63.12 -42.91
CA CYS C 340 -1.25 61.88 -43.69
C CYS C 340 -1.69 62.05 -45.14
N GLU C 341 -1.84 63.28 -45.61
CA GLU C 341 -2.26 63.51 -46.99
C GLU C 341 -1.17 63.09 -47.98
N GLU C 342 0.08 63.51 -47.71
CA GLU C 342 1.19 63.07 -48.54
C GLU C 342 1.31 61.55 -48.52
N VAL C 343 0.98 60.93 -47.39
CA VAL C 343 1.06 59.47 -47.28
C VAL C 343 0.13 58.82 -48.29
N VAL C 344 -1.16 59.18 -48.26
CA VAL C 344 -2.12 58.55 -49.16
C VAL C 344 -1.82 58.92 -50.61
N VAL C 345 -1.34 60.14 -50.85
CA VAL C 345 -0.96 60.53 -52.21
C VAL C 345 0.12 59.60 -52.74
N THR C 346 1.19 59.40 -51.95
CA THR C 346 2.28 58.52 -52.39
C THR C 346 1.80 57.09 -52.57
N LEU C 347 0.94 56.61 -51.66
CA LEU C 347 0.46 55.23 -51.76
C LEU C 347 -0.37 55.03 -53.03
N VAL C 348 -1.30 55.94 -53.30
CA VAL C 348 -2.23 55.75 -54.40
C VAL C 348 -1.57 56.04 -55.75
N ASN C 349 -0.55 56.92 -55.78
CA ASN C 349 0.10 57.21 -57.05
C ASN C 349 0.80 55.99 -57.62
N ALA C 350 1.28 55.09 -56.77
CA ALA C 350 1.94 53.87 -57.23
C ALA C 350 1.06 52.64 -57.14
N SER C 351 0.01 52.66 -56.32
CA SER C 351 -0.86 51.50 -56.15
C SER C 351 -2.14 51.58 -56.98
N VAL C 352 -2.32 52.64 -57.78
CA VAL C 352 -3.56 52.80 -58.52
C VAL C 352 -3.69 51.73 -59.60
N ASN C 353 -2.57 51.28 -60.17
CA ASN C 353 -2.59 50.27 -61.21
C ASN C 353 -2.68 48.85 -60.69
N VAL C 354 -2.60 48.65 -59.37
CA VAL C 354 -2.68 47.32 -58.79
C VAL C 354 -3.86 47.14 -57.87
N LEU C 355 -4.41 48.20 -57.28
CA LEU C 355 -5.61 48.08 -56.47
C LEU C 355 -6.78 47.59 -57.33
N GLU C 356 -7.55 46.65 -56.80
CA GLU C 356 -8.71 46.13 -57.51
C GLU C 356 -9.84 45.84 -56.54
N GLY C 357 -11.06 45.93 -57.07
CA GLY C 357 -12.25 45.47 -56.38
C GLY C 357 -12.58 46.26 -55.13
N LEU C 358 -13.17 45.55 -54.16
CA LEU C 358 -13.72 46.18 -52.96
C LEU C 358 -12.71 47.09 -52.27
N ASN C 359 -11.43 46.71 -52.31
CA ASN C 359 -10.36 47.53 -51.78
C ASN C 359 -10.55 48.99 -52.12
N LEU C 360 -10.65 49.31 -53.42
CA LEU C 360 -10.80 50.69 -53.85
C LEU C 360 -11.93 51.37 -53.09
N ALA C 361 -13.11 50.73 -53.08
CA ALA C 361 -14.26 51.31 -52.43
C ALA C 361 -13.92 51.72 -51.01
N LEU C 362 -13.34 50.80 -50.24
CA LEU C 362 -12.97 51.11 -48.87
C LEU C 362 -12.08 52.34 -48.84
N THR C 363 -10.99 52.30 -49.62
CA THR C 363 -10.09 53.43 -49.69
C THR C 363 -10.86 54.70 -50.04
N LEU C 364 -11.69 54.61 -51.08
CA LEU C 364 -12.44 55.79 -51.49
C LEU C 364 -13.23 56.36 -50.33
N LEU C 365 -13.99 55.49 -49.65
CA LEU C 365 -14.80 55.97 -48.53
C LEU C 365 -13.92 56.62 -47.49
N ALA C 366 -12.79 55.97 -47.16
CA ALA C 366 -11.87 56.55 -46.19
C ALA C 366 -11.43 57.94 -46.65
N CYS C 367 -11.03 58.05 -47.92
CA CYS C 367 -10.59 59.34 -48.44
C CYS C 367 -11.69 60.38 -48.27
N VAL C 368 -12.94 60.00 -48.55
CA VAL C 368 -14.05 60.93 -48.39
C VAL C 368 -14.07 61.45 -46.96
N ARG C 369 -14.02 60.53 -45.98
CA ARG C 369 -13.99 60.96 -44.59
C ARG C 369 -12.70 61.71 -44.30
N LEU C 370 -11.59 61.29 -44.90
CA LEU C 370 -10.34 62.01 -44.73
C LEU C 370 -10.41 63.39 -45.38
N ARG C 371 -11.36 63.63 -46.28
CA ARG C 371 -11.54 64.96 -46.83
C ARG C 371 -12.13 65.93 -45.80
N CYS C 372 -12.59 65.43 -44.66
CA CYS C 372 -13.18 66.32 -43.66
C CYS C 372 -12.14 67.15 -42.94
N VAL C 373 -10.92 66.64 -42.79
CA VAL C 373 -9.89 67.34 -42.02
C VAL C 373 -8.58 67.42 -42.79
N SER C 374 -8.46 66.66 -43.87
CA SER C 374 -7.21 66.57 -44.63
C SER C 374 -7.44 67.00 -46.08
N PRO C 375 -7.07 68.23 -46.45
CA PRO C 375 -7.32 68.67 -47.84
C PRO C 375 -6.43 67.99 -48.86
N GLY C 376 -5.18 67.71 -48.51
CA GLY C 376 -4.20 67.20 -49.47
C GLY C 376 -4.56 65.85 -50.06
N VAL C 377 -5.59 65.18 -49.54
CA VAL C 377 -6.07 63.93 -50.13
C VAL C 377 -6.84 64.16 -51.41
N ASP C 378 -7.16 65.40 -51.76
CA ASP C 378 -7.91 65.67 -52.97
C ASP C 378 -7.27 65.10 -54.24
N PRO C 379 -5.96 65.24 -54.48
CA PRO C 379 -5.38 64.53 -55.64
C PRO C 379 -5.55 63.02 -55.56
N ALA C 380 -5.47 62.43 -54.36
CA ALA C 380 -5.66 61.00 -54.23
C ALA C 380 -7.05 60.58 -54.67
N VAL C 381 -8.07 61.36 -54.30
CA VAL C 381 -9.42 61.13 -54.81
C VAL C 381 -9.42 61.21 -56.33
N ASP C 382 -8.67 62.17 -56.88
CA ASP C 382 -8.53 62.26 -58.34
C ASP C 382 -7.91 60.98 -58.89
N ALA C 383 -6.98 60.38 -58.15
CA ALA C 383 -6.45 59.08 -58.55
C ALA C 383 -7.54 58.01 -58.50
N LEU C 384 -8.41 58.08 -57.49
CA LEU C 384 -9.51 57.12 -57.39
C LEU C 384 -10.51 57.28 -58.52
N CYS C 385 -10.61 58.47 -59.11
CA CYS C 385 -11.50 58.72 -60.23
C CYS C 385 -10.82 58.49 -61.59
N SER C 386 -9.57 58.03 -61.59
CA SER C 386 -8.85 57.76 -62.82
C SER C 386 -8.28 56.35 -62.88
N GLY C 387 -8.64 55.49 -61.92
CA GLY C 387 -8.08 54.15 -61.89
C GLY C 387 -8.60 53.31 -63.04
N ALA C 388 -7.68 52.67 -63.75
CA ALA C 388 -8.07 51.71 -64.78
C ALA C 388 -8.87 50.53 -64.23
N PRO C 389 -8.50 49.91 -63.09
CA PRO C 389 -9.37 48.85 -62.54
C PRO C 389 -10.76 49.33 -62.21
N MET C 390 -10.90 50.57 -61.72
CA MET C 390 -12.23 51.12 -61.46
C MET C 390 -13.05 51.20 -62.74
N ARG C 391 -12.43 51.69 -63.83
CA ARG C 391 -13.14 51.77 -65.10
C ARG C 391 -13.52 50.38 -65.61
N ARG C 392 -12.60 49.42 -65.51
CA ARG C 392 -12.90 48.09 -66.01
C ARG C 392 -13.98 47.41 -65.19
N TYR C 393 -14.06 47.70 -63.88
CA TYR C 393 -15.18 47.21 -63.09
C TYR C 393 -16.48 47.91 -63.47
N VAL C 394 -16.41 49.21 -63.77
CA VAL C 394 -17.61 49.93 -64.22
C VAL C 394 -18.15 49.32 -65.50
N HIS C 395 -17.25 48.89 -66.39
CA HIS C 395 -17.68 48.26 -67.63
C HIS C 395 -18.45 46.97 -67.37
N ASN C 396 -18.10 46.24 -66.32
CA ASN C 396 -18.69 44.94 -66.01
C ASN C 396 -19.06 44.85 -64.53
N ALA C 397 -19.77 45.86 -64.04
CA ALA C 397 -20.19 45.88 -62.64
C ALA C 397 -20.95 44.63 -62.28
N HIS C 398 -20.39 43.83 -61.36
CA HIS C 398 -20.92 42.52 -61.05
C HIS C 398 -21.09 42.32 -59.54
N SER C 399 -20.31 43.04 -58.74
CA SER C 399 -20.39 42.95 -57.29
C SER C 399 -21.23 44.11 -56.77
N MET C 400 -22.37 43.79 -56.16
CA MET C 400 -23.29 44.84 -55.73
C MET C 400 -22.77 45.60 -54.51
N GLN C 401 -22.07 44.92 -53.60
CA GLN C 401 -21.52 45.60 -52.43
C GLN C 401 -20.44 46.60 -52.85
N VAL C 402 -19.54 46.18 -53.74
CA VAL C 402 -18.49 47.07 -54.21
C VAL C 402 -19.09 48.25 -54.96
N THR C 403 -20.08 47.98 -55.81
CA THR C 403 -20.75 49.06 -56.53
C THR C 403 -21.44 50.03 -55.57
N SER C 404 -22.08 49.50 -54.54
CA SER C 404 -22.77 50.35 -53.56
C SER C 404 -21.77 51.26 -52.85
N ARG C 405 -20.65 50.71 -52.41
CA ARG C 405 -19.66 51.53 -51.72
C ARG C 405 -19.00 52.52 -52.67
N ILE C 406 -18.79 52.14 -53.93
CA ILE C 406 -18.25 53.07 -54.91
C ILE C 406 -19.20 54.24 -55.13
N LEU C 407 -20.51 53.94 -55.22
CA LEU C 407 -21.49 55.01 -55.33
C LEU C 407 -21.49 55.91 -54.10
N TYR C 408 -21.40 55.30 -52.92
CA TYR C 408 -21.37 56.08 -51.68
C TYR C 408 -20.19 57.03 -51.65
N GLY C 409 -19.02 56.56 -52.09
CA GLY C 409 -17.86 57.43 -52.17
C GLY C 409 -18.01 58.51 -53.24
N LEU C 410 -18.48 58.13 -54.42
CA LEU C 410 -18.51 59.06 -55.55
C LEU C 410 -19.55 60.15 -55.37
N ALA C 411 -20.68 59.84 -54.71
CA ALA C 411 -21.71 60.85 -54.50
C ALA C 411 -21.16 62.01 -53.67
N HIS C 412 -20.42 61.69 -52.61
CA HIS C 412 -19.75 62.74 -51.83
C HIS C 412 -18.50 63.26 -52.52
N ALA C 413 -17.98 62.54 -53.51
CA ALA C 413 -16.90 63.06 -54.34
C ALA C 413 -17.38 64.10 -55.34
N GLY C 414 -18.68 64.16 -55.62
CA GLY C 414 -19.22 65.15 -56.51
C GLY C 414 -18.91 64.93 -57.98
N ARG C 415 -18.49 63.73 -58.35
CA ARG C 415 -18.05 63.46 -59.72
C ARG C 415 -19.24 63.01 -60.57
N CYS C 416 -20.07 63.99 -60.92
CA CYS C 416 -21.21 63.76 -61.81
C CYS C 416 -21.35 64.90 -62.82
N ARG C 417 -20.23 65.49 -63.24
CA ARG C 417 -20.23 66.69 -64.07
C ARG C 417 -19.57 66.50 -65.42
N SER C 418 -18.50 65.71 -65.51
CA SER C 418 -17.83 65.47 -66.77
C SER C 418 -18.36 64.20 -67.43
N ASP C 419 -18.06 64.06 -68.73
CA ASP C 419 -18.60 62.95 -69.50
C ASP C 419 -18.05 61.62 -68.99
N GLU C 420 -16.77 61.57 -68.60
CA GLU C 420 -16.24 60.34 -68.02
C GLU C 420 -16.94 59.99 -66.71
N GLU C 421 -17.30 61.00 -65.92
CA GLU C 421 -18.04 60.73 -64.69
C GLU C 421 -19.40 60.12 -64.99
N VAL C 422 -20.09 60.62 -66.02
CA VAL C 422 -21.37 60.03 -66.42
C VAL C 422 -21.17 58.60 -66.91
N ALA C 423 -20.14 58.36 -67.72
CA ALA C 423 -19.86 57.03 -68.23
C ALA C 423 -19.43 56.07 -67.13
N ILE C 424 -18.99 56.60 -65.99
CA ILE C 424 -18.70 55.76 -64.83
C ILE C 424 -19.96 55.48 -64.01
N VAL C 425 -20.75 56.51 -63.75
CA VAL C 425 -21.91 56.35 -62.87
C VAL C 425 -23.00 55.52 -63.54
N LEU C 426 -23.22 55.72 -64.84
CA LEU C 426 -24.37 55.09 -65.50
C LEU C 426 -24.34 53.56 -65.46
N PRO C 427 -23.25 52.87 -65.87
CA PRO C 427 -23.29 51.41 -65.86
C PRO C 427 -23.48 50.81 -64.47
N LEU C 428 -22.97 51.47 -63.44
CA LEU C 428 -23.14 50.96 -62.08
C LEU C 428 -24.62 50.93 -61.70
N LEU C 429 -25.32 52.05 -61.90
CA LEU C 429 -26.75 52.08 -61.64
C LEU C 429 -27.51 51.15 -62.57
N LYS C 430 -27.01 50.94 -63.79
CA LYS C 430 -27.65 49.97 -64.69
C LYS C 430 -27.58 48.56 -64.11
N SER C 431 -26.39 48.12 -63.71
CA SER C 431 -26.20 46.76 -63.23
C SER C 431 -26.79 46.56 -61.84
N VAL C 432 -26.97 47.63 -61.07
CA VAL C 432 -27.62 47.49 -59.76
C VAL C 432 -29.04 46.96 -59.91
N VAL C 433 -29.79 47.53 -60.87
CA VAL C 433 -31.16 47.09 -61.08
C VAL C 433 -31.21 45.87 -62.01
N ARG C 434 -30.25 45.74 -62.93
CA ARG C 434 -30.28 44.62 -63.87
C ARG C 434 -30.11 43.29 -63.16
N THR C 435 -29.25 43.24 -62.16
CA THR C 435 -29.08 42.00 -61.40
C THR C 435 -30.32 41.73 -60.56
N PRO C 436 -31.00 40.61 -60.74
CA PRO C 436 -32.26 40.37 -60.02
C PRO C 436 -32.06 40.09 -58.54
N GLY C 437 -33.16 39.83 -57.84
CA GLY C 437 -33.11 39.52 -56.42
C GLY C 437 -33.17 40.76 -55.55
N ALA C 438 -33.55 40.53 -54.29
CA ALA C 438 -33.60 41.61 -53.32
C ALA C 438 -32.20 42.00 -52.88
N LEU C 439 -31.92 43.30 -52.88
CA LEU C 439 -30.60 43.77 -52.49
C LEU C 439 -30.33 43.50 -51.01
N ARG C 440 -29.10 43.15 -50.69
CA ARG C 440 -28.72 42.88 -49.31
C ARG C 440 -28.64 44.17 -48.52
N ASP C 441 -28.65 44.03 -47.19
CA ASP C 441 -28.91 45.16 -46.31
C ASP C 441 -27.87 46.27 -46.49
N ASP C 442 -26.59 45.91 -46.52
CA ASP C 442 -25.56 46.92 -46.74
C ASP C 442 -25.71 47.56 -48.12
N CYS C 443 -26.04 46.75 -49.13
CA CYS C 443 -26.31 47.29 -50.45
C CYS C 443 -27.51 48.23 -50.42
N ARG C 444 -28.58 47.85 -49.71
CA ARG C 444 -29.75 48.72 -49.61
C ARG C 444 -29.37 50.06 -49.01
N GLY C 445 -28.67 50.04 -47.87
CA GLY C 445 -28.32 51.29 -47.22
C GLY C 445 -27.39 52.15 -48.05
N PHE C 446 -26.35 51.56 -48.62
CA PHE C 446 -25.40 52.33 -49.42
C PHE C 446 -26.06 52.90 -50.67
N LEU C 447 -26.87 52.10 -51.36
CA LEU C 447 -27.59 52.60 -52.53
C LEU C 447 -28.55 53.71 -52.15
N LEU C 448 -29.26 53.55 -51.03
CA LEU C 448 -30.20 54.58 -50.59
C LEU C 448 -29.48 55.89 -50.33
N ASP C 449 -28.38 55.84 -49.58
CA ASP C 449 -27.64 57.06 -49.29
C ASP C 449 -27.05 57.67 -50.56
N ALA C 450 -26.52 56.84 -51.46
CA ALA C 450 -25.92 57.36 -52.69
C ALA C 450 -26.97 58.03 -53.58
N VAL C 451 -28.14 57.41 -53.73
CA VAL C 451 -29.16 58.01 -54.57
C VAL C 451 -29.74 59.25 -53.89
N THR C 452 -29.81 59.27 -52.57
CA THR C 452 -30.23 60.49 -51.89
C THR C 452 -29.26 61.63 -52.15
N ALA C 453 -27.95 61.35 -52.06
CA ALA C 453 -26.96 62.38 -52.33
C ALA C 453 -26.96 62.81 -53.78
N LEU C 454 -27.23 61.89 -54.71
CA LEU C 454 -27.26 62.25 -56.12
C LEU C 454 -28.49 63.07 -56.46
N GLY C 455 -29.66 62.66 -55.97
CA GLY C 455 -30.88 63.42 -56.24
C GLY C 455 -30.87 64.79 -55.59
N ALA C 456 -30.40 64.87 -54.34
CA ALA C 456 -30.28 66.17 -53.69
C ALA C 456 -29.26 67.07 -54.39
N ASP C 457 -28.27 66.49 -55.05
CA ASP C 457 -27.26 67.25 -55.77
C ASP C 457 -27.89 67.84 -57.03
N GLY C 458 -28.11 69.15 -57.04
CA GLY C 458 -28.74 69.80 -58.17
C GLY C 458 -27.85 69.94 -59.39
N GLU C 459 -26.54 69.77 -59.22
CA GLU C 459 -25.61 69.92 -60.33
C GLU C 459 -25.71 68.77 -61.33
N CYS C 460 -26.40 67.69 -61.00
CA CYS C 460 -26.57 66.54 -61.90
C CYS C 460 -27.77 66.81 -62.78
N SER C 461 -27.56 67.52 -63.88
CA SER C 461 -28.61 67.86 -64.82
C SER C 461 -28.84 66.78 -65.88
N ASN C 462 -28.11 65.65 -65.80
CA ASN C 462 -28.29 64.57 -66.76
C ASN C 462 -29.64 63.92 -66.52
N ASP C 463 -30.56 64.11 -67.48
CA ASP C 463 -31.91 63.57 -67.32
C ASP C 463 -31.91 62.05 -67.24
N ALA C 464 -31.10 61.40 -68.08
CA ALA C 464 -31.02 59.95 -68.06
C ALA C 464 -30.49 59.44 -66.72
N LEU C 465 -29.43 60.08 -66.22
CA LEU C 465 -28.85 59.65 -64.95
C LEU C 465 -29.81 59.91 -63.79
N GLN C 466 -30.50 61.05 -63.82
CA GLN C 466 -31.47 61.35 -62.76
C GLN C 466 -32.62 60.36 -62.76
N GLU C 467 -33.14 60.03 -63.94
CA GLU C 467 -34.20 59.04 -64.02
C GLU C 467 -33.70 57.67 -63.56
N GLN C 468 -32.47 57.33 -63.91
CA GLN C 468 -31.87 56.08 -63.44
C GLN C 468 -31.80 56.05 -61.92
N VAL C 469 -31.38 57.17 -61.32
CA VAL C 469 -31.29 57.24 -59.86
C VAL C 469 -32.67 57.10 -59.23
N ARG C 470 -33.67 57.78 -59.79
CA ARG C 470 -35.02 57.70 -59.23
C ARG C 470 -35.58 56.29 -59.33
N LYS C 471 -35.35 55.62 -60.47
CA LYS C 471 -35.85 54.25 -60.59
C LYS C 471 -35.07 53.29 -59.69
N VAL C 472 -33.79 53.57 -59.43
CA VAL C 472 -33.04 52.78 -58.46
C VAL C 472 -33.65 52.93 -57.07
N TYR C 473 -33.99 54.16 -56.70
CA TYR C 473 -34.64 54.37 -55.40
C TYR C 473 -36.00 53.67 -55.36
N GLU C 474 -36.74 53.70 -56.46
CA GLU C 474 -38.02 53.03 -56.52
C GLU C 474 -37.87 51.52 -56.34
N ARG C 475 -36.87 50.92 -57.00
CA ARG C 475 -36.61 49.51 -56.81
C ARG C 475 -36.20 49.20 -55.37
N LEU C 476 -35.39 50.08 -54.77
CA LEU C 476 -35.01 49.90 -53.37
C LEU C 476 -36.24 49.92 -52.46
N SER C 477 -37.16 50.84 -52.71
CA SER C 477 -38.37 50.91 -51.90
C SER C 477 -39.25 49.68 -52.12
N GLN C 478 -39.39 49.24 -53.36
CA GLN C 478 -40.28 48.13 -53.67
C GLN C 478 -39.75 46.81 -53.09
N ASP C 479 -38.46 46.54 -53.27
CA ASP C 479 -37.89 45.31 -52.73
C ASP C 479 -37.81 45.33 -51.21
N GLY C 480 -37.92 46.50 -50.59
CA GLY C 480 -37.86 46.65 -49.14
C GLY C 480 -39.20 46.83 -48.45
N GLY C 481 -40.31 46.65 -49.16
CA GLY C 481 -41.62 46.84 -48.59
C GLY C 481 -42.20 45.67 -47.83
N LYS C 482 -41.46 44.56 -47.73
CA LYS C 482 -41.92 43.39 -47.00
C LYS C 482 -41.32 43.35 -45.61
N THR D 336 -24.80 46.67 23.53
CA THR D 336 -23.39 46.47 23.83
C THR D 336 -22.63 46.05 22.58
N THR D 337 -23.34 45.37 21.67
CA THR D 337 -22.69 44.81 20.49
C THR D 337 -22.38 45.89 19.45
N SER D 338 -23.11 47.01 19.47
CA SER D 338 -22.93 48.02 18.44
C SER D 338 -21.54 48.62 18.47
N ARG D 339 -20.97 48.79 19.66
CA ARG D 339 -19.60 49.28 19.76
C ARG D 339 -18.63 48.33 19.05
N ALA D 340 -18.77 47.02 19.30
CA ALA D 340 -17.90 46.04 18.66
C ALA D 340 -18.12 46.04 17.16
N TYR D 341 -19.38 46.19 16.72
CA TYR D 341 -19.68 46.22 15.29
C TYR D 341 -19.00 47.41 14.63
N SER D 342 -19.05 48.57 15.26
CA SER D 342 -18.38 49.76 14.71
C SER D 342 -16.87 49.56 14.69
N MET D 343 -16.31 48.97 15.75
CA MET D 343 -14.88 48.72 15.78
C MET D 343 -14.46 47.80 14.65
N LEU D 344 -15.22 46.74 14.40
CA LEU D 344 -14.91 45.84 13.31
C LEU D 344 -15.07 46.55 11.97
N LEU D 345 -16.08 47.40 11.83
CA LEU D 345 -16.27 48.14 10.58
C LEU D 345 -15.08 49.04 10.30
N LEU D 346 -14.52 49.66 11.33
CA LEU D 346 -13.33 50.47 11.14
C LEU D 346 -12.12 49.63 10.73
N GLY D 347 -12.18 48.32 10.93
CA GLY D 347 -11.04 47.46 10.65
C GLY D 347 -10.21 47.09 11.85
N GLN D 348 -10.65 47.43 13.06
CA GLN D 348 -9.92 47.05 14.25
C GLN D 348 -10.06 45.55 14.52
N ARG D 349 -8.98 44.94 14.98
CA ARG D 349 -9.10 43.60 15.54
C ARG D 349 -9.78 43.67 16.89
N LEU D 350 -10.43 42.57 17.27
CA LEU D 350 -11.14 42.48 18.54
C LEU D 350 -10.40 41.52 19.45
N SER D 351 -10.09 41.98 20.66
CA SER D 351 -9.34 41.16 21.60
C SER D 351 -10.12 39.92 21.98
N GLU D 352 -9.40 38.88 22.39
CA GLU D 352 -10.04 37.64 22.82
C GLU D 352 -11.03 37.89 23.95
N ASP D 353 -10.78 38.90 24.78
CA ASP D 353 -11.74 39.24 25.83
C ASP D 353 -12.96 39.94 25.27
N ILE D 354 -12.82 40.63 24.14
CA ILE D 354 -13.94 41.39 23.59
C ILE D 354 -15.01 40.46 23.06
N MET D 355 -14.63 39.35 22.41
CA MET D 355 -15.61 38.38 21.97
C MET D 355 -16.36 37.78 23.16
N PHE D 356 -15.63 37.45 24.23
CA PHE D 356 -16.28 36.94 25.43
C PHE D 356 -17.26 37.97 25.99
N ASP D 357 -16.86 39.23 26.05
CA ASP D 357 -17.73 40.28 26.57
C ASP D 357 -18.95 40.48 25.68
N VAL D 358 -18.81 40.26 24.37
CA VAL D 358 -19.92 40.48 23.46
C VAL D 358 -20.82 39.25 23.37
N VAL D 359 -20.37 38.09 23.84
CA VAL D 359 -21.27 36.95 23.96
C VAL D 359 -22.41 37.31 24.92
N GLN D 360 -22.08 37.58 26.17
CA GLN D 360 -23.00 38.12 27.17
C GLN D 360 -24.35 37.41 27.15
N GLU D 361 -24.35 36.12 26.81
CA GLU D 361 -25.57 35.32 26.76
C GLU D 361 -26.61 35.98 25.84
N GLN D 362 -26.30 35.94 24.54
CA GLN D 362 -27.06 36.65 23.53
C GLN D 362 -28.44 36.03 23.44
N SER D 363 -29.30 36.39 24.39
CA SER D 363 -30.66 35.90 24.46
C SER D 363 -31.59 36.78 23.64
N GLU D 364 -32.89 36.51 23.74
CA GLU D 364 -33.89 37.31 23.05
C GLU D 364 -34.18 38.59 23.81
N THR D 365 -35.28 39.25 23.47
CA THR D 365 -35.62 40.58 23.98
C THR D 365 -34.61 41.63 23.53
N ILE D 366 -34.02 41.41 22.37
CA ILE D 366 -33.07 42.34 21.77
C ILE D 366 -33.51 42.55 20.32
N PRO D 367 -33.33 43.73 19.74
CA PRO D 367 -33.75 43.93 18.35
C PRO D 367 -32.96 43.06 17.40
N VAL D 368 -33.59 42.74 16.26
CA VAL D 368 -32.96 41.88 15.26
C VAL D 368 -31.69 42.52 14.71
N ASP D 369 -31.60 43.85 14.74
CA ASP D 369 -30.40 44.53 14.29
C ASP D 369 -29.20 44.14 15.15
N VAL D 370 -29.39 44.08 16.46
CA VAL D 370 -28.32 43.69 17.37
C VAL D 370 -27.93 42.24 17.11
N ALA D 371 -28.91 41.37 16.85
CA ALA D 371 -28.60 39.98 16.56
C ALA D 371 -27.79 39.86 15.27
N ALA D 372 -28.15 40.63 14.24
CA ALA D 372 -27.39 40.59 13.00
C ALA D 372 -25.98 41.12 13.18
N GLN D 373 -25.82 42.17 13.99
CA GLN D 373 -24.49 42.68 14.29
C GLN D 373 -23.65 41.64 15.03
N ALA D 374 -24.28 40.93 15.97
CA ALA D 374 -23.56 39.86 16.67
C ALA D 374 -23.20 38.74 15.72
N ALA D 375 -24.06 38.44 14.76
CA ALA D 375 -23.74 37.44 13.74
C ALA D 375 -22.53 37.88 12.94
N CYS D 376 -22.48 39.15 12.55
CA CYS D 376 -21.30 39.67 11.86
C CYS D 376 -20.06 39.51 12.71
N LEU D 377 -20.16 39.84 14.00
CA LEU D 377 -19.01 39.74 14.89
C LEU D 377 -18.51 38.30 14.98
N PHE D 378 -19.42 37.35 15.18
CA PHE D 378 -19.03 35.96 15.34
C PHE D 378 -18.66 35.28 14.03
N ALA D 379 -19.00 35.88 12.89
CA ALA D 379 -18.63 35.28 11.60
C ALA D 379 -17.11 35.17 11.46
N GLU D 380 -16.38 36.22 11.82
CA GLU D 380 -14.94 36.18 11.72
C GLU D 380 -14.34 35.15 12.68
N LYS D 381 -14.84 35.10 13.90
CA LYS D 381 -14.30 34.21 14.94
C LYS D 381 -15.10 32.92 14.94
N GLY D 382 -14.62 31.91 14.21
CA GLY D 382 -15.27 30.62 14.20
C GLY D 382 -16.60 30.67 13.46
N ASP D 383 -17.42 29.65 13.72
CA ASP D 383 -18.74 29.56 13.14
C ASP D 383 -19.79 30.10 14.11
N ILE D 384 -20.88 30.61 13.56
CA ILE D 384 -21.94 31.19 14.38
C ILE D 384 -22.60 30.10 15.21
N PRO D 385 -22.89 30.34 16.49
CA PRO D 385 -23.58 29.33 17.29
C PRO D 385 -24.98 29.06 16.76
N GLU D 386 -25.48 27.84 17.03
CA GLU D 386 -26.78 27.44 16.51
C GLU D 386 -27.90 28.30 17.07
N GLY D 387 -27.79 28.72 18.34
CA GLY D 387 -28.79 29.63 18.88
C GLY D 387 -28.86 30.93 18.12
N VAL D 388 -27.69 31.47 17.75
CA VAL D 388 -27.66 32.75 17.03
C VAL D 388 -28.27 32.60 15.64
N ILE D 389 -27.93 31.53 14.93
CA ILE D 389 -28.49 31.35 13.60
C ILE D 389 -30.00 31.11 13.67
N LEU D 390 -30.46 30.38 14.69
CA LEU D 390 -31.90 30.16 14.84
C LEU D 390 -32.64 31.45 15.16
N ARG D 391 -32.10 32.27 16.08
CA ARG D 391 -32.76 33.52 16.39
C ARG D 391 -32.72 34.48 15.20
N LEU D 392 -31.66 34.45 14.40
CA LEU D 392 -31.64 35.24 13.18
C LEU D 392 -32.73 34.78 12.21
N SER D 393 -32.87 33.47 12.05
CA SER D 393 -33.84 32.95 11.09
C SER D 393 -35.27 33.24 11.51
N ALA D 394 -35.60 32.96 12.78
CA ALA D 394 -36.99 33.00 13.21
C ALA D 394 -37.54 34.41 13.40
N GLU D 395 -36.68 35.43 13.47
CA GLU D 395 -37.10 36.78 13.84
C GLU D 395 -37.24 37.70 12.63
N LEU D 396 -37.71 37.18 11.50
CA LEU D 396 -37.91 38.01 10.30
C LEU D 396 -39.16 38.87 10.49
N GLU D 397 -39.06 39.83 11.40
CA GLU D 397 -40.18 40.73 11.70
C GLU D 397 -40.04 42.04 10.94
N HIS D 398 -38.96 42.78 11.18
CA HIS D 398 -38.64 43.96 10.38
C HIS D 398 -37.17 44.28 10.61
N ILE D 399 -36.43 44.42 9.52
CA ILE D 399 -34.98 44.56 9.57
C ILE D 399 -34.60 45.89 8.94
N SER D 400 -33.82 46.69 9.68
CA SER D 400 -33.36 47.97 9.18
C SER D 400 -32.28 47.77 8.13
N PRO D 401 -32.05 48.78 7.27
CA PRO D 401 -30.94 48.67 6.31
C PRO D 401 -29.60 48.39 6.94
N GLN D 402 -29.37 48.87 8.17
CA GLN D 402 -28.18 48.44 8.91
C GLN D 402 -28.20 46.94 9.13
N GLY D 403 -29.36 46.40 9.49
CA GLY D 403 -29.49 44.96 9.59
C GLY D 403 -29.29 44.26 8.26
N VAL D 404 -29.69 44.90 7.16
CA VAL D 404 -29.47 44.32 5.84
C VAL D 404 -27.98 44.24 5.54
N THR D 405 -27.24 45.31 5.85
CA THR D 405 -25.80 45.29 5.68
C THR D 405 -25.17 44.19 6.52
N ALA D 406 -25.62 44.06 7.77
CA ALA D 406 -25.08 43.02 8.64
C ALA D 406 -25.38 41.63 8.08
N PHE D 407 -26.60 41.41 7.59
CA PHE D 407 -26.95 40.12 7.04
C PHE D 407 -26.10 39.79 5.82
N VAL D 408 -25.90 40.78 4.94
CA VAL D 408 -25.10 40.54 3.74
C VAL D 408 -23.66 40.22 4.11
N ARG D 409 -23.10 40.97 5.06
CA ARG D 409 -21.72 40.71 5.48
C ARG D 409 -21.59 39.33 6.10
N ALA D 410 -22.56 38.96 6.95
CA ALA D 410 -22.52 37.64 7.57
C ALA D 410 -22.60 36.54 6.51
N ALA D 411 -23.47 36.71 5.52
CA ALA D 411 -23.59 35.72 4.46
C ALA D 411 -22.28 35.61 3.67
N ARG D 412 -21.68 36.74 3.33
CA ARG D 412 -20.50 36.72 2.48
C ARG D 412 -19.23 36.32 3.24
N ARG D 413 -19.24 36.37 4.56
CA ARG D 413 -18.03 36.08 5.33
C ARG D 413 -17.97 34.65 5.85
N ASP D 414 -19.09 34.10 6.31
CA ASP D 414 -19.08 32.77 6.89
C ASP D 414 -18.68 31.73 5.86
N SER D 415 -17.94 30.72 6.30
CA SER D 415 -17.51 29.64 5.41
C SER D 415 -18.53 28.52 5.30
N SER D 416 -19.25 28.21 6.40
CA SER D 416 -20.20 27.11 6.36
C SER D 416 -21.38 27.42 5.47
N GLY D 417 -21.81 28.68 5.43
CA GLY D 417 -23.03 29.03 4.73
C GLY D 417 -24.28 28.85 5.57
N ALA D 418 -24.18 29.11 6.87
CA ALA D 418 -25.30 28.85 7.77
C ALA D 418 -26.50 29.74 7.44
N LEU D 419 -26.25 31.00 7.10
CA LEU D 419 -27.35 31.92 6.81
C LEU D 419 -28.09 31.57 5.53
N LEU D 420 -27.48 30.78 4.65
CA LEU D 420 -28.04 30.58 3.31
C LEU D 420 -29.47 30.06 3.31
N PRO D 421 -29.87 29.06 4.13
CA PRO D 421 -31.28 28.63 4.12
C PRO D 421 -32.27 29.77 4.31
N HIS D 422 -32.16 30.50 5.42
CA HIS D 422 -33.00 31.69 5.60
C HIS D 422 -32.73 32.72 4.52
N TYR D 423 -31.46 32.93 4.18
CA TYR D 423 -31.12 33.79 3.05
C TYR D 423 -31.81 33.34 1.79
N ALA D 424 -32.06 32.03 1.65
CA ALA D 424 -32.78 31.54 0.48
C ALA D 424 -34.15 32.18 0.34
N ALA D 425 -34.87 32.34 1.47
CA ALA D 425 -36.19 32.94 1.40
C ALA D 425 -36.11 34.43 1.06
N VAL D 426 -35.11 35.12 1.60
CA VAL D 426 -35.05 36.58 1.53
C VAL D 426 -33.80 37.00 0.75
N LEU D 427 -33.44 36.20 -0.26
CA LEU D 427 -32.28 36.50 -1.11
C LEU D 427 -32.25 37.96 -1.52
N ASN D 428 -31.04 38.55 -1.40
CA ASN D 428 -30.77 39.98 -1.63
C ASN D 428 -31.78 40.88 -0.91
N ARG D 429 -32.35 40.39 0.19
CA ARG D 429 -33.46 41.07 0.87
C ARG D 429 -34.62 41.27 -0.10
N PHE D 430 -35.18 40.13 -0.53
CA PHE D 430 -36.29 40.13 -1.48
C PHE D 430 -37.40 41.09 -1.07
N THR D 431 -37.54 41.36 0.23
CA THR D 431 -38.35 42.48 0.70
C THR D 431 -37.56 43.77 0.53
N GLU D 432 -37.19 44.04 -0.73
CA GLU D 432 -36.48 45.25 -1.11
C GLU D 432 -37.40 46.43 -1.34
N ARG D 433 -38.59 46.38 -0.72
CA ARG D 433 -39.57 47.46 -0.83
C ARG D 433 -39.01 48.79 -0.34
N ASP D 434 -37.97 48.77 0.49
CA ASP D 434 -37.39 50.01 0.98
C ASP D 434 -36.82 50.83 -0.19
N LEU D 435 -37.26 52.07 -0.29
CA LEU D 435 -36.92 52.95 -1.40
C LEU D 435 -35.66 53.75 -1.07
N CYS D 436 -35.41 54.81 -1.84
CA CYS D 436 -34.32 55.73 -1.56
C CYS D 436 -34.52 56.53 -0.28
N ASP D 437 -35.58 56.25 0.49
CA ASP D 437 -35.80 56.98 1.74
C ASP D 437 -34.62 56.82 2.67
N THR D 438 -34.01 55.64 2.70
CA THR D 438 -32.76 55.47 3.42
C THR D 438 -31.69 56.32 2.76
N PRO D 439 -30.89 57.07 3.51
CA PRO D 439 -29.87 57.92 2.88
C PRO D 439 -28.93 57.10 2.02
N LEU D 440 -28.53 57.69 0.89
CA LEU D 440 -27.80 56.96 -0.13
C LEU D 440 -26.45 56.46 0.36
N GLU D 441 -25.93 57.01 1.46
CA GLU D 441 -24.70 56.48 2.04
C GLU D 441 -24.90 55.04 2.52
N THR D 442 -26.10 54.74 3.02
CA THR D 442 -26.41 53.35 3.37
C THR D 442 -26.46 52.48 2.12
N LEU D 443 -26.97 53.02 1.01
CA LEU D 443 -26.88 52.30 -0.25
C LEU D 443 -25.43 52.07 -0.67
N LEU D 444 -24.55 53.03 -0.40
CA LEU D 444 -23.14 52.85 -0.69
C LEU D 444 -22.53 51.75 0.17
N GLN D 445 -22.94 51.68 1.44
CA GLN D 445 -22.50 50.57 2.29
C GLN D 445 -22.98 49.24 1.74
N MET D 446 -24.23 49.19 1.28
CA MET D 446 -24.75 47.97 0.66
C MET D 446 -23.95 47.61 -0.59
N CYS D 447 -23.57 48.61 -1.37
CA CYS D 447 -22.77 48.35 -2.56
C CYS D 447 -21.38 47.82 -2.20
N GLU D 448 -20.75 48.41 -1.18
CA GLU D 448 -19.37 48.03 -0.86
C GLU D 448 -19.30 46.69 -0.15
N VAL D 449 -20.33 46.32 0.61
CA VAL D 449 -20.30 45.01 1.26
C VAL D 449 -20.35 43.90 0.23
N PHE D 450 -20.93 44.17 -0.94
CA PHE D 450 -20.93 43.18 -2.02
C PHE D 450 -19.55 42.95 -2.60
N ALA D 451 -18.61 43.87 -2.41
CA ALA D 451 -17.27 43.72 -2.95
C ALA D 451 -16.50 42.58 -2.30
N LEU D 452 -16.98 42.08 -1.16
CA LEU D 452 -16.31 40.97 -0.49
C LEU D 452 -16.38 39.73 -1.37
N PRO D 453 -15.26 39.04 -1.60
CA PRO D 453 -15.30 37.83 -2.43
C PRO D 453 -16.20 36.76 -1.81
N ALA D 454 -16.92 36.06 -2.68
CA ALA D 454 -17.86 35.06 -2.23
C ALA D 454 -17.14 33.85 -1.61
N PRO D 455 -17.79 33.13 -0.71
CA PRO D 455 -17.18 31.90 -0.19
C PRO D 455 -16.88 30.91 -1.30
N ARG D 456 -15.79 30.19 -1.13
CA ARG D 456 -15.32 29.26 -2.14
C ARG D 456 -16.33 28.14 -2.42
N ILE D 466 -30.11 29.72 -7.97
CA ILE D 466 -30.00 30.02 -6.55
C ILE D 466 -29.29 31.36 -6.36
N ASN D 467 -28.66 31.83 -7.44
CA ASN D 467 -27.96 33.11 -7.45
C ASN D 467 -28.68 34.17 -8.26
N GLU D 468 -29.94 33.91 -8.67
CA GLU D 468 -30.67 34.83 -9.53
C GLU D 468 -31.00 36.15 -8.84
N SER D 469 -30.95 36.20 -7.52
CA SER D 469 -31.24 37.44 -6.80
C SER D 469 -30.19 38.51 -7.05
N GLN D 470 -28.97 38.12 -7.40
CA GLN D 470 -27.89 39.10 -7.60
C GLN D 470 -28.24 40.07 -8.71
N SER D 471 -28.72 39.55 -9.84
CA SER D 471 -29.06 40.43 -10.96
C SER D 471 -30.21 41.37 -10.59
N LYS D 472 -31.23 40.85 -9.90
CA LYS D 472 -32.34 41.70 -9.49
C LYS D 472 -31.86 42.84 -8.60
N PHE D 473 -31.07 42.50 -7.57
CA PHE D 473 -30.60 43.52 -6.64
C PHE D 473 -29.72 44.54 -7.34
N GLN D 474 -28.81 44.07 -8.20
CA GLN D 474 -27.88 44.99 -8.86
C GLN D 474 -28.60 45.91 -9.82
N LYS D 475 -29.55 45.41 -10.59
CA LYS D 475 -30.27 46.26 -11.53
C LYS D 475 -31.14 47.27 -10.79
N ALA D 476 -31.80 46.85 -9.70
CA ALA D 476 -32.58 47.79 -8.90
C ALA D 476 -31.68 48.88 -8.33
N LEU D 477 -30.52 48.49 -7.80
CA LEU D 477 -29.61 49.49 -7.24
C LEU D 477 -29.08 50.42 -8.32
N ILE D 478 -28.88 49.91 -9.53
CA ILE D 478 -28.41 50.75 -10.64
C ILE D 478 -29.48 51.78 -10.99
N VAL D 479 -30.75 51.36 -11.01
CA VAL D 479 -31.84 52.30 -11.28
C VAL D 479 -31.87 53.38 -10.19
N ARG D 480 -31.76 52.96 -8.93
CA ARG D 480 -31.77 53.91 -7.82
C ARG D 480 -30.60 54.89 -7.94
N LEU D 481 -29.42 54.37 -8.30
CA LEU D 481 -28.24 55.22 -8.45
C LEU D 481 -28.43 56.24 -9.56
N PHE D 482 -28.97 55.80 -10.71
CA PHE D 482 -29.24 56.74 -11.80
C PHE D 482 -30.18 57.83 -11.33
N SER D 483 -31.26 57.46 -10.63
CA SER D 483 -32.22 58.44 -10.17
C SER D 483 -31.59 59.44 -9.22
N VAL D 484 -30.81 58.95 -8.25
CA VAL D 484 -30.27 59.84 -7.23
C VAL D 484 -29.19 60.75 -7.81
N ILE D 485 -28.34 60.23 -8.68
CA ILE D 485 -27.26 61.06 -9.21
C ILE D 485 -27.73 61.98 -10.33
N GLN D 486 -28.89 61.71 -10.92
CA GLN D 486 -29.38 62.60 -11.97
C GLN D 486 -29.64 64.01 -11.43
N GLY D 487 -30.21 64.10 -10.23
CA GLY D 487 -30.52 65.39 -9.64
C GLY D 487 -29.36 65.99 -8.86
N SER D 488 -28.16 65.91 -9.40
CA SER D 488 -26.97 66.48 -8.78
C SER D 488 -25.86 66.56 -9.81
N ARG D 489 -24.89 67.44 -9.56
CA ARG D 489 -23.76 67.61 -10.45
C ARG D 489 -22.45 67.81 -9.69
N ASP D 490 -22.40 67.30 -8.45
CA ASP D 490 -21.21 67.45 -7.61
C ASP D 490 -20.14 66.47 -8.08
N VAL D 491 -19.10 66.99 -8.73
CA VAL D 491 -18.10 66.12 -9.35
C VAL D 491 -17.45 65.17 -8.34
N PRO D 492 -16.96 65.63 -7.19
CA PRO D 492 -16.45 64.65 -6.21
C PRO D 492 -17.50 63.65 -5.78
N PHE D 493 -18.75 64.08 -5.60
CA PHE D 493 -19.81 63.17 -5.21
C PHE D 493 -20.08 62.15 -6.31
N LEU D 494 -20.15 62.60 -7.56
CA LEU D 494 -20.37 61.68 -8.68
C LEU D 494 -19.25 60.66 -8.78
N CYS D 495 -18.00 61.12 -8.70
CA CYS D 495 -16.88 60.20 -8.78
C CYS D 495 -16.88 59.22 -7.62
N LYS D 496 -17.17 59.70 -6.41
CA LYS D 496 -17.20 58.82 -5.25
C LYS D 496 -18.29 57.76 -5.39
N VAL D 497 -19.46 58.15 -5.89
CA VAL D 497 -20.54 57.18 -6.03
C VAL D 497 -20.22 56.17 -7.15
N ALA D 498 -19.59 56.63 -8.23
CA ALA D 498 -19.19 55.72 -9.29
C ALA D 498 -18.15 54.73 -8.79
N LYS D 499 -17.21 55.19 -7.97
CA LYS D 499 -16.23 54.29 -7.38
C LYS D 499 -16.89 53.33 -6.40
N ALA D 500 -17.91 53.80 -5.67
CA ALA D 500 -18.65 52.91 -4.77
C ALA D 500 -19.48 51.90 -5.53
N VAL D 501 -19.76 52.16 -6.81
CA VAL D 501 -20.52 51.24 -7.63
C VAL D 501 -19.61 50.71 -8.73
N ARG D 502 -18.31 50.84 -8.53
CA ARG D 502 -17.37 50.40 -9.54
C ARG D 502 -17.50 48.94 -9.74
N ALA D 503 -18.03 48.28 -8.74
CA ALA D 503 -18.19 46.84 -8.83
C ALA D 503 -19.03 46.47 -10.03
N PHE D 504 -19.10 45.18 -10.35
CA PHE D 504 -19.84 44.74 -11.52
C PHE D 504 -21.34 44.85 -11.31
N ASP D 505 -21.85 46.07 -11.39
CA ASP D 505 -23.28 46.29 -11.21
C ASP D 505 -23.85 47.07 -12.40
N ALA D 506 -23.03 47.94 -12.97
CA ALA D 506 -23.46 48.73 -14.13
C ALA D 506 -22.82 48.21 -15.39
N ASN D 507 -23.61 48.07 -16.45
CA ASN D 507 -23.08 47.58 -17.72
C ASN D 507 -22.39 48.68 -18.51
N ASP D 508 -21.33 49.25 -17.95
CA ASP D 508 -20.59 50.30 -18.64
C ASP D 508 -21.51 51.42 -19.12
N GLU D 509 -22.60 51.64 -18.38
CA GLU D 509 -23.54 52.68 -18.76
C GLU D 509 -23.52 53.80 -17.74
N LEU D 510 -23.50 53.45 -16.46
CA LEU D 510 -23.46 54.46 -15.41
C LEU D 510 -22.15 55.22 -15.51
N ILE D 511 -21.04 54.50 -15.61
CA ILE D 511 -19.75 55.15 -15.71
C ILE D 511 -19.71 56.06 -16.93
N GLN D 512 -20.04 55.51 -18.10
CA GLN D 512 -20.08 56.34 -19.29
C GLN D 512 -20.97 57.56 -19.08
N PHE D 513 -22.14 57.37 -18.49
CA PHE D 513 -23.02 58.49 -18.20
C PHE D 513 -22.38 59.47 -17.24
N VAL D 514 -21.71 58.96 -16.21
CA VAL D 514 -21.07 59.86 -15.24
C VAL D 514 -19.94 60.64 -15.89
N CYS D 515 -19.14 59.99 -16.74
CA CYS D 515 -18.06 60.69 -17.43
C CYS D 515 -18.61 61.76 -18.37
N SER D 516 -19.70 61.45 -19.08
CA SER D 516 -20.32 62.44 -19.94
C SER D 516 -20.84 63.62 -19.12
N SER D 517 -21.47 63.34 -17.97
CA SER D 517 -21.97 64.41 -17.12
C SER D 517 -20.83 65.28 -16.61
N ILE D 518 -19.71 64.67 -16.22
CA ILE D 518 -18.57 65.43 -15.73
C ILE D 518 -18.01 66.31 -16.84
N CYS D 519 -17.84 65.74 -18.04
CA CYS D 519 -17.29 66.51 -19.14
C CYS D 519 -18.26 67.55 -19.69
N ALA D 520 -19.54 67.43 -19.37
CA ALA D 520 -20.53 68.38 -19.87
C ALA D 520 -20.35 69.76 -19.24
N GLN D 521 -19.97 69.81 -17.97
CA GLN D 521 -19.88 71.09 -17.27
C GLN D 521 -18.86 72.00 -17.91
N GLY D 522 -17.69 71.46 -18.26
CA GLY D 522 -16.65 72.23 -18.91
C GLY D 522 -15.79 73.07 -17.98
N ALA D 523 -16.10 73.10 -16.69
CA ALA D 523 -15.29 73.80 -15.69
C ALA D 523 -14.52 72.72 -14.94
N LEU D 524 -13.37 72.32 -15.48
CA LEU D 524 -12.59 71.21 -14.97
C LEU D 524 -11.27 71.75 -14.42
N SER D 525 -11.29 72.13 -13.15
CA SER D 525 -10.08 72.61 -12.50
C SER D 525 -9.17 71.43 -12.15
N GLU D 526 -8.00 71.75 -11.58
CA GLU D 526 -7.04 70.70 -11.26
C GLU D 526 -7.56 69.75 -10.20
N CYS D 527 -8.32 70.27 -9.23
CA CYS D 527 -8.90 69.40 -8.21
C CYS D 527 -9.87 68.40 -8.82
N GLU D 528 -10.81 68.90 -9.62
CA GLU D 528 -11.75 68.00 -10.30
C GLU D 528 -11.01 67.08 -11.26
N ALA D 529 -9.93 67.57 -11.89
CA ALA D 529 -9.16 66.73 -12.80
C ALA D 529 -8.56 65.54 -12.05
N LEU D 530 -7.96 65.80 -10.88
CA LEU D 530 -7.38 64.71 -10.10
C LEU D 530 -8.44 63.75 -9.59
N ILE D 531 -9.59 64.28 -9.14
CA ILE D 531 -10.64 63.40 -8.64
C ILE D 531 -11.18 62.52 -9.76
N ALA D 532 -11.43 63.10 -10.93
CA ALA D 532 -11.91 62.32 -12.06
C ALA D 532 -10.88 61.31 -12.53
N PHE D 533 -9.59 61.69 -12.52
CA PHE D 533 -8.55 60.74 -12.89
C PHE D 533 -8.50 59.57 -11.92
N ASP D 534 -8.63 59.85 -10.62
CA ASP D 534 -8.66 58.78 -9.63
C ASP D 534 -9.84 57.84 -9.86
N MET D 535 -11.02 58.41 -10.11
CA MET D 535 -12.19 57.58 -10.34
C MET D 535 -12.02 56.73 -11.60
N ILE D 536 -11.56 57.35 -12.69
CA ILE D 536 -11.44 56.65 -13.95
C ILE D 536 -10.32 55.61 -13.89
N ARG D 537 -9.35 55.78 -13.00
CA ARG D 537 -8.36 54.72 -12.80
C ARG D 537 -8.92 53.59 -11.97
N CYS D 538 -9.73 53.90 -10.94
CA CYS D 538 -10.27 52.85 -10.10
C CYS D 538 -11.16 51.91 -10.90
N CYS D 539 -11.96 52.44 -11.82
CA CYS D 539 -12.80 51.60 -12.66
C CYS D 539 -12.04 50.99 -13.83
N ASP D 540 -10.78 51.37 -14.03
CA ASP D 540 -9.96 50.83 -15.12
C ASP D 540 -10.62 51.00 -16.48
N PHE D 541 -11.22 52.17 -16.70
CA PHE D 541 -11.96 52.47 -17.91
C PHE D 541 -11.35 53.68 -18.59
N VAL D 542 -11.53 53.75 -19.91
CA VAL D 542 -11.06 54.89 -20.70
C VAL D 542 -12.23 55.47 -21.47
N TYR D 543 -12.49 56.76 -21.28
CA TYR D 543 -13.51 57.49 -22.02
C TYR D 543 -12.80 58.59 -22.79
N GLU D 544 -12.75 58.45 -24.11
CA GLU D 544 -11.86 59.29 -24.92
C GLU D 544 -12.13 60.78 -24.79
N PRO D 545 -13.38 61.28 -24.87
CA PRO D 545 -13.57 62.72 -24.65
C PRO D 545 -13.16 63.19 -23.26
N LEU D 546 -13.30 62.35 -22.23
CA LEU D 546 -12.90 62.76 -20.89
C LEU D 546 -11.39 62.97 -20.81
N LEU D 547 -10.63 62.01 -21.35
CA LEU D 547 -9.18 62.17 -21.38
C LEU D 547 -8.77 63.35 -22.24
N ASP D 548 -9.46 63.55 -23.36
CA ASP D 548 -9.19 64.71 -24.21
C ASP D 548 -9.37 66.00 -23.44
N ALA D 549 -10.45 66.10 -22.66
CA ALA D 549 -10.72 67.31 -21.89
C ALA D 549 -9.70 67.49 -20.77
N MET D 550 -9.31 66.39 -20.12
CA MET D 550 -8.37 66.50 -19.01
C MET D 550 -6.94 66.74 -19.45
N GLU D 551 -6.59 66.43 -20.70
CA GLU D 551 -5.19 66.55 -21.11
C GLU D 551 -4.62 67.95 -20.98
N PRO D 552 -5.27 69.02 -21.47
CA PRO D 552 -4.68 70.36 -21.31
C PRO D 552 -4.51 70.80 -19.86
N VAL D 553 -5.39 70.36 -18.95
CA VAL D 553 -5.27 70.77 -17.56
C VAL D 553 -3.99 70.24 -16.94
N PHE D 554 -3.75 68.92 -17.10
CA PHE D 554 -2.50 68.36 -16.64
C PHE D 554 -1.32 68.91 -17.43
N ARG D 555 -1.56 69.30 -18.69
CA ARG D 555 -0.50 69.94 -19.47
C ARG D 555 -0.03 71.22 -18.80
N ARG D 556 -0.98 72.08 -18.40
CA ARG D 556 -0.61 73.34 -17.75
C ARG D 556 -0.06 73.10 -16.35
N LEU D 557 -0.55 72.07 -15.64
CA LEU D 557 -0.02 71.76 -14.33
C LEU D 557 1.46 71.35 -14.42
N VAL D 558 1.76 70.41 -15.31
CA VAL D 558 3.14 69.98 -15.51
C VAL D 558 3.98 71.12 -16.06
N GLU D 559 3.40 71.99 -16.89
CA GLU D 559 4.14 73.12 -17.40
C GLU D 559 4.54 74.08 -16.28
N SER D 560 3.63 74.34 -15.35
CA SER D 560 3.98 75.17 -14.19
C SER D 560 5.07 74.52 -13.36
N VAL D 561 4.95 73.22 -13.11
CA VAL D 561 5.94 72.53 -12.28
C VAL D 561 7.31 72.55 -12.96
N SER D 562 7.34 72.33 -14.27
CA SER D 562 8.61 72.36 -15.00
C SER D 562 9.15 73.78 -15.11
N ALA D 563 8.28 74.78 -15.18
CA ALA D 563 8.73 76.17 -15.15
C ALA D 563 9.36 76.50 -13.81
N MET D 564 8.90 75.85 -12.74
CA MET D 564 9.47 76.05 -11.42
C MET D 564 10.93 75.59 -11.35
N LEU D 565 11.49 75.16 -12.48
CA LEU D 565 12.90 74.80 -12.56
C LEU D 565 13.79 75.96 -12.15
N GLU D 566 13.81 77.03 -12.93
CA GLU D 566 14.58 78.23 -12.63
C GLU D 566 13.69 79.45 -12.42
N GLY D 567 12.82 79.75 -13.38
CA GLY D 567 11.80 80.74 -13.15
C GLY D 567 10.74 80.23 -12.20
N LYS D 568 9.88 81.14 -11.73
CA LYS D 568 8.80 80.80 -10.81
C LYS D 568 9.34 79.98 -9.63
N SER D 569 10.54 80.34 -9.16
CA SER D 569 11.16 79.60 -8.08
C SER D 569 10.36 79.71 -6.79
N THR D 570 9.45 80.69 -6.70
CA THR D 570 8.52 80.76 -5.59
C THR D 570 7.67 79.49 -5.56
N ILE D 571 7.86 78.67 -4.53
CA ILE D 571 7.24 77.36 -4.48
C ILE D 571 5.82 77.47 -3.94
N ASN D 572 4.90 76.75 -4.58
CA ASN D 572 3.54 76.56 -4.08
C ASN D 572 3.39 75.08 -3.72
N ASP D 573 3.21 74.79 -2.44
CA ASP D 573 3.20 73.41 -1.98
C ASP D 573 2.04 72.63 -2.61
N VAL D 574 0.87 73.27 -2.74
CA VAL D 574 -0.28 72.58 -3.30
C VAL D 574 -0.01 72.19 -4.75
N GLU D 575 0.71 73.03 -5.49
CA GLU D 575 1.02 72.73 -6.88
C GLU D 575 1.86 71.46 -7.00
N VAL D 576 2.94 71.38 -6.22
CA VAL D 576 3.80 70.20 -6.29
C VAL D 576 3.08 68.97 -5.76
N ARG D 577 2.25 69.14 -4.73
CA ARG D 577 1.48 68.02 -4.22
C ARG D 577 0.52 67.47 -5.27
N ARG D 578 -0.17 68.35 -5.99
CA ARG D 578 -1.06 67.92 -7.05
C ARG D 578 -0.29 67.24 -8.19
N CYS D 579 0.88 67.79 -8.53
CA CYS D 579 1.69 67.16 -9.57
C CYS D 579 2.13 65.75 -9.15
N ALA D 580 2.53 65.60 -7.88
CA ALA D 580 2.92 64.29 -7.39
C ALA D 580 1.75 63.32 -7.40
N CYS D 581 0.56 63.79 -7.02
CA CYS D 581 -0.61 62.93 -7.08
C CYS D 581 -0.90 62.49 -8.51
N PHE D 582 -0.78 63.41 -9.47
CA PHE D 582 -0.96 63.03 -10.86
C PHE D 582 0.08 62.01 -11.29
N ALA D 583 1.34 62.19 -10.85
CA ALA D 583 2.38 61.25 -11.21
C ALA D 583 2.08 59.86 -10.68
N THR D 584 1.64 59.78 -9.42
CA THR D 584 1.30 58.48 -8.83
C THR D 584 0.14 57.83 -9.57
N LEU D 585 -0.90 58.61 -9.87
CA LEU D 585 -2.07 58.06 -10.56
C LEU D 585 -1.69 57.56 -11.95
N GLN D 586 -0.88 58.33 -12.67
CA GLN D 586 -0.45 57.90 -14.00
C GLN D 586 0.43 56.66 -13.93
N SER D 587 1.32 56.59 -12.95
CA SER D 587 2.17 55.41 -12.80
C SER D 587 1.32 54.17 -12.54
N GLU D 588 0.30 54.29 -11.69
CA GLU D 588 -0.57 53.14 -11.43
C GLU D 588 -1.40 52.79 -12.66
N PHE D 589 -1.88 53.80 -13.40
CA PHE D 589 -2.84 53.60 -14.48
C PHE D 589 -2.18 53.39 -15.84
N ASP D 590 -1.06 54.05 -16.09
CA ASP D 590 -0.35 53.97 -17.37
C ASP D 590 -1.27 54.31 -18.53
N CYS D 591 -1.78 55.53 -18.52
CA CYS D 591 -2.63 55.99 -19.60
C CYS D 591 -1.78 56.20 -20.86
N PRO D 592 -2.32 55.87 -22.04
CA PRO D 592 -1.56 56.12 -23.28
C PRO D 592 -1.65 57.56 -23.76
N ASP D 593 -2.57 58.36 -23.25
CA ASP D 593 -2.68 59.75 -23.65
C ASP D 593 -1.82 60.66 -22.79
N PHE D 594 -1.71 60.37 -21.50
CA PHE D 594 -0.89 61.20 -20.60
C PHE D 594 0.52 60.63 -20.47
N GLU D 595 1.16 60.37 -21.61
CA GLU D 595 2.51 59.83 -21.61
C GLU D 595 3.56 60.84 -22.03
N THR D 596 3.20 61.81 -22.88
CA THR D 596 4.11 62.92 -23.16
C THR D 596 4.35 63.73 -21.89
N LEU D 597 3.30 63.95 -21.11
CA LEU D 597 3.45 64.68 -19.85
C LEU D 597 4.38 63.95 -18.89
N ALA D 598 4.15 62.64 -18.70
CA ALA D 598 4.97 61.88 -17.78
C ALA D 598 6.42 61.82 -18.24
N SER D 599 6.64 61.59 -19.53
CA SER D 599 8.00 61.54 -20.05
C SER D 599 8.69 62.89 -19.91
N LEU D 600 7.97 63.98 -20.19
CA LEU D 600 8.55 65.31 -20.05
C LEU D 600 8.89 65.61 -18.59
N LEU D 601 8.01 65.22 -17.67
CA LEU D 601 8.28 65.46 -16.26
C LEU D 601 9.49 64.66 -15.77
N VAL D 602 9.59 63.40 -16.17
CA VAL D 602 10.74 62.60 -15.81
C VAL D 602 12.01 63.18 -16.41
N HIS D 603 11.93 63.67 -17.65
CA HIS D 603 13.08 64.30 -18.28
C HIS D 603 13.50 65.55 -17.53
N THR D 604 12.52 66.35 -17.10
CA THR D 604 12.82 67.57 -16.36
C THR D 604 13.50 67.26 -15.03
N VAL D 605 12.94 66.30 -14.28
CA VAL D 605 13.48 66.01 -12.95
C VAL D 605 14.84 65.32 -13.06
N GLU D 606 15.05 64.49 -14.09
CA GLU D 606 16.26 63.70 -14.18
C GLU D 606 17.49 64.57 -14.39
N LYS D 607 17.43 65.49 -15.35
CA LYS D 607 18.58 66.31 -15.71
C LYS D 607 18.70 67.58 -14.88
N ASN D 608 17.80 67.79 -13.92
CA ASN D 608 17.77 69.02 -13.14
C ASN D 608 17.59 68.72 -11.66
N VAL D 609 18.38 67.79 -11.13
CA VAL D 609 18.30 67.45 -9.72
C VAL D 609 19.13 68.44 -8.93
N THR D 610 18.56 69.62 -8.66
CA THR D 610 19.26 70.65 -7.89
C THR D 610 18.53 70.98 -6.60
N GLY D 611 17.28 71.39 -6.67
CA GLY D 611 16.54 71.80 -5.49
C GLY D 611 15.08 71.40 -5.54
N CYS D 612 14.77 70.32 -6.27
CA CYS D 612 13.39 69.87 -6.36
C CYS D 612 12.90 69.44 -4.98
N PRO D 613 11.66 69.77 -4.63
CA PRO D 613 11.16 69.41 -3.30
C PRO D 613 11.08 67.91 -3.11
N VAL D 614 11.23 67.48 -1.85
CA VAL D 614 11.21 66.06 -1.54
C VAL D 614 9.86 65.45 -1.87
N GLU D 615 8.78 66.24 -1.81
CA GLU D 615 7.44 65.72 -2.04
C GLU D 615 7.26 65.18 -3.46
N LEU D 616 8.16 65.52 -4.38
CA LEU D 616 8.09 64.99 -5.74
C LEU D 616 8.94 63.73 -5.91
N ILE D 617 9.89 63.47 -5.01
CA ILE D 617 10.79 62.34 -5.20
C ILE D 617 10.07 61.00 -5.16
N PRO D 618 9.21 60.70 -4.18
CA PRO D 618 8.59 59.36 -4.17
C PRO D 618 7.73 59.09 -5.39
N SER D 619 6.78 59.97 -5.71
CA SER D 619 5.84 59.69 -6.79
C SER D 619 6.56 59.53 -8.11
N VAL D 620 7.50 60.42 -8.42
CA VAL D 620 8.29 60.29 -9.63
C VAL D 620 9.01 58.94 -9.66
N GLY D 621 9.46 58.48 -8.50
CA GLY D 621 10.09 57.17 -8.43
C GLY D 621 9.19 56.07 -8.95
N LEU D 622 7.89 56.14 -8.64
CA LEU D 622 6.96 55.18 -9.20
C LEU D 622 6.94 55.26 -10.72
N LEU D 623 6.89 56.48 -11.26
CA LEU D 623 6.99 56.64 -12.71
C LEU D 623 8.31 56.08 -13.23
N CYS D 624 9.35 56.07 -12.40
CA CYS D 624 10.59 55.45 -12.80
C CYS D 624 10.49 53.93 -12.81
N VAL D 625 9.74 53.35 -11.87
CA VAL D 625 9.57 51.90 -11.84
C VAL D 625 8.85 51.44 -13.10
N ARG D 626 7.76 52.11 -13.45
CA ARG D 626 7.09 51.84 -14.70
C ARG D 626 7.93 52.37 -15.85
N THR D 627 7.60 51.90 -17.06
CA THR D 627 8.22 52.35 -18.31
C THR D 627 9.72 52.03 -18.38
N ARG D 628 10.20 51.14 -17.51
CA ARG D 628 11.58 50.62 -17.57
C ARG D 628 12.60 51.76 -17.54
N ARG D 629 12.62 52.49 -16.44
CA ARG D 629 13.55 53.60 -16.25
C ARG D 629 14.62 53.21 -15.23
N THR D 630 15.88 53.34 -15.63
CA THR D 630 17.01 53.24 -14.72
C THR D 630 17.30 54.57 -14.02
N SER D 631 16.53 55.61 -14.32
CA SER D 631 16.68 56.91 -13.70
C SER D 631 16.32 56.92 -12.23
N ALA D 632 15.72 55.85 -11.72
CA ALA D 632 15.46 55.76 -10.29
C ALA D 632 16.75 55.82 -9.48
N LEU D 633 17.88 55.49 -10.11
CA LEU D 633 19.18 55.71 -9.49
C LEU D 633 19.43 57.20 -9.30
N TYR D 634 20.25 57.53 -8.30
CA TYR D 634 20.69 58.89 -7.99
C TYR D 634 19.53 59.87 -7.86
N ILE D 635 18.31 59.38 -7.63
CA ILE D 635 17.17 60.22 -7.29
C ILE D 635 16.74 59.99 -5.85
N VAL D 636 16.33 58.77 -5.52
CA VAL D 636 16.23 58.37 -4.13
C VAL D 636 17.62 57.98 -3.66
N GLY D 637 17.98 58.37 -2.43
CA GLY D 637 19.36 58.25 -2.03
C GLY D 637 20.10 59.55 -2.25
N ASN D 638 20.77 59.66 -3.41
CA ASN D 638 21.56 60.83 -3.77
C ASN D 638 20.82 62.13 -3.45
N LYS D 639 19.52 62.19 -3.70
CA LYS D 639 18.72 63.35 -3.35
C LYS D 639 17.84 63.15 -2.13
N LEU D 640 17.61 61.90 -1.73
CA LEU D 640 16.82 61.58 -0.53
C LEU D 640 17.54 60.47 0.23
N GLU D 641 18.44 60.85 1.13
CA GLU D 641 19.26 59.90 1.87
C GLU D 641 18.95 59.86 3.35
N GLY D 642 18.77 61.01 4.00
CA GLY D 642 18.45 61.05 5.41
C GLY D 642 17.51 62.19 5.76
N ASN D 643 16.98 62.87 4.75
CA ASN D 643 16.16 64.05 4.94
C ASN D 643 14.75 63.85 4.40
N MET D 644 14.21 62.65 4.56
CA MET D 644 12.84 62.39 4.11
C MET D 644 11.81 62.65 5.19
N GLN D 645 12.23 63.13 6.36
CA GLN D 645 11.26 63.51 7.38
C GLN D 645 10.35 64.64 6.91
N GLN D 646 10.80 65.42 5.91
CA GLN D 646 10.01 66.52 5.38
C GLN D 646 8.76 66.06 4.64
N LEU D 647 8.66 64.77 4.31
CA LEU D 647 7.52 64.27 3.55
C LEU D 647 6.26 64.30 4.40
N SER D 648 5.15 64.66 3.77
CA SER D 648 3.87 64.66 4.46
C SER D 648 3.40 63.24 4.73
N ASP D 649 2.36 63.12 5.54
CA ASP D 649 1.87 61.80 5.93
C ASP D 649 1.35 61.02 4.73
N ASP D 650 0.64 61.68 3.82
CA ASP D 650 0.12 60.98 2.65
C ASP D 650 1.23 60.57 1.70
N ALA D 651 2.31 61.35 1.61
CA ALA D 651 3.41 61.03 0.72
C ALA D 651 4.27 59.89 1.23
N ILE D 652 4.13 59.50 2.50
CA ILE D 652 4.88 58.37 3.02
C ILE D 652 4.43 57.07 2.35
N GLY D 653 3.14 56.96 2.04
CA GLY D 653 2.64 55.73 1.43
C GLY D 653 3.25 55.45 0.07
N GLU D 654 3.41 56.50 -0.73
CA GLU D 654 4.04 56.31 -2.05
C GLU D 654 5.48 55.84 -1.91
N LEU D 655 6.22 56.40 -0.96
CA LEU D 655 7.59 55.96 -0.73
C LEU D 655 7.62 54.52 -0.25
N ALA D 656 6.68 54.15 0.62
CA ALA D 656 6.61 52.77 1.11
C ALA D 656 6.36 51.81 -0.03
N ARG D 657 5.40 52.13 -0.90
CA ARG D 657 5.09 51.24 -2.02
C ARG D 657 6.24 51.19 -3.01
N LEU D 658 6.97 52.29 -3.17
CA LEU D 658 8.17 52.29 -3.99
C LEU D 658 9.24 51.38 -3.39
N LEU D 659 9.43 51.44 -2.07
CA LEU D 659 10.47 50.65 -1.44
C LEU D 659 10.13 49.16 -1.46
N VAL D 660 8.87 48.81 -1.21
CA VAL D 660 8.48 47.40 -1.13
C VAL D 660 8.82 46.68 -2.44
N GLY D 661 8.43 47.25 -3.57
CA GLY D 661 8.85 46.71 -4.84
C GLY D 661 10.27 47.11 -5.17
N THR D 662 10.84 46.41 -6.14
CA THR D 662 12.20 46.67 -6.60
C THR D 662 13.18 46.75 -5.43
N GLU D 663 13.42 45.61 -4.75
CA GLU D 663 14.28 45.59 -3.58
C GLU D 663 15.67 46.14 -3.83
N ASN D 664 16.07 46.35 -5.09
CA ASN D 664 17.38 46.92 -5.36
C ASN D 664 17.47 48.37 -4.92
N LEU D 665 16.34 49.05 -4.80
CA LEU D 665 16.30 50.47 -4.47
C LEU D 665 16.17 50.74 -2.97
N ALA D 666 16.18 49.70 -2.13
CA ALA D 666 16.09 49.86 -0.70
C ALA D 666 17.39 49.39 -0.06
N THR D 667 17.99 50.24 0.76
CA THR D 667 19.27 49.97 1.40
C THR D 667 19.08 49.91 2.91
N LYS D 668 20.18 49.58 3.60
CA LYS D 668 20.14 49.43 5.05
C LYS D 668 19.79 50.75 5.74
N GLU D 669 20.54 51.81 5.41
CA GLU D 669 20.32 53.10 6.06
C GLU D 669 18.94 53.65 5.74
N LEU D 670 18.50 53.50 4.48
CA LEU D 670 17.15 53.94 4.11
C LEU D 670 16.10 53.22 4.93
N ALA D 671 16.25 51.90 5.08
CA ALA D 671 15.27 51.13 5.85
C ALA D 671 15.24 51.58 7.30
N VAL D 672 16.42 51.75 7.91
CA VAL D 672 16.48 52.13 9.32
C VAL D 672 15.84 53.49 9.53
N GLU D 673 16.21 54.48 8.71
CA GLU D 673 15.67 55.82 8.91
C GLU D 673 14.18 55.86 8.59
N PHE D 674 13.73 55.10 7.60
CA PHE D 674 12.30 55.09 7.29
C PHE D 674 11.49 54.47 8.43
N GLN D 675 12.00 53.38 9.02
CA GLN D 675 11.31 52.81 10.17
C GLN D 675 11.29 53.78 11.34
N SER D 676 12.40 54.49 11.56
CA SER D 676 12.42 55.49 12.63
C SER D 676 11.38 56.58 12.38
N VAL D 677 11.27 57.03 11.14
CA VAL D 677 10.29 58.07 10.80
C VAL D 677 8.87 57.55 11.01
N VAL D 678 8.61 56.31 10.60
CA VAL D 678 7.27 55.76 10.77
C VAL D 678 6.92 55.64 12.25
N VAL D 679 7.88 55.18 13.07
CA VAL D 679 7.65 55.12 14.51
C VAL D 679 7.39 56.50 15.08
N SER D 680 8.13 57.50 14.60
CA SER D 680 7.95 58.87 15.08
C SER D 680 6.56 59.38 14.76
N ARG D 681 6.09 59.11 13.54
CA ARG D 681 4.77 59.60 13.13
C ARG D 681 3.63 58.77 13.70
N LEU D 682 3.92 57.56 14.18
CA LEU D 682 2.87 56.68 14.69
C LEU D 682 2.20 57.26 15.93
N LEU D 683 2.98 57.86 16.83
CA LEU D 683 2.47 58.22 18.14
C LEU D 683 1.41 59.33 18.07
N ARG D 684 1.61 60.30 17.19
CA ARG D 684 0.75 61.48 17.17
C ARG D 684 -0.63 61.13 16.62
N GLN D 685 -1.54 62.08 16.73
CA GLN D 685 -2.86 61.96 16.13
C GLN D 685 -2.74 62.02 14.61
N GLN D 686 -3.84 61.64 13.94
CA GLN D 686 -3.85 61.50 12.48
C GLN D 686 -2.72 60.58 12.01
N SER D 687 -2.56 59.46 12.71
CA SER D 687 -1.51 58.51 12.38
C SER D 687 -1.77 57.87 11.02
N LEU D 688 -0.75 57.20 10.50
CA LEU D 688 -0.83 56.63 9.17
C LEU D 688 -1.78 55.44 9.15
N PRO D 689 -2.37 55.14 8.00
CA PRO D 689 -3.16 53.93 7.86
C PRO D 689 -2.30 52.71 8.05
N PRO D 690 -2.87 51.60 8.53
CA PRO D 690 -2.05 50.42 8.86
C PRO D 690 -1.24 49.87 7.70
N ASP D 691 -1.68 50.09 6.46
CA ASP D 691 -0.96 49.53 5.32
C ASP D 691 0.46 50.10 5.22
N VAL D 692 0.61 51.41 5.47
CA VAL D 692 1.91 52.05 5.30
C VAL D 692 2.90 51.54 6.34
N VAL D 693 2.48 51.46 7.60
CA VAL D 693 3.38 50.96 8.63
C VAL D 693 3.66 49.48 8.43
N ALA D 694 2.68 48.72 7.94
CA ALA D 694 2.92 47.32 7.62
C ALA D 694 3.99 47.18 6.54
N LEU D 695 3.91 48.02 5.50
CA LEU D 695 4.94 47.99 4.47
C LEU D 695 6.28 48.44 5.02
N SER D 696 6.28 49.38 5.96
CA SER D 696 7.53 49.77 6.60
C SER D 696 8.16 48.59 7.32
N ALA D 697 7.35 47.83 8.05
CA ALA D 697 7.86 46.64 8.73
C ALA D 697 8.36 45.61 7.73
N VAL D 698 7.69 45.49 6.59
CA VAL D 698 8.14 44.58 5.56
C VAL D 698 9.52 44.98 5.05
N VAL D 699 9.72 46.27 4.81
CA VAL D 699 11.02 46.75 4.35
C VAL D 699 12.08 46.50 5.41
N TRP D 700 11.71 46.68 6.68
CA TRP D 700 12.65 46.40 7.77
C TRP D 700 13.04 44.93 7.79
N LEU D 701 12.06 44.03 7.61
CA LEU D 701 12.32 42.60 7.72
C LEU D 701 13.07 42.04 6.51
N ARG D 702 12.86 42.62 5.34
CA ARG D 702 13.51 42.09 4.14
C ARG D 702 15.03 42.13 4.24
N GLN D 703 15.57 43.07 5.02
CA GLN D 703 17.02 43.20 5.12
C GLN D 703 17.64 41.98 5.79
N GLY D 704 17.02 41.48 6.86
CA GLY D 704 17.57 40.37 7.58
C GLY D 704 18.20 40.78 8.89
N ASP D 705 19.46 40.40 9.10
CA ASP D 705 20.18 40.74 10.31
C ASP D 705 21.06 41.97 10.16
N LYS D 706 21.04 42.65 9.01
CA LYS D 706 21.78 43.89 8.85
C LYS D 706 21.24 44.99 9.75
N VAL D 707 20.06 44.82 10.32
CA VAL D 707 19.51 45.75 11.30
C VAL D 707 19.39 45.00 12.61
N GLY D 708 18.88 45.66 13.64
CA GLY D 708 18.72 45.01 14.92
C GLY D 708 17.42 44.27 15.02
N THR D 709 16.59 44.60 16.01
CA THR D 709 15.27 44.03 16.14
C THR D 709 14.23 45.10 15.82
N ILE D 710 13.13 44.67 15.20
CA ILE D 710 12.08 45.60 14.81
C ILE D 710 11.46 46.20 16.07
N ASP D 711 11.22 47.50 16.04
CA ASP D 711 10.68 48.19 17.19
C ASP D 711 9.34 47.58 17.59
N GLU D 712 9.16 47.37 18.89
CA GLU D 712 7.93 46.78 19.39
C GLU D 712 6.73 47.71 19.22
N ARG D 713 6.97 49.01 19.04
CA ARG D 713 5.84 49.92 18.80
C ARG D 713 5.19 49.62 17.46
N SER D 714 5.99 49.43 16.41
CA SER D 714 5.43 49.11 15.10
C SER D 714 4.67 47.80 15.13
N VAL D 715 5.23 46.79 15.79
CA VAL D 715 4.58 45.48 15.84
C VAL D 715 3.30 45.55 16.66
N ASP D 716 3.32 46.30 17.77
CA ASP D 716 2.11 46.47 18.56
C ASP D 716 1.04 47.23 17.80
N TYR D 717 1.46 48.12 16.88
CA TYR D 717 0.48 48.78 16.03
C TYR D 717 -0.06 47.83 14.97
N ILE D 718 0.82 47.00 14.41
CA ILE D 718 0.43 46.09 13.33
C ILE D 718 -0.54 45.03 13.83
N ILE D 719 -0.28 44.46 15.01
CA ILE D 719 -1.17 43.44 15.53
C ILE D 719 -2.56 44.00 15.75
N LYS D 720 -2.65 45.25 16.21
CA LYS D 720 -3.92 45.95 16.21
C LYS D 720 -4.26 46.39 14.79
N TRP D 721 -5.55 46.61 14.54
CA TRP D 721 -6.04 46.91 13.19
C TRP D 721 -5.66 45.80 12.22
N MET D 722 -5.53 44.56 12.72
CA MET D 722 -5.05 43.47 11.89
C MET D 722 -5.96 43.21 10.72
N TYR D 723 -7.26 43.45 10.87
CA TYR D 723 -8.19 43.26 9.78
C TYR D 723 -8.07 44.33 8.70
N ALA D 724 -7.42 45.46 9.01
CA ALA D 724 -7.26 46.52 8.04
C ALA D 724 -6.09 46.28 7.09
N ILE D 725 -5.20 45.34 7.41
CA ILE D 725 -4.11 45.00 6.51
C ILE D 725 -4.66 44.27 5.29
N GLY D 726 -4.22 44.67 4.11
CA GLY D 726 -4.70 44.08 2.88
C GLY D 726 -4.25 42.63 2.71
N SER D 727 -4.46 42.12 1.50
CA SER D 727 -4.12 40.75 1.19
C SER D 727 -2.66 40.61 0.75
N SER D 728 -2.24 41.39 -0.26
CA SER D 728 -0.85 41.34 -0.68
C SER D 728 0.08 41.78 0.44
N VAL D 729 -0.35 42.70 1.28
CA VAL D 729 0.46 43.10 2.43
C VAL D 729 0.65 41.93 3.38
N TYR D 730 -0.43 41.20 3.65
CA TYR D 730 -0.35 40.02 4.50
C TYR D 730 0.61 38.99 3.90
N THR D 731 0.52 38.77 2.60
CA THR D 731 1.41 37.83 1.94
C THR D 731 2.87 38.26 2.05
N ASP D 732 3.13 39.56 1.85
CA ASP D 732 4.50 40.05 1.98
C ASP D 732 5.03 39.88 3.39
N LEU D 733 4.20 40.18 4.39
CA LEU D 733 4.62 39.98 5.77
C LEU D 733 4.94 38.52 6.05
N CYS D 734 4.07 37.61 5.59
CA CYS D 734 4.29 36.19 5.84
C CYS D 734 5.55 35.70 5.13
N LEU D 735 5.78 36.16 3.90
CA LEU D 735 6.99 35.74 3.19
C LEU D 735 8.25 36.29 3.83
N ALA D 736 8.20 37.50 4.41
CA ALA D 736 9.40 38.14 4.89
C ALA D 736 9.69 37.87 6.36
N VAL D 737 8.73 37.39 7.13
CA VAL D 737 8.94 37.22 8.56
C VAL D 737 10.05 36.21 8.87
N HIS D 738 10.35 35.30 7.96
CA HIS D 738 11.36 34.29 8.24
C HIS D 738 12.78 34.75 7.95
N LEU D 739 12.95 35.96 7.41
CA LEU D 739 14.29 36.44 7.06
C LEU D 739 15.02 37.11 8.21
N SER D 740 14.32 37.44 9.30
CA SER D 740 14.94 38.09 10.44
C SER D 740 14.64 37.30 11.70
N ALA D 741 15.67 37.00 12.48
CA ALA D 741 15.51 36.28 13.72
C ALA D 741 14.98 37.22 14.81
N SER D 742 14.74 36.66 16.00
CA SER D 742 14.29 37.41 17.17
C SER D 742 12.96 38.11 16.92
N VAL D 743 12.08 37.50 16.13
CA VAL D 743 10.74 38.01 15.89
C VAL D 743 9.76 36.88 16.22
N GLU D 744 9.02 37.04 17.31
CA GLU D 744 8.06 36.03 17.71
C GLU D 744 6.68 36.64 17.96
N SER D 745 6.65 37.90 18.41
CA SER D 745 5.37 38.56 18.62
C SER D 745 4.64 38.76 17.29
N LEU D 746 5.35 39.29 16.29
CA LEU D 746 4.74 39.48 14.98
C LEU D 746 4.34 38.15 14.37
N SER D 747 5.16 37.11 14.55
CA SER D 747 4.81 35.80 14.00
C SER D 747 3.63 35.19 14.74
N ASN D 748 3.58 35.34 16.07
CA ASN D 748 2.42 34.85 16.81
C ASN D 748 1.15 35.55 16.36
N ALA D 749 1.24 36.83 16.02
CA ALA D 749 0.07 37.51 15.48
C ALA D 749 -0.24 37.05 14.06
N LEU D 750 0.79 36.81 13.25
CA LEU D 750 0.57 36.40 11.86
C LEU D 750 -0.12 35.05 11.78
N ILE D 751 0.42 34.04 12.46
CA ILE D 751 -0.28 32.77 12.43
C ILE D 751 -1.27 32.78 13.59
N ASP D 752 -2.29 33.61 13.46
CA ASP D 752 -3.53 33.53 14.21
C ASP D 752 -4.74 33.88 13.37
N ASP D 753 -4.56 34.65 12.30
CA ASP D 753 -5.63 35.13 11.44
C ASP D 753 -5.82 34.28 10.19
N LEU D 754 -4.95 33.30 9.97
CA LEU D 754 -5.08 32.45 8.79
C LEU D 754 -6.44 31.79 8.68
N PRO D 755 -7.04 31.23 9.75
CA PRO D 755 -8.41 30.71 9.61
C PRO D 755 -9.40 31.78 9.18
N ARG D 756 -9.21 33.03 9.63
CA ARG D 756 -10.07 34.11 9.17
C ARG D 756 -9.70 34.56 7.77
N ARG D 757 -8.44 34.43 7.39
CA ARG D 757 -7.93 34.90 6.11
C ARG D 757 -8.03 33.84 5.01
N LEU D 758 -8.78 32.75 5.25
CA LEU D 758 -8.85 31.68 4.28
C LEU D 758 -9.46 32.14 2.97
N GLU D 759 -10.72 32.58 3.01
CA GLU D 759 -11.48 32.85 1.80
C GLU D 759 -11.19 34.19 1.16
N LEU D 760 -10.35 35.02 1.80
CA LEU D 760 -10.03 36.34 1.24
C LEU D 760 -8.78 36.33 0.38
N LEU D 761 -8.09 35.20 0.26
CA LEU D 761 -6.86 35.11 -0.50
C LEU D 761 -7.05 34.21 -1.71
N THR D 762 -6.35 34.54 -2.79
CA THR D 762 -6.30 33.64 -3.93
C THR D 762 -5.43 32.44 -3.60
N THR D 763 -5.45 31.45 -4.49
CA THR D 763 -4.69 30.22 -4.23
C THR D 763 -3.19 30.51 -4.15
N ASN D 764 -2.67 31.34 -5.06
CA ASN D 764 -1.25 31.66 -5.04
C ASN D 764 -0.87 32.34 -3.74
N GLU D 765 -1.67 33.30 -3.28
CA GLU D 765 -1.38 33.96 -2.02
C GLU D 765 -1.51 33.03 -0.84
N MET D 766 -2.45 32.08 -0.89
CA MET D 766 -2.56 31.09 0.18
C MET D 766 -1.30 30.24 0.27
N ALA D 767 -0.81 29.77 -0.88
CA ALA D 767 0.43 29.00 -0.89
C ALA D 767 1.60 29.84 -0.38
N ASN D 768 1.69 31.10 -0.82
CA ASN D 768 2.78 31.95 -0.37
C ASN D 768 2.75 32.16 1.13
N ALA D 769 1.58 32.47 1.69
CA ALA D 769 1.47 32.72 3.12
C ALA D 769 1.81 31.48 3.93
N ILE D 770 1.30 30.32 3.53
CA ILE D 770 1.58 29.12 4.31
C ILE D 770 3.05 28.74 4.22
N PHE D 771 3.64 28.83 3.02
CA PHE D 771 5.07 28.55 2.90
C PHE D 771 5.90 29.53 3.71
N GLY D 772 5.49 30.79 3.75
CA GLY D 772 6.24 31.78 4.52
C GLY D 772 6.18 31.50 6.02
N LEU D 773 5.00 31.18 6.54
CA LEU D 773 4.90 30.84 7.96
C LEU D 773 5.54 29.49 8.28
N GLY D 774 5.75 28.64 7.27
CA GLY D 774 6.31 27.33 7.50
C GLY D 774 7.78 27.30 7.83
N GLU D 775 8.33 28.43 8.29
CA GLU D 775 9.65 28.45 8.92
C GLU D 775 9.60 28.96 10.35
N VAL D 776 8.97 30.11 10.57
CA VAL D 776 8.88 30.64 11.92
C VAL D 776 7.96 29.76 12.77
N SER D 777 6.79 29.39 12.25
CA SER D 777 5.93 28.50 13.02
C SER D 777 6.57 27.14 13.21
N ASP D 778 7.40 26.70 12.26
CA ASP D 778 8.16 25.46 12.45
C ASP D 778 9.11 25.59 13.63
N MET D 779 9.80 26.72 13.73
CA MET D 779 10.66 26.95 14.89
C MET D 779 9.86 27.00 16.17
N GLY D 780 8.64 27.54 16.12
CA GLY D 780 7.76 27.51 17.26
C GLY D 780 7.33 26.11 17.64
N ALA D 781 6.54 25.47 16.76
CA ALA D 781 6.05 24.10 16.97
C ALA D 781 5.35 23.96 18.31
N ARG D 782 4.57 24.97 18.67
CA ARG D 782 3.88 25.00 19.96
C ARG D 782 2.53 24.32 19.84
N LEU D 783 1.70 24.49 20.87
CA LEU D 783 0.34 23.95 20.86
C LEU D 783 -0.66 24.87 20.17
N SER D 784 -0.45 26.18 20.28
CA SER D 784 -1.36 27.12 19.62
C SER D 784 -1.31 26.96 18.11
N HIS D 785 -0.20 26.50 17.55
CA HIS D 785 -0.10 26.24 16.12
C HIS D 785 -0.49 24.80 15.80
N GLN D 786 -1.60 24.35 16.37
CA GLN D 786 -2.19 23.07 16.03
C GLN D 786 -3.63 23.21 15.57
N LEU D 787 -4.45 23.96 16.30
CA LEU D 787 -5.80 24.25 15.85
C LEU D 787 -5.79 24.96 14.52
N VAL D 788 -4.91 25.95 14.38
CA VAL D 788 -4.83 26.70 13.13
C VAL D 788 -4.39 25.80 11.99
N ALA D 789 -3.38 24.96 12.23
CA ALA D 789 -2.90 24.07 11.19
C ALA D 789 -3.98 23.08 10.77
N GLU D 790 -4.72 22.53 11.72
CA GLU D 790 -5.78 21.58 11.38
C GLU D 790 -6.91 22.26 10.62
N ARG D 791 -7.29 23.47 11.02
CA ARG D 791 -8.34 24.18 10.32
C ARG D 791 -7.92 24.53 8.89
N CYS D 792 -6.68 24.98 8.72
CA CYS D 792 -6.18 25.25 7.37
C CYS D 792 -6.13 23.98 6.55
N SER D 793 -5.75 22.86 7.17
CA SER D 793 -5.72 21.58 6.46
C SER D 793 -7.11 21.19 5.99
N ASP D 794 -8.11 21.32 6.87
CA ASP D 794 -9.47 20.98 6.48
C ASP D 794 -9.96 21.88 5.35
N TYR D 795 -9.73 23.19 5.47
CA TYR D 795 -10.20 24.10 4.43
C TYR D 795 -9.53 23.80 3.10
N VAL D 796 -8.22 23.54 3.11
CA VAL D 796 -7.50 23.34 1.86
C VAL D 796 -7.61 21.92 1.32
N VAL D 797 -8.17 20.99 2.08
CA VAL D 797 -8.47 19.68 1.54
C VAL D 797 -9.91 19.60 1.04
N ASP D 798 -10.81 20.41 1.60
CA ASP D 798 -12.16 20.48 1.06
C ASP D 798 -12.13 21.01 -0.36
N HIS D 799 -11.67 22.25 -0.53
CA HIS D 799 -11.66 22.91 -1.83
C HIS D 799 -10.35 22.63 -2.58
N SER D 800 -10.03 21.35 -2.72
CA SER D 800 -8.81 20.94 -3.39
C SER D 800 -8.98 20.74 -4.88
N GLN D 801 -10.18 20.92 -5.41
CA GLN D 801 -10.42 20.79 -6.84
C GLN D 801 -10.15 22.07 -7.60
N GLU D 802 -9.77 23.14 -6.90
CA GLU D 802 -9.50 24.42 -7.54
C GLU D 802 -8.01 24.69 -7.75
N PHE D 803 -7.14 24.03 -7.01
CA PHE D 803 -5.71 24.22 -7.19
C PHE D 803 -5.29 23.59 -8.51
N TRP D 804 -4.94 24.42 -9.48
CA TRP D 804 -4.66 23.95 -10.82
C TRP D 804 -3.20 24.06 -11.21
N SER D 805 -2.35 24.64 -10.37
CA SER D 805 -0.95 24.83 -10.69
C SER D 805 -0.10 23.97 -9.78
N GLY D 806 0.90 23.30 -10.37
CA GLY D 806 1.73 22.40 -9.58
C GLY D 806 2.53 23.12 -8.50
N LYS D 807 3.09 24.28 -8.82
CA LYS D 807 3.95 24.97 -7.86
C LYS D 807 3.17 25.41 -6.62
N VAL D 808 1.94 25.90 -6.81
CA VAL D 808 1.13 26.29 -5.67
C VAL D 808 0.82 25.09 -4.79
N ILE D 809 0.45 23.97 -5.40
CA ILE D 809 0.15 22.75 -4.65
C ILE D 809 1.37 22.32 -3.85
N ALA D 810 2.53 22.29 -4.50
CA ALA D 810 3.71 21.75 -3.84
C ALA D 810 4.21 22.68 -2.74
N ARG D 811 4.15 23.99 -2.96
CA ARG D 811 4.55 24.90 -1.89
C ARG D 811 3.58 24.83 -0.72
N LEU D 812 2.28 24.61 -1.00
CA LEU D 812 1.34 24.38 0.07
C LEU D 812 1.70 23.13 0.88
N LEU D 813 2.05 22.04 0.17
CA LEU D 813 2.44 20.81 0.86
C LEU D 813 3.67 21.03 1.70
N TYR D 814 4.68 21.73 1.16
CA TYR D 814 5.90 21.98 1.91
C TYR D 814 5.62 22.82 3.15
N GLY D 815 4.79 23.85 3.00
CA GLY D 815 4.46 24.68 4.15
C GLY D 815 3.73 23.90 5.22
N PHE D 816 2.85 22.97 4.82
CA PHE D 816 2.16 22.17 5.82
C PHE D 816 3.04 21.09 6.42
N SER D 817 4.06 20.63 5.69
CA SER D 817 4.99 19.66 6.28
C SER D 817 5.90 20.32 7.29
N ARG D 818 6.41 21.51 6.98
CA ARG D 818 7.23 22.24 7.93
C ARG D 818 6.36 23.00 8.91
N MET D 819 5.34 22.34 9.45
CA MET D 819 4.53 22.88 10.52
C MET D 819 4.14 21.82 11.52
N HIS D 820 4.62 20.58 11.36
CA HIS D 820 4.31 19.48 12.27
C HIS D 820 2.80 19.27 12.38
N CYS D 821 2.12 19.39 11.25
CA CYS D 821 0.71 18.99 11.11
C CYS D 821 0.70 17.96 9.99
N THR D 822 0.96 16.71 10.34
CA THR D 822 1.06 15.62 9.37
C THR D 822 -0.20 14.77 9.45
N LYS D 823 -1.04 14.89 8.44
CA LYS D 823 -2.25 14.09 8.31
C LYS D 823 -2.08 13.14 7.13
N ARG D 824 -3.10 12.36 6.87
CA ARG D 824 -3.15 11.57 5.65
C ARG D 824 -4.01 12.21 4.57
N SER D 825 -5.09 12.88 4.97
CA SER D 825 -6.00 13.47 3.99
C SER D 825 -5.28 14.51 3.13
N LEU D 826 -4.61 15.48 3.78
CA LEU D 826 -4.03 16.58 3.04
C LEU D 826 -2.95 16.13 2.07
N TYR D 827 -2.34 14.97 2.31
CA TYR D 827 -1.34 14.46 1.38
C TYR D 827 -1.93 13.46 0.40
N ASN D 828 -2.89 12.64 0.83
CA ASN D 828 -3.54 11.71 -0.09
C ASN D 828 -4.26 12.45 -1.20
N VAL D 829 -5.06 13.46 -0.85
CA VAL D 829 -5.84 14.16 -1.86
C VAL D 829 -4.93 14.89 -2.84
N PHE D 830 -3.95 15.62 -2.31
CA PHE D 830 -3.04 16.38 -3.17
C PHE D 830 -2.00 15.51 -3.86
N ALA D 831 -1.93 14.22 -3.54
CA ALA D 831 -1.07 13.35 -4.33
C ALA D 831 -1.69 12.98 -5.66
N THR D 832 -3.02 12.86 -5.73
CA THR D 832 -3.72 12.61 -6.98
C THR D 832 -4.02 13.90 -7.73
N ARG D 833 -4.43 14.95 -7.01
CA ARG D 833 -4.61 16.26 -7.62
C ARG D 833 -3.35 16.74 -8.31
N LEU D 834 -2.19 16.24 -7.91
CA LEU D 834 -0.91 16.54 -8.53
C LEU D 834 -0.59 15.58 -9.65
N ALA D 835 -1.52 14.68 -10.01
CA ALA D 835 -1.23 13.63 -10.97
C ALA D 835 -2.03 13.74 -12.26
N HIS D 836 -3.00 14.64 -12.34
CA HIS D 836 -3.75 14.83 -13.58
C HIS D 836 -2.82 15.36 -14.66
N ARG D 837 -3.05 14.91 -15.89
CA ARG D 837 -2.20 15.32 -17.00
C ARG D 837 -2.13 16.84 -17.18
N PRO D 838 -3.21 17.61 -17.03
CA PRO D 838 -3.04 19.07 -17.07
C PRO D 838 -2.22 19.63 -15.92
N VAL D 839 -2.47 19.16 -14.69
CA VAL D 839 -1.71 19.66 -13.54
C VAL D 839 -0.25 19.22 -13.63
N PHE D 840 -0.03 17.96 -14.01
CA PHE D 840 1.32 17.46 -14.21
C PHE D 840 1.88 18.06 -15.49
N SER D 841 3.11 17.68 -15.83
CA SER D 841 3.79 18.13 -17.04
C SER D 841 4.04 19.63 -17.02
N LEU D 842 3.65 20.30 -15.93
CA LEU D 842 3.99 21.70 -15.71
C LEU D 842 5.03 21.84 -14.60
N LEU D 843 5.49 20.73 -14.06
CA LEU D 843 6.47 20.74 -12.98
C LEU D 843 7.88 20.74 -13.54
N ASP D 844 8.77 21.50 -12.90
CA ASP D 844 10.16 21.56 -13.36
C ASP D 844 11.04 22.08 -12.24
N GLN D 845 11.99 21.26 -11.79
CA GLN D 845 13.07 21.66 -10.88
C GLN D 845 12.55 22.31 -9.62
N GLU D 846 11.24 22.31 -9.41
CA GLU D 846 10.51 22.95 -8.34
C GLU D 846 9.08 22.49 -8.48
N ALA D 847 8.40 22.35 -7.35
CA ALA D 847 7.14 21.64 -7.28
C ALA D 847 7.36 20.15 -7.52
N ILE D 848 8.60 19.79 -7.84
CA ILE D 848 9.05 18.41 -7.77
C ILE D 848 9.95 18.19 -6.56
N SER D 849 10.98 19.01 -6.42
CA SER D 849 11.80 18.98 -5.21
C SER D 849 10.98 19.36 -3.99
N PHE D 850 10.13 20.38 -4.11
CA PHE D 850 9.23 20.73 -3.02
C PHE D 850 8.27 19.58 -2.72
N ALA D 851 7.69 18.98 -3.75
CA ALA D 851 6.76 17.88 -3.54
C ALA D 851 7.47 16.67 -2.92
N ILE D 852 8.67 16.36 -3.41
CA ILE D 852 9.41 15.22 -2.86
C ILE D 852 9.75 15.47 -1.40
N ALA D 853 10.25 16.66 -1.08
CA ALA D 853 10.62 16.97 0.29
C ALA D 853 9.42 17.16 1.19
N ALA D 854 8.22 17.36 0.64
CA ALA D 854 7.02 17.40 1.47
C ALA D 854 6.38 16.02 1.62
N PHE D 855 6.71 15.10 0.74
CA PHE D 855 6.37 13.69 0.93
C PHE D 855 7.45 12.98 1.75
N GLY D 856 8.71 13.23 1.44
CA GLY D 856 9.81 12.62 2.15
C GLY D 856 10.10 13.26 3.49
N ARG D 857 9.10 13.95 4.05
CA ARG D 857 9.19 14.47 5.41
C ARG D 857 8.09 13.94 6.30
N VAL D 858 6.96 13.51 5.73
CA VAL D 858 5.90 12.86 6.48
C VAL D 858 5.69 11.42 6.04
N LYS D 859 6.56 10.91 5.16
CA LYS D 859 6.59 9.50 4.79
C LYS D 859 5.25 9.05 4.20
N TYR D 860 4.94 9.61 3.04
CA TYR D 860 3.72 9.28 2.30
C TYR D 860 4.07 8.99 0.84
N LEU D 861 5.02 8.08 0.64
CA LEU D 861 5.39 7.68 -0.72
C LEU D 861 4.18 7.17 -1.48
N ASP D 862 4.02 7.65 -2.71
CA ASP D 862 3.05 7.11 -3.67
C ASP D 862 3.83 6.53 -4.84
N LYS D 863 3.65 5.23 -5.08
CA LYS D 863 4.56 4.51 -5.97
C LYS D 863 4.55 5.09 -7.38
N LYS D 864 3.36 5.25 -7.96
CA LYS D 864 3.30 5.72 -9.34
C LYS D 864 3.72 7.18 -9.46
N LEU D 865 3.27 8.02 -8.53
CA LEU D 865 3.64 9.43 -8.57
C LEU D 865 5.15 9.59 -8.42
N PHE D 866 5.75 8.85 -7.51
CA PHE D 866 7.18 8.97 -7.34
C PHE D 866 7.92 8.41 -8.54
N ASP D 867 7.40 7.34 -9.14
CA ASP D 867 8.02 6.83 -10.36
C ASP D 867 8.05 7.90 -11.43
N ARG D 868 6.94 8.62 -11.59
CA ARG D 868 6.92 9.70 -12.58
C ARG D 868 7.87 10.83 -12.19
N PHE D 869 7.92 11.19 -10.91
CA PHE D 869 8.84 12.22 -10.46
C PHE D 869 10.28 11.83 -10.76
N THR D 870 10.67 10.60 -10.43
CA THR D 870 12.04 10.17 -10.64
C THR D 870 12.36 10.04 -12.12
N ARG D 871 11.38 9.65 -12.94
CA ARG D 871 11.62 9.64 -14.38
C ARG D 871 11.89 11.06 -14.90
N TRP D 872 11.09 12.02 -14.45
CA TRP D 872 11.33 13.41 -14.84
C TRP D 872 12.72 13.87 -14.42
N ILE D 873 13.09 13.57 -13.18
CA ILE D 873 14.38 14.02 -12.66
C ILE D 873 15.52 13.38 -13.42
N LEU D 874 15.43 12.07 -13.66
CA LEU D 874 16.46 11.41 -14.46
C LEU D 874 16.53 11.97 -15.87
N ASP D 875 15.41 12.49 -16.38
CA ASP D 875 15.43 13.07 -17.72
C ASP D 875 16.18 14.41 -17.71
N HIS D 876 15.70 15.37 -16.92
CA HIS D 876 16.31 16.70 -16.87
C HIS D 876 17.22 16.82 -15.65
N SER D 877 18.21 15.94 -15.54
CA SER D 877 19.07 15.90 -14.37
C SER D 877 20.29 16.81 -14.49
N LYS D 878 20.54 17.40 -15.66
CA LYS D 878 21.72 18.22 -15.85
C LYS D 878 21.54 19.64 -15.29
N ASP D 879 20.34 20.03 -14.93
CA ASP D 879 20.04 21.41 -14.56
C ASP D 879 19.25 21.48 -13.28
N LEU D 880 19.67 20.71 -12.28
CA LEU D 880 19.19 20.87 -10.90
C LEU D 880 20.31 21.50 -10.09
N ASN D 881 20.04 22.66 -9.51
CA ASN D 881 21.06 23.36 -8.75
C ASN D 881 21.15 22.79 -7.34
N ALA D 882 22.05 23.34 -6.54
CA ALA D 882 22.06 23.05 -5.12
C ALA D 882 20.76 23.57 -4.50
N ALA D 883 20.49 23.13 -3.28
CA ALA D 883 19.24 23.32 -2.56
C ALA D 883 18.11 22.54 -3.20
N GLU D 884 18.34 21.88 -4.33
CA GLU D 884 17.42 20.90 -4.88
C GLU D 884 17.93 19.49 -4.64
N LEU D 885 19.19 19.23 -5.01
CA LEU D 885 19.80 17.93 -4.76
C LEU D 885 19.69 17.56 -3.30
N LEU D 886 19.90 18.51 -2.40
CA LEU D 886 19.64 18.25 -0.99
C LEU D 886 18.15 18.00 -0.75
N LEU D 887 17.30 18.88 -1.28
CA LEU D 887 15.87 18.79 -1.02
C LEU D 887 15.24 17.55 -1.62
N THR D 888 15.85 16.96 -2.65
CA THR D 888 15.30 15.74 -3.24
C THR D 888 16.00 14.49 -2.73
N ILE D 889 17.28 14.56 -2.38
CA ILE D 889 17.96 13.39 -1.82
C ILE D 889 17.46 13.12 -0.41
N ARG D 890 17.29 14.17 0.40
CA ARG D 890 16.72 13.95 1.72
C ARG D 890 15.25 13.60 1.67
N GLY D 891 14.61 13.69 0.51
CA GLY D 891 13.21 13.35 0.41
C GLY D 891 12.98 11.96 -0.12
N VAL D 892 13.71 11.57 -1.17
CA VAL D 892 13.56 10.24 -1.75
C VAL D 892 14.29 9.17 -0.96
N SER D 893 14.96 9.55 0.13
CA SER D 893 15.62 8.58 1.01
C SER D 893 14.93 8.43 2.36
N ARG D 894 14.03 9.34 2.72
CA ARG D 894 13.16 9.10 3.87
C ARG D 894 11.92 8.33 3.48
N VAL D 895 11.84 7.89 2.23
CA VAL D 895 10.82 6.95 1.78
C VAL D 895 11.43 5.67 1.23
N MET D 896 12.76 5.57 1.20
CA MET D 896 13.47 4.31 0.96
C MET D 896 13.13 3.74 -0.43
N LEU D 897 13.56 4.47 -1.44
CA LEU D 897 13.57 4.00 -2.82
C LEU D 897 15.00 3.78 -3.26
N LEU D 898 15.30 2.58 -3.75
CA LEU D 898 16.64 2.27 -4.22
C LEU D 898 16.72 2.39 -5.75
N ASN D 899 16.48 3.59 -6.25
CA ASN D 899 16.67 3.85 -7.68
C ASN D 899 18.16 3.92 -7.97
N ASP D 900 18.69 2.87 -8.61
CA ASP D 900 20.13 2.81 -8.85
C ASP D 900 20.60 4.00 -9.67
N GLN D 901 19.95 4.25 -10.81
CA GLN D 901 20.39 5.34 -11.68
C GLN D 901 20.16 6.69 -11.04
N LEU D 902 19.03 6.87 -10.35
CA LEU D 902 18.74 8.16 -9.74
C LEU D 902 19.77 8.53 -8.68
N TYR D 903 20.08 7.59 -7.78
CA TYR D 903 21.08 7.85 -6.77
C TYR D 903 22.46 8.01 -7.39
N ASP D 904 22.79 7.17 -8.38
CA ASP D 904 24.09 7.26 -9.01
C ASP D 904 24.29 8.57 -9.77
N ASP D 905 23.21 9.22 -10.19
CA ASP D 905 23.32 10.52 -10.83
C ASP D 905 23.30 11.67 -9.83
N LEU D 906 22.41 11.62 -8.84
CA LEU D 906 22.35 12.69 -7.86
C LEU D 906 23.62 12.75 -7.03
N GLY D 907 24.21 11.59 -6.71
CA GLY D 907 25.48 11.60 -6.01
C GLY D 907 26.56 12.30 -6.80
N SER D 908 26.67 11.98 -8.08
CA SER D 908 27.69 12.63 -8.91
C SER D 908 27.44 14.13 -9.04
N LYS D 909 26.17 14.52 -9.21
CA LYS D 909 25.86 15.94 -9.35
C LYS D 909 26.16 16.70 -8.07
N ALA D 910 25.91 16.10 -6.90
CA ALA D 910 26.30 16.72 -5.64
C ALA D 910 27.80 16.66 -5.41
N ALA D 911 28.49 15.71 -6.05
CA ALA D 911 29.95 15.69 -5.98
C ALA D 911 30.55 16.85 -6.76
N GLU D 912 30.00 17.14 -7.94
CA GLU D 912 30.49 18.28 -8.71
C GLU D 912 30.24 19.59 -7.96
N LYS D 913 29.07 19.71 -7.34
CA LYS D 913 28.69 20.90 -6.57
C LYS D 913 28.90 20.60 -5.10
N VAL D 914 30.09 20.87 -4.59
CA VAL D 914 30.42 20.63 -3.19
C VAL D 914 30.60 21.93 -2.41
N LYS D 915 31.20 22.94 -3.03
CA LYS D 915 31.45 24.19 -2.33
C LYS D 915 30.16 24.88 -1.91
N GLU D 916 29.13 24.81 -2.77
CA GLU D 916 27.89 25.53 -2.49
C GLU D 916 27.19 24.99 -1.25
N PHE D 917 27.34 23.72 -0.95
CA PHE D 917 26.65 23.15 0.20
C PHE D 917 27.27 23.66 1.48
N PRO D 918 26.47 24.08 2.46
CA PRO D 918 27.00 24.36 3.79
C PRO D 918 27.39 23.09 4.51
N ILE D 919 28.01 23.25 5.67
CA ILE D 919 28.51 22.10 6.41
C ILE D 919 27.36 21.22 6.88
N GLU D 920 26.34 21.82 7.48
CA GLU D 920 25.20 21.04 7.94
C GLU D 920 24.52 20.33 6.78
N SER D 921 24.47 20.98 5.62
CA SER D 921 23.92 20.32 4.44
C SER D 921 24.77 19.12 4.04
N GLN D 922 26.08 19.24 4.12
CA GLN D 922 26.94 18.11 3.79
C GLN D 922 26.71 16.95 4.74
N CYS D 923 26.60 17.25 6.04
CA CYS D 923 26.33 16.19 7.02
C CYS D 923 24.99 15.53 6.74
N VAL D 924 23.96 16.32 6.42
CA VAL D 924 22.64 15.75 6.18
C VAL D 924 22.63 14.93 4.90
N LEU D 925 23.37 15.37 3.88
CA LEU D 925 23.45 14.60 2.65
C LEU D 925 24.12 13.25 2.88
N LEU D 926 25.22 13.24 3.64
CA LEU D 926 25.88 11.98 3.96
C LEU D 926 24.98 11.08 4.79
N SER D 927 24.24 11.65 5.74
CA SER D 927 23.30 10.85 6.53
C SER D 927 22.21 10.26 5.66
N SER D 928 21.68 11.05 4.72
CA SER D 928 20.63 10.55 3.84
C SER D 928 21.11 9.41 2.95
N PHE D 929 22.32 9.54 2.41
CA PHE D 929 22.85 8.44 1.60
C PHE D 929 23.17 7.23 2.45
N GLY D 930 23.62 7.44 3.69
CA GLY D 930 24.01 6.33 4.54
C GLY D 930 22.85 5.61 5.21
N SER D 931 21.70 6.25 5.31
CA SER D 931 20.56 5.62 5.97
C SER D 931 20.14 4.35 5.25
N LEU D 932 20.04 4.39 3.92
CA LEU D 932 19.69 3.21 3.15
C LEU D 932 20.86 2.26 3.02
N GLY D 933 22.06 2.79 2.86
CA GLY D 933 23.22 1.99 2.54
C GLY D 933 23.69 2.10 1.12
N VAL D 934 23.21 3.09 0.36
CA VAL D 934 23.54 3.22 -1.04
C VAL D 934 24.95 3.79 -1.13
N GLU D 935 25.92 2.93 -1.35
CA GLU D 935 27.31 3.35 -1.38
C GLU D 935 27.58 4.23 -2.60
N HIS D 936 28.40 5.27 -2.40
CA HIS D 936 28.85 6.12 -3.49
C HIS D 936 30.24 6.63 -3.11
N GLU D 937 31.28 5.96 -3.61
CA GLU D 937 32.64 6.28 -3.22
C GLU D 937 33.03 7.70 -3.66
N ARG D 938 32.66 8.07 -4.89
CA ARG D 938 33.05 9.39 -5.39
C ARG D 938 32.44 10.50 -4.56
N LEU D 939 31.15 10.38 -4.22
CA LEU D 939 30.48 11.41 -3.42
C LEU D 939 31.16 11.57 -2.06
N ALA D 940 31.40 10.46 -1.36
CA ALA D 940 31.99 10.55 -0.04
C ALA D 940 33.43 11.08 -0.12
N SER D 941 34.19 10.64 -1.11
CA SER D 941 35.57 11.10 -1.23
C SER D 941 35.63 12.60 -1.52
N ARG D 942 34.72 13.09 -2.36
CA ARG D 942 34.68 14.52 -2.67
C ARG D 942 33.94 15.34 -1.62
N MET D 943 33.29 14.69 -0.66
CA MET D 943 32.49 15.40 0.33
C MET D 943 33.12 15.46 1.71
N VAL D 944 33.87 14.43 2.11
CA VAL D 944 34.46 14.44 3.44
C VAL D 944 35.65 15.41 3.52
N SER D 945 36.27 15.72 2.39
CA SER D 945 37.35 16.70 2.38
C SER D 945 36.84 18.07 2.83
N SER D 946 35.65 18.44 2.37
CA SER D 946 35.08 19.73 2.76
C SER D 946 34.84 19.81 4.25
N ILE D 947 34.31 18.73 4.84
CA ILE D 947 34.05 18.73 6.28
C ILE D 947 35.36 18.70 7.06
N ALA D 948 36.38 18.02 6.53
CA ALA D 948 37.68 18.01 7.19
C ALA D 948 38.31 19.39 7.20
N GLU D 949 38.30 20.07 6.04
CA GLU D 949 38.91 21.40 5.97
C GLU D 949 38.19 22.39 6.87
N ASN D 950 36.86 22.34 6.89
CA ASN D 950 36.05 23.26 7.68
C ASN D 950 35.64 22.64 9.01
N ARG D 951 36.55 21.85 9.57
CA ARG D 951 36.24 21.06 10.76
C ARG D 951 35.85 21.92 11.95
N GLU D 952 36.49 23.07 12.12
CA GLU D 952 36.32 23.86 13.34
C GLU D 952 34.92 24.47 13.48
N GLU D 953 34.10 24.45 12.43
CA GLU D 953 32.80 25.07 12.49
C GLU D 953 31.70 24.17 13.04
N LEU D 954 31.98 22.89 13.26
CA LEU D 954 30.97 22.00 13.80
C LEU D 954 30.57 22.45 15.20
N THR D 955 29.29 22.31 15.52
CA THR D 955 28.77 22.85 16.77
C THR D 955 29.43 22.22 17.98
N ASP D 956 29.67 20.91 17.93
CA ASP D 956 30.44 20.23 18.98
C ASP D 956 31.00 18.94 18.37
N ALA D 957 31.50 18.05 19.23
CA ALA D 957 32.19 16.85 18.76
C ALA D 957 31.24 15.70 18.41
N THR D 958 29.97 15.79 18.81
CA THR D 958 29.03 14.74 18.45
C THR D 958 28.86 14.64 16.94
N LYS D 959 28.79 15.78 16.26
CA LYS D 959 28.55 15.77 14.82
C LYS D 959 29.69 15.12 14.06
N ALA D 960 30.92 15.20 14.57
CA ALA D 960 32.02 14.52 13.91
C ALA D 960 31.83 13.01 13.95
N VAL D 961 31.41 12.48 15.10
CA VAL D 961 31.16 11.04 15.19
C VAL D 961 29.95 10.67 14.34
N ASP D 962 28.98 11.57 14.21
CA ASP D 962 27.86 11.31 13.32
C ASP D 962 28.32 11.21 11.88
N VAL D 963 29.21 12.11 11.46
CA VAL D 963 29.76 12.05 10.11
C VAL D 963 30.51 10.74 9.91
N ILE D 964 31.34 10.35 10.88
CA ILE D 964 32.11 9.11 10.73
C ILE D 964 31.19 7.90 10.65
N THR D 965 30.17 7.83 11.52
CA THR D 965 29.25 6.71 11.52
C THR D 965 28.49 6.62 10.20
N SER D 966 27.86 7.72 9.78
CA SER D 966 27.10 7.69 8.54
C SER D 966 27.99 7.64 7.31
N LEU D 967 29.30 7.81 7.47
CA LEU D 967 30.22 7.53 6.38
C LEU D 967 30.62 6.06 6.36
N TRP D 968 30.55 5.39 7.51
CA TRP D 968 30.81 3.96 7.56
C TRP D 968 29.66 3.15 6.97
N SER D 969 28.42 3.56 7.25
CA SER D 969 27.27 2.82 6.75
C SER D 969 27.27 2.72 5.24
N MET D 970 27.83 3.71 4.57
CA MET D 970 27.96 3.67 3.12
C MET D 970 29.04 2.71 2.66
N ASN D 971 29.58 1.88 3.54
CA ASN D 971 30.66 0.95 3.20
C ASN D 971 31.86 1.68 2.62
N TYR D 972 32.16 2.85 3.16
CA TYR D 972 33.37 3.60 2.85
C TYR D 972 34.39 3.32 3.94
N ASP D 973 35.54 2.75 3.56
CA ASP D 973 36.53 2.33 4.54
C ASP D 973 37.09 3.51 5.30
N VAL D 974 36.71 3.64 6.58
CA VAL D 974 37.19 4.73 7.41
C VAL D 974 38.68 4.61 7.74
N GLU D 975 39.29 3.46 7.45
CA GLU D 975 40.72 3.29 7.61
C GLU D 975 41.52 3.93 6.49
N ASP D 976 40.85 4.62 5.56
CA ASP D 976 41.47 5.21 4.38
C ASP D 976 42.14 6.53 4.72
N ASP D 977 42.40 7.34 3.68
CA ASP D 977 43.20 8.54 3.77
C ASP D 977 42.83 9.41 4.97
N LYS D 978 43.81 10.20 5.41
CA LYS D 978 43.81 10.88 6.70
C LYS D 978 42.58 11.76 6.94
N HIS D 979 41.73 11.97 5.93
CA HIS D 979 40.61 12.87 6.11
C HIS D 979 39.70 12.42 7.26
N VAL D 980 39.44 11.12 7.34
CA VAL D 980 38.69 10.61 8.47
C VAL D 980 39.49 10.74 9.75
N ALA D 981 40.81 10.56 9.65
CA ALA D 981 41.67 10.64 10.83
C ALA D 981 41.67 12.04 11.43
N GLN D 982 41.52 13.07 10.60
CA GLN D 982 41.45 14.43 11.13
C GLN D 982 40.23 14.61 12.03
N LEU D 983 39.07 14.14 11.59
CA LEU D 983 37.88 14.22 12.43
C LEU D 983 38.02 13.36 13.67
N ALA D 984 38.63 12.17 13.53
CA ALA D 984 38.83 11.32 14.69
C ALA D 984 39.71 12.01 15.73
N ASP D 985 40.81 12.62 15.29
CA ASP D 985 41.68 13.34 16.21
C ASP D 985 40.99 14.55 16.80
N TRP D 986 40.17 15.23 16.01
CA TRP D 986 39.40 16.35 16.54
C TRP D 986 38.49 15.91 17.66
N VAL D 987 37.83 14.77 17.49
CA VAL D 987 37.03 14.19 18.57
C VAL D 987 37.92 13.91 19.77
N VAL D 988 39.13 13.38 19.51
CA VAL D 988 40.04 13.04 20.60
C VAL D 988 40.38 14.27 21.44
N GLN D 989 40.70 15.38 20.77
CA GLN D 989 41.19 16.55 21.49
C GLN D 989 40.15 17.12 22.42
N ARG D 990 38.89 17.15 22.00
CA ARG D 990 37.80 17.70 22.80
C ARG D 990 36.79 16.63 23.15
N ALA D 991 37.28 15.47 23.61
CA ALA D 991 36.40 14.36 23.92
C ALA D 991 35.76 14.55 25.29
N GLU D 992 35.18 15.72 25.51
CA GLU D 992 34.35 15.98 26.68
C GLU D 992 32.91 16.27 26.30
N GLU D 993 32.65 16.61 25.05
CA GLU D 993 31.29 16.86 24.57
C GLU D 993 30.56 15.59 24.17
N LEU D 994 31.27 14.46 24.06
CA LEU D 994 30.61 13.21 23.71
C LEU D 994 29.63 12.81 24.80
N THR D 995 28.47 12.33 24.39
CA THR D 995 27.45 11.85 25.30
C THR D 995 27.27 10.34 25.10
N ASP D 996 26.28 9.77 25.77
CA ASP D 996 26.08 8.32 25.75
C ASP D 996 25.83 7.82 24.34
N GLU D 997 24.93 8.49 23.61
CA GLU D 997 24.59 8.03 22.26
C GLU D 997 25.77 8.14 21.32
N SER D 998 26.57 9.20 21.46
CA SER D 998 27.73 9.36 20.59
C SER D 998 28.74 8.25 20.81
N ILE D 999 29.02 7.92 22.08
CA ILE D 999 29.94 6.83 22.36
C ILE D 999 29.38 5.51 21.86
N GLY D 1000 28.07 5.33 22.00
CA GLY D 1000 27.44 4.11 21.50
C GLY D 1000 27.62 3.96 19.99
N LYS D 1001 27.45 5.07 19.26
CA LYS D 1001 27.65 5.02 17.82
C LYS D 1001 29.11 4.82 17.46
N LEU D 1002 30.03 5.35 18.27
CA LEU D 1002 31.45 5.25 17.94
C LEU D 1002 32.00 3.85 18.23
N CYS D 1003 31.50 3.19 19.26
CA CYS D 1003 32.01 1.86 19.60
C CYS D 1003 31.72 0.87 18.48
N LEU D 1004 30.53 0.95 17.87
CA LEU D 1004 30.20 0.03 16.79
C LEU D 1004 31.16 0.18 15.62
N VAL D 1005 31.41 1.41 15.18
CA VAL D 1005 32.28 1.60 14.02
C VAL D 1005 33.71 1.22 14.37
N LEU D 1006 34.15 1.50 15.60
CA LEU D 1006 35.50 1.08 15.99
C LEU D 1006 35.63 -0.44 15.98
N SER D 1007 34.63 -1.15 16.49
CA SER D 1007 34.73 -2.59 16.60
C SER D 1007 34.62 -3.28 15.23
N ASP D 1008 33.65 -2.86 14.41
CA ASP D 1008 33.30 -3.63 13.23
C ASP D 1008 34.39 -3.59 12.16
N THR D 1009 35.02 -2.44 11.96
CA THR D 1009 35.96 -2.29 10.86
C THR D 1009 37.39 -2.64 11.24
N ASN D 1010 37.63 -3.08 12.47
CA ASN D 1010 38.97 -3.41 12.97
C ASN D 1010 39.90 -2.19 12.85
N TRP D 1011 39.53 -1.16 13.61
CA TRP D 1011 40.28 0.08 13.66
C TRP D 1011 41.12 0.09 14.94
N ARG D 1012 42.44 0.14 14.78
CA ARG D 1012 43.37 0.03 15.90
C ARG D 1012 43.63 1.34 16.60
N HIS D 1013 42.75 2.32 16.47
CA HIS D 1013 42.98 3.64 17.06
C HIS D 1013 42.97 3.53 18.58
N VAL D 1014 44.15 3.65 19.19
CA VAL D 1014 44.28 3.57 20.65
C VAL D 1014 43.89 4.88 21.34
N PRO D 1015 44.40 6.06 20.91
CA PRO D 1015 44.06 7.28 21.63
C PRO D 1015 42.56 7.54 21.67
N LEU D 1016 41.85 7.22 20.59
CA LEU D 1016 40.40 7.36 20.59
C LEU D 1016 39.77 6.45 21.63
N VAL D 1017 40.28 5.23 21.77
CA VAL D 1017 39.73 4.30 22.76
C VAL D 1017 39.99 4.82 24.17
N ARG D 1018 41.19 5.34 24.43
CA ARG D 1018 41.47 5.89 25.75
C ARG D 1018 40.59 7.09 26.06
N ALA D 1019 40.36 7.94 25.06
CA ALA D 1019 39.45 9.07 25.26
C ALA D 1019 38.04 8.60 25.56
N ILE D 1020 37.58 7.57 24.84
CA ILE D 1020 36.28 6.97 25.12
C ILE D 1020 36.23 6.49 26.56
N ALA D 1021 37.29 5.82 27.01
CA ALA D 1021 37.31 5.28 28.37
C ALA D 1021 37.23 6.39 29.41
N GLU D 1022 38.05 7.43 29.25
CA GLU D 1022 38.06 8.51 30.23
C GLU D 1022 36.73 9.25 30.25
N GLN D 1023 36.16 9.52 29.07
CA GLN D 1023 34.88 10.21 29.02
C GLN D 1023 33.77 9.36 29.62
N SER D 1024 33.81 8.04 29.39
CA SER D 1024 32.84 7.16 30.00
C SER D 1024 32.98 7.16 31.52
N VAL D 1025 34.22 7.21 32.02
CA VAL D 1025 34.44 7.27 33.45
C VAL D 1025 33.80 8.53 34.03
N ARG D 1026 34.03 9.68 33.40
CA ARG D 1026 33.46 10.90 33.95
C ARG D 1026 31.94 10.94 33.79
N LEU D 1027 31.42 10.33 32.71
CA LEU D 1027 29.98 10.24 32.53
C LEU D 1027 29.34 9.44 33.65
N GLN D 1028 29.94 8.29 33.98
CA GLN D 1028 29.45 7.51 35.11
C GLN D 1028 29.60 8.29 36.41
N GLY D 1029 30.66 9.10 36.52
CA GLY D 1029 30.80 9.97 37.67
C GLY D 1029 29.64 10.93 37.82
N GLN D 1030 29.12 11.41 36.69
CA GLN D 1030 27.95 12.28 36.71
C GLN D 1030 26.63 11.50 36.74
N GLN D 1031 26.69 10.16 36.77
CA GLN D 1031 25.50 9.32 36.85
C GLN D 1031 24.54 9.57 35.69
N SER D 1032 25.10 9.69 34.48
CA SER D 1032 24.29 9.94 33.29
C SER D 1032 24.78 9.08 32.13
N ILE D 1033 25.01 7.79 32.40
CA ILE D 1033 25.41 6.84 31.37
C ILE D 1033 24.51 5.62 31.46
N SER D 1034 24.39 4.91 30.34
CA SER D 1034 23.49 3.77 30.23
C SER D 1034 24.28 2.47 30.20
N PRO D 1035 23.71 1.39 30.74
CA PRO D 1035 24.45 0.12 30.78
C PRO D 1035 24.89 -0.38 29.41
N LYS D 1036 24.12 -0.13 28.36
CA LYS D 1036 24.52 -0.58 27.04
C LYS D 1036 25.82 0.10 26.60
N CYS D 1037 25.95 1.40 26.89
CA CYS D 1037 27.18 2.11 26.57
C CYS D 1037 28.36 1.52 27.33
N CYS D 1038 28.16 1.22 28.62
CA CYS D 1038 29.23 0.60 29.40
C CYS D 1038 29.63 -0.75 28.82
N ARG D 1039 28.65 -1.55 28.44
CA ARG D 1039 28.94 -2.86 27.88
C ARG D 1039 29.71 -2.74 26.58
N GLU D 1040 29.31 -1.80 25.71
CA GLU D 1040 30.03 -1.63 24.46
C GLU D 1040 31.44 -1.11 24.69
N VAL D 1041 31.62 -0.22 25.67
CA VAL D 1041 32.95 0.29 25.97
C VAL D 1041 33.85 -0.83 26.46
N LEU D 1042 33.34 -1.67 27.38
CA LEU D 1042 34.14 -2.79 27.85
C LEU D 1042 34.44 -3.77 26.74
N ASP D 1043 33.48 -3.96 25.83
CA ASP D 1043 33.67 -4.85 24.69
C ASP D 1043 34.80 -4.36 23.80
N VAL D 1044 34.78 -3.06 23.43
CA VAL D 1044 35.82 -2.55 22.55
C VAL D 1044 37.17 -2.53 23.26
N LEU D 1045 37.17 -2.25 24.56
CA LEU D 1045 38.42 -2.28 25.32
C LEU D 1045 39.02 -3.68 25.32
N GLY D 1046 38.21 -4.69 25.62
CA GLY D 1046 38.71 -6.06 25.63
C GLY D 1046 39.13 -6.54 24.26
N THR D 1047 38.41 -6.12 23.23
CA THR D 1047 38.72 -6.58 21.88
C THR D 1047 40.09 -6.10 21.41
N PHE D 1048 40.57 -4.97 21.95
CA PHE D 1048 41.79 -4.35 21.48
C PHE D 1048 42.97 -4.54 22.42
N MET D 1049 42.83 -5.37 23.45
CA MET D 1049 43.93 -5.68 24.37
C MET D 1049 44.44 -4.42 25.07
N ILE D 1050 43.51 -3.64 25.62
CA ILE D 1050 43.83 -2.44 26.37
C ILE D 1050 43.28 -2.61 27.77
N HIS D 1051 44.14 -2.43 28.78
CA HIS D 1051 43.71 -2.70 30.15
C HIS D 1051 42.91 -1.54 30.73
N HIS D 1052 43.56 -0.39 30.89
CA HIS D 1052 42.91 0.83 31.39
C HIS D 1052 42.14 0.55 32.69
N GLN D 1053 42.90 0.22 33.73
CA GLN D 1053 42.31 -0.21 34.99
C GLN D 1053 41.46 0.88 35.63
N GLY D 1054 41.60 2.13 35.21
CA GLY D 1054 40.78 3.19 35.77
C GLY D 1054 39.30 3.02 35.45
N ALA D 1055 38.98 2.50 34.27
CA ALA D 1055 37.59 2.38 33.86
C ALA D 1055 36.94 1.09 34.32
N ARG D 1056 37.71 -0.01 34.34
CA ARG D 1056 37.16 -1.30 34.72
C ARG D 1056 36.67 -1.31 36.17
N GLU D 1057 37.27 -0.51 37.05
CA GLU D 1057 36.90 -0.53 38.45
C GLU D 1057 35.53 0.08 38.69
N ASN D 1058 35.25 1.22 38.05
CA ASN D 1058 34.02 1.95 38.29
C ASN D 1058 33.04 1.89 37.12
N LEU D 1059 33.26 1.00 36.16
CA LEU D 1059 32.32 0.82 35.07
C LEU D 1059 31.75 -0.58 34.96
N SER D 1060 32.51 -1.61 35.35
CA SER D 1060 32.06 -2.98 35.14
C SER D 1060 30.79 -3.29 35.92
N ALA D 1061 30.68 -2.77 37.15
CA ALA D 1061 29.50 -3.06 37.97
C ALA D 1061 28.23 -2.60 37.26
N LEU D 1062 28.29 -1.45 36.59
CA LEU D 1062 27.18 -1.04 35.74
C LEU D 1062 27.07 -1.91 34.50
N GLY D 1063 28.22 -2.34 33.97
CA GLY D 1063 28.28 -3.04 32.70
C GLY D 1063 27.96 -4.52 32.72
N ARG D 1064 27.52 -5.08 33.85
CA ARG D 1064 27.16 -6.49 33.89
C ARG D 1064 25.67 -6.73 34.06
N SER D 1065 24.89 -5.72 34.48
CA SER D 1065 23.46 -5.90 34.58
C SER D 1065 22.80 -6.13 33.22
N ILE D 1066 23.47 -5.73 32.14
CA ILE D 1066 22.93 -5.97 30.80
C ILE D 1066 23.25 -7.37 30.32
N SER D 1067 24.35 -7.97 30.80
CA SER D 1067 24.82 -9.26 30.32
C SER D 1067 25.02 -10.22 31.49
N LYS D 1068 24.00 -10.36 32.33
CA LYS D 1068 24.01 -11.38 33.37
C LYS D 1068 22.63 -12.02 33.46
N GLU D 1069 22.57 -13.31 33.19
CA GLU D 1069 21.30 -14.05 33.24
C GLU D 1069 20.94 -14.27 34.70
N ARG D 1070 20.06 -13.41 35.22
CA ARG D 1070 19.60 -13.50 36.60
C ARG D 1070 18.51 -14.56 36.68
N ILE D 1071 18.94 -15.82 36.69
CA ILE D 1071 18.00 -16.92 36.87
C ILE D 1071 17.33 -16.75 38.22
N GLN D 1072 16.01 -16.59 38.22
CA GLN D 1072 15.28 -16.28 39.43
C GLN D 1072 15.47 -17.40 40.46
N LEU D 1073 15.79 -17.01 41.69
CA LEU D 1073 16.01 -17.95 42.77
C LEU D 1073 15.07 -17.62 43.92
N SER D 1074 14.44 -18.64 44.47
CA SER D 1074 13.50 -18.45 45.57
C SER D 1074 14.25 -18.16 46.87
N GLU D 1075 13.51 -17.64 47.85
CA GLU D 1075 14.12 -17.30 49.13
C GLU D 1075 14.70 -18.52 49.82
N GLU D 1076 14.01 -19.67 49.75
CA GLU D 1076 14.56 -20.90 50.27
C GLU D 1076 15.83 -21.29 49.51
N GLU D 1077 15.81 -21.17 48.19
CA GLU D 1077 17.01 -21.47 47.41
C GLU D 1077 18.11 -20.46 47.69
N GLU D 1078 17.75 -19.19 47.91
CA GLU D 1078 18.75 -18.20 48.27
C GLU D 1078 19.43 -18.53 49.59
N GLN D 1079 18.65 -18.93 50.59
CA GLN D 1079 19.25 -19.28 51.88
C GLN D 1079 20.06 -20.57 51.79
N HIS D 1080 19.64 -21.50 50.93
CA HIS D 1080 20.46 -22.70 50.70
C HIS D 1080 21.80 -22.33 50.07
N LEU D 1081 21.79 -21.42 49.10
CA LEU D 1081 23.02 -20.98 48.48
C LEU D 1081 23.91 -20.25 49.48
N GLN D 1082 23.30 -19.46 50.37
CA GLN D 1082 24.06 -18.83 51.44
C GLN D 1082 24.69 -19.88 52.35
N LEU D 1083 23.94 -20.95 52.65
CA LEU D 1083 24.51 -22.07 53.38
C LEU D 1083 25.69 -22.67 52.64
N LEU D 1084 25.62 -22.70 51.31
CA LEU D 1084 26.74 -23.22 50.52
C LEU D 1084 27.99 -22.39 50.73
N LEU D 1085 27.86 -21.07 50.77
CA LEU D 1085 29.01 -20.20 50.95
C LEU D 1085 28.72 -19.12 52.00
N LEU E 11 33.72 -15.08 28.99
CA LEU E 11 32.54 -14.88 29.82
C LEU E 11 31.57 -16.05 29.66
N HIS E 12 31.92 -17.00 28.80
CA HIS E 12 31.13 -18.22 28.59
C HIS E 12 31.89 -19.37 29.23
N ALA E 13 31.34 -19.91 30.31
CA ALA E 13 31.97 -21.00 31.04
C ALA E 13 31.28 -22.32 30.68
N PHE E 14 32.02 -23.20 30.02
CA PHE E 14 31.52 -24.52 29.63
C PHE E 14 31.92 -25.53 30.69
N VAL E 15 30.92 -26.22 31.24
CA VAL E 15 31.14 -27.30 32.19
C VAL E 15 30.39 -28.52 31.69
N ARG E 16 30.84 -29.70 32.09
CA ARG E 16 30.25 -30.95 31.64
C ARG E 16 29.88 -31.82 32.83
N SER E 17 28.64 -32.32 32.82
CA SER E 17 28.20 -33.18 33.92
C SER E 17 28.85 -34.56 33.80
N PRO E 18 29.20 -35.18 34.92
CA PRO E 18 29.88 -36.47 34.85
C PRO E 18 28.94 -37.62 34.51
N HIS E 19 29.49 -38.62 33.84
CA HIS E 19 28.74 -39.84 33.55
C HIS E 19 28.70 -40.70 34.80
N TYR E 20 27.49 -41.02 35.26
CA TYR E 20 27.35 -41.68 36.56
C TYR E 20 27.87 -43.11 36.52
N ARG E 21 27.64 -43.82 35.43
CA ARG E 21 27.94 -45.25 35.39
C ARG E 21 29.43 -45.53 35.21
N THR E 22 30.16 -44.64 34.52
CA THR E 22 31.54 -44.92 34.14
C THR E 22 32.55 -44.17 35.00
N ILE E 23 32.16 -43.75 36.21
CA ILE E 23 33.13 -43.16 37.13
C ILE E 23 34.06 -44.26 37.62
N PRO E 24 35.37 -44.12 37.44
CA PRO E 24 36.30 -45.14 37.91
C PRO E 24 36.56 -44.98 39.41
N SER E 25 36.05 -45.93 40.19
CA SER E 25 36.29 -45.90 41.63
C SER E 25 37.77 -46.08 41.93
N ALA E 26 38.22 -45.43 43.00
CA ALA E 26 39.63 -45.43 43.40
C ALA E 26 40.51 -44.90 42.27
N GLY E 27 40.32 -43.60 42.00
CA GLY E 27 41.03 -42.91 40.94
C GLY E 27 42.54 -43.01 41.05
N PRO E 28 43.26 -42.50 40.05
CA PRO E 28 44.70 -42.78 39.95
C PRO E 28 45.53 -42.12 41.04
N ASN E 29 45.14 -42.35 42.29
CA ASN E 29 45.98 -42.00 43.43
C ASN E 29 45.90 -43.04 44.55
N GLY E 30 45.17 -44.13 44.36
CA GLY E 30 44.96 -45.10 45.41
C GLY E 30 43.91 -44.74 46.43
N ILE E 31 43.18 -43.64 46.23
CA ILE E 31 42.17 -43.17 47.17
C ILE E 31 40.80 -43.42 46.56
N VAL E 32 39.90 -44.01 47.35
CA VAL E 32 38.56 -44.32 46.85
C VAL E 32 37.76 -43.03 46.67
N VAL E 33 36.78 -43.11 45.77
CA VAL E 33 35.93 -41.98 45.44
C VAL E 33 34.47 -42.40 45.56
N ASN E 34 33.63 -41.45 45.98
CA ASN E 34 32.20 -41.71 46.17
C ASN E 34 31.44 -41.25 44.94
N ARG E 35 30.96 -42.21 44.14
CA ARG E 35 30.27 -41.87 42.90
C ARG E 35 28.96 -41.14 43.17
N ASP E 36 28.21 -41.58 44.19
CA ASP E 36 26.90 -41.00 44.46
C ASP E 36 26.99 -39.58 45.01
N MET E 37 28.18 -39.10 45.34
CA MET E 37 28.35 -37.75 45.87
C MET E 37 28.97 -36.79 44.85
N LEU E 38 29.66 -37.30 43.84
CA LEU E 38 30.19 -36.43 42.79
C LEU E 38 29.06 -35.70 42.08
N VAL E 39 28.01 -36.44 41.68
CA VAL E 39 26.89 -35.83 40.98
C VAL E 39 25.99 -35.03 41.90
N HIS E 40 26.27 -35.03 43.20
CA HIS E 40 25.59 -34.15 44.14
C HIS E 40 26.37 -32.87 44.39
N GLN E 41 27.70 -32.94 44.39
CA GLN E 41 28.51 -31.74 44.52
C GLN E 41 28.63 -30.99 43.20
N PHE E 42 28.46 -31.66 42.07
CA PHE E 42 28.53 -30.96 40.79
C PHE E 42 27.38 -29.98 40.62
N ARG E 43 26.18 -30.36 41.08
CA ARG E 43 25.03 -29.48 41.00
C ARG E 43 25.12 -28.31 41.97
N ASP E 44 26.05 -28.34 42.91
CA ASP E 44 26.35 -27.17 43.74
C ASP E 44 27.45 -26.33 43.12
N PHE E 45 28.44 -26.98 42.51
CA PHE E 45 29.48 -26.26 41.81
C PHE E 45 28.90 -25.44 40.67
N TYR E 46 27.95 -26.01 39.94
CA TYR E 46 27.30 -25.28 38.84
C TYR E 46 26.55 -24.07 39.36
N LYS E 47 25.79 -24.23 40.44
CA LYS E 47 25.05 -23.11 41.00
C LYS E 47 26.00 -21.99 41.44
N THR E 48 27.08 -22.36 42.16
CA THR E 48 28.03 -21.35 42.59
C THR E 48 28.68 -20.67 41.39
N LEU E 49 28.99 -21.44 40.35
CA LEU E 49 29.61 -20.87 39.16
C LEU E 49 28.69 -19.86 38.49
N GLN E 50 27.39 -20.15 38.42
CA GLN E 50 26.46 -19.23 37.80
C GLN E 50 25.95 -18.17 38.77
N HIS E 51 26.39 -18.20 40.02
CA HIS E 51 26.05 -17.16 40.99
C HIS E 51 27.30 -16.66 41.70
N CYS E 52 28.36 -16.37 40.94
CA CYS E 52 29.59 -15.87 41.52
C CYS E 52 30.12 -14.62 40.83
N SER E 53 29.39 -14.05 39.88
CA SER E 53 29.77 -12.83 39.19
C SER E 53 31.10 -12.94 38.45
N LEU E 54 31.63 -14.16 38.30
CA LEU E 54 32.88 -14.34 37.58
C LEU E 54 32.65 -14.64 36.10
N VAL E 55 31.53 -15.26 35.76
CA VAL E 55 31.23 -15.64 34.39
C VAL E 55 29.84 -15.12 34.02
N ASP E 56 29.62 -14.94 32.71
CA ASP E 56 28.34 -14.46 32.23
C ASP E 56 27.33 -15.61 32.12
N LYS E 57 27.61 -16.57 31.26
CA LYS E 57 26.71 -17.70 31.03
C LYS E 57 27.49 -19.00 31.15
N VAL E 58 26.89 -19.97 31.85
CA VAL E 58 27.46 -21.29 32.02
C VAL E 58 26.64 -22.27 31.17
N HIS E 59 27.34 -23.08 30.38
CA HIS E 59 26.70 -24.02 29.47
C HIS E 59 27.07 -25.43 29.85
N LEU E 60 26.06 -26.30 29.91
CA LEU E 60 26.20 -27.68 30.35
C LEU E 60 26.33 -28.57 29.13
N MET E 61 27.56 -29.02 28.85
CA MET E 61 27.79 -29.96 27.77
C MET E 61 27.16 -31.31 28.11
N SER E 62 26.84 -32.07 27.07
CA SER E 62 26.18 -33.35 27.24
C SER E 62 27.14 -34.38 27.86
N GLU E 63 26.55 -35.41 28.46
CA GLU E 63 27.34 -36.46 29.10
C GLU E 63 28.09 -37.29 28.06
N ARG E 64 29.24 -37.81 28.46
CA ARG E 64 30.03 -38.69 27.63
C ARG E 64 30.56 -39.84 28.47
N PRO E 65 30.77 -41.02 27.87
CA PRO E 65 31.23 -42.17 28.66
C PRO E 65 32.54 -41.93 29.39
N SER E 66 33.58 -41.50 28.67
CA SER E 66 34.90 -41.37 29.28
C SER E 66 34.89 -40.36 30.42
N VAL E 67 35.47 -40.75 31.55
CA VAL E 67 35.60 -39.80 32.65
C VAL E 67 36.59 -38.71 32.31
N GLU E 68 37.63 -39.04 31.54
CA GLU E 68 38.61 -38.05 31.11
C GLU E 68 37.98 -36.98 30.23
N ALA E 69 36.85 -37.28 29.59
CA ALA E 69 36.15 -36.27 28.80
C ALA E 69 35.66 -35.11 29.64
N LEU E 70 35.55 -35.29 30.95
CA LEU E 70 35.19 -34.18 31.83
C LEU E 70 36.31 -33.16 31.95
N ARG E 71 37.52 -33.50 31.54
CA ARG E 71 38.61 -32.53 31.56
C ARG E 71 38.43 -31.52 30.44
N VAL E 72 37.45 -30.63 30.59
CA VAL E 72 37.22 -29.54 29.65
C VAL E 72 38.36 -28.55 29.78
N ALA E 73 38.42 -27.58 28.88
CA ALA E 73 39.44 -26.54 28.89
C ALA E 73 40.82 -27.09 28.57
N ASP E 74 40.86 -28.18 27.82
CA ASP E 74 42.08 -28.61 27.14
C ASP E 74 41.95 -28.53 25.63
N GLN E 75 40.73 -28.37 25.11
CA GLN E 75 40.54 -28.22 23.67
C GLN E 75 41.24 -26.97 23.15
N MET E 76 41.13 -25.86 23.88
CA MET E 76 41.58 -24.57 23.38
C MET E 76 41.81 -23.62 24.55
N VAL E 77 42.25 -22.41 24.21
CA VAL E 77 42.52 -21.35 25.17
C VAL E 77 41.94 -20.05 24.63
N SER E 78 41.40 -19.22 25.53
CA SER E 78 40.84 -17.93 25.18
C SER E 78 41.86 -16.85 25.52
N ILE E 79 42.45 -16.25 24.48
CA ILE E 79 43.47 -15.22 24.64
C ILE E 79 42.93 -13.94 24.03
N GLY E 80 41.62 -13.73 24.14
CA GLY E 80 40.99 -12.53 23.61
C GLY E 80 39.72 -12.83 22.86
N ALA E 81 39.53 -12.17 21.72
CA ALA E 81 38.43 -12.54 20.84
C ALA E 81 38.78 -13.69 19.91
N THR E 82 40.05 -14.12 19.90
CA THR E 82 40.52 -15.21 19.05
C THR E 82 40.93 -16.39 19.92
N PHE E 83 40.33 -17.55 19.66
CA PHE E 83 40.62 -18.74 20.42
C PHE E 83 41.77 -19.50 19.76
N LEU E 84 42.49 -20.27 20.56
CA LEU E 84 43.60 -21.08 20.05
C LEU E 84 43.42 -22.51 20.53
N GLU E 85 43.07 -23.43 19.62
CA GLU E 85 42.98 -24.82 20.01
C GLU E 85 44.37 -25.44 20.05
N MET E 86 44.59 -26.26 21.07
CA MET E 86 45.91 -26.76 21.38
C MET E 86 46.41 -27.74 20.32
N PRO E 87 47.73 -27.84 20.14
CA PRO E 87 48.26 -28.71 19.10
C PRO E 87 47.95 -30.17 19.37
N LEU E 88 47.80 -30.93 18.29
CA LEU E 88 47.50 -32.35 18.37
C LEU E 88 48.79 -33.11 18.62
N THR E 89 48.97 -33.60 19.85
CA THR E 89 50.12 -34.41 20.18
C THR E 89 49.72 -35.33 21.33
N GLY E 90 49.57 -36.62 21.04
CA GLY E 90 49.11 -37.56 22.03
C GLY E 90 47.70 -37.31 22.52
N MET E 91 46.91 -36.54 21.78
CA MET E 91 45.56 -36.22 22.17
C MET E 91 44.51 -36.70 21.17
N GLU E 92 44.91 -37.48 20.17
CA GLU E 92 43.96 -38.01 19.20
C GLU E 92 43.00 -39.02 19.82
N HIS E 93 43.36 -39.65 20.94
CA HIS E 93 42.51 -40.67 21.54
C HIS E 93 41.25 -40.11 22.18
N ARG E 94 41.00 -38.80 22.02
CA ARG E 94 39.76 -38.19 22.43
C ARG E 94 39.18 -37.33 21.32
N ALA E 95 39.56 -37.62 20.08
CA ALA E 95 39.23 -36.76 18.94
C ALA E 95 37.74 -36.48 18.88
N THR E 96 36.90 -37.49 19.17
CA THR E 96 35.46 -37.29 19.08
C THR E 96 35.00 -36.17 20.00
N GLU E 97 35.46 -36.18 21.25
CA GLU E 97 35.04 -35.12 22.15
C GLU E 97 35.79 -33.82 21.89
N PHE E 98 36.78 -33.83 21.00
CA PHE E 98 37.34 -32.59 20.47
C PHE E 98 36.67 -32.16 19.19
N MET E 99 35.82 -33.00 18.60
CA MET E 99 35.06 -32.65 17.42
C MET E 99 33.61 -32.29 17.73
N GLU E 100 33.08 -32.79 18.85
CA GLU E 100 31.72 -32.47 19.26
C GLU E 100 31.67 -31.24 20.16
N SER E 101 32.61 -31.14 21.10
CA SER E 101 32.65 -29.98 21.98
C SER E 101 32.63 -28.69 21.16
N MET E 102 33.44 -28.64 20.11
CA MET E 102 33.52 -27.45 19.28
C MET E 102 32.14 -26.97 18.87
N ARG E 103 31.24 -27.92 18.58
CA ARG E 103 29.88 -27.54 18.21
C ARG E 103 29.20 -26.76 19.33
N TYR E 104 29.39 -27.19 20.57
CA TYR E 104 28.84 -26.46 21.70
C TYR E 104 29.30 -25.02 21.72
N VAL E 105 30.52 -24.78 21.23
CA VAL E 105 31.03 -23.41 21.15
C VAL E 105 30.26 -22.63 20.10
N ARG E 106 30.06 -23.21 18.92
CA ARG E 106 29.41 -22.49 17.83
C ARG E 106 27.91 -22.34 18.04
N GLY E 107 27.35 -23.01 19.04
CA GLY E 107 25.94 -22.84 19.33
C GLY E 107 25.59 -21.54 20.02
N ALA E 108 26.58 -20.85 20.57
CA ALA E 108 26.34 -19.57 21.22
C ALA E 108 27.33 -18.52 20.76
N GLY E 109 28.51 -18.95 20.34
CA GLY E 109 29.56 -18.03 19.95
C GLY E 109 29.70 -17.89 18.44
N GLY E 110 30.87 -18.24 17.91
CA GLY E 110 31.12 -18.15 16.50
C GLY E 110 32.52 -18.56 16.13
N PRO E 111 32.88 -18.44 14.85
CA PRO E 111 34.22 -18.82 14.41
C PRO E 111 35.30 -17.92 14.96
N SER E 112 36.56 -18.20 14.61
CA SER E 112 37.70 -17.49 15.16
C SER E 112 38.86 -17.64 14.19
N THR E 113 40.07 -17.35 14.68
CA THR E 113 41.28 -17.63 13.90
C THR E 113 41.43 -19.12 13.60
N LEU E 114 40.73 -19.98 14.36
CA LEU E 114 40.77 -21.44 14.26
C LEU E 114 42.11 -22.01 14.71
N ALA E 115 43.04 -21.15 15.14
CA ALA E 115 44.38 -21.57 15.55
C ALA E 115 45.10 -22.33 14.45
N SER E 116 44.76 -22.03 13.18
CA SER E 116 45.57 -22.53 12.09
C SER E 116 47.00 -22.04 12.21
N TYR E 117 47.20 -20.91 12.88
CA TYR E 117 48.53 -20.42 13.21
C TYR E 117 49.21 -21.29 14.26
N LEU E 118 48.45 -22.09 15.00
CA LEU E 118 49.02 -22.92 16.07
C LEU E 118 49.03 -24.40 15.71
N GLN E 119 47.90 -24.94 15.25
CA GLN E 119 47.82 -26.35 14.92
C GLN E 119 48.76 -26.72 13.78
N ASP E 120 48.97 -25.80 12.84
CA ASP E 120 49.73 -26.07 11.63
C ASP E 120 51.19 -25.66 11.73
N THR E 121 51.64 -25.17 12.88
CA THR E 121 52.99 -24.63 13.01
C THR E 121 53.96 -25.76 13.37
N GLU E 122 54.38 -26.49 12.33
CA GLU E 122 55.41 -27.53 12.39
C GLU E 122 55.32 -28.38 13.65
N ASN E 123 56.45 -28.74 14.24
CA ASN E 123 56.46 -29.37 15.55
C ASN E 123 56.07 -28.34 16.60
N CYS E 124 54.97 -28.58 17.31
CA CYS E 124 54.49 -27.62 18.29
C CYS E 124 53.79 -28.35 19.43
N ARG E 125 53.97 -27.84 20.64
CA ARG E 125 53.37 -28.42 21.83
C ARG E 125 52.88 -27.28 22.72
N CYS E 126 51.72 -27.49 23.33
CA CYS E 126 51.15 -26.54 24.27
C CYS E 126 50.07 -27.27 25.07
N ASN E 127 49.45 -26.55 26.00
CA ASN E 127 48.41 -27.09 26.84
C ASN E 127 47.74 -25.95 27.57
N SER E 128 46.42 -25.95 27.61
CA SER E 128 45.73 -24.93 28.39
C SER E 128 45.97 -25.14 29.87
N GLY E 129 45.89 -24.04 30.63
CA GLY E 129 46.36 -24.03 32.00
C GLY E 129 47.86 -23.82 32.12
N ASP E 130 48.56 -23.67 31.01
CA ASP E 130 49.99 -23.37 31.01
C ASP E 130 50.27 -21.94 30.56
N VAL E 131 49.33 -21.29 29.90
CA VAL E 131 49.44 -19.89 29.50
C VAL E 131 48.31 -19.13 30.19
N VAL E 132 48.67 -18.06 30.89
CA VAL E 132 47.70 -17.26 31.65
C VAL E 132 47.79 -15.82 31.19
N CYS E 133 46.63 -15.25 30.86
CA CYS E 133 46.57 -13.84 30.46
C CYS E 133 46.69 -12.95 31.69
N LEU E 134 47.37 -11.83 31.53
CA LEU E 134 47.61 -10.86 32.59
C LEU E 134 47.30 -9.48 32.06
N PRO E 135 47.00 -8.50 32.95
CA PRO E 135 46.50 -7.19 32.52
C PRO E 135 47.11 -6.64 31.24
N ASN E 136 48.43 -6.73 31.12
CA ASN E 136 49.11 -6.29 29.90
C ASN E 136 50.18 -7.29 29.50
N GLY E 137 49.89 -8.58 29.63
CA GLY E 137 50.89 -9.57 29.27
C GLY E 137 50.29 -10.94 29.11
N ILE E 138 51.15 -11.86 28.69
CA ILE E 138 50.80 -13.27 28.54
C ILE E 138 51.90 -14.06 29.24
N ALA E 139 51.61 -14.62 30.41
CA ALA E 139 52.58 -15.40 31.16
C ALA E 139 52.50 -16.84 30.69
N VAL E 140 53.48 -17.25 29.91
CA VAL E 140 53.53 -18.61 29.39
C VAL E 140 54.45 -19.45 30.28
N GLY E 141 53.98 -20.63 30.68
CA GLY E 141 54.78 -21.49 31.51
C GLY E 141 55.65 -22.44 30.73
N HIS E 142 56.92 -22.10 30.56
CA HIS E 142 57.87 -22.96 29.86
C HIS E 142 58.26 -24.11 30.79
N GLY E 143 57.71 -25.29 30.55
CA GLY E 143 58.00 -26.44 31.36
C GLY E 143 57.97 -27.74 30.58
N PRO E 144 57.33 -28.77 31.14
CA PRO E 144 57.26 -30.06 30.47
C PRO E 144 56.09 -30.22 29.51
N ARG E 145 55.30 -29.17 29.31
CA ARG E 145 54.10 -29.25 28.49
C ARG E 145 54.15 -28.41 27.23
N THR E 146 54.76 -27.23 27.29
CA THR E 146 54.79 -26.30 26.16
C THR E 146 56.23 -26.04 25.75
N ASN E 147 56.52 -26.17 24.47
CA ASN E 147 57.86 -25.91 23.97
C ASN E 147 58.09 -24.41 23.80
N ALA E 148 59.34 -24.04 23.59
CA ALA E 148 59.69 -22.64 23.38
C ALA E 148 59.16 -22.14 22.03
N VAL E 149 59.08 -23.02 21.04
CA VAL E 149 58.59 -22.62 19.72
C VAL E 149 57.17 -22.09 19.82
N ALA E 150 56.34 -22.73 20.64
CA ALA E 150 55.00 -22.23 20.88
C ALA E 150 55.03 -20.82 21.45
N HIS E 151 55.97 -20.57 22.38
CA HIS E 151 56.13 -19.22 22.91
C HIS E 151 56.54 -18.24 21.82
N THR E 152 57.43 -18.65 20.93
CA THR E 152 57.83 -17.77 19.84
C THR E 152 56.66 -17.43 18.94
N THR E 153 55.83 -18.43 18.64
CA THR E 153 54.64 -18.18 17.82
C THR E 153 53.67 -17.23 18.52
N LEU E 154 53.47 -17.42 19.83
CA LEU E 154 52.61 -16.51 20.58
C LEU E 154 53.19 -15.09 20.59
N LYS E 155 54.51 -14.98 20.69
CA LYS E 155 55.15 -13.67 20.60
C LYS E 155 54.94 -13.04 19.23
N GLN E 156 55.02 -13.84 18.17
CA GLN E 156 54.77 -13.30 16.84
C GLN E 156 53.33 -12.87 16.69
N LEU E 157 52.40 -13.56 17.34
CA LEU E 157 50.98 -13.28 17.16
C LEU E 157 50.46 -12.13 18.01
N PHE E 158 50.47 -12.30 19.35
CA PHE E 158 49.77 -11.37 20.23
C PHE E 158 50.62 -10.20 20.70
N GLU E 159 51.92 -10.19 20.43
CA GLU E 159 52.77 -9.13 20.96
C GLU E 159 52.71 -7.88 20.09
N VAL E 160 52.48 -6.75 20.72
CA VAL E 160 52.53 -5.45 20.07
C VAL E 160 53.37 -4.53 20.93
N LYS E 161 54.29 -3.81 20.31
CA LYS E 161 55.30 -3.02 21.03
C LYS E 161 55.18 -1.55 20.64
N ASP E 162 54.61 -0.74 21.52
CA ASP E 162 54.56 0.71 21.37
C ASP E 162 54.17 1.31 22.72
N ASP E 163 54.25 2.65 22.80
CA ASP E 163 53.94 3.38 24.02
C ASP E 163 52.58 2.96 24.59
N GLN E 164 51.55 2.92 23.76
CA GLN E 164 50.25 2.42 24.17
C GLN E 164 49.85 1.14 23.47
N PHE E 165 50.44 0.83 22.30
CA PHE E 165 50.31 -0.48 21.68
C PHE E 165 51.32 -1.44 22.32
N SER E 166 51.15 -1.66 23.63
CA SER E 166 52.08 -2.44 24.44
C SER E 166 51.43 -3.74 24.86
N PHE E 167 52.07 -4.86 24.53
CA PHE E 167 51.63 -6.17 24.98
C PHE E 167 52.83 -7.11 24.99
N ASP E 168 53.07 -7.74 26.14
CA ASP E 168 54.25 -8.55 26.35
C ASP E 168 53.89 -10.02 26.49
N VAL E 169 54.84 -10.89 26.17
CA VAL E 169 54.74 -12.32 26.41
C VAL E 169 55.86 -12.71 27.37
N PHE E 170 55.49 -13.35 28.47
CA PHE E 170 56.44 -13.70 29.52
C PHE E 170 56.63 -15.21 29.54
N THR E 171 57.87 -15.65 29.36
CA THR E 171 58.22 -17.06 29.40
C THR E 171 58.65 -17.41 30.81
N LEU E 172 57.86 -18.24 31.49
CA LEU E 172 58.13 -18.61 32.87
C LEU E 172 58.71 -20.03 32.88
N GLU E 173 59.96 -20.15 33.31
CA GLU E 173 60.58 -21.46 33.39
C GLU E 173 60.08 -22.21 34.61
N GLN E 174 60.05 -23.53 34.50
CA GLN E 174 59.65 -24.37 35.62
C GLN E 174 60.28 -25.75 35.47
N GLU E 175 60.34 -26.48 36.57
CA GLU E 175 60.98 -27.78 36.59
C GLU E 175 60.11 -28.82 35.88
N GLY E 176 60.71 -29.99 35.64
CA GLY E 176 60.00 -31.05 34.94
C GLY E 176 58.79 -31.58 35.70
N ASP E 177 58.87 -31.60 37.03
CA ASP E 177 57.78 -32.10 37.86
C ASP E 177 56.73 -31.05 38.15
N ALA E 178 56.87 -29.84 37.62
CA ALA E 178 55.94 -28.77 37.92
C ALA E 178 54.56 -29.07 37.33
N PRO E 179 53.49 -28.79 38.06
CA PRO E 179 52.14 -28.88 37.48
C PRO E 179 51.92 -27.76 36.48
N PRO E 180 50.77 -27.74 35.80
CA PRO E 180 50.51 -26.64 34.85
C PRO E 180 50.56 -25.28 35.53
N LEU E 181 51.00 -24.28 34.75
CA LEU E 181 51.29 -22.97 35.32
C LEU E 181 50.05 -22.35 35.96
N GLY E 182 48.90 -22.46 35.30
CA GLY E 182 47.69 -21.86 35.84
C GLY E 182 47.18 -22.50 37.11
N ASP E 183 47.70 -23.67 37.47
CA ASP E 183 47.23 -24.36 38.67
C ASP E 183 47.80 -23.73 39.94
N TYR E 184 48.97 -23.11 39.87
CA TYR E 184 49.60 -22.60 41.08
C TYR E 184 49.96 -21.12 40.97
N PHE E 185 50.09 -20.61 39.76
CA PHE E 185 50.38 -19.19 39.53
C PHE E 185 49.17 -18.56 38.84
N GLY E 186 48.27 -18.00 39.64
CA GLY E 186 47.04 -17.44 39.14
C GLY E 186 47.01 -15.93 39.24
N PHE E 187 45.89 -15.36 38.77
CA PHE E 187 45.65 -13.92 38.79
C PHE E 187 44.22 -13.66 39.22
N ALA E 188 43.99 -12.48 39.80
CA ALA E 188 42.64 -12.04 40.13
C ALA E 188 42.58 -10.52 39.98
N GLY E 189 41.38 -9.97 40.04
CA GLY E 189 41.18 -8.57 39.74
C GLY E 189 41.79 -7.65 40.78
N SER E 190 42.07 -6.42 40.33
CA SER E 190 42.68 -5.36 41.14
C SER E 190 44.08 -5.73 41.62
N ASN E 191 44.96 -6.01 40.68
CA ASN E 191 46.41 -6.19 40.90
C ASN E 191 46.71 -7.07 42.11
N VAL E 192 46.22 -8.30 42.06
CA VAL E 192 46.54 -9.32 43.04
C VAL E 192 46.99 -10.57 42.30
N LEU E 193 48.07 -11.17 42.76
CA LEU E 193 48.72 -12.28 42.07
C LEU E 193 48.82 -13.46 43.02
N LEU E 194 47.76 -14.28 43.06
CA LEU E 194 47.74 -15.45 43.94
C LEU E 194 48.79 -16.46 43.50
N THR E 195 49.46 -17.08 44.46
CA THR E 195 50.50 -18.04 44.16
C THR E 195 50.51 -19.14 45.21
N TRP E 196 51.01 -20.31 44.83
CA TRP E 196 51.21 -21.40 45.76
C TRP E 196 52.54 -21.25 46.48
N LYS E 197 52.55 -21.56 47.78
CA LYS E 197 53.73 -21.37 48.60
C LYS E 197 54.61 -22.63 48.57
N ASP E 198 55.30 -22.78 47.45
CA ASP E 198 56.26 -23.85 47.25
C ASP E 198 57.31 -23.37 46.27
N GLU E 199 58.29 -24.24 45.98
CA GLU E 199 59.37 -23.87 45.06
C GLU E 199 58.82 -23.44 43.71
N HIS E 200 57.69 -24.00 43.28
CA HIS E 200 57.07 -23.57 42.04
C HIS E 200 56.62 -22.11 42.12
N GLY E 201 56.01 -21.73 43.24
CA GLY E 201 55.63 -20.33 43.41
C GLY E 201 56.82 -19.41 43.50
N LEU E 202 57.89 -19.87 44.16
CA LEU E 202 59.11 -19.06 44.22
C LEU E 202 59.68 -18.84 42.82
N LEU E 203 59.72 -19.90 42.00
CA LEU E 203 60.20 -19.75 40.64
C LEU E 203 59.31 -18.82 39.84
N ALA E 204 57.98 -18.92 40.03
CA ALA E 204 57.06 -18.06 39.31
C ALA E 204 57.31 -16.59 39.64
N VAL E 205 57.38 -16.27 40.93
CA VAL E 205 57.57 -14.87 41.31
C VAL E 205 58.96 -14.38 40.90
N ASP E 206 59.98 -15.24 40.99
CA ASP E 206 61.32 -14.84 40.56
C ASP E 206 61.33 -14.51 39.07
N GLN E 207 60.80 -15.40 38.24
CA GLN E 207 60.78 -15.16 36.80
C GLN E 207 59.89 -13.98 36.44
N TYR E 208 58.86 -13.71 37.25
CA TYR E 208 58.02 -12.53 37.00
C TYR E 208 58.77 -11.24 37.32
N GLN E 209 59.54 -11.23 38.41
CA GLN E 209 60.28 -10.03 38.76
C GLN E 209 61.41 -9.74 37.79
N GLN E 210 62.01 -10.79 37.21
CA GLN E 210 63.07 -10.59 36.24
C GLN E 210 62.56 -10.15 34.88
N LYS E 211 61.24 -10.15 34.67
CA LYS E 211 60.62 -9.75 33.41
C LYS E 211 59.70 -8.57 33.68
N GLN E 212 60.14 -7.37 33.30
CA GLN E 212 59.38 -6.13 33.45
C GLN E 212 58.91 -5.95 34.89
N PRO E 213 59.81 -5.63 35.82
CA PRO E 213 59.42 -5.49 37.23
C PRO E 213 58.69 -4.20 37.55
N HIS E 214 58.43 -3.35 36.56
CA HIS E 214 57.78 -2.06 36.81
C HIS E 214 56.31 -2.19 37.20
N THR E 215 55.73 -3.39 37.08
CA THR E 215 54.30 -3.54 37.30
C THR E 215 53.90 -3.17 38.73
N GLU E 216 54.64 -3.67 39.71
CA GLU E 216 54.39 -3.41 41.12
C GLU E 216 52.95 -3.79 41.50
N MET E 217 52.68 -5.09 41.38
CA MET E 217 51.38 -5.65 41.70
C MET E 217 51.49 -6.56 42.92
N ASN E 218 50.44 -6.54 43.74
CA ASN E 218 50.44 -7.28 44.99
C ASN E 218 50.55 -8.77 44.73
N VAL E 219 51.20 -9.48 45.65
CA VAL E 219 51.37 -10.92 45.57
C VAL E 219 50.87 -11.54 46.86
N VAL E 220 50.03 -12.57 46.74
CA VAL E 220 49.44 -13.25 47.87
C VAL E 220 49.85 -14.72 47.81
N TYR E 221 50.12 -15.31 48.97
CA TYR E 221 50.60 -16.68 49.06
C TYR E 221 49.49 -17.63 49.49
N LEU E 222 49.47 -18.81 48.88
CA LEU E 222 48.53 -19.87 49.20
C LEU E 222 49.31 -21.14 49.50
N GLU E 223 48.86 -21.89 50.51
CA GLU E 223 49.52 -23.14 50.82
C GLU E 223 49.30 -24.14 49.68
N PRO E 224 50.30 -24.96 49.37
CA PRO E 224 50.15 -25.92 48.28
C PRO E 224 49.01 -26.89 48.55
N GLY E 225 48.35 -27.32 47.47
CA GLY E 225 47.24 -28.23 47.55
C GLY E 225 45.87 -27.59 47.56
N CYS E 226 45.80 -26.27 47.43
CA CYS E 226 44.53 -25.54 47.44
C CYS E 226 44.23 -25.08 46.01
N HIS E 227 43.31 -25.77 45.36
CA HIS E 227 42.91 -25.40 44.02
C HIS E 227 42.07 -24.13 44.05
N PHE E 228 42.30 -23.24 43.08
CA PHE E 228 41.56 -22.00 42.97
C PHE E 228 41.28 -21.70 41.52
N LEU E 229 40.14 -21.04 41.28
CA LEU E 229 39.75 -20.61 39.94
C LEU E 229 39.54 -19.11 39.96
N SER E 230 40.36 -18.39 39.21
CA SER E 230 40.22 -16.94 39.11
C SER E 230 40.80 -16.49 37.79
N PHE E 231 40.01 -15.77 37.01
CA PHE E 231 40.41 -15.33 35.68
C PHE E 231 40.45 -13.81 35.63
N TYR E 232 41.34 -13.30 34.79
CA TYR E 232 41.40 -11.86 34.57
C TYR E 232 40.06 -11.32 34.08
N GLY E 233 39.50 -11.96 33.05
CA GLY E 233 38.20 -11.57 32.54
C GLY E 233 38.18 -10.22 31.86
N VAL E 234 37.12 -9.94 31.10
CA VAL E 234 36.99 -8.62 30.49
C VAL E 234 36.72 -7.57 31.56
N ASP E 235 35.93 -7.93 32.57
CA ASP E 235 35.48 -6.97 33.58
C ASP E 235 36.20 -7.23 34.90
N HIS E 236 36.40 -6.16 35.67
CA HIS E 236 37.00 -6.27 36.98
C HIS E 236 36.05 -6.96 37.95
N THR E 237 36.61 -7.77 38.84
CA THR E 237 35.82 -8.46 39.86
C THR E 237 36.73 -8.84 41.03
N ILE E 238 36.11 -9.00 42.18
CA ILE E 238 36.81 -9.47 43.38
C ILE E 238 36.10 -10.73 43.83
N ASP E 239 36.54 -11.88 43.32
CA ASP E 239 35.91 -13.15 43.64
C ASP E 239 36.89 -14.27 43.31
N VAL E 240 37.12 -15.15 44.28
CA VAL E 240 38.04 -16.28 44.11
C VAL E 240 37.30 -17.56 44.50
N LEU E 241 37.40 -18.57 43.66
CA LEU E 241 36.80 -19.87 43.92
C LEU E 241 37.83 -20.72 44.65
N VAL E 242 37.78 -20.69 45.98
CA VAL E 242 38.76 -21.38 46.81
C VAL E 242 38.17 -22.71 47.25
N GLN E 243 38.98 -23.77 47.14
CA GLN E 243 38.55 -25.09 47.57
C GLN E 243 38.39 -25.12 49.09
N LYS E 244 37.36 -25.82 49.55
CA LYS E 244 37.07 -25.88 50.97
C LYS E 244 38.16 -26.64 51.73
N GLY E 245 38.20 -26.39 53.03
CA GLY E 245 39.19 -27.02 53.89
C GLY E 245 40.53 -26.33 53.95
N TYR E 246 40.61 -25.06 53.54
CA TYR E 246 41.86 -24.30 53.51
C TYR E 246 41.64 -22.92 54.10
N GLU E 247 41.05 -22.88 55.30
CA GLU E 247 40.66 -21.62 55.91
C GLU E 247 41.83 -20.64 56.03
N ARG E 248 43.06 -21.15 56.15
CA ARG E 248 44.22 -20.26 56.18
C ARG E 248 44.33 -19.48 54.87
N SER E 249 44.16 -20.17 53.74
CA SER E 249 44.19 -19.50 52.44
C SER E 249 43.03 -18.52 52.31
N MET E 250 41.85 -18.90 52.80
CA MET E 250 40.70 -17.99 52.75
C MET E 250 40.98 -16.71 53.53
N ASP E 251 41.54 -16.83 54.73
CA ASP E 251 41.90 -15.65 55.49
C ASP E 251 42.95 -14.82 54.76
N SER E 252 43.94 -15.48 54.17
CA SER E 252 45.01 -14.77 53.47
C SER E 252 44.45 -13.94 52.32
N ILE E 253 43.58 -14.53 51.50
CA ILE E 253 43.03 -13.79 50.36
C ILE E 253 42.06 -12.72 50.84
N ALA E 254 41.20 -13.03 51.81
CA ALA E 254 40.21 -12.07 52.25
C ALA E 254 40.85 -10.87 52.93
N ALA E 255 42.01 -11.04 53.55
CA ALA E 255 42.73 -9.91 54.13
C ALA E 255 43.23 -8.93 53.08
N ALA E 256 43.28 -9.35 51.81
CA ALA E 256 43.73 -8.49 50.72
C ALA E 256 42.61 -7.73 50.04
N GLY E 257 41.37 -7.92 50.47
CA GLY E 257 40.25 -7.25 49.85
C GLY E 257 39.53 -8.04 48.78
N LEU E 258 39.69 -9.35 48.74
CA LEU E 258 39.03 -10.21 47.77
C LEU E 258 38.04 -11.11 48.51
N ASN E 259 36.78 -11.08 48.07
CA ASN E 259 35.76 -11.91 48.71
C ASN E 259 35.95 -13.36 48.31
N PRO E 260 36.16 -14.28 49.26
CA PRO E 260 36.36 -15.69 48.88
C PRO E 260 35.07 -16.48 48.81
N ILE E 261 34.93 -17.30 47.77
CA ILE E 261 33.77 -18.15 47.56
C ILE E 261 34.24 -19.60 47.72
N PRO E 262 33.89 -20.28 48.81
CA PRO E 262 34.32 -21.67 48.99
C PRO E 262 33.49 -22.62 48.15
N VAL E 263 34.17 -23.60 47.55
CA VAL E 263 33.53 -24.61 46.72
C VAL E 263 34.01 -25.98 47.18
N GLN E 264 33.08 -26.92 47.33
CA GLN E 264 33.43 -28.28 47.73
C GLN E 264 34.03 -29.01 46.54
N TRP E 265 35.27 -29.46 46.68
CA TRP E 265 35.98 -30.08 45.57
C TRP E 265 36.81 -31.28 46.01
N SER E 266 36.55 -31.81 47.21
CA SER E 266 37.44 -32.81 47.79
C SER E 266 37.49 -34.07 46.95
N GLU E 267 36.32 -34.64 46.63
CA GLU E 267 36.30 -35.93 45.96
C GLU E 267 36.69 -35.84 44.49
N MET E 268 36.51 -34.67 43.87
CA MET E 268 37.03 -34.50 42.51
C MET E 268 38.54 -34.38 42.50
N ASP E 269 39.15 -33.93 43.60
CA ASP E 269 40.60 -33.88 43.70
C ASP E 269 41.19 -35.28 43.61
N LYS E 270 40.55 -36.26 44.24
CA LYS E 270 41.02 -37.64 44.17
C LYS E 270 41.05 -38.14 42.74
N LEU E 271 40.16 -37.63 41.88
CA LEU E 271 40.24 -37.96 40.46
C LEU E 271 41.51 -37.40 39.85
N GLY E 272 42.01 -36.29 40.39
CA GLY E 272 43.24 -35.70 39.90
C GLY E 272 43.07 -34.64 38.85
N ILE E 273 41.95 -33.91 38.86
CA ILE E 273 41.69 -32.86 37.90
C ILE E 273 41.40 -31.57 38.66
N SER E 274 42.03 -30.48 38.24
CA SER E 274 41.92 -29.20 38.92
C SER E 274 40.70 -28.43 38.45
N MET E 275 40.28 -27.45 39.26
CA MET E 275 39.14 -26.62 38.89
C MET E 275 39.41 -25.81 37.64
N ARG E 276 40.66 -25.38 37.45
CA ARG E 276 41.02 -24.67 36.23
C ARG E 276 40.76 -25.52 34.99
N ALA E 277 40.91 -26.84 35.12
CA ALA E 277 40.63 -27.76 34.03
C ALA E 277 39.21 -28.31 34.09
N ALA E 278 38.37 -27.82 34.99
CA ALA E 278 36.99 -28.24 35.06
C ALA E 278 36.03 -27.23 34.46
N VAL E 279 36.54 -26.11 33.94
CA VAL E 279 35.72 -25.05 33.37
C VAL E 279 36.44 -24.48 32.17
N LEU E 280 35.77 -24.40 31.02
CA LEU E 280 36.37 -23.83 29.83
C LEU E 280 35.80 -22.44 29.60
N PRO E 281 36.57 -21.37 29.84
CA PRO E 281 36.06 -20.03 29.59
C PRO E 281 36.42 -19.52 28.20
N LEU E 282 35.42 -18.90 27.57
CA LEU E 282 35.58 -18.23 26.29
C LEU E 282 35.12 -16.79 26.43
N LYS E 283 35.58 -15.95 25.51
CA LYS E 283 35.16 -14.56 25.43
C LYS E 283 34.57 -14.34 24.04
N PHE E 284 33.26 -14.11 23.98
CA PHE E 284 32.55 -13.91 22.73
C PHE E 284 32.20 -12.43 22.59
N PHE E 285 32.53 -11.85 21.43
CA PHE E 285 32.20 -10.47 21.16
C PHE E 285 31.55 -10.37 19.78
N LYS E 286 30.62 -9.42 19.65
CA LYS E 286 29.96 -9.20 18.37
C LYS E 286 30.78 -8.27 17.48
N VAL F 58 11.85 -0.08 -11.15
CA VAL F 58 12.32 1.30 -11.27
C VAL F 58 12.25 2.01 -9.93
N SER F 59 11.54 1.40 -8.97
CA SER F 59 11.50 1.92 -7.61
C SER F 59 11.18 0.74 -6.68
N HIS F 60 12.19 0.22 -6.01
CA HIS F 60 12.04 -0.93 -5.13
C HIS F 60 12.26 -0.48 -3.71
N LEU F 61 11.27 -0.71 -2.84
CA LEU F 61 11.40 -0.31 -1.45
C LEU F 61 12.51 -1.11 -0.77
N SER F 62 13.25 -0.46 0.12
CA SER F 62 14.36 -1.10 0.80
C SER F 62 13.80 -2.08 1.83
N ALA F 63 14.02 -3.37 1.61
CA ALA F 63 13.37 -4.39 2.43
C ALA F 63 13.87 -4.35 3.86
N ARG F 64 15.16 -4.10 4.07
CA ARG F 64 15.71 -4.09 5.43
C ARG F 64 15.10 -2.98 6.27
N ASN F 65 15.07 -1.76 5.73
CA ASN F 65 14.45 -0.65 6.45
C ASN F 65 12.96 -0.87 6.63
N ILE F 66 12.30 -1.49 5.63
CA ILE F 66 10.89 -1.82 5.78
C ILE F 66 10.69 -2.78 6.95
N ALA F 67 11.60 -3.74 7.11
CA ALA F 67 11.51 -4.65 8.24
C ALA F 67 11.67 -3.92 9.56
N THR F 68 12.66 -3.02 9.63
CA THR F 68 12.87 -2.28 10.87
C THR F 68 11.71 -1.36 11.17
N GLU F 69 10.99 -0.90 10.14
CA GLU F 69 9.78 -0.11 10.35
C GLU F 69 8.63 -0.98 10.82
N ALA F 70 8.47 -2.16 10.21
CA ALA F 70 7.35 -3.03 10.54
C ALA F 70 7.48 -3.59 11.94
N LEU F 71 8.71 -3.76 12.44
CA LEU F 71 8.86 -4.19 13.82
C LEU F 71 8.29 -3.15 14.77
N GLN F 72 8.59 -1.87 14.54
CA GLN F 72 8.03 -0.81 15.36
C GLN F 72 6.51 -0.74 15.21
N MET F 73 6.01 -0.96 13.99
CA MET F 73 4.57 -0.95 13.77
C MET F 73 3.90 -2.09 14.54
N LYS F 74 4.52 -3.26 14.55
CA LYS F 74 3.96 -4.39 15.29
C LYS F 74 3.97 -4.12 16.79
N LYS F 75 5.06 -3.55 17.30
CA LYS F 75 5.10 -3.21 18.72
C LYS F 75 4.00 -2.22 19.06
N LEU F 76 3.82 -1.19 18.23
CA LEU F 76 2.75 -0.23 18.46
C LEU F 76 1.39 -0.89 18.41
N HIS F 77 1.17 -1.78 17.44
CA HIS F 77 -0.14 -2.39 17.27
C HIS F 77 -0.49 -3.31 18.43
N GLN F 78 0.49 -4.04 18.96
CA GLN F 78 0.19 -4.97 20.04
C GLN F 78 0.39 -4.37 21.42
N GLU F 79 0.86 -3.13 21.53
CA GLU F 79 0.92 -2.48 22.83
C GLU F 79 -0.08 -1.36 23.02
N ARG F 80 -0.47 -0.67 21.95
CA ARG F 80 -1.35 0.49 22.08
C ARG F 80 -2.82 0.11 22.16
N GLY F 81 -3.18 -1.12 21.80
CA GLY F 81 -4.56 -1.54 21.82
C GLY F 81 -4.99 -2.26 20.56
N GLY F 82 -4.40 -1.86 19.43
CA GLY F 82 -4.68 -2.53 18.18
C GLY F 82 -5.79 -1.93 17.36
N ASN F 83 -5.72 -0.64 17.09
CA ASN F 83 -6.70 -0.01 16.22
C ASN F 83 -6.50 -0.50 14.78
N PRO F 84 -7.58 -0.75 14.04
CA PRO F 84 -7.42 -1.31 12.68
C PRO F 84 -6.74 -0.37 11.72
N MET F 85 -6.70 0.94 11.98
CA MET F 85 -6.06 1.87 11.08
C MET F 85 -4.56 1.55 10.94
N LEU F 86 -3.91 1.27 12.06
CA LEU F 86 -2.50 0.91 12.02
C LEU F 86 -2.29 -0.41 11.29
N ALA F 87 -3.19 -1.37 11.48
CA ALA F 87 -3.08 -2.63 10.76
C ALA F 87 -3.19 -2.41 9.26
N GLN F 88 -4.14 -1.58 8.84
CA GLN F 88 -4.28 -1.31 7.41
C GLN F 88 -3.05 -0.61 6.86
N GLN F 89 -2.49 0.33 7.63
CA GLN F 89 -1.28 1.02 7.20
C GLN F 89 -0.11 0.04 7.04
N ALA F 90 0.03 -0.86 8.01
CA ALA F 90 1.10 -1.86 7.93
C ALA F 90 0.91 -2.78 6.74
N ARG F 91 -0.33 -3.21 6.49
CA ARG F 91 -0.56 -4.08 5.34
C ARG F 91 -0.30 -3.34 4.04
N ARG F 92 -0.66 -2.06 3.97
CA ARG F 92 -0.38 -1.29 2.76
C ARG F 92 1.11 -1.19 2.50
N VAL F 93 1.90 -0.91 3.53
CA VAL F 93 3.34 -0.78 3.30
C VAL F 93 3.95 -2.14 2.99
N LEU F 94 3.45 -3.20 3.64
CA LEU F 94 4.06 -4.52 3.44
C LEU F 94 3.71 -5.12 2.09
N PHE F 95 2.54 -4.84 1.54
CA PHE F 95 2.16 -5.42 0.25
C PHE F 95 3.11 -4.97 -0.86
N ALA F 96 3.44 -3.69 -0.89
CA ALA F 96 4.35 -3.17 -1.90
C ALA F 96 5.79 -3.60 -1.68
N THR F 97 6.14 -4.01 -0.45
CA THR F 97 7.47 -4.53 -0.18
C THR F 97 7.71 -5.80 -0.99
N SER F 98 8.94 -5.98 -1.45
CA SER F 98 9.25 -7.15 -2.25
C SER F 98 10.73 -7.46 -2.14
N ILE F 99 11.06 -8.70 -1.78
CA ILE F 99 12.44 -9.17 -1.85
C ILE F 99 12.79 -9.41 -3.32
N ALA F 100 14.00 -9.00 -3.68
CA ALA F 100 14.42 -8.93 -5.08
C ALA F 100 15.91 -9.23 -5.11
N GLY F 101 16.59 -8.78 -6.18
CA GLY F 101 18.01 -9.03 -6.32
C GLY F 101 18.84 -8.41 -5.22
N GLN F 102 18.18 -7.86 -4.21
CA GLN F 102 18.83 -7.52 -2.96
C GLN F 102 19.36 -8.79 -2.29
N ASN F 103 20.15 -8.60 -1.23
CA ASN F 103 20.83 -9.72 -0.60
C ASN F 103 20.49 -9.79 0.89
N LEU F 104 19.20 -9.77 1.21
CA LEU F 104 18.76 -9.79 2.60
C LEU F 104 19.36 -10.98 3.35
N ASP F 105 19.78 -10.73 4.58
CA ASP F 105 20.28 -11.77 5.46
C ASP F 105 19.12 -12.47 6.16
N ALA F 106 19.37 -13.71 6.57
CA ALA F 106 18.30 -14.53 7.14
C ALA F 106 17.71 -13.89 8.39
N ARG F 107 18.49 -13.11 9.13
CA ARG F 107 17.95 -12.44 10.30
C ARG F 107 16.86 -11.45 9.92
N SER F 108 17.05 -10.72 8.83
CA SER F 108 16.09 -9.75 8.35
C SER F 108 15.27 -10.27 7.18
N VAL F 109 15.01 -11.57 7.14
CA VAL F 109 13.98 -12.15 6.30
C VAL F 109 12.88 -12.77 7.13
N ALA F 110 13.24 -13.44 8.23
CA ALA F 110 12.26 -13.94 9.17
C ALA F 110 11.47 -12.82 9.82
N LEU F 111 11.97 -11.58 9.76
CA LEU F 111 11.20 -10.45 10.27
C LEU F 111 10.13 -10.01 9.27
N LEU F 112 10.50 -9.89 7.99
CA LEU F 112 9.51 -9.57 6.97
C LEU F 112 8.45 -10.66 6.85
N LEU F 113 8.73 -11.86 7.33
CA LEU F 113 7.76 -12.94 7.33
C LEU F 113 6.94 -12.96 8.62
N ASN F 114 7.62 -12.81 9.77
CA ASN F 114 6.94 -12.79 11.05
C ASN F 114 5.94 -11.65 11.14
N THR F 115 6.37 -10.42 10.85
CA THR F 115 5.46 -9.28 10.91
C THR F 115 4.34 -9.44 9.91
N ALA F 116 4.66 -9.86 8.68
CA ALA F 116 3.63 -10.06 7.67
C ALA F 116 2.55 -11.01 8.17
N VAL F 117 2.97 -12.19 8.62
CA VAL F 117 2.00 -13.18 9.08
C VAL F 117 1.24 -12.66 10.30
N TYR F 118 1.88 -11.82 11.12
CA TYR F 118 1.17 -11.19 12.22
C TYR F 118 0.05 -10.29 11.71
N PHE F 119 0.32 -9.55 10.63
CA PHE F 119 -0.62 -8.55 10.13
C PHE F 119 -1.64 -9.11 9.16
N GLY F 120 -1.67 -10.42 8.95
CA GLY F 120 -2.68 -11.05 8.13
C GLY F 120 -2.19 -11.57 6.79
N MET F 121 -0.97 -11.25 6.41
CA MET F 121 -0.43 -11.73 5.14
C MET F 121 -0.39 -13.26 5.13
N GLU F 122 -0.62 -13.83 3.95
CA GLU F 122 -0.53 -15.27 3.76
C GLU F 122 0.12 -15.52 2.39
N SER F 123 0.00 -16.75 1.91
CA SER F 123 0.63 -17.11 0.64
C SER F 123 0.00 -16.35 -0.52
N ASP F 124 -1.14 -15.71 -0.28
CA ASP F 124 -1.76 -14.89 -1.31
C ASP F 124 -0.84 -13.76 -1.75
N ALA F 125 -0.22 -13.07 -0.80
CA ALA F 125 0.65 -11.95 -1.14
C ALA F 125 1.90 -12.43 -1.85
N LYS F 126 2.65 -11.48 -2.41
CA LYS F 126 3.91 -11.80 -3.06
C LYS F 126 5.08 -11.79 -2.08
N LEU F 127 5.00 -10.95 -1.05
CA LEU F 127 6.05 -10.92 -0.03
C LEU F 127 6.21 -12.28 0.64
N VAL F 128 5.09 -12.88 1.05
CA VAL F 128 5.16 -14.18 1.72
C VAL F 128 5.69 -15.25 0.77
N ARG F 129 5.16 -15.27 -0.46
CA ARG F 129 5.62 -16.25 -1.44
C ARG F 129 7.10 -16.10 -1.77
N GLU F 130 7.66 -14.91 -1.58
CA GLU F 130 9.09 -14.73 -1.77
C GLU F 130 9.88 -14.89 -0.49
N CYS F 131 9.21 -14.96 0.66
CA CYS F 131 9.86 -15.22 1.94
C CYS F 131 9.74 -16.67 2.38
N ILE F 132 8.63 -17.34 2.05
CA ILE F 132 8.57 -18.78 2.26
C ILE F 132 9.58 -19.49 1.36
N ASP F 133 9.65 -19.07 0.11
CA ASP F 133 10.80 -19.45 -0.69
C ASP F 133 12.04 -18.73 -0.17
N TYR F 134 13.21 -19.21 -0.62
CA TYR F 134 14.52 -18.81 -0.10
C TYR F 134 14.72 -19.41 1.29
N CYS F 135 13.66 -20.00 1.86
CA CYS F 135 13.80 -20.88 2.99
C CYS F 135 13.82 -22.35 2.57
N LEU F 136 13.26 -22.66 1.40
CA LEU F 136 13.45 -23.98 0.81
C LEU F 136 14.86 -24.13 0.25
N LYS F 137 15.37 -23.07 -0.39
CA LYS F 137 16.65 -23.16 -1.08
C LYS F 137 17.83 -22.83 -0.17
N ASN F 138 17.69 -21.84 0.70
CA ASN F 138 18.75 -21.41 1.61
C ASN F 138 18.38 -21.85 3.03
N ASP F 139 18.89 -23.02 3.43
CA ASP F 139 18.62 -23.56 4.75
C ASP F 139 19.82 -23.45 5.68
N LYS F 140 21.03 -23.41 5.14
CA LYS F 140 22.21 -23.24 5.98
C LYS F 140 22.20 -21.90 6.70
N LEU F 141 21.67 -20.86 6.05
CA LEU F 141 21.68 -19.53 6.65
C LEU F 141 20.85 -19.48 7.91
N ILE F 142 19.81 -20.32 8.01
CA ILE F 142 18.93 -20.31 9.18
C ILE F 142 19.65 -20.98 10.33
N THR F 143 19.98 -20.21 11.35
CA THR F 143 20.58 -20.75 12.57
C THR F 143 19.50 -21.01 13.62
N VAL F 144 19.92 -21.54 14.76
CA VAL F 144 18.96 -21.93 15.79
C VAL F 144 18.27 -20.74 16.42
N ASP F 145 18.75 -19.52 16.18
CA ASP F 145 18.06 -18.34 16.67
C ASP F 145 16.91 -17.96 15.76
N VAL F 146 17.07 -18.15 14.45
CA VAL F 146 16.04 -17.76 13.49
C VAL F 146 14.99 -18.85 13.34
N LEU F 147 15.35 -20.10 13.59
CA LEU F 147 14.47 -21.24 13.39
C LEU F 147 13.11 -21.12 14.09
N PRO F 148 13.04 -20.75 15.37
CA PRO F 148 11.71 -20.65 16.00
C PRO F 148 10.80 -19.66 15.32
N ILE F 149 11.33 -18.53 14.87
CA ILE F 149 10.51 -17.53 14.20
C ILE F 149 9.95 -18.07 12.89
N VAL F 150 10.81 -18.69 12.08
CA VAL F 150 10.37 -19.24 10.81
C VAL F 150 9.33 -20.33 11.03
N VAL F 151 9.59 -21.22 12.00
CA VAL F 151 8.69 -22.36 12.21
C VAL F 151 7.35 -21.90 12.73
N THR F 152 7.32 -20.92 13.64
CA THR F 152 6.04 -20.43 14.11
C THR F 152 5.37 -19.49 13.12
N ALA F 153 6.09 -19.04 12.10
CA ALA F 153 5.46 -18.28 11.02
C ALA F 153 4.80 -19.21 10.00
N CYS F 154 5.53 -20.22 9.54
CA CYS F 154 4.97 -21.15 8.57
C CYS F 154 4.15 -22.24 9.25
N ALA F 155 3.22 -21.85 10.11
CA ALA F 155 2.37 -22.81 10.80
C ALA F 155 0.90 -22.61 10.54
N THR F 156 0.43 -21.36 10.54
CA THR F 156 -0.93 -21.07 10.16
C THR F 156 -1.12 -21.00 8.66
N LEU F 157 -0.03 -21.03 7.89
CA LEU F 157 -0.09 -20.88 6.45
C LEU F 157 -0.44 -22.22 5.81
N LYS F 158 -1.49 -22.23 4.99
CA LYS F 158 -2.02 -23.47 4.43
C LYS F 158 -1.31 -23.92 3.18
N SER F 159 -0.27 -23.21 2.73
CA SER F 159 0.42 -23.59 1.50
C SER F 159 1.09 -24.94 1.65
N ARG F 160 1.64 -25.47 0.56
CA ARG F 160 2.34 -26.74 0.59
C ARG F 160 3.85 -26.57 0.66
N ASP F 161 4.36 -25.33 0.59
CA ASP F 161 5.74 -25.06 0.95
C ASP F 161 5.87 -24.70 2.42
N ALA F 162 4.80 -24.21 3.04
CA ALA F 162 4.73 -23.99 4.47
C ALA F 162 4.61 -25.27 5.25
N ARG F 163 4.74 -26.40 4.57
CA ARG F 163 4.86 -27.70 5.22
C ARG F 163 6.10 -28.47 4.79
N GLU F 164 6.71 -28.13 3.66
CA GLU F 164 8.05 -28.65 3.37
C GLU F 164 9.10 -27.91 4.16
N VAL F 165 8.89 -26.60 4.40
CA VAL F 165 9.82 -25.84 5.22
C VAL F 165 9.86 -26.40 6.64
N ILE F 166 8.70 -26.71 7.22
CA ILE F 166 8.67 -27.22 8.58
C ILE F 166 9.44 -28.52 8.68
N GLU F 167 9.23 -29.43 7.72
CA GLU F 167 9.93 -30.71 7.77
C GLU F 167 11.42 -30.53 7.55
N MET F 168 11.82 -29.63 6.66
CA MET F 168 13.24 -29.39 6.47
C MET F 168 13.88 -28.80 7.71
N GLN F 169 13.14 -27.97 8.46
CA GLN F 169 13.67 -27.44 9.71
C GLN F 169 13.70 -28.52 10.79
N ALA F 170 12.73 -29.43 10.78
CA ALA F 170 12.71 -30.51 11.75
C ALA F 170 13.88 -31.47 11.52
N GLN F 171 14.27 -31.66 10.27
CA GLN F 171 15.47 -32.45 9.99
C GLN F 171 16.74 -31.77 10.48
N LYS F 172 16.68 -30.49 10.84
CA LYS F 172 17.81 -29.76 11.39
C LYS F 172 17.76 -29.65 12.91
N ALA F 173 16.58 -29.46 13.49
CA ALA F 173 16.47 -29.35 14.94
C ALA F 173 16.68 -30.68 15.64
N ALA F 174 16.45 -31.80 14.95
CA ALA F 174 16.71 -33.10 15.55
C ALA F 174 18.20 -33.29 15.79
N ARG F 175 19.03 -32.95 14.80
CA ARG F 175 20.47 -33.09 14.97
C ARG F 175 21.01 -32.11 16.01
N ASN F 176 20.42 -30.92 16.12
CA ASN F 176 20.86 -29.90 17.06
C ASN F 176 19.96 -29.82 18.29
N ALA F 177 19.17 -30.86 18.55
CA ALA F 177 18.39 -30.87 19.78
C ALA F 177 19.25 -31.14 21.01
N LYS F 178 20.51 -31.51 20.82
CA LYS F 178 21.41 -31.76 21.92
C LYS F 178 22.19 -30.52 22.32
N PHE F 179 22.54 -29.66 21.38
CA PHE F 179 23.37 -28.49 21.63
C PHE F 179 22.54 -27.22 21.82
N LEU F 180 21.57 -27.24 22.73
CA LEU F 180 20.68 -26.10 22.92
C LEU F 180 20.60 -25.75 24.39
N ASP F 181 20.65 -24.46 24.70
CA ASP F 181 20.57 -23.97 26.07
C ASP F 181 19.11 -23.93 26.52
N ALA F 182 18.86 -23.29 27.65
CA ALA F 182 17.52 -23.35 28.26
C ALA F 182 16.49 -22.59 27.42
N LYS F 183 16.80 -21.36 27.03
CA LYS F 183 15.81 -20.52 26.37
C LYS F 183 15.45 -21.06 25.00
N ASP F 184 16.47 -21.45 24.22
CA ASP F 184 16.23 -21.86 22.84
C ASP F 184 15.43 -23.16 22.76
N VAL F 185 15.59 -24.06 23.73
CA VAL F 185 14.80 -25.28 23.71
C VAL F 185 13.33 -24.96 23.90
N THR F 186 12.99 -24.07 24.85
CA THR F 186 11.59 -23.70 25.02
C THR F 186 11.05 -23.00 23.78
N ASN F 187 11.85 -22.12 23.18
CA ASN F 187 11.39 -21.43 21.98
C ASN F 187 11.14 -22.41 20.84
N ILE F 188 12.04 -23.36 20.62
CA ILE F 188 11.87 -24.31 19.52
C ILE F 188 10.69 -25.23 19.78
N ILE F 189 10.51 -25.68 21.02
CA ILE F 189 9.39 -26.56 21.32
C ILE F 189 8.06 -25.82 21.15
N SER F 190 7.98 -24.57 21.63
CA SER F 190 6.74 -23.82 21.46
C SER F 190 6.48 -23.51 19.99
N ALA F 191 7.54 -23.35 19.19
CA ALA F 191 7.36 -23.16 17.76
C ALA F 191 6.80 -24.41 17.10
N PHE F 192 7.40 -25.57 17.38
CA PHE F 192 6.98 -26.80 16.73
C PHE F 192 5.66 -27.34 17.27
N SER F 193 5.20 -26.84 18.42
CA SER F 193 3.90 -27.25 18.91
C SER F 193 2.78 -26.80 17.99
N LYS F 194 2.90 -25.60 17.43
CA LYS F 194 1.82 -25.04 16.62
C LYS F 194 1.60 -25.85 15.35
N THR F 195 2.68 -26.27 14.68
CA THR F 195 2.55 -26.88 13.37
C THR F 195 1.85 -28.24 13.42
N GLY F 196 1.80 -28.88 14.59
CA GLY F 196 1.25 -30.21 14.67
C GLY F 196 2.04 -31.27 13.93
N ILE F 197 3.36 -31.11 13.85
CA ILE F 197 4.21 -32.09 13.19
C ILE F 197 4.19 -33.37 14.00
N ASN F 198 4.66 -34.47 13.41
CA ASN F 198 4.57 -35.80 14.02
C ASN F 198 5.91 -36.53 13.93
N HIS F 199 6.98 -35.85 14.33
CA HIS F 199 8.32 -36.42 14.31
C HIS F 199 8.69 -36.80 15.74
N GLU F 200 8.66 -38.10 16.04
CA GLU F 200 8.86 -38.55 17.42
C GLU F 200 10.33 -38.52 17.83
N LYS F 201 11.26 -38.72 16.90
CA LYS F 201 12.68 -38.67 17.26
C LYS F 201 13.06 -37.28 17.75
N LEU F 202 12.57 -36.24 17.07
CA LEU F 202 12.85 -34.87 17.50
C LEU F 202 12.28 -34.60 18.88
N PHE F 203 11.05 -35.05 19.14
CA PHE F 203 10.45 -34.80 20.44
C PHE F 203 11.19 -35.57 21.54
N ALA F 204 11.63 -36.79 21.25
CA ALA F 204 12.40 -37.52 22.24
C ALA F 204 13.72 -36.82 22.55
N PHE F 205 14.41 -36.35 21.52
CA PHE F 205 15.67 -35.64 21.75
C PHE F 205 15.44 -34.37 22.55
N LEU F 206 14.38 -33.63 22.24
CA LEU F 206 14.11 -32.39 22.96
C LEU F 206 13.72 -32.65 24.40
N SER F 207 12.98 -33.73 24.66
CA SER F 207 12.69 -34.11 26.03
C SER F 207 13.97 -34.48 26.78
N ARG F 208 14.88 -35.18 26.10
CA ARG F 208 16.17 -35.50 26.70
C ARG F 208 16.92 -34.23 27.09
N ARG F 209 16.95 -33.25 26.18
CA ARG F 209 17.65 -32.00 26.47
C ARG F 209 16.98 -31.24 27.61
N VAL F 210 15.64 -31.26 27.66
CA VAL F 210 14.94 -30.61 28.76
C VAL F 210 15.30 -31.25 30.09
N GLN F 211 15.31 -32.57 30.15
CA GLN F 211 15.67 -33.26 31.39
C GLN F 211 17.12 -32.95 31.78
N THR F 212 18.04 -32.97 30.82
CA THR F 212 19.43 -32.68 31.15
C THR F 212 19.60 -31.26 31.66
N LEU F 213 18.92 -30.30 31.05
CA LEU F 213 19.04 -28.91 31.48
C LEU F 213 18.36 -28.68 32.83
N ALA F 214 17.26 -29.37 33.12
CA ALA F 214 16.52 -29.17 34.35
C ALA F 214 16.97 -30.09 35.46
N ARG F 215 17.98 -30.94 35.23
CA ARG F 215 18.58 -31.68 36.33
C ARG F 215 19.16 -30.71 37.36
N VAL F 216 19.86 -29.68 36.90
CA VAL F 216 20.27 -28.55 37.72
C VAL F 216 19.40 -27.37 37.33
N GLY F 217 18.82 -26.70 38.33
CA GLY F 217 17.81 -25.69 38.07
C GLY F 217 18.23 -24.64 37.08
N GLU F 218 17.62 -24.66 35.88
CA GLU F 218 17.99 -23.73 34.83
C GLU F 218 16.79 -23.20 34.06
N PHE F 219 15.57 -23.46 34.53
CA PHE F 219 14.36 -22.94 33.91
C PHE F 219 13.66 -22.00 34.88
N GLU F 220 13.41 -20.77 34.44
CA GLU F 220 12.66 -19.84 35.26
C GLU F 220 11.19 -20.25 35.32
N ALA F 221 10.46 -19.66 36.27
CA ALA F 221 9.05 -20.01 36.41
C ALA F 221 8.16 -19.28 35.42
N ALA F 222 8.58 -19.24 34.16
CA ALA F 222 7.72 -18.90 33.03
C ALA F 222 7.95 -19.79 31.83
N HIS F 223 9.12 -20.41 31.70
CA HIS F 223 9.36 -21.39 30.65
C HIS F 223 8.75 -22.74 30.97
N LEU F 224 8.50 -23.04 32.24
CA LEU F 224 7.81 -24.27 32.58
C LEU F 224 6.39 -24.27 32.02
N VAL F 225 5.69 -23.14 32.12
CA VAL F 225 4.36 -23.05 31.56
C VAL F 225 4.39 -23.23 30.05
N ILE F 226 5.34 -22.55 29.39
CA ILE F 226 5.43 -22.66 27.94
C ILE F 226 5.72 -24.09 27.52
N LEU F 227 6.67 -24.73 28.20
CA LEU F 227 7.06 -26.09 27.82
C LEU F 227 5.94 -27.09 28.08
N ALA F 228 5.28 -26.99 29.23
CA ALA F 228 4.19 -27.91 29.53
C ALA F 228 3.03 -27.72 28.58
N ASN F 229 2.66 -26.46 28.29
CA ASN F 229 1.58 -26.21 27.35
C ASN F 229 1.92 -26.76 25.96
N ALA F 230 3.16 -26.54 25.52
CA ALA F 230 3.54 -26.99 24.18
C ALA F 230 3.51 -28.51 24.07
N PHE F 231 4.07 -29.20 25.09
CA PHE F 231 4.06 -30.65 25.03
C PHE F 231 2.65 -31.22 25.16
N SER F 232 1.83 -30.63 26.05
CA SER F 232 0.45 -31.11 26.21
C SER F 232 -0.34 -30.92 24.92
N ARG F 233 -0.22 -29.77 24.27
CA ARG F 233 -0.86 -29.57 22.99
C ARG F 233 -0.28 -30.48 21.92
N LEU F 234 0.96 -30.89 22.08
CA LEU F 234 1.58 -31.84 21.16
C LEU F 234 1.15 -33.27 21.42
N ARG F 235 0.50 -33.55 22.55
CA ARG F 235 0.03 -34.88 22.92
C ARG F 235 1.20 -35.87 22.95
N TYR F 236 2.11 -35.60 23.88
CA TYR F 236 3.33 -36.38 24.06
C TYR F 236 3.37 -36.86 25.51
N ARG F 237 3.09 -38.13 25.72
CA ARG F 237 2.98 -38.70 27.06
C ARG F 237 4.33 -39.23 27.50
N ASP F 238 4.93 -38.59 28.50
CA ASP F 238 6.17 -39.05 29.11
C ASP F 238 6.10 -38.78 30.62
N LYS F 239 6.37 -39.80 31.42
CA LYS F 239 6.38 -39.60 32.86
C LYS F 239 7.64 -38.90 33.32
N PHE F 240 8.78 -39.20 32.70
CA PHE F 240 10.05 -38.61 33.11
C PHE F 240 10.04 -37.09 32.96
N LEU F 241 9.68 -36.61 31.77
CA LEU F 241 9.76 -35.18 31.49
C LEU F 241 8.80 -34.38 32.36
N PHE F 242 7.57 -34.84 32.50
CA PHE F 242 6.62 -34.09 33.32
C PHE F 242 6.94 -34.20 34.80
N GLY F 243 7.49 -35.34 35.23
CA GLY F 243 7.99 -35.41 36.60
C GLY F 243 9.09 -34.41 36.85
N ALA F 244 10.02 -34.28 35.90
CA ALA F 244 11.09 -33.30 36.04
C ALA F 244 10.55 -31.88 36.07
N ILE F 245 9.58 -31.58 35.21
CA ILE F 245 9.00 -30.25 35.18
C ILE F 245 8.29 -29.94 36.49
N ALA F 246 7.55 -30.90 37.03
CA ALA F 246 6.89 -30.68 38.31
C ALA F 246 7.90 -30.48 39.43
N ARG F 247 8.99 -31.26 39.42
CA ARG F 247 10.03 -31.10 40.42
C ARG F 247 10.65 -29.71 40.35
N ARG F 248 10.95 -29.25 39.14
CA ARG F 248 11.52 -27.92 38.97
C ARG F 248 10.55 -26.83 39.41
N ALA F 249 9.27 -27.00 39.10
CA ALA F 249 8.28 -26.03 39.52
C ALA F 249 8.17 -25.98 41.04
N MET F 250 8.22 -27.13 41.69
CA MET F 250 8.20 -27.15 43.15
C MET F 250 9.48 -26.57 43.74
N SER F 251 10.60 -26.68 43.01
CA SER F 251 11.85 -26.09 43.49
C SER F 251 11.75 -24.57 43.57
N LEU F 252 11.15 -23.95 42.56
CA LEU F 252 10.98 -22.49 42.55
C LEU F 252 9.69 -22.12 43.26
N ARG F 253 9.68 -22.36 44.57
CA ARG F 253 8.52 -22.04 45.39
C ARG F 253 8.24 -20.54 45.36
N GLU F 254 6.95 -20.20 45.22
CA GLU F 254 6.44 -18.84 45.34
C GLU F 254 6.83 -17.98 44.15
N ARG F 255 7.74 -18.47 43.31
CA ARG F 255 8.03 -17.76 42.07
C ARG F 255 6.99 -18.06 41.00
N VAL F 256 6.31 -19.19 41.12
CA VAL F 256 5.17 -19.52 40.27
C VAL F 256 3.93 -18.86 40.86
N THR F 257 3.62 -17.65 40.39
CA THR F 257 2.41 -16.99 40.84
C THR F 257 1.19 -17.66 40.23
N VAL F 258 0.01 -17.26 40.72
CA VAL F 258 -1.23 -17.89 40.29
C VAL F 258 -1.37 -17.81 38.78
N ASN F 259 -1.11 -16.64 38.22
CA ASN F 259 -1.19 -16.45 36.77
C ASN F 259 -0.26 -17.38 36.03
N GLU F 260 0.84 -17.81 36.66
CA GLU F 260 1.71 -18.82 36.09
C GLU F 260 1.44 -20.22 36.62
N LEU F 261 0.65 -20.34 37.69
CA LEU F 261 0.35 -21.66 38.25
C LEU F 261 -0.78 -22.34 37.49
N VAL F 262 -1.87 -21.63 37.25
CA VAL F 262 -3.07 -22.25 36.65
C VAL F 262 -2.76 -22.91 35.31
N PRO F 263 -2.08 -22.26 34.35
CA PRO F 263 -1.79 -22.94 33.09
C PRO F 263 -0.97 -24.19 33.25
N LEU F 264 -0.07 -24.24 34.23
CA LEU F 264 0.72 -25.44 34.47
C LEU F 264 -0.19 -26.60 34.88
N ILE F 265 -1.13 -26.34 35.79
CA ILE F 265 -2.11 -27.35 36.18
C ILE F 265 -2.90 -27.82 34.97
N VAL F 266 -3.33 -26.89 34.13
CA VAL F 266 -4.12 -27.24 32.96
C VAL F 266 -3.31 -28.14 32.03
N ALA F 267 -2.06 -27.76 31.76
CA ALA F 267 -1.24 -28.52 30.83
C ALA F 267 -0.96 -29.93 31.35
N PHE F 268 -0.70 -30.05 32.66
CA PHE F 268 -0.47 -31.38 33.22
C PHE F 268 -1.74 -32.22 33.20
N SER F 269 -2.88 -31.62 33.49
CA SER F 269 -4.15 -32.36 33.50
C SER F 269 -4.57 -32.79 32.11
N LYS F 270 -4.18 -32.07 31.08
CA LYS F 270 -4.62 -32.36 29.72
C LYS F 270 -3.77 -33.42 29.02
N ILE F 271 -2.74 -33.95 29.68
CA ILE F 271 -1.83 -34.89 29.04
C ILE F 271 -2.20 -36.35 29.29
N GLY F 272 -3.03 -36.64 30.28
CA GLY F 272 -3.39 -38.01 30.56
C GLY F 272 -2.42 -38.77 31.43
N LEU F 273 -1.64 -38.10 32.26
CA LEU F 273 -0.71 -38.76 33.16
C LEU F 273 -1.44 -39.49 34.27
N LYS F 274 -1.57 -40.81 34.15
CA LYS F 274 -2.22 -41.61 35.18
C LYS F 274 -1.29 -41.69 36.39
N ASP F 275 -1.57 -40.88 37.41
CA ASP F 275 -0.77 -40.87 38.64
C ASP F 275 -1.46 -40.05 39.72
N PRO F 276 -1.33 -40.47 40.99
CA PRO F 276 -1.87 -39.65 42.08
C PRO F 276 -0.86 -38.70 42.71
N LYS F 277 0.41 -38.76 42.29
CA LYS F 277 1.47 -37.97 42.90
C LYS F 277 1.27 -36.48 42.67
N LEU F 278 1.33 -36.05 41.40
CA LEU F 278 1.28 -34.63 41.08
C LEU F 278 -0.06 -34.02 41.43
N SER F 279 -1.16 -34.76 41.19
CA SER F 279 -2.48 -34.26 41.55
C SER F 279 -2.61 -34.06 43.05
N LYS F 280 -1.79 -34.74 43.85
CA LYS F 280 -1.76 -34.50 45.28
C LYS F 280 -0.93 -33.27 45.63
N ARG F 281 0.18 -33.08 44.91
CA ARG F 281 1.08 -31.98 45.22
C ARG F 281 0.48 -30.63 44.86
N PHE F 282 -0.15 -30.55 43.68
CA PHE F 282 -0.71 -29.27 43.23
C PHE F 282 -1.89 -28.83 44.08
N ALA F 283 -2.45 -29.72 44.90
CA ALA F 283 -3.67 -29.41 45.64
C ALA F 283 -3.44 -28.27 46.62
N THR F 284 -2.38 -28.36 47.44
CA THR F 284 -2.13 -27.32 48.43
C THR F 284 -1.80 -25.99 47.76
N LYS F 285 -1.05 -26.03 46.67
CA LYS F 285 -0.72 -24.80 45.95
C LYS F 285 -1.99 -24.12 45.45
N ALA F 286 -2.90 -24.89 44.84
CA ALA F 286 -4.15 -24.31 44.39
C ALA F 286 -4.98 -23.79 45.55
N MET F 287 -4.98 -24.52 46.67
CA MET F 287 -5.74 -24.09 47.84
C MET F 287 -5.24 -22.75 48.37
N GLU F 288 -3.92 -22.56 48.37
CA GLU F 288 -3.38 -21.30 48.85
C GLU F 288 -3.59 -20.18 47.83
N TYR F 289 -3.53 -20.50 46.53
CA TYR F 289 -3.63 -19.46 45.51
C TYR F 289 -5.05 -19.13 45.11
N VAL F 290 -6.05 -19.85 45.63
CA VAL F 290 -7.44 -19.57 45.28
C VAL F 290 -7.84 -18.14 45.62
N ASP F 291 -7.08 -17.44 46.46
CA ASP F 291 -7.48 -16.13 46.92
C ASP F 291 -7.52 -15.10 45.80
N GLN F 292 -6.53 -15.11 44.92
CA GLN F 292 -6.30 -14.00 44.00
C GLN F 292 -6.45 -14.41 42.53
N MET F 293 -7.46 -15.21 42.22
CA MET F 293 -7.69 -15.64 40.85
C MET F 293 -9.09 -15.27 40.40
N ASN F 294 -9.24 -15.02 39.10
CA ASN F 294 -10.50 -14.56 38.53
C ASN F 294 -11.35 -15.74 38.08
N ALA F 295 -12.51 -15.42 37.49
CA ALA F 295 -13.49 -16.45 37.15
C ALA F 295 -12.95 -17.44 36.12
N GLU F 296 -12.25 -16.93 35.10
CA GLU F 296 -11.77 -17.80 34.02
C GLU F 296 -10.84 -18.87 34.56
N GLN F 297 -9.84 -18.46 35.34
CA GLN F 297 -8.91 -19.43 35.91
C GLN F 297 -9.61 -20.36 36.89
N VAL F 298 -10.61 -19.86 37.61
CA VAL F 298 -11.36 -20.71 38.54
C VAL F 298 -12.05 -21.84 37.79
N ALA F 299 -12.75 -21.51 36.71
CA ALA F 299 -13.44 -22.54 35.94
C ALA F 299 -12.45 -23.49 35.27
N SER F 300 -11.35 -22.95 34.74
CA SER F 300 -10.36 -23.81 34.09
C SER F 300 -9.76 -24.78 35.09
N MET F 301 -9.47 -24.32 36.31
CA MET F 301 -8.94 -25.21 37.32
C MET F 301 -9.99 -26.23 37.76
N PHE F 302 -11.26 -25.83 37.81
CA PHE F 302 -12.33 -26.79 38.06
C PHE F 302 -12.25 -27.93 37.06
N MET F 303 -12.16 -27.59 35.77
CA MET F 303 -12.12 -28.62 34.74
C MET F 303 -10.87 -29.47 34.85
N ALA F 304 -9.73 -28.85 35.16
CA ALA F 304 -8.49 -29.60 35.27
C ALA F 304 -8.55 -30.60 36.42
N PHE F 305 -9.06 -30.16 37.57
CA PHE F 305 -9.16 -31.05 38.72
C PHE F 305 -10.17 -32.15 38.48
N ALA F 306 -11.23 -31.87 37.74
CA ALA F 306 -12.15 -32.94 37.35
C ALA F 306 -11.44 -33.96 36.48
N TYR F 307 -10.64 -33.50 35.52
CA TYR F 307 -10.00 -34.41 34.59
C TYR F 307 -8.86 -35.19 35.23
N PHE F 308 -8.27 -34.69 36.31
CA PHE F 308 -7.28 -35.48 37.03
C PHE F 308 -7.92 -36.71 37.66
N GLY F 309 -9.18 -36.60 38.08
CA GLY F 309 -9.96 -37.75 38.49
C GLY F 309 -9.98 -38.07 39.97
N ILE F 310 -9.51 -37.17 40.83
CA ILE F 310 -9.49 -37.42 42.27
C ILE F 310 -10.36 -36.37 42.95
N ARG F 311 -10.91 -36.74 44.11
CA ARG F 311 -11.84 -35.90 44.85
C ARG F 311 -11.15 -35.31 46.07
N TYR F 312 -11.03 -33.99 46.12
CA TYR F 312 -10.47 -33.27 47.25
C TYR F 312 -11.58 -32.44 47.88
N ASP F 313 -11.89 -32.72 49.15
CA ASP F 313 -12.99 -32.03 49.80
C ASP F 313 -12.67 -30.57 50.07
N GLN F 314 -11.50 -30.30 50.67
CA GLN F 314 -11.20 -28.94 51.10
C GLN F 314 -10.97 -28.01 49.91
N LEU F 315 -10.25 -28.49 48.90
CA LEU F 315 -10.00 -27.65 47.73
C LEU F 315 -11.29 -27.32 47.00
N PHE F 316 -12.17 -28.31 46.82
CA PHE F 316 -13.45 -28.03 46.16
C PHE F 316 -14.32 -27.11 47.01
N GLY F 317 -14.27 -27.26 48.34
CA GLY F 317 -15.04 -26.37 49.20
C GLY F 317 -14.58 -24.93 49.09
N VAL F 318 -13.27 -24.70 49.13
CA VAL F 318 -12.79 -23.33 48.99
C VAL F 318 -13.00 -22.83 47.57
N LEU F 319 -13.02 -23.73 46.58
CA LEU F 319 -13.34 -23.31 45.22
C LEU F 319 -14.78 -22.84 45.12
N THR F 320 -15.70 -23.55 45.76
CA THR F 320 -17.09 -23.09 45.78
C THR F 320 -17.23 -21.76 46.51
N ASN F 321 -16.53 -21.62 47.64
CA ASN F 321 -16.57 -20.35 48.35
C ASN F 321 -15.97 -19.21 47.52
N ARG F 322 -15.00 -19.53 46.66
CA ARG F 322 -14.47 -18.54 45.74
C ARG F 322 -15.50 -18.20 44.66
N ALA F 323 -16.12 -19.23 44.08
CA ALA F 323 -17.04 -19.01 42.97
C ALA F 323 -18.24 -18.19 43.40
N VAL F 324 -18.78 -18.45 44.59
CA VAL F 324 -19.95 -17.70 45.04
C VAL F 324 -19.65 -16.22 45.18
N GLU F 325 -18.38 -15.86 45.36
CA GLU F 325 -17.98 -14.46 45.37
C GLU F 325 -17.75 -13.89 43.97
N LEU F 326 -17.55 -14.76 42.98
CA LEU F 326 -17.31 -14.33 41.60
C LEU F 326 -18.48 -14.69 40.68
N ILE F 327 -19.66 -14.96 41.23
CA ILE F 327 -20.79 -15.34 40.40
C ILE F 327 -21.15 -14.24 39.41
N ASP F 328 -20.93 -12.98 39.79
CA ASP F 328 -21.35 -11.87 38.94
C ASP F 328 -20.62 -11.87 37.60
N GLU F 329 -19.34 -12.18 37.60
CA GLU F 329 -18.52 -12.03 36.40
C GLU F 329 -18.78 -13.11 35.36
N PHE F 330 -19.31 -14.27 35.77
CA PHE F 330 -19.46 -15.41 34.87
C PHE F 330 -20.16 -15.02 33.58
N ASN F 331 -19.52 -15.32 32.45
CA ASN F 331 -20.01 -14.93 31.13
C ASN F 331 -20.53 -16.11 30.33
N ALA F 332 -20.71 -17.26 30.97
CA ALA F 332 -21.33 -18.46 30.42
C ALA F 332 -20.51 -19.16 29.35
N GLN F 333 -19.38 -18.62 28.93
CA GLN F 333 -18.52 -19.40 28.06
C GLN F 333 -17.68 -20.37 28.86
N TYR F 334 -17.40 -20.06 30.12
CA TYR F 334 -16.78 -21.01 31.03
C TYR F 334 -17.70 -21.44 32.16
N ILE F 335 -19.00 -21.10 32.07
CA ILE F 335 -19.96 -21.79 32.91
C ILE F 335 -20.11 -23.23 32.45
N SER F 336 -19.90 -23.47 31.15
CA SER F 336 -19.97 -24.83 30.62
C SER F 336 -18.93 -25.71 31.28
N THR F 337 -17.70 -25.22 31.43
CA THR F 337 -16.66 -26.02 32.05
C THR F 337 -16.92 -26.21 33.54
N THR F 338 -17.31 -25.13 34.23
CA THR F 338 -17.57 -25.25 35.66
C THR F 338 -18.79 -26.10 35.97
N LEU F 339 -19.62 -26.41 34.98
CA LEU F 339 -20.71 -27.36 35.15
C LEU F 339 -20.34 -28.77 34.71
N ASN F 340 -19.63 -28.88 33.58
CA ASN F 340 -19.25 -30.19 33.06
C ASN F 340 -18.23 -30.88 33.94
N ALA F 341 -17.35 -30.10 34.57
CA ALA F 341 -16.43 -30.68 35.54
C ALA F 341 -17.20 -31.29 36.72
N PHE F 342 -18.20 -30.57 37.23
CA PHE F 342 -19.01 -31.09 38.31
C PHE F 342 -19.72 -32.37 37.88
N GLN F 343 -20.30 -32.37 36.68
CA GLN F 343 -20.97 -33.56 36.19
C GLN F 343 -20.00 -34.73 36.09
N ARG F 344 -18.80 -34.47 35.57
CA ARG F 344 -17.85 -35.56 35.31
C ARG F 344 -17.32 -36.15 36.61
N ILE F 345 -16.93 -35.30 37.56
CA ILE F 345 -16.32 -35.81 38.78
C ILE F 345 -17.34 -36.58 39.61
N GLY F 346 -18.59 -36.13 39.62
CA GLY F 346 -19.63 -36.75 40.42
C GLY F 346 -20.11 -35.89 41.58
N ILE F 347 -19.38 -34.84 41.95
CA ILE F 347 -19.82 -33.98 43.04
C ILE F 347 -21.14 -33.33 42.66
N ASN F 348 -22.07 -33.28 43.60
CA ASN F 348 -23.44 -32.85 43.37
C ASN F 348 -23.89 -31.86 44.43
N ASN F 349 -23.05 -30.86 44.71
CA ASN F 349 -23.39 -29.87 45.74
C ASN F 349 -24.33 -28.82 45.16
N PRO F 350 -25.56 -28.68 45.66
CA PRO F 350 -26.53 -27.78 45.03
C PRO F 350 -26.43 -26.32 45.45
N GLU F 351 -25.47 -25.97 46.30
CA GLU F 351 -25.38 -24.58 46.78
C GLU F 351 -25.11 -23.61 45.64
N LEU F 352 -24.18 -23.95 44.74
CA LEU F 352 -23.82 -23.08 43.64
C LEU F 352 -24.55 -23.39 42.34
N PHE F 353 -25.24 -24.54 42.26
CA PHE F 353 -26.04 -24.81 41.08
C PHE F 353 -27.13 -23.77 40.90
N ASP F 354 -27.78 -23.37 42.00
CA ASP F 354 -28.82 -22.35 41.91
C ASP F 354 -28.26 -21.02 41.44
N ASN F 355 -27.08 -20.64 41.93
CA ASN F 355 -26.48 -19.38 41.51
C ASN F 355 -26.06 -19.42 40.05
N LEU F 356 -25.52 -20.55 39.59
CA LEU F 356 -25.21 -20.69 38.18
C LEU F 356 -26.46 -20.62 37.33
N ALA F 357 -27.55 -21.24 37.79
CA ALA F 357 -28.82 -21.14 37.09
C ALA F 357 -29.31 -19.70 37.02
N GLU F 358 -29.16 -18.96 38.12
CA GLU F 358 -29.57 -17.55 38.14
C GLU F 358 -28.75 -16.73 37.16
N ARG F 359 -27.45 -16.99 37.08
CA ARG F 359 -26.58 -16.26 36.17
C ARG F 359 -26.75 -16.71 34.73
N ALA F 360 -27.30 -17.90 34.50
CA ALA F 360 -27.55 -18.35 33.13
C ALA F 360 -28.65 -17.54 32.46
N LEU F 361 -29.58 -16.99 33.24
CA LEU F 361 -30.59 -16.11 32.67
C LEU F 361 -29.97 -14.82 32.12
N ALA F 362 -28.97 -14.29 32.82
CA ALA F 362 -28.35 -13.03 32.39
C ALA F 362 -27.75 -13.13 31.01
N VAL F 363 -27.12 -14.26 30.70
CA VAL F 363 -26.52 -14.49 29.38
C VAL F 363 -27.10 -15.81 28.87
N VAL F 364 -28.19 -15.71 28.10
CA VAL F 364 -28.82 -16.86 27.46
C VAL F 364 -28.91 -16.58 25.96
N GLN F 365 -28.98 -15.30 25.61
CA GLN F 365 -29.12 -14.92 24.21
C GLN F 365 -27.85 -15.19 23.42
N ASP F 366 -26.71 -15.35 24.09
CA ASP F 366 -25.43 -15.48 23.40
C ASP F 366 -24.63 -16.64 23.97
N HIS F 367 -25.32 -17.73 24.30
CA HIS F 367 -24.62 -18.99 24.54
C HIS F 367 -24.06 -19.53 23.24
N ASP F 368 -22.83 -20.03 23.29
CA ASP F 368 -22.27 -20.67 22.11
C ASP F 368 -23.00 -21.98 21.85
N ALA F 369 -22.84 -22.50 20.62
CA ALA F 369 -23.57 -23.69 20.21
C ALA F 369 -23.21 -24.88 21.08
N ARG F 370 -21.91 -25.18 21.20
CA ARG F 370 -21.48 -26.29 22.04
C ARG F 370 -21.79 -26.03 23.50
N ASP F 371 -21.86 -24.75 23.89
CA ASP F 371 -22.15 -24.41 25.28
C ASP F 371 -23.54 -24.90 25.67
N ILE F 372 -24.52 -24.79 24.77
CA ILE F 372 -25.85 -25.27 25.08
C ILE F 372 -25.83 -26.77 25.34
N SER F 373 -25.16 -27.52 24.48
CA SER F 373 -25.07 -28.97 24.67
C SER F 373 -24.43 -29.30 26.00
N LYS F 374 -23.28 -28.67 26.30
CA LYS F 374 -22.55 -28.98 27.53
C LYS F 374 -23.38 -28.63 28.76
N THR F 375 -23.99 -27.45 28.76
CA THR F 375 -24.76 -27.02 29.92
C THR F 375 -25.99 -27.90 30.13
N VAL F 376 -26.71 -28.21 29.06
CA VAL F 376 -27.94 -28.98 29.21
C VAL F 376 -27.64 -30.42 29.60
N THR F 377 -26.62 -31.03 29.00
CA THR F 377 -26.24 -32.37 29.44
C THR F 377 -25.68 -32.34 30.86
N ALA F 378 -25.16 -31.21 31.31
CA ALA F 378 -24.80 -31.06 32.71
C ALA F 378 -26.05 -30.87 33.57
N LEU F 379 -27.11 -30.30 33.00
CA LEU F 379 -28.39 -30.21 33.68
C LEU F 379 -29.17 -31.51 33.62
N ALA F 380 -28.59 -32.57 33.07
CA ALA F 380 -29.23 -33.88 33.12
C ALA F 380 -29.14 -34.48 34.51
N HIS F 381 -27.91 -34.67 35.01
CA HIS F 381 -27.70 -35.22 36.34
C HIS F 381 -28.17 -34.23 37.38
N PHE F 382 -29.20 -34.60 38.14
CA PHE F 382 -29.77 -33.75 39.19
C PHE F 382 -30.19 -32.39 38.63
N GLY F 383 -30.81 -32.41 37.45
CA GLY F 383 -31.39 -31.19 36.92
C GLY F 383 -32.53 -30.71 37.79
N LEU F 384 -32.46 -29.45 38.23
CA LEU F 384 -33.47 -28.92 39.13
C LEU F 384 -34.73 -28.46 38.41
N LYS F 385 -34.81 -28.69 37.10
CA LYS F 385 -36.05 -28.51 36.34
C LYS F 385 -36.58 -27.08 36.44
N ASP F 386 -35.67 -26.11 36.46
CA ASP F 386 -36.08 -24.70 36.43
C ASP F 386 -36.51 -24.38 35.00
N GLU F 387 -37.80 -24.58 34.73
CA GLU F 387 -38.33 -24.37 33.39
C GLU F 387 -38.21 -22.91 32.96
N GLU F 388 -38.13 -21.98 33.92
CA GLU F 388 -37.97 -20.57 33.58
C GLU F 388 -36.78 -20.35 32.67
N LEU F 389 -35.62 -20.91 33.04
CA LEU F 389 -34.47 -20.85 32.15
C LEU F 389 -34.56 -21.87 31.03
N PHE F 390 -35.19 -23.02 31.28
CA PHE F 390 -35.16 -24.11 30.31
C PHE F 390 -35.89 -23.73 29.03
N LYS F 391 -37.03 -23.06 29.13
CA LYS F 391 -37.78 -22.70 27.94
C LYS F 391 -37.00 -21.72 27.06
N ARG F 392 -36.39 -20.70 27.68
CA ARG F 392 -35.58 -19.76 26.91
C ARG F 392 -34.34 -20.43 26.33
N LEU F 393 -33.74 -21.36 27.06
CA LEU F 393 -32.61 -22.10 26.51
C LEU F 393 -33.04 -22.90 25.29
N ALA F 394 -34.22 -23.52 25.36
CA ALA F 394 -34.74 -24.26 24.21
C ALA F 394 -34.99 -23.34 23.02
N SER F 395 -35.58 -22.18 23.28
CA SER F 395 -35.85 -21.25 22.19
C SER F 395 -34.57 -20.77 21.54
N HIS F 396 -33.55 -20.45 22.35
CA HIS F 396 -32.27 -20.06 21.80
C HIS F 396 -31.63 -21.19 21.01
N ALA F 397 -31.73 -22.42 21.53
CA ALA F 397 -31.19 -23.57 20.81
C ALA F 397 -31.86 -23.71 19.45
N ALA F 398 -33.16 -23.46 19.39
CA ALA F 398 -33.83 -23.42 18.09
C ALA F 398 -33.27 -22.30 17.21
N SER F 399 -33.03 -21.12 17.80
CA SER F 399 -32.52 -19.99 17.04
C SER F 399 -31.04 -20.13 16.71
N ILE F 400 -30.30 -20.95 17.45
CA ILE F 400 -28.85 -21.08 17.28
C ILE F 400 -28.59 -22.34 16.46
N ALA F 401 -29.55 -22.72 15.62
CA ALA F 401 -29.54 -23.99 14.91
C ALA F 401 -28.50 -23.97 13.80
N ASP F 402 -27.52 -23.09 13.92
CA ASP F 402 -26.46 -23.03 12.93
C ASP F 402 -25.55 -24.25 13.02
N GLN F 403 -24.44 -24.21 12.31
CA GLN F 403 -23.48 -25.29 12.35
C GLN F 403 -23.25 -25.78 13.77
N PHE F 404 -23.53 -27.06 13.99
CA PHE F 404 -23.54 -27.68 15.30
C PHE F 404 -22.60 -28.88 15.27
N ASP F 405 -22.72 -29.72 16.30
CA ASP F 405 -21.92 -30.94 16.34
C ASP F 405 -22.86 -32.13 16.39
N ALA F 406 -22.61 -33.14 15.57
CA ALA F 406 -23.44 -34.33 15.54
C ALA F 406 -23.61 -34.89 16.95
N MET F 407 -22.50 -35.07 17.66
CA MET F 407 -22.58 -35.40 19.08
C MET F 407 -23.35 -34.33 19.84
N GLY F 408 -23.12 -33.06 19.49
CA GLY F 408 -23.87 -31.99 20.13
C GLY F 408 -25.36 -32.11 19.87
N LEU F 409 -25.75 -32.42 18.63
CA LEU F 409 -27.16 -32.55 18.31
C LEU F 409 -27.80 -33.69 19.08
N VAL F 410 -27.16 -34.86 19.08
CA VAL F 410 -27.76 -36.01 19.74
C VAL F 410 -27.83 -35.78 21.25
N ASN F 411 -26.79 -35.20 21.84
CA ASN F 411 -26.81 -34.94 23.27
C ASN F 411 -27.86 -33.90 23.62
N THR F 412 -28.00 -32.86 22.79
CA THR F 412 -29.01 -31.85 23.04
C THR F 412 -30.40 -32.47 23.02
N ALA F 413 -30.71 -33.23 21.98
CA ALA F 413 -32.03 -33.84 21.89
C ALA F 413 -32.27 -34.82 23.03
N HIS F 414 -31.27 -35.62 23.36
CA HIS F 414 -31.43 -36.62 24.40
C HIS F 414 -31.67 -35.97 25.76
N ALA F 415 -30.93 -34.90 26.07
CA ALA F 415 -31.12 -34.22 27.33
C ALA F 415 -32.46 -33.49 27.36
N PHE F 416 -32.90 -32.97 26.21
CA PHE F 416 -34.22 -32.35 26.14
C PHE F 416 -35.33 -33.36 26.37
N ALA F 417 -35.16 -34.58 25.85
CA ALA F 417 -36.24 -35.56 25.95
C ALA F 417 -36.26 -36.27 27.30
N ARG F 418 -35.09 -36.56 27.87
CA ARG F 418 -35.05 -37.32 29.11
C ARG F 418 -35.55 -36.49 30.29
N THR F 419 -35.44 -35.16 30.21
CA THR F 419 -35.93 -34.31 31.29
C THR F 419 -37.44 -34.13 31.23
N ASN F 420 -38.09 -34.59 30.15
CA ASN F 420 -39.55 -34.55 30.02
C ASN F 420 -40.10 -33.13 30.16
N PHE F 421 -39.58 -32.24 29.32
CA PHE F 421 -40.06 -30.87 29.17
C PHE F 421 -40.22 -30.52 27.70
N LEU F 422 -40.91 -31.41 26.99
CA LEU F 422 -41.01 -31.38 25.53
C LEU F 422 -41.39 -29.99 25.03
N GLN F 423 -40.82 -29.62 23.87
CA GLN F 423 -41.16 -28.40 23.18
C GLN F 423 -41.13 -28.67 21.67
N GLN F 424 -41.86 -27.86 20.91
CA GLN F 424 -42.14 -28.17 19.51
C GLN F 424 -41.11 -27.59 18.54
N ASP F 425 -40.86 -26.27 18.61
CA ASP F 425 -40.01 -25.64 17.61
C ASP F 425 -38.60 -26.20 17.65
N MET F 426 -38.04 -26.38 18.85
CA MET F 426 -36.70 -26.93 18.97
C MET F 426 -36.64 -28.33 18.39
N ALA F 427 -37.64 -29.16 18.69
CA ALA F 427 -37.66 -30.52 18.16
C ALA F 427 -37.72 -30.50 16.64
N VAL F 428 -38.53 -29.61 16.07
CA VAL F 428 -38.63 -29.53 14.62
C VAL F 428 -37.28 -29.17 14.01
N ALA F 429 -36.61 -28.16 14.58
CA ALA F 429 -35.34 -27.71 14.02
C ALA F 429 -34.29 -28.81 14.10
N LEU F 430 -34.20 -29.47 15.25
CA LEU F 430 -33.18 -30.50 15.42
C LEU F 430 -33.45 -31.71 14.54
N SER F 431 -34.72 -32.11 14.42
CA SER F 431 -35.06 -33.21 13.52
C SER F 431 -34.72 -32.87 12.08
N GLU F 432 -34.97 -31.63 11.68
CA GLU F 432 -34.59 -31.20 10.33
C GLU F 432 -33.08 -31.30 10.13
N ARG F 433 -32.30 -30.83 11.11
CA ARG F 433 -30.85 -30.89 10.97
C ARG F 433 -30.30 -32.31 11.03
N SER F 434 -31.05 -33.25 11.63
CA SER F 434 -30.50 -34.56 11.92
C SER F 434 -30.07 -35.34 10.67
N VAL F 435 -30.63 -35.04 9.50
CA VAL F 435 -30.37 -35.86 8.33
C VAL F 435 -28.91 -35.73 7.89
N TYR F 436 -28.36 -34.51 7.95
CA TYR F 436 -27.03 -34.27 7.40
C TYR F 436 -25.91 -34.86 8.26
N VAL F 437 -26.21 -35.29 9.47
CA VAL F 437 -25.18 -35.80 10.38
C VAL F 437 -25.37 -37.26 10.74
N CYS F 438 -26.51 -37.87 10.41
CA CYS F 438 -26.75 -39.26 10.78
C CYS F 438 -25.78 -40.21 10.10
N ARG F 439 -25.14 -39.80 9.00
CA ARG F 439 -24.20 -40.66 8.32
C ARG F 439 -22.86 -40.76 9.04
N LEU F 440 -22.69 -40.06 10.16
CA LEU F 440 -21.44 -40.05 10.91
C LEU F 440 -21.68 -40.43 12.36
N LEU F 441 -22.67 -41.27 12.62
CA LEU F 441 -23.04 -41.67 13.97
C LEU F 441 -22.76 -43.16 14.17
N ASP F 442 -22.29 -43.50 15.37
CA ASP F 442 -22.11 -44.90 15.71
C ASP F 442 -23.44 -45.49 16.18
N ALA F 443 -23.42 -46.77 16.55
CA ALA F 443 -24.65 -47.45 16.92
C ALA F 443 -25.28 -46.84 18.18
N GLY F 444 -24.46 -46.57 19.19
CA GLY F 444 -25.00 -46.05 20.44
C GLY F 444 -25.64 -44.68 20.27
N GLU F 445 -24.92 -43.76 19.62
CA GLU F 445 -25.47 -42.42 19.41
C GLU F 445 -26.64 -42.44 18.43
N THR F 446 -26.61 -43.35 17.45
CA THR F 446 -27.77 -43.51 16.57
C THR F 446 -28.98 -43.95 17.36
N ARG F 447 -28.79 -44.89 18.31
CA ARG F 447 -29.91 -45.32 19.15
C ARG F 447 -30.42 -44.17 20.00
N ARG F 448 -29.51 -43.38 20.59
CA ARG F 448 -29.94 -42.24 21.39
C ARG F 448 -30.72 -41.25 20.56
N LEU F 449 -30.24 -40.96 19.34
CA LEU F 449 -30.94 -40.04 18.46
C LEU F 449 -32.31 -40.57 18.08
N LEU F 450 -32.39 -41.86 17.77
CA LEU F 450 -33.67 -42.45 17.40
C LEU F 450 -34.67 -42.37 18.53
N TRP F 451 -34.24 -42.67 19.75
CA TRP F 451 -35.15 -42.57 20.90
C TRP F 451 -35.56 -41.13 21.14
N ALA F 452 -34.63 -40.19 20.97
CA ALA F 452 -34.98 -38.78 21.14
C ALA F 452 -36.01 -38.35 20.11
N LEU F 453 -35.86 -38.81 18.86
CA LEU F 453 -36.85 -38.52 17.84
C LEU F 453 -38.20 -39.12 18.20
N ALA F 454 -38.20 -40.37 18.69
CA ALA F 454 -39.46 -41.02 19.05
C ALA F 454 -40.17 -40.28 20.18
N LYS F 455 -39.42 -39.88 21.21
CA LYS F 455 -40.00 -39.08 22.28
C LYS F 455 -40.49 -37.73 21.77
N PHE F 456 -39.99 -37.27 20.63
CA PHE F 456 -40.47 -36.07 19.98
C PHE F 456 -41.67 -36.33 19.08
N GLN F 457 -42.04 -37.61 18.88
CA GLN F 457 -43.19 -38.00 18.08
C GLN F 457 -43.09 -37.43 16.66
N VAL F 458 -42.07 -37.88 15.95
CA VAL F 458 -41.81 -37.48 14.57
C VAL F 458 -42.05 -38.67 13.66
N ARG F 459 -42.89 -38.48 12.65
CA ARG F 459 -43.22 -39.55 11.70
C ARG F 459 -42.89 -39.17 10.26
N ASP F 460 -42.01 -38.21 10.05
CA ASP F 460 -41.65 -37.80 8.70
C ASP F 460 -40.75 -38.85 8.06
N PRO F 461 -41.15 -39.46 6.96
CA PRO F 461 -40.29 -40.51 6.34
C PRO F 461 -38.92 -40.00 5.94
N LYS F 462 -38.82 -38.76 5.45
CA LYS F 462 -37.52 -38.24 5.02
C LYS F 462 -36.56 -38.08 6.18
N ILE F 463 -37.06 -37.99 7.40
CA ILE F 463 -36.18 -37.88 8.56
C ILE F 463 -35.83 -39.25 9.12
N LEU F 464 -36.76 -40.18 9.10
CA LEU F 464 -36.57 -41.48 9.75
C LEU F 464 -35.91 -42.52 8.85
N THR F 465 -36.07 -42.41 7.53
CA THR F 465 -35.44 -43.38 6.63
C THR F 465 -33.92 -43.40 6.77
N PRO F 466 -33.21 -42.26 6.76
CA PRO F 466 -31.74 -42.34 6.87
C PRO F 466 -31.26 -42.93 8.19
N VAL F 467 -31.89 -42.57 9.31
CA VAL F 467 -31.46 -43.10 10.60
C VAL F 467 -31.75 -44.60 10.68
N PHE F 468 -32.87 -45.05 10.11
CA PHE F 468 -33.17 -46.47 10.10
C PHE F 468 -32.16 -47.24 9.24
N ASN F 469 -31.79 -46.66 8.09
CA ASN F 469 -30.77 -47.31 7.27
C ASN F 469 -29.45 -47.40 8.02
N ARG F 470 -29.07 -46.33 8.71
CA ARG F 470 -27.81 -46.34 9.46
C ARG F 470 -27.84 -47.37 10.59
N CYS F 471 -28.96 -47.44 11.32
CA CYS F 471 -29.06 -48.39 12.42
C CYS F 471 -29.16 -49.83 11.94
N LEU F 472 -29.67 -50.06 10.73
CA LEU F 472 -29.59 -51.38 10.13
C LEU F 472 -28.16 -51.71 9.75
N ALA F 473 -27.41 -50.70 9.29
CA ALA F 473 -26.01 -50.94 8.92
C ALA F 473 -25.17 -51.37 10.11
N LEU F 474 -25.55 -50.97 11.33
CA LEU F 474 -24.81 -51.34 12.52
C LEU F 474 -25.68 -52.12 13.48
N HIS F 475 -26.44 -53.09 12.96
CA HIS F 475 -27.40 -53.82 13.77
C HIS F 475 -26.73 -54.63 14.87
N TYR F 476 -25.62 -55.29 14.53
CA TYR F 476 -24.92 -56.11 15.51
C TYR F 476 -24.44 -55.28 16.69
N ASP F 477 -23.89 -54.10 16.41
CA ASP F 477 -23.52 -53.17 17.47
C ASP F 477 -24.74 -52.47 18.06
N PHE F 478 -25.82 -52.34 17.28
CA PHE F 478 -27.04 -51.71 17.79
C PHE F 478 -27.66 -52.54 18.91
N PHE F 479 -27.65 -53.86 18.77
CA PHE F 479 -28.32 -54.74 19.71
C PHE F 479 -27.44 -55.20 20.87
N ALA F 480 -26.12 -55.11 20.73
CA ALA F 480 -25.20 -55.72 21.68
C ALA F 480 -24.87 -54.84 22.87
N ASP F 481 -25.46 -53.64 22.96
CA ASP F 481 -25.20 -52.77 24.09
C ASP F 481 -26.30 -52.98 25.13
N PRO F 482 -26.01 -53.61 26.27
CA PRO F 482 -27.07 -53.87 27.25
C PRO F 482 -27.68 -52.61 27.83
N THR F 483 -26.88 -51.56 28.04
CA THR F 483 -27.38 -50.35 28.69
C THR F 483 -28.48 -49.67 27.89
N GLY F 484 -28.59 -49.95 26.59
CA GLY F 484 -29.65 -49.42 25.77
C GLY F 484 -30.82 -50.35 25.54
N SER F 485 -30.77 -51.57 26.10
CA SER F 485 -31.83 -52.54 25.84
C SER F 485 -33.18 -51.99 26.23
N GLU F 486 -33.28 -51.41 27.44
CA GLU F 486 -34.52 -50.78 27.86
C GLU F 486 -34.98 -49.74 26.85
N GLU F 487 -34.05 -48.91 26.38
CA GLU F 487 -34.40 -47.90 25.38
C GLU F 487 -35.01 -48.53 24.15
N ILE F 488 -34.51 -49.71 23.77
CA ILE F 488 -35.08 -50.42 22.63
C ILE F 488 -36.55 -50.69 22.86
N GLU F 489 -36.89 -51.23 24.04
CA GLU F 489 -38.28 -51.53 24.33
C GLU F 489 -39.15 -50.28 24.32
N GLU F 490 -38.55 -49.10 24.26
CA GLU F 490 -39.35 -47.88 24.10
C GLU F 490 -39.49 -47.46 22.64
N ILE F 491 -38.43 -47.57 21.83
CA ILE F 491 -38.49 -47.02 20.48
C ILE F 491 -39.53 -47.77 19.65
N PHE F 492 -39.45 -49.10 19.64
CA PHE F 492 -40.46 -49.89 18.96
C PHE F 492 -41.81 -49.81 19.67
N ASP F 493 -41.84 -49.29 20.89
CA ASP F 493 -43.12 -49.00 21.54
C ASP F 493 -43.91 -47.96 20.75
N PHE F 494 -43.23 -47.09 20.01
CA PHE F 494 -43.92 -46.04 19.26
C PHE F 494 -44.09 -46.40 17.79
N TYR F 495 -43.01 -46.84 17.14
CA TYR F 495 -43.04 -47.00 15.69
C TYR F 495 -43.82 -48.24 15.27
N GLY F 496 -43.84 -49.27 16.10
CA GLY F 496 -44.59 -50.48 15.80
C GLY F 496 -43.87 -51.36 14.81
N PRO F 497 -44.32 -52.61 14.68
CA PRO F 497 -43.66 -53.54 13.75
C PRO F 497 -43.75 -53.12 12.29
N ASN F 498 -44.71 -52.25 11.93
CA ASN F 498 -44.84 -51.86 10.54
C ASN F 498 -43.62 -51.09 10.05
N PHE F 499 -43.04 -50.26 10.90
CA PHE F 499 -41.89 -49.45 10.52
C PHE F 499 -40.63 -50.31 10.51
N CYS F 500 -39.93 -50.32 9.37
CA CYS F 500 -38.69 -51.06 9.17
C CYS F 500 -38.84 -52.51 9.59
N PRO F 501 -39.54 -53.33 8.80
CA PRO F 501 -39.76 -54.74 9.16
C PRO F 501 -38.45 -55.49 9.40
N PRO F 502 -37.39 -55.28 8.60
CA PRO F 502 -36.12 -55.97 8.91
C PRO F 502 -35.61 -55.67 10.31
N LEU F 503 -35.75 -54.43 10.77
CA LEU F 503 -35.30 -54.08 12.11
C LEU F 503 -36.08 -54.85 13.17
N TYR F 504 -37.41 -54.95 13.00
CA TYR F 504 -38.20 -55.71 13.96
C TYR F 504 -37.84 -57.19 13.94
N GLN F 505 -37.58 -57.73 12.75
CA GLN F 505 -37.19 -59.14 12.66
C GLN F 505 -35.86 -59.39 13.34
N LEU F 506 -34.90 -58.48 13.17
CA LEU F 506 -33.64 -58.61 13.89
C LEU F 506 -33.83 -58.42 15.40
N TYR F 507 -34.78 -57.57 15.79
CA TYR F 507 -35.02 -57.30 17.21
C TYR F 507 -35.63 -58.52 17.90
N ILE F 508 -36.52 -59.25 17.21
CA ILE F 508 -37.16 -60.39 17.84
C ILE F 508 -36.16 -61.49 18.14
N SER F 509 -35.04 -61.53 17.42
CA SER F 509 -34.03 -62.56 17.61
C SER F 509 -32.84 -62.05 18.41
#